data_9DWD
#
_entry.id   9DWD
#
_cell.length_a   1.00
_cell.length_b   1.00
_cell.length_c   1.00
_cell.angle_alpha   90.00
_cell.angle_beta   90.00
_cell.angle_gamma   90.00
#
_symmetry.space_group_name_H-M   'P 1'
#
loop_
_entity.id
_entity.type
_entity.pdbx_description
1 polymer Gag
2 non-polymer Lenacapavir
3 non-polymer 'INOSITOL HEXAKISPHOSPHATE'
#
_entity_poly.entity_id   1
_entity_poly.type   'polypeptide(L)'
_entity_poly.pdbx_seq_one_letter_code
;QMVHQAISPRTLNAWVKVVEEKAFSPEVIPMFSALSEGATPQDLNTMLNTVGGHQAAMQMLKETINEEAAEWDRVHPVHA
GPIAPGQMREPRGSDIAGTTSTLQEQIGWMTNNPPIPVGEIYKRWIILGLNKIVRMYSPTSILDIRQGPKEPFRDYVDRF
YKTLRAEQASQEVKNWMTETLLVQNANPDCKTILKALGPAATLEEMMTACQGVGGPGHKARVLAEAMSQVIN
;
_entity_poly.pdbx_strand_id   A,B,C,D,E,F,G,H,I,J,K,L,M,N,O,P,Q,R
#
# COMPACT_ATOMS: atom_id res chain seq x y z
N VAL A 3 35.13 16.24 32.23
CA VAL A 3 35.34 17.55 31.63
C VAL A 3 34.88 18.63 32.61
N HIS A 4 35.42 19.84 32.44
CA HIS A 4 35.10 20.93 33.36
C HIS A 4 33.65 21.37 33.22
N GLN A 5 33.10 21.34 32.00
CA GLN A 5 31.76 21.83 31.75
C GLN A 5 30.72 20.72 31.74
N ALA A 6 30.98 19.64 32.48
CA ALA A 6 30.00 18.56 32.58
C ALA A 6 28.71 19.09 33.22
N ILE A 7 27.58 18.64 32.69
CA ILE A 7 26.31 19.16 33.18
C ILE A 7 26.10 18.76 34.63
N SER A 8 25.42 19.62 35.37
CA SER A 8 25.15 19.45 36.79
C SER A 8 23.73 18.96 36.99
N PRO A 9 23.40 18.47 38.19
CA PRO A 9 22.01 18.05 38.46
C PRO A 9 20.99 19.14 38.16
N ARG A 10 21.30 20.38 38.49
CA ARG A 10 20.35 21.46 38.27
C ARG A 10 20.09 21.67 36.79
N THR A 11 21.13 21.56 35.95
CA THR A 11 20.95 21.73 34.52
C THR A 11 20.03 20.65 33.96
N LEU A 12 20.24 19.40 34.38
CA LEU A 12 19.41 18.30 33.89
C LEU A 12 17.96 18.48 34.33
N ASN A 13 17.74 18.84 35.60
CA ASN A 13 16.38 19.02 36.07
C ASN A 13 15.72 20.19 35.36
N ALA A 14 16.46 21.27 35.12
CA ALA A 14 15.90 22.42 34.42
C ALA A 14 15.55 22.08 32.98
N TRP A 15 16.38 21.28 32.31
CA TRP A 15 16.06 20.85 30.96
C TRP A 15 14.79 20.00 30.96
N VAL A 16 14.68 19.09 31.93
CA VAL A 16 13.47 18.27 32.03
C VAL A 16 12.25 19.15 32.22
N LYS A 17 12.33 20.12 33.13
CA LYS A 17 11.20 21.01 33.37
C LYS A 17 10.89 21.88 32.16
N VAL A 18 11.92 22.26 31.39
CA VAL A 18 11.70 23.05 30.18
C VAL A 18 10.89 22.24 29.18
N VAL A 19 11.30 20.98 28.96
CA VAL A 19 10.55 20.13 28.03
C VAL A 19 9.15 19.88 28.55
N GLU A 20 8.99 19.77 29.87
CA GLU A 20 7.67 19.57 30.46
C GLU A 20 6.75 20.74 30.17
N GLU A 21 7.10 21.93 30.69
CA GLU A 21 6.18 23.06 30.62
C GLU A 21 6.07 23.60 29.20
N LYS A 22 7.20 23.84 28.54
CA LYS A 22 7.18 24.52 27.26
C LYS A 22 6.97 23.58 26.08
N ALA A 23 6.88 22.27 26.33
CA ALA A 23 6.73 21.29 25.28
C ALA A 23 7.81 21.46 24.22
N PHE A 24 7.41 21.91 23.03
CA PHE A 24 8.36 22.23 21.96
C PHE A 24 8.02 23.59 21.37
N SER A 25 7.81 24.56 22.25
CA SER A 25 7.70 25.95 21.85
C SER A 25 9.07 26.48 21.44
N PRO A 26 9.12 27.63 20.75
CA PRO A 26 10.43 28.17 20.35
C PRO A 26 11.37 28.39 21.52
N GLU A 27 10.85 28.65 22.72
CA GLU A 27 11.68 28.88 23.89
C GLU A 27 12.58 27.69 24.23
N VAL A 28 12.35 26.53 23.60
CA VAL A 28 13.24 25.40 23.82
C VAL A 28 14.61 25.66 23.21
N ILE A 29 14.65 26.32 22.05
CA ILE A 29 15.92 26.54 21.36
C ILE A 29 16.91 27.34 22.18
N PRO A 30 16.54 28.49 22.79
CA PRO A 30 17.52 29.23 23.60
C PRO A 30 17.98 28.42 24.81
N MET A 31 17.02 27.97 25.61
CA MET A 31 17.33 27.29 26.85
C MET A 31 18.27 26.12 26.62
N PHE A 32 17.92 25.24 25.68
CA PHE A 32 18.79 24.11 25.37
C PHE A 32 20.19 24.59 25.00
N SER A 33 20.27 25.57 24.10
CA SER A 33 21.57 26.07 23.67
C SER A 33 22.36 26.67 24.82
N ALA A 34 21.67 27.13 25.86
CA ALA A 34 22.33 27.70 27.03
C ALA A 34 22.50 26.70 28.17
N LEU A 35 21.93 25.51 28.04
CA LEU A 35 22.01 24.51 29.10
C LEU A 35 23.08 23.46 28.86
N SER A 36 23.40 23.18 27.60
CA SER A 36 24.39 22.17 27.24
C SER A 36 25.65 22.79 26.65
N GLU A 37 25.98 24.01 27.07
CA GLU A 37 27.18 24.65 26.56
C GLU A 37 28.42 23.91 27.06
N GLY A 38 29.31 23.58 26.13
CA GLY A 38 30.52 22.85 26.49
C GLY A 38 30.27 21.47 27.05
N ALA A 39 29.09 20.92 26.83
CA ALA A 39 28.73 19.62 27.40
C ALA A 39 29.17 18.49 26.47
N THR A 40 29.59 17.40 27.08
CA THR A 40 29.98 16.22 26.32
C THR A 40 28.77 15.67 25.58
N PRO A 41 28.95 15.16 24.35
CA PRO A 41 27.80 14.62 23.62
C PRO A 41 27.10 13.48 24.33
N GLN A 42 27.80 12.75 25.20
CA GLN A 42 27.12 11.79 26.07
C GLN A 42 26.14 12.49 26.99
N ASP A 43 26.54 13.65 27.55
CA ASP A 43 25.61 14.45 28.33
C ASP A 43 24.48 14.99 27.47
N LEU A 44 24.76 15.32 26.21
CA LEU A 44 23.68 15.72 25.30
C LEU A 44 22.67 14.61 25.11
N ASN A 45 23.16 13.38 24.94
CA ASN A 45 22.26 12.24 24.83
C ASN A 45 21.48 12.02 26.11
N THR A 46 22.14 12.20 27.27
CA THR A 46 21.44 12.07 28.54
C THR A 46 20.31 13.08 28.64
N MET A 47 20.57 14.33 28.25
CA MET A 47 19.53 15.35 28.26
C MET A 47 18.41 15.00 27.31
N LEU A 48 18.74 14.53 26.10
CA LEU A 48 17.71 14.22 25.12
C LEU A 48 16.89 13.00 25.53
N ASN A 49 17.46 12.10 26.31
CA ASN A 49 16.73 10.90 26.73
C ASN A 49 15.56 11.23 27.64
N THR A 50 15.70 12.23 28.49
CA THR A 50 14.68 12.61 29.47
C THR A 50 13.48 13.28 28.85
N VAL A 51 13.32 13.30 27.53
CA VAL A 51 12.14 13.90 26.92
C VAL A 51 11.00 12.90 26.96
N GLY A 52 10.19 12.97 28.02
CA GLY A 52 9.03 12.09 28.11
C GLY A 52 7.99 12.48 27.08
N GLY A 53 7.52 11.51 26.33
CA GLY A 53 6.54 11.76 25.30
C GLY A 53 7.17 12.42 24.08
N HIS A 54 6.28 12.92 23.21
CA HIS A 54 6.68 13.54 21.95
C HIS A 54 7.58 12.61 21.14
N GLN A 55 7.09 11.39 20.93
CA GLN A 55 7.88 10.39 20.21
C GLN A 55 8.13 10.82 18.77
N ALA A 56 7.12 11.38 18.11
CA ALA A 56 7.29 11.83 16.73
C ALA A 56 8.35 12.93 16.63
N ALA A 57 8.31 13.88 17.56
CA ALA A 57 9.31 14.95 17.56
C ALA A 57 10.71 14.39 17.77
N MET A 58 10.86 13.41 18.67
CA MET A 58 12.16 12.81 18.89
C MET A 58 12.63 12.04 17.66
N GLN A 59 11.70 11.40 16.95
CA GLN A 59 12.08 10.73 15.70
C GLN A 59 12.57 11.73 14.66
N MET A 60 11.89 12.86 14.53
CA MET A 60 12.34 13.90 13.62
C MET A 60 13.72 14.42 14.03
N LEU A 61 13.93 14.61 15.33
CA LEU A 61 15.23 15.06 15.81
C LEU A 61 16.32 14.05 15.48
N LYS A 62 16.02 12.76 15.66
CA LYS A 62 17.00 11.72 15.33
C LYS A 62 17.31 11.70 13.85
N GLU A 63 16.29 11.90 13.01
CA GLU A 63 16.53 11.99 11.57
C GLU A 63 17.45 13.17 11.24
N THR A 64 17.22 14.31 11.89
CA THR A 64 18.10 15.45 11.69
C THR A 64 19.53 15.15 12.10
N ILE A 65 19.70 14.49 13.24
CA ILE A 65 21.05 14.14 13.70
C ILE A 65 21.70 13.19 12.71
N ASN A 66 20.95 12.23 12.18
CA ASN A 66 21.51 11.29 11.21
C ASN A 66 21.94 11.99 9.93
N GLU A 67 21.11 12.91 9.42
CA GLU A 67 21.50 13.61 8.20
C GLU A 67 22.67 14.55 8.44
N GLU A 68 22.75 15.18 9.62
CA GLU A 68 23.91 16.00 9.94
C GLU A 68 25.17 15.16 10.06
N ALA A 69 25.05 13.96 10.63
CA ALA A 69 26.19 13.06 10.70
C ALA A 69 26.64 12.63 9.32
N ALA A 70 25.68 12.37 8.42
CA ALA A 70 26.03 12.04 7.05
C ALA A 70 26.76 13.20 6.37
N GLU A 71 26.29 14.43 6.59
CA GLU A 71 26.97 15.59 6.02
C GLU A 71 28.37 15.75 6.59
N TRP A 72 28.53 15.51 7.90
CA TRP A 72 29.85 15.60 8.51
C TRP A 72 30.79 14.55 7.93
N ASP A 73 30.30 13.33 7.74
CA ASP A 73 31.12 12.28 7.14
C ASP A 73 31.46 12.60 5.69
N ARG A 74 30.56 13.28 4.99
CA ARG A 74 30.86 13.69 3.62
C ARG A 74 31.97 14.73 3.58
N VAL A 75 31.84 15.79 4.39
CA VAL A 75 32.81 16.87 4.36
C VAL A 75 34.17 16.38 4.86
N HIS A 76 34.18 15.62 5.96
CA HIS A 76 35.43 15.12 6.52
C HIS A 76 35.71 13.72 5.97
N PRO A 77 36.75 13.54 5.17
CA PRO A 77 37.01 12.22 4.60
C PRO A 77 37.58 11.27 5.64
N VAL A 78 37.40 9.98 5.38
CA VAL A 78 37.90 8.96 6.29
C VAL A 78 39.42 8.90 6.21
N HIS A 79 40.07 9.02 7.36
CA HIS A 79 41.52 8.99 7.40
C HIS A 79 42.03 7.60 7.06
N ALA A 80 43.15 7.54 6.34
CA ALA A 80 43.75 6.29 5.92
C ALA A 80 45.15 6.16 6.53
N GLY A 81 45.66 4.94 6.53
CA GLY A 81 46.96 4.65 7.07
C GLY A 81 46.93 4.42 8.57
N PRO A 82 48.05 4.00 9.13
CA PRO A 82 48.11 3.78 10.59
C PRO A 82 48.05 5.11 11.34
N ILE A 83 47.26 5.11 12.41
CA ILE A 83 47.13 6.30 13.25
C ILE A 83 48.35 6.40 14.16
N ALA A 84 48.85 7.63 14.32
CA ALA A 84 50.01 7.84 15.16
C ALA A 84 49.69 7.48 16.61
N PRO A 85 50.62 6.83 17.32
CA PRO A 85 50.33 6.47 18.72
C PRO A 85 50.03 7.66 19.60
N GLY A 86 50.70 8.80 19.37
CA GLY A 86 50.39 9.99 20.13
C GLY A 86 49.01 10.53 19.81
N GLN A 87 48.63 10.50 18.53
CA GLN A 87 47.31 10.95 18.11
C GLN A 87 46.31 9.81 18.31
N MET A 88 45.09 10.00 17.80
CA MET A 88 44.05 8.98 17.91
C MET A 88 43.04 9.23 16.80
N ARG A 89 42.04 8.35 16.72
CA ARG A 89 41.14 8.33 15.59
C ARG A 89 40.35 9.62 15.46
N GLU A 90 40.18 10.08 14.23
CA GLU A 90 39.36 11.26 13.97
C GLU A 90 37.89 10.91 14.13
N PRO A 91 37.08 11.83 14.65
CA PRO A 91 35.66 11.53 14.86
C PRO A 91 34.90 11.38 13.55
N ARG A 92 33.88 10.55 13.58
CA ARG A 92 32.92 10.40 12.50
C ARG A 92 31.59 10.99 12.91
N GLY A 93 30.63 11.00 11.99
CA GLY A 93 29.35 11.62 12.28
C GLY A 93 28.64 10.96 13.44
N SER A 94 28.59 9.63 13.43
CA SER A 94 28.00 8.91 14.55
C SER A 94 28.79 9.15 15.84
N ASP A 95 30.11 9.29 15.73
CA ASP A 95 30.92 9.58 16.90
C ASP A 95 30.56 10.94 17.49
N ILE A 96 30.33 11.93 16.63
CA ILE A 96 29.84 13.22 17.11
C ILE A 96 28.49 13.07 17.77
N ALA A 97 27.61 12.26 17.17
CA ALA A 97 26.31 11.99 17.78
C ALA A 97 26.44 11.19 19.07
N GLY A 98 27.61 10.61 19.35
CA GLY A 98 27.85 9.90 20.58
C GLY A 98 27.52 8.43 20.57
N THR A 99 27.01 7.89 19.45
CA THR A 99 26.63 6.48 19.42
C THR A 99 27.84 5.57 19.49
N THR A 100 28.88 5.88 18.71
CA THR A 100 30.05 5.01 18.59
C THR A 100 31.25 5.58 19.32
N SER A 101 31.04 6.51 20.24
CA SER A 101 32.10 7.14 21.00
C SER A 101 31.85 6.96 22.48
N THR A 102 32.86 6.51 23.20
CA THR A 102 32.77 6.42 24.65
C THR A 102 33.09 7.78 25.27
N LEU A 103 32.84 7.87 26.58
CA LEU A 103 33.10 9.13 27.29
C LEU A 103 34.57 9.51 27.21
N GLN A 104 35.47 8.52 27.33
CA GLN A 104 36.90 8.81 27.26
C GLN A 104 37.28 9.38 25.90
N GLU A 105 36.72 8.83 24.82
CA GLU A 105 37.04 9.31 23.48
C GLU A 105 36.55 10.74 23.29
N GLN A 106 35.33 11.04 23.73
CA GLN A 106 34.82 12.41 23.61
C GLN A 106 35.67 13.38 24.43
N ILE A 107 36.06 12.97 25.63
CA ILE A 107 36.90 13.84 26.46
C ILE A 107 38.24 14.08 25.79
N GLY A 108 38.83 13.03 25.22
CA GLY A 108 40.10 13.19 24.53
C GLY A 108 40.00 14.08 23.32
N TRP A 109 38.89 13.98 22.58
CA TRP A 109 38.67 14.90 21.47
C TRP A 109 38.56 16.33 21.96
N MET A 110 37.84 16.55 23.05
CA MET A 110 37.62 17.91 23.54
C MET A 110 38.91 18.54 24.07
N THR A 111 39.71 17.77 24.80
CA THR A 111 40.88 18.33 25.46
C THR A 111 42.13 18.33 24.59
N ASN A 112 42.08 17.71 23.41
CA ASN A 112 43.26 17.64 22.56
C ASN A 112 43.58 19.01 21.98
N ASN A 113 44.81 19.16 21.50
CA ASN A 113 45.26 20.39 20.84
C ASN A 113 45.76 20.04 19.45
N PRO A 114 45.08 20.50 18.37
CA PRO A 114 43.87 21.33 18.36
C PRO A 114 42.63 20.56 18.81
N PRO A 115 41.67 21.24 19.44
CA PRO A 115 40.48 20.56 19.93
C PRO A 115 39.44 20.37 18.85
N ILE A 116 38.70 19.27 18.96
CA ILE A 116 37.53 19.03 18.14
C ILE A 116 36.31 19.23 19.02
N PRO A 117 35.59 20.34 18.88
CA PRO A 117 34.40 20.58 19.71
C PRO A 117 33.25 19.63 19.39
N VAL A 118 33.35 18.37 19.84
CA VAL A 118 32.30 17.40 19.57
C VAL A 118 30.98 17.85 20.19
N GLY A 119 31.04 18.37 21.42
CA GLY A 119 29.83 18.79 22.09
C GLY A 119 29.10 19.90 21.37
N GLU A 120 29.84 20.89 20.88
CA GLU A 120 29.19 22.03 20.22
C GLU A 120 28.62 21.65 18.86
N ILE A 121 29.34 20.81 18.10
CA ILE A 121 28.81 20.34 16.82
C ILE A 121 27.55 19.53 17.04
N TYR A 122 27.57 18.61 18.01
CA TYR A 122 26.37 17.85 18.32
C TYR A 122 25.25 18.74 18.80
N LYS A 123 25.58 19.79 19.56
CA LYS A 123 24.57 20.73 20.03
C LYS A 123 23.92 21.45 18.86
N ARG A 124 24.72 21.82 17.86
CA ARG A 124 24.13 22.47 16.68
C ARG A 124 23.24 21.51 15.91
N TRP A 125 23.64 20.24 15.81
CA TRP A 125 22.79 19.26 15.13
C TRP A 125 21.46 19.11 15.86
N ILE A 126 21.51 19.00 17.19
CA ILE A 126 20.28 18.90 17.97
C ILE A 126 19.47 20.19 17.86
N ILE A 127 20.15 21.33 17.72
CA ILE A 127 19.45 22.60 17.56
C ILE A 127 18.69 22.62 16.24
N LEU A 128 19.30 22.10 15.17
CA LEU A 128 18.61 21.99 13.89
C LEU A 128 17.39 21.07 14.03
N GLY A 129 17.57 19.94 14.72
CA GLY A 129 16.44 19.05 14.95
C GLY A 129 15.31 19.73 15.70
N LEU A 130 15.65 20.46 16.77
CA LEU A 130 14.64 21.17 17.55
C LEU A 130 13.98 22.27 16.73
N ASN A 131 14.75 22.93 15.86
CA ASN A 131 14.17 23.94 14.99
C ASN A 131 13.13 23.33 14.07
N LYS A 132 13.45 22.20 13.44
CA LYS A 132 12.46 21.56 12.58
C LYS A 132 11.26 21.11 13.38
N ILE A 133 11.49 20.64 14.61
CA ILE A 133 10.39 20.22 15.48
C ILE A 133 9.45 21.38 15.75
N VAL A 134 10.00 22.54 16.10
CA VAL A 134 9.16 23.66 16.47
C VAL A 134 8.45 24.25 15.26
N ARG A 135 9.08 24.23 14.08
CA ARG A 135 8.38 24.71 12.89
C ARG A 135 7.25 23.76 12.48
N MET A 136 7.54 22.46 12.37
CA MET A 136 6.60 21.55 11.74
C MET A 136 5.82 20.70 12.74
N TYR A 137 6.51 20.06 13.68
CA TYR A 137 5.83 19.15 14.59
C TYR A 137 4.85 19.90 15.49
N SER A 138 3.66 19.33 15.66
CA SER A 138 2.64 19.89 16.54
C SER A 138 2.16 18.78 17.46
N PRO A 139 2.32 18.92 18.77
CA PRO A 139 1.89 17.85 19.67
C PRO A 139 0.38 17.65 19.66
N THR A 140 -0.04 16.41 19.85
CA THR A 140 -1.46 16.09 19.92
C THR A 140 -2.01 16.48 21.27
N SER A 141 -3.13 17.20 21.27
CA SER A 141 -3.77 17.65 22.49
C SER A 141 -5.22 17.19 22.51
N ILE A 142 -5.70 16.87 23.72
CA ILE A 142 -7.08 16.42 23.86
C ILE A 142 -8.07 17.51 23.49
N LEU A 143 -7.66 18.78 23.57
CA LEU A 143 -8.54 19.86 23.18
C LEU A 143 -8.82 19.85 21.69
N ASP A 144 -7.88 19.35 20.89
CA ASP A 144 -8.04 19.29 19.44
C ASP A 144 -8.70 18.01 18.97
N ILE A 145 -9.12 17.13 19.88
CA ILE A 145 -9.79 15.90 19.52
C ILE A 145 -11.29 16.16 19.58
N ARG A 146 -11.92 16.19 18.41
CA ARG A 146 -13.37 16.34 18.34
C ARG A 146 -13.90 15.42 17.25
N GLN A 147 -15.13 14.98 17.41
CA GLN A 147 -15.69 13.95 16.55
C GLN A 147 -16.22 14.56 15.26
N GLY A 148 -15.90 13.93 14.14
CA GLY A 148 -16.38 14.37 12.86
C GLY A 148 -17.87 14.18 12.72
N PRO A 149 -18.47 14.85 11.74
CA PRO A 149 -19.93 14.73 11.57
C PRO A 149 -20.40 13.33 11.25
N LYS A 150 -19.60 12.55 10.53
CA LYS A 150 -19.95 11.18 10.17
C LYS A 150 -19.15 10.14 10.94
N GLU A 151 -18.40 10.55 11.95
CA GLU A 151 -17.60 9.60 12.70
C GLU A 151 -18.48 8.84 13.68
N PRO A 152 -18.40 7.51 13.71
CA PRO A 152 -19.11 6.76 14.75
C PRO A 152 -18.57 7.10 16.12
N PHE A 153 -19.47 7.10 17.12
CA PHE A 153 -19.07 7.48 18.46
C PHE A 153 -18.04 6.54 19.04
N ARG A 154 -18.03 5.27 18.63
CA ARG A 154 -17.03 4.34 19.12
C ARG A 154 -15.63 4.73 18.66
N ASP A 155 -15.50 5.10 17.37
CA ASP A 155 -14.20 5.53 16.87
C ASP A 155 -13.75 6.83 17.52
N TYR A 156 -14.69 7.76 17.72
CA TYR A 156 -14.36 9.01 18.40
C TYR A 156 -13.87 8.73 19.82
N VAL A 157 -14.56 7.85 20.53
CA VAL A 157 -14.15 7.52 21.90
C VAL A 157 -12.78 6.88 21.90
N ASP A 158 -12.52 5.98 20.94
CA ASP A 158 -11.21 5.33 20.87
C ASP A 158 -10.10 6.35 20.63
N ARG A 159 -10.32 7.27 19.68
CA ARG A 159 -9.32 8.31 19.43
C ARG A 159 -9.13 9.21 20.63
N PHE A 160 -10.23 9.58 21.30
CA PHE A 160 -10.15 10.44 22.47
C PHE A 160 -9.33 9.78 23.56
N TYR A 161 -9.58 8.50 23.82
CA TYR A 161 -8.85 7.81 24.88
C TYR A 161 -7.40 7.56 24.50
N LYS A 162 -7.12 7.31 23.22
CA LYS A 162 -5.74 7.18 22.80
C LYS A 162 -4.97 8.49 23.00
N THR A 163 -5.58 9.60 22.62
CA THR A 163 -4.95 10.90 22.83
C THR A 163 -4.77 11.19 24.31
N LEU A 164 -5.78 10.85 25.13
CA LEU A 164 -5.68 11.07 26.56
C LEU A 164 -4.56 10.26 27.18
N ARG A 165 -4.43 8.99 26.78
CA ARG A 165 -3.34 8.17 27.28
C ARG A 165 -1.99 8.72 26.85
N ALA A 166 -1.89 9.20 25.61
CA ALA A 166 -0.65 9.80 25.14
C ALA A 166 -0.38 11.17 25.73
N GLU A 167 -1.35 11.75 26.44
CA GLU A 167 -1.21 13.10 26.95
C GLU A 167 -0.27 13.15 28.15
N GLN A 168 0.28 14.33 28.37
CA GLN A 168 1.15 14.61 29.51
C GLN A 168 0.33 15.38 30.55
N ALA A 169 -0.27 14.63 31.47
CA ALA A 169 -1.10 15.21 32.53
C ALA A 169 -1.27 14.16 33.62
N SER A 170 -1.74 14.63 34.78
CA SER A 170 -1.94 13.73 35.92
C SER A 170 -3.28 13.00 35.79
N GLN A 171 -3.42 11.93 36.59
CA GLN A 171 -4.55 11.02 36.42
C GLN A 171 -5.88 11.70 36.73
N GLU A 172 -5.94 12.51 37.79
CA GLU A 172 -7.19 13.17 38.14
C GLU A 172 -7.62 14.16 37.07
N VAL A 173 -6.66 14.91 36.51
CA VAL A 173 -7.01 15.84 35.44
C VAL A 173 -7.45 15.08 34.20
N LYS A 174 -6.85 13.91 33.94
CA LYS A 174 -7.29 13.09 32.81
C LYS A 174 -8.72 12.61 33.02
N ASN A 175 -9.05 12.21 34.25
CA ASN A 175 -10.42 11.81 34.55
C ASN A 175 -11.39 12.97 34.36
N TRP A 176 -10.97 14.17 34.76
CA TRP A 176 -11.80 15.35 34.54
C TRP A 176 -12.01 15.60 33.06
N MET A 177 -10.95 15.44 32.26
CA MET A 177 -11.06 15.58 30.82
C MET A 177 -12.06 14.58 30.26
N THR A 178 -11.96 13.32 30.70
CA THR A 178 -12.93 12.32 30.29
C THR A 178 -14.35 12.74 30.65
N GLU A 179 -14.51 13.32 31.84
CA GLU A 179 -15.84 13.71 32.29
C GLU A 179 -16.43 14.81 31.40
N THR A 180 -15.63 15.81 31.03
CA THR A 180 -16.20 16.97 30.35
C THR A 180 -16.00 16.97 28.83
N LEU A 181 -14.77 16.79 28.35
CA LEU A 181 -14.50 16.98 26.93
C LEU A 181 -15.07 15.87 26.07
N LEU A 182 -15.25 14.67 26.63
CA LEU A 182 -15.77 13.56 25.83
C LEU A 182 -17.17 13.87 25.33
N VAL A 183 -18.01 14.44 26.18
CA VAL A 183 -19.35 14.83 25.74
C VAL A 183 -19.35 16.23 25.13
N GLN A 184 -18.41 17.09 25.52
CA GLN A 184 -18.40 18.45 24.98
C GLN A 184 -18.02 18.47 23.51
N ASN A 185 -17.10 17.60 23.10
CA ASN A 185 -16.56 17.63 21.75
C ASN A 185 -17.27 16.70 20.78
N ALA A 186 -18.34 16.04 21.20
CA ALA A 186 -19.08 15.18 20.29
C ALA A 186 -19.86 16.01 19.28
N ASN A 187 -20.12 15.41 18.12
CA ASN A 187 -20.87 16.07 17.07
C ASN A 187 -22.33 16.24 17.52
N PRO A 188 -23.05 17.21 16.94
CA PRO A 188 -24.40 17.50 17.46
C PRO A 188 -25.34 16.30 17.47
N ASP A 189 -25.23 15.41 16.49
CA ASP A 189 -26.12 14.25 16.45
C ASP A 189 -25.91 13.36 17.67
N CYS A 190 -24.66 13.10 18.03
CA CYS A 190 -24.38 12.34 19.25
C CYS A 190 -24.61 13.19 20.49
N LYS A 191 -24.35 14.49 20.41
CA LYS A 191 -24.46 15.34 21.59
C LYS A 191 -25.90 15.47 22.06
N THR A 192 -26.86 15.48 21.13
CA THR A 192 -28.25 15.54 21.54
C THR A 192 -28.63 14.33 22.39
N ILE A 193 -28.25 13.14 21.92
CA ILE A 193 -28.53 11.92 22.68
C ILE A 193 -27.79 11.92 24.01
N LEU A 194 -26.52 12.33 23.99
CA LEU A 194 -25.73 12.32 25.22
C LEU A 194 -26.31 13.26 26.26
N LYS A 195 -26.77 14.43 25.85
CA LYS A 195 -27.36 15.37 26.80
C LYS A 195 -28.74 14.90 27.24
N ALA A 196 -29.46 14.18 26.38
CA ALA A 196 -30.74 13.62 26.80
C ALA A 196 -30.54 12.48 27.79
N LEU A 197 -29.38 11.81 27.74
CA LEU A 197 -29.11 10.73 28.69
C LEU A 197 -29.05 11.24 30.12
N GLY A 198 -28.41 12.38 30.33
CA GLY A 198 -28.19 12.89 31.67
C GLY A 198 -26.76 12.71 32.10
N PRO A 199 -26.32 13.52 33.07
CA PRO A 199 -24.92 13.44 33.52
C PRO A 199 -24.56 12.12 34.19
N ALA A 200 -25.54 11.38 34.70
CA ALA A 200 -25.26 10.14 35.41
C ALA A 200 -24.92 8.98 34.48
N ALA A 201 -25.08 9.14 33.18
CA ALA A 201 -24.84 8.04 32.25
C ALA A 201 -23.36 7.69 32.21
N THR A 202 -23.08 6.39 32.24
CA THR A 202 -21.72 5.89 32.16
C THR A 202 -21.26 5.86 30.71
N LEU A 203 -19.96 5.59 30.51
CA LEU A 203 -19.42 5.53 29.15
C LEU A 203 -20.08 4.43 28.34
N GLU A 204 -20.32 3.27 28.94
CA GLU A 204 -20.97 2.18 28.23
C GLU A 204 -22.38 2.56 27.80
N GLU A 205 -23.13 3.22 28.69
CA GLU A 205 -24.47 3.67 28.32
C GLU A 205 -24.42 4.70 27.20
N MET A 206 -23.45 5.61 27.25
CA MET A 206 -23.33 6.60 26.19
C MET A 206 -23.01 5.95 24.86
N MET A 207 -22.11 4.97 24.85
CA MET A 207 -21.78 4.26 23.61
C MET A 207 -22.98 3.48 23.10
N THR A 208 -23.75 2.86 24.00
CA THR A 208 -24.95 2.14 23.58
C THR A 208 -25.96 3.10 22.96
N ALA A 209 -26.14 4.28 23.56
CA ALA A 209 -27.11 5.23 23.03
C ALA A 209 -26.66 5.79 21.70
N CYS A 210 -25.36 5.99 21.52
CA CYS A 210 -24.83 6.58 20.29
C CYS A 210 -24.43 5.55 19.24
N GLN A 211 -24.64 4.26 19.51
CA GLN A 211 -24.38 3.24 18.50
C GLN A 211 -25.23 3.40 17.26
N GLY A 212 -26.38 4.06 17.36
CA GLY A 212 -27.32 4.11 16.27
C GLY A 212 -27.18 5.25 15.30
N VAL A 213 -26.35 6.26 15.59
CA VAL A 213 -26.31 7.45 14.75
C VAL A 213 -25.65 7.11 13.42
N GLY A 214 -26.35 7.44 12.33
CA GLY A 214 -25.91 7.09 11.00
C GLY A 214 -26.61 5.89 10.40
N GLY A 215 -27.24 5.08 11.21
CA GLY A 215 -27.99 3.95 10.71
C GLY A 215 -29.30 4.39 10.09
N PRO A 216 -29.92 3.46 9.36
CA PRO A 216 -31.21 3.79 8.73
C PRO A 216 -32.26 4.25 9.71
N GLY A 217 -32.32 3.63 10.89
CA GLY A 217 -33.34 4.01 11.87
C GLY A 217 -33.15 5.44 12.35
N HIS A 218 -31.92 5.80 12.70
CA HIS A 218 -31.67 7.13 13.24
C HIS A 218 -31.87 8.20 12.19
N LYS A 219 -31.39 7.97 10.96
CA LYS A 219 -31.59 8.94 9.90
C LYS A 219 -33.07 9.10 9.58
N ALA A 220 -33.82 8.00 9.55
CA ALA A 220 -35.24 8.09 9.32
C ALA A 220 -35.93 8.86 10.44
N ARG A 221 -35.50 8.62 11.68
N ARG A 221 -35.52 8.62 11.69
CA ARG A 221 -36.13 9.28 12.82
CA ARG A 221 -36.14 9.29 12.82
C ARG A 221 -35.89 10.79 12.79
C ARG A 221 -35.89 10.79 12.79
N VAL A 222 -34.65 11.20 12.51
CA VAL A 222 -34.34 12.63 12.50
C VAL A 222 -35.03 13.30 11.31
N LEU A 223 -35.08 12.62 10.17
CA LEU A 223 -35.78 13.19 9.01
C LEU A 223 -37.26 13.35 9.29
N ALA A 224 -37.87 12.34 9.92
CA ALA A 224 -39.27 12.43 10.28
C ALA A 224 -39.52 13.55 11.27
N GLU A 225 -38.63 13.71 12.25
CA GLU A 225 -38.79 14.81 13.21
C GLU A 225 -38.71 16.16 12.52
N ALA A 226 -37.75 16.31 11.60
CA ALA A 226 -37.63 17.58 10.88
C ALA A 226 -38.87 17.87 10.05
N MET A 227 -39.37 16.87 9.33
CA MET A 227 -40.55 17.08 8.50
C MET A 227 -41.78 17.36 9.36
N SER A 228 -41.90 16.69 10.52
CA SER A 228 -43.02 16.97 11.41
C SER A 228 -42.95 18.39 11.94
N GLN A 229 -41.75 18.87 12.24
CA GLN A 229 -41.59 20.26 12.65
C GLN A 229 -42.00 21.19 11.52
N VAL A 230 -41.69 20.82 10.26
CA VAL A 230 -42.17 21.60 9.12
C VAL A 230 -43.69 21.58 9.07
N ILE A 231 -44.29 20.40 9.22
CA ILE A 231 -45.74 20.26 9.16
C ILE A 231 -46.33 20.39 10.55
N VAL B 3 30.82 -0.87 34.25
CA VAL B 3 29.92 -1.93 34.69
C VAL B 3 28.94 -2.26 33.57
N HIS B 4 28.43 -3.48 33.58
CA HIS B 4 27.52 -3.95 32.55
C HIS B 4 26.06 -3.62 32.84
N GLN B 5 25.76 -3.04 34.00
CA GLN B 5 24.40 -2.79 34.42
C GLN B 5 24.04 -1.30 34.42
N ALA B 6 24.76 -0.49 33.65
CA ALA B 6 24.44 0.92 33.54
C ALA B 6 23.11 1.10 32.82
N ILE B 7 22.45 2.23 33.09
CA ILE B 7 21.12 2.47 32.53
C ILE B 7 21.24 2.79 31.04
N SER B 8 20.45 2.12 30.23
CA SER B 8 20.36 2.42 28.82
C SER B 8 19.42 3.60 28.59
N PRO B 9 19.51 4.25 27.42
CA PRO B 9 18.59 5.37 27.16
C PRO B 9 17.13 4.99 27.29
N ARG B 10 16.77 3.77 26.90
CA ARG B 10 15.38 3.35 27.01
C ARG B 10 14.93 3.28 28.45
N THR B 11 15.80 2.82 29.36
CA THR B 11 15.45 2.79 30.77
C THR B 11 15.24 4.20 31.32
N LEU B 12 16.10 5.14 30.93
CA LEU B 12 15.96 6.51 31.40
C LEU B 12 14.66 7.13 30.90
N ASN B 13 14.33 6.93 29.63
CA ASN B 13 13.08 7.46 29.11
C ASN B 13 11.89 6.79 29.76
N ALA B 14 11.98 5.48 30.02
CA ALA B 14 10.90 4.78 30.71
C ALA B 14 10.68 5.34 32.10
N TRP B 15 11.76 5.63 32.82
CA TRP B 15 11.64 6.21 34.14
C TRP B 15 11.02 7.60 34.08
N VAL B 16 11.41 8.39 33.08
CA VAL B 16 10.82 9.72 32.92
C VAL B 16 9.32 9.60 32.67
N LYS B 17 8.93 8.70 31.78
CA LYS B 17 7.51 8.50 31.51
C LYS B 17 6.78 7.97 32.74
N VAL B 18 7.46 7.17 33.57
CA VAL B 18 6.85 6.62 34.77
C VAL B 18 6.54 7.73 35.77
N VAL B 19 7.52 8.60 36.03
CA VAL B 19 7.27 9.70 36.95
C VAL B 19 6.36 10.75 36.33
N GLU B 20 6.20 10.73 35.00
CA GLU B 20 5.28 11.67 34.37
C GLU B 20 3.84 11.21 34.48
N GLU B 21 3.51 10.06 33.90
CA GLU B 21 2.13 9.60 33.87
C GLU B 21 1.67 9.16 35.26
N LYS B 22 2.47 8.33 35.93
CA LYS B 22 2.05 7.74 37.19
C LYS B 22 2.34 8.62 38.39
N ALA B 23 3.16 9.65 38.24
CA ALA B 23 3.53 10.56 39.34
C ALA B 23 4.13 9.71 40.47
N PHE B 24 4.02 10.17 41.71
CA PHE B 24 4.54 9.42 42.85
C PHE B 24 3.43 8.58 43.48
N SER B 25 2.88 7.71 42.67
CA SER B 25 1.87 6.73 43.06
C SER B 25 2.54 5.43 43.49
N PRO B 26 1.79 4.47 44.03
CA PRO B 26 2.42 3.19 44.39
C PRO B 26 3.16 2.53 43.24
N GLU B 27 2.62 2.62 42.02
CA GLU B 27 3.22 1.94 40.87
C GLU B 27 4.64 2.39 40.58
N VAL B 28 5.04 3.57 41.07
CA VAL B 28 6.40 4.03 40.84
C VAL B 28 7.40 3.17 41.62
N ILE B 29 6.99 2.60 42.74
CA ILE B 29 7.91 1.85 43.60
C ILE B 29 8.38 0.57 42.91
N PRO B 30 7.51 -0.27 42.32
CA PRO B 30 8.03 -1.46 41.64
C PRO B 30 8.77 -1.13 40.36
N MET B 31 8.24 -0.19 39.57
CA MET B 31 8.90 0.15 38.30
C MET B 31 10.33 0.61 38.54
N PHE B 32 10.52 1.58 39.43
CA PHE B 32 11.87 1.95 39.83
C PHE B 32 12.64 0.74 40.34
N SER B 33 11.98 -0.11 41.13
CA SER B 33 12.63 -1.28 41.68
C SER B 33 13.19 -2.18 40.59
N ALA B 34 12.61 -2.12 39.39
CA ALA B 34 13.06 -2.94 38.28
C ALA B 34 13.81 -2.15 37.22
N LEU B 35 13.94 -0.83 37.39
CA LEU B 35 14.58 -0.01 36.36
C LEU B 35 16.00 0.39 36.70
N SER B 36 16.40 0.26 37.96
CA SER B 36 17.75 0.64 38.39
C SER B 36 18.44 -0.50 39.10
N GLU B 37 18.17 -1.74 38.71
CA GLU B 37 18.77 -2.88 39.38
C GLU B 37 20.23 -3.01 38.96
N GLY B 38 21.14 -2.95 39.92
CA GLY B 38 22.55 -3.11 39.67
C GLY B 38 23.25 -1.89 39.14
N ALA B 39 22.54 -0.79 38.94
CA ALA B 39 23.17 0.42 38.43
C ALA B 39 24.00 1.08 39.53
N THR B 40 25.16 1.61 39.15
CA THR B 40 25.97 2.36 40.10
C THR B 40 25.25 3.66 40.45
N PRO B 41 25.48 4.19 41.68
CA PRO B 41 24.69 5.33 42.15
C PRO B 41 24.67 6.55 41.24
N GLN B 42 25.64 6.67 40.32
CA GLN B 42 25.60 7.77 39.37
C GLN B 42 24.32 7.71 38.52
N ASP B 43 23.99 6.52 38.01
CA ASP B 43 22.74 6.38 37.27
C ASP B 43 21.54 6.60 38.17
N LEU B 44 21.61 6.17 39.43
CA LEU B 44 20.49 6.38 40.34
C LEU B 44 20.23 7.86 40.53
N ASN B 45 21.29 8.65 40.73
CA ASN B 45 21.14 10.09 40.82
C ASN B 45 20.60 10.67 39.52
N THR B 46 21.07 10.15 38.38
CA THR B 46 20.59 10.64 37.10
C THR B 46 19.07 10.43 36.97
N MET B 47 18.60 9.23 37.32
CA MET B 47 17.16 8.98 37.28
C MET B 47 16.42 9.89 38.26
N LEU B 48 16.95 10.05 39.48
CA LEU B 48 16.31 10.93 40.44
C LEU B 48 16.33 12.39 40.01
N ASN B 49 17.15 12.74 39.02
CA ASN B 49 17.29 14.11 38.56
C ASN B 49 16.24 14.52 37.54
N THR B 50 15.66 13.56 36.80
CA THR B 50 14.75 13.85 35.71
C THR B 50 13.29 13.96 36.16
N VAL B 51 13.05 14.26 37.42
CA VAL B 51 11.69 14.42 37.91
C VAL B 51 11.28 15.88 37.76
N GLY B 52 10.20 16.12 37.02
CA GLY B 52 9.69 17.47 36.83
C GLY B 52 8.70 17.83 37.92
N GLY B 53 8.97 18.93 38.61
CA GLY B 53 8.10 19.28 39.70
C GLY B 53 8.31 18.37 40.89
N HIS B 54 7.27 18.28 41.72
CA HIS B 54 7.31 17.49 42.95
C HIS B 54 8.51 17.87 43.80
N GLN B 55 8.71 19.18 43.96
CA GLN B 55 9.88 19.67 44.69
C GLN B 55 9.84 19.22 46.15
N ALA B 56 8.67 19.33 46.79
CA ALA B 56 8.55 19.00 48.19
C ALA B 56 8.81 17.51 48.44
N ALA B 57 8.18 16.66 47.63
CA ALA B 57 8.39 15.22 47.77
C ALA B 57 9.85 14.87 47.61
N MET B 58 10.51 15.45 46.61
CA MET B 58 11.91 15.11 46.37
C MET B 58 12.80 15.66 47.47
N GLN B 59 12.37 16.74 48.13
CA GLN B 59 13.05 17.20 49.32
C GLN B 59 12.93 16.21 50.47
N MET B 60 11.73 15.65 50.67
CA MET B 60 11.60 14.59 51.67
C MET B 60 12.49 13.40 51.33
N LEU B 61 12.59 13.08 50.04
CA LEU B 61 13.42 11.97 49.60
C LEU B 61 14.89 12.24 49.92
N LYS B 62 15.34 13.48 49.67
CA LYS B 62 16.71 13.87 50.03
C LYS B 62 16.94 13.76 51.53
N GLU B 63 15.98 14.22 52.33
CA GLU B 63 16.13 14.11 53.78
C GLU B 63 16.23 12.65 54.21
N THR B 64 15.42 11.80 53.60
CA THR B 64 15.47 10.37 53.91
C THR B 64 16.84 9.79 53.58
N ILE B 65 17.38 10.10 52.40
CA ILE B 65 18.68 9.55 52.05
C ILE B 65 19.76 10.09 52.96
N ASN B 66 19.68 11.37 53.33
CA ASN B 66 20.70 11.92 54.22
C ASN B 66 20.69 11.22 55.57
N GLU B 67 19.50 10.99 56.12
CA GLU B 67 19.42 10.34 57.42
C GLU B 67 19.82 8.86 57.33
N GLU B 68 19.55 8.21 56.20
CA GLU B 68 20.00 6.83 56.04
C GLU B 68 21.50 6.75 55.83
N ALA B 69 22.10 7.76 55.19
CA ALA B 69 23.56 7.83 55.14
C ALA B 69 24.14 8.02 56.52
N ALA B 70 23.48 8.83 57.35
CA ALA B 70 23.91 8.96 58.74
C ALA B 70 23.83 7.62 59.47
N GLU B 71 22.73 6.87 59.26
CA GLU B 71 22.61 5.56 59.87
C GLU B 71 23.69 4.60 59.36
N TRP B 72 23.98 4.66 58.06
CA TRP B 72 25.03 3.82 57.48
C TRP B 72 26.39 4.12 58.13
N ASP B 73 26.69 5.41 58.31
CA ASP B 73 27.94 5.76 58.98
C ASP B 73 27.93 5.34 60.44
N ARG B 74 26.77 5.35 61.09
CA ARG B 74 26.67 4.87 62.46
C ARG B 74 26.98 3.39 62.55
N VAL B 75 26.44 2.60 61.61
CA VAL B 75 26.59 1.15 61.69
C VAL B 75 28.04 0.74 61.41
N HIS B 76 28.66 1.33 60.38
CA HIS B 76 30.05 1.06 60.09
C HIS B 76 30.91 2.23 60.55
N PRO B 77 31.67 2.08 61.64
CA PRO B 77 32.58 3.16 62.03
C PRO B 77 33.69 3.34 61.01
N VAL B 78 34.16 4.58 60.91
CA VAL B 78 35.26 4.90 59.99
C VAL B 78 36.56 4.42 60.62
N HIS B 79 37.30 3.59 59.90
CA HIS B 79 38.54 3.02 60.42
C HIS B 79 39.65 4.06 60.32
N ALA B 80 40.18 4.45 61.48
CA ALA B 80 41.24 5.46 61.54
C ALA B 80 42.59 4.76 61.40
N GLY B 81 42.94 4.47 60.14
CA GLY B 81 44.20 3.84 59.84
C GLY B 81 44.63 4.09 58.41
N PRO B 82 45.93 3.97 58.14
CA PRO B 82 46.41 4.17 56.77
C PRO B 82 45.83 3.12 55.84
N ILE B 83 45.47 3.56 54.64
CA ILE B 83 44.86 2.66 53.66
C ILE B 83 45.96 1.94 52.90
N ALA B 84 45.81 0.62 52.77
CA ALA B 84 46.79 -0.16 52.04
C ALA B 84 46.78 0.23 50.56
N PRO B 85 47.94 0.28 49.90
CA PRO B 85 47.96 0.65 48.48
C PRO B 85 47.12 -0.26 47.61
N GLY B 86 47.08 -1.56 47.90
CA GLY B 86 46.23 -2.46 47.14
C GLY B 86 44.76 -2.21 47.40
N GLN B 87 44.41 -1.92 48.65
CA GLN B 87 43.02 -1.69 49.03
C GLN B 87 42.61 -0.25 48.73
N MET B 88 41.34 0.06 48.98
CA MET B 88 40.80 1.39 48.81
C MET B 88 39.85 1.69 49.96
N ARG B 89 39.62 2.98 50.19
CA ARG B 89 38.90 3.41 51.38
C ARG B 89 37.46 2.89 51.37
N GLU B 90 36.96 2.61 52.57
CA GLU B 90 35.60 2.12 52.72
C GLU B 90 34.60 3.23 52.40
N PRO B 91 33.45 2.88 51.82
CA PRO B 91 32.47 3.90 51.43
C PRO B 91 31.71 4.42 52.63
N ARG B 92 31.58 5.75 52.71
CA ARG B 92 30.73 6.38 53.71
C ARG B 92 29.32 6.52 53.16
N GLY B 93 28.39 7.00 53.99
CA GLY B 93 27.02 7.14 53.55
C GLY B 93 26.87 8.09 52.39
N SER B 94 27.63 9.19 52.40
CA SER B 94 27.61 10.11 51.28
C SER B 94 28.13 9.45 50.01
N ASP B 95 29.15 8.59 50.15
CA ASP B 95 29.65 7.86 48.99
C ASP B 95 28.59 6.93 48.41
N ILE B 96 27.84 6.25 49.29
CA ILE B 96 26.73 5.44 48.81
C ILE B 96 25.71 6.30 48.08
N ALA B 97 25.43 7.48 48.63
CA ALA B 97 24.54 8.42 47.94
C ALA B 97 25.15 8.94 46.64
N GLY B 98 26.47 8.82 46.48
CA GLY B 98 27.15 9.26 45.28
C GLY B 98 27.65 10.69 45.31
N THR B 99 27.42 11.43 46.39
CA THR B 99 27.84 12.83 46.43
C THR B 99 29.35 12.96 46.53
N THR B 100 29.97 12.22 47.43
CA THR B 100 31.41 12.31 47.64
C THR B 100 32.19 11.27 46.84
N SER B 101 31.50 10.40 46.11
CA SER B 101 32.13 9.34 45.35
C SER B 101 31.94 9.57 43.86
N THR B 102 32.99 9.30 43.09
CA THR B 102 32.96 9.47 41.64
C THR B 102 32.52 8.17 40.98
N LEU B 103 32.39 8.21 39.65
CA LEU B 103 32.00 7.02 38.91
C LEU B 103 33.05 5.91 39.06
N GLN B 104 34.33 6.27 38.98
CA GLN B 104 35.39 5.27 39.10
C GLN B 104 35.35 4.60 40.46
N GLU B 105 35.21 5.38 41.52
CA GLU B 105 35.19 4.81 42.87
C GLU B 105 33.99 3.90 43.07
N GLN B 106 32.82 4.34 42.61
CA GLN B 106 31.62 3.53 42.75
C GLN B 106 31.76 2.22 41.98
N ILE B 107 32.25 2.29 40.74
CA ILE B 107 32.40 1.10 39.92
C ILE B 107 33.40 0.15 40.56
N GLY B 108 34.50 0.68 41.09
CA GLY B 108 35.45 -0.16 41.80
C GLY B 108 34.84 -0.81 43.03
N TRP B 109 33.99 -0.08 43.74
CA TRP B 109 33.31 -0.65 44.90
C TRP B 109 32.41 -1.81 44.50
N MET B 110 31.66 -1.65 43.41
CA MET B 110 30.78 -2.73 42.98
C MET B 110 31.53 -3.87 42.31
N THR B 111 32.83 -3.73 42.07
CA THR B 111 33.65 -4.78 41.46
C THR B 111 34.85 -5.10 42.33
N ASN B 112 34.60 -5.29 43.62
CA ASN B 112 35.64 -5.59 44.59
C ASN B 112 35.56 -7.06 44.99
N ASN B 113 36.56 -7.51 45.76
CA ASN B 113 36.62 -8.88 46.26
C ASN B 113 36.88 -8.83 47.76
N PRO B 114 35.84 -8.89 48.58
CA PRO B 114 34.41 -9.02 48.23
C PRO B 114 33.83 -7.70 47.75
N PRO B 115 32.79 -7.75 46.90
CA PRO B 115 32.24 -6.50 46.35
C PRO B 115 31.25 -5.86 47.31
N ILE B 116 31.34 -4.54 47.41
CA ILE B 116 30.39 -3.74 48.18
C ILE B 116 29.30 -3.29 47.22
N PRO B 117 28.06 -3.73 47.41
CA PRO B 117 26.97 -3.38 46.45
C PRO B 117 26.42 -1.99 46.70
N VAL B 118 27.25 -0.99 46.42
CA VAL B 118 26.91 0.40 46.71
C VAL B 118 25.64 0.81 45.98
N GLY B 119 25.54 0.43 44.70
CA GLY B 119 24.35 0.76 43.93
C GLY B 119 23.08 0.22 44.55
N GLU B 120 23.12 -1.03 45.03
CA GLU B 120 21.92 -1.62 45.61
C GLU B 120 21.56 -1.00 46.95
N ILE B 121 22.55 -0.62 47.76
CA ILE B 121 22.27 0.04 49.02
C ILE B 121 21.61 1.39 48.77
N TYR B 122 22.19 2.18 47.86
CA TYR B 122 21.57 3.45 47.50
C TYR B 122 20.18 3.22 46.91
N LYS B 123 20.01 2.12 46.17
CA LYS B 123 18.72 1.78 45.60
C LYS B 123 17.68 1.53 46.69
N ARG B 124 18.06 0.81 47.74
CA ARG B 124 17.14 0.56 48.84
C ARG B 124 16.79 1.87 49.55
N TRP B 125 17.78 2.73 49.79
CA TRP B 125 17.50 4.01 50.42
C TRP B 125 16.50 4.81 49.59
N ILE B 126 16.73 4.88 48.28
CA ILE B 126 15.84 5.64 47.41
C ILE B 126 14.45 5.04 47.40
N ILE B 127 14.36 3.71 47.35
CA ILE B 127 13.05 3.08 47.22
C ILE B 127 12.23 3.26 48.50
N LEU B 128 12.89 3.23 49.67
CA LEU B 128 12.11 3.47 50.88
C LEU B 128 11.79 4.95 51.06
N GLY B 129 12.64 5.84 50.54
CA GLY B 129 12.23 7.23 50.45
C GLY B 129 11.01 7.42 49.57
N LEU B 130 10.96 6.68 48.46
CA LEU B 130 9.79 6.67 47.60
C LEU B 130 8.56 6.17 48.35
N ASN B 131 8.74 5.13 49.17
CA ASN B 131 7.65 4.63 49.99
C ASN B 131 7.14 5.70 50.94
N LYS B 132 8.05 6.42 51.59
CA LYS B 132 7.63 7.51 52.46
C LYS B 132 6.89 8.58 51.67
N ILE B 133 7.38 8.89 50.47
CA ILE B 133 6.74 9.90 49.63
C ILE B 133 5.31 9.50 49.32
N VAL B 134 5.11 8.27 48.85
CA VAL B 134 3.78 7.85 48.44
C VAL B 134 2.87 7.72 49.66
N ARG B 135 3.41 7.34 50.82
CA ARG B 135 2.59 7.24 52.01
C ARG B 135 2.12 8.60 52.49
N MET B 136 3.01 9.60 52.49
CA MET B 136 2.70 10.87 53.11
C MET B 136 2.38 11.98 52.12
N TYR B 137 3.26 12.23 51.16
CA TYR B 137 3.10 13.36 50.25
C TYR B 137 1.87 13.20 49.39
N SER B 138 1.19 14.33 49.14
CA SER B 138 0.05 14.37 48.25
C SER B 138 0.27 15.53 47.27
N PRO B 139 0.26 15.28 45.96
CA PRO B 139 0.50 16.36 45.01
C PRO B 139 -0.61 17.39 45.02
N THR B 140 -0.23 18.64 44.74
CA THR B 140 -1.20 19.72 44.64
C THR B 140 -1.83 19.70 43.25
N SER B 141 -3.15 19.59 43.19
CA SER B 141 -3.88 19.53 41.95
C SER B 141 -4.73 20.77 41.78
N ILE B 142 -4.89 21.21 40.53
CA ILE B 142 -5.67 22.42 40.26
C ILE B 142 -7.13 22.22 40.66
N LEU B 143 -7.65 21.01 40.50
CA LEU B 143 -9.04 20.74 40.86
C LEU B 143 -9.25 20.82 42.37
N ASP B 144 -8.18 20.70 43.16
CA ASP B 144 -8.29 20.82 44.61
C ASP B 144 -8.35 22.25 45.09
N ILE B 145 -8.19 23.23 44.18
CA ILE B 145 -8.19 24.64 44.55
C ILE B 145 -9.63 25.14 44.42
N ARG B 146 -10.29 25.29 45.56
CA ARG B 146 -11.63 25.85 45.63
C ARG B 146 -11.61 27.03 46.57
N GLN B 147 -12.30 28.10 46.19
CA GLN B 147 -12.23 29.33 46.99
C GLN B 147 -13.03 29.16 48.28
N GLY B 148 -12.47 29.67 49.37
CA GLY B 148 -13.06 29.52 50.67
C GLY B 148 -14.33 30.30 50.84
N PRO B 149 -15.09 29.98 51.89
CA PRO B 149 -16.33 30.72 52.14
C PRO B 149 -16.12 32.20 52.40
N LYS B 150 -15.03 32.57 53.06
CA LYS B 150 -14.73 33.96 53.38
C LYS B 150 -13.35 34.34 52.88
N GLU B 151 -13.04 33.96 51.64
CA GLU B 151 -11.73 34.25 51.08
C GLU B 151 -11.85 35.29 49.98
N PRO B 152 -11.00 36.31 49.97
CA PRO B 152 -11.04 37.30 48.89
C PRO B 152 -10.76 36.64 47.53
N PHE B 153 -11.43 37.16 46.51
CA PHE B 153 -11.27 36.59 45.17
C PHE B 153 -9.86 36.76 44.64
N ARG B 154 -9.18 37.85 45.03
CA ARG B 154 -7.79 38.02 44.62
C ARG B 154 -6.91 36.92 45.20
N ASP B 155 -7.11 36.57 46.47
CA ASP B 155 -6.31 35.50 47.07
C ASP B 155 -6.62 34.15 46.41
N TYR B 156 -7.89 33.89 46.11
CA TYR B 156 -8.24 32.65 45.43
C TYR B 156 -7.61 32.59 44.05
N VAL B 157 -7.61 33.72 43.32
CA VAL B 157 -6.99 33.75 42.00
C VAL B 157 -5.48 33.52 42.13
N ASP B 158 -4.86 34.11 43.14
CA ASP B 158 -3.43 33.92 43.35
C ASP B 158 -3.12 32.44 43.59
N ARG B 159 -3.90 31.80 44.46
CA ARG B 159 -3.70 30.38 44.72
C ARG B 159 -3.93 29.55 43.47
N PHE B 160 -5.00 29.85 42.73
CA PHE B 160 -5.32 29.11 41.53
C PHE B 160 -4.19 29.19 40.52
N TYR B 161 -3.66 30.39 40.30
CA TYR B 161 -2.61 30.55 39.31
C TYR B 161 -1.29 29.97 39.79
N LYS B 162 -1.01 30.04 41.09
CA LYS B 162 0.21 29.42 41.61
C LYS B 162 0.17 27.91 41.39
N THR B 163 -0.97 27.29 41.71
CA THR B 163 -1.08 25.85 41.50
C THR B 163 -1.13 25.49 40.02
N LEU B 164 -1.66 26.39 39.18
CA LEU B 164 -1.66 26.14 37.74
C LEU B 164 -0.24 26.16 37.19
N ARG B 165 0.57 27.13 37.60
CA ARG B 165 1.97 27.16 37.18
C ARG B 165 2.72 25.94 37.70
N ALA B 166 2.47 25.57 38.96
CA ALA B 166 3.11 24.37 39.49
C ALA B 166 2.60 23.10 38.82
N GLU B 167 1.41 23.14 38.22
CA GLU B 167 0.84 21.97 37.59
C GLU B 167 1.60 21.61 36.33
N GLN B 168 1.79 20.31 36.10
CA GLN B 168 2.42 19.80 34.90
C GLN B 168 1.33 19.49 33.86
N ALA B 169 1.34 20.24 32.77
CA ALA B 169 0.30 20.15 31.74
C ALA B 169 0.71 21.01 30.56
N SER B 170 -0.01 20.84 29.45
CA SER B 170 0.24 21.64 28.26
C SER B 170 -0.29 23.07 28.46
N GLN B 171 0.27 23.99 27.68
CA GLN B 171 -0.14 25.39 27.78
C GLN B 171 -1.59 25.58 27.37
N GLU B 172 -2.02 24.92 26.29
CA GLU B 172 -3.40 25.06 25.84
C GLU B 172 -4.36 24.48 26.85
N VAL B 173 -4.03 23.32 27.42
CA VAL B 173 -4.92 22.74 28.42
C VAL B 173 -4.88 23.56 29.70
N LYS B 174 -3.76 24.23 29.99
CA LYS B 174 -3.73 25.13 31.14
C LYS B 174 -4.64 26.33 30.91
N ASN B 175 -4.67 26.86 29.68
CA ASN B 175 -5.59 27.93 29.36
C ASN B 175 -7.03 27.48 29.50
N TRP B 176 -7.32 26.25 29.05
CA TRP B 176 -8.66 25.71 29.23
C TRP B 176 -9.00 25.56 30.71
N MET B 177 -8.04 25.13 31.52
CA MET B 177 -8.27 24.99 32.95
C MET B 177 -8.57 26.33 33.61
N THR B 178 -7.80 27.36 33.29
CA THR B 178 -8.08 28.66 33.90
C THR B 178 -9.35 29.28 33.33
N GLU B 179 -9.78 28.85 32.15
CA GLU B 179 -11.07 29.32 31.63
C GLU B 179 -12.23 28.67 32.38
N THR B 180 -12.11 27.38 32.71
CA THR B 180 -13.24 26.65 33.29
C THR B 180 -13.22 26.65 34.82
N LEU B 181 -12.16 26.10 35.41
CA LEU B 181 -12.14 25.86 36.85
C LEU B 181 -12.08 27.15 37.67
N LEU B 182 -11.56 28.24 37.10
CA LEU B 182 -11.49 29.49 37.86
C LEU B 182 -12.87 29.97 38.27
N VAL B 183 -13.84 29.88 37.36
CA VAL B 183 -15.21 30.23 37.71
C VAL B 183 -15.95 29.05 38.33
N GLN B 184 -15.62 27.82 37.91
CA GLN B 184 -16.35 26.66 38.41
C GLN B 184 -16.15 26.47 39.91
N ASN B 185 -14.93 26.69 40.40
CA ASN B 185 -14.58 26.40 41.78
C ASN B 185 -14.69 27.63 42.69
N ALA B 186 -15.35 28.69 42.24
CA ALA B 186 -15.47 29.88 43.07
C ALA B 186 -16.53 29.71 44.14
N ASN B 187 -16.42 30.52 45.19
CA ASN B 187 -17.41 30.55 46.25
C ASN B 187 -18.76 30.96 45.68
N PRO B 188 -19.87 30.48 46.26
CA PRO B 188 -21.18 30.86 45.72
C PRO B 188 -21.42 32.36 45.63
N ASP B 189 -20.95 33.13 46.60
CA ASP B 189 -21.13 34.58 46.53
C ASP B 189 -20.41 35.17 45.33
N CYS B 190 -19.18 34.74 45.08
CA CYS B 190 -18.48 35.21 43.88
C CYS B 190 -19.03 34.54 42.63
N LYS B 191 -19.56 33.32 42.75
CA LYS B 191 -20.10 32.63 41.59
C LYS B 191 -21.33 33.35 41.05
N THR B 192 -22.16 33.89 41.93
CA THR B 192 -23.31 34.67 41.49
C THR B 192 -22.87 35.87 40.66
N ILE B 193 -21.87 36.60 41.15
CA ILE B 193 -21.36 37.76 40.43
C ILE B 193 -20.76 37.34 39.09
N LEU B 194 -20.00 36.24 39.09
CA LEU B 194 -19.36 35.79 37.86
C LEU B 194 -20.39 35.37 36.82
N LYS B 195 -21.44 34.68 37.25
CA LYS B 195 -22.49 34.29 36.32
C LYS B 195 -23.25 35.51 35.80
N ALA B 196 -23.51 36.49 36.68
CA ALA B 196 -24.18 37.70 36.23
C ALA B 196 -23.32 38.50 35.27
N LEU B 197 -22.00 38.41 35.40
CA LEU B 197 -21.11 39.15 34.50
C LEU B 197 -21.25 38.67 33.07
N GLY B 198 -21.34 37.35 32.86
CA GLY B 198 -21.41 36.79 31.53
C GLY B 198 -20.18 35.98 31.20
N PRO B 199 -20.23 35.23 30.10
CA PRO B 199 -19.10 34.37 29.73
C PRO B 199 -17.98 35.10 29.02
N ALA B 200 -18.21 36.32 28.55
CA ALA B 200 -17.19 37.08 27.82
C ALA B 200 -16.36 37.97 28.73
N ALA B 201 -16.64 37.99 30.03
CA ALA B 201 -15.90 38.85 30.94
C ALA B 201 -14.46 38.40 31.06
N THR B 202 -13.55 39.36 31.06
CA THR B 202 -12.13 39.07 31.22
C THR B 202 -11.79 38.87 32.69
N LEU B 203 -10.54 38.44 32.94
CA LEU B 203 -10.11 38.18 34.31
C LEU B 203 -10.15 39.44 35.16
N GLU B 204 -9.70 40.57 34.60
CA GLU B 204 -9.71 41.82 35.36
C GLU B 204 -11.13 42.25 35.71
N GLU B 205 -12.06 42.12 34.75
CA GLU B 205 -13.44 42.47 35.02
C GLU B 205 -14.04 41.59 36.11
N MET B 206 -13.76 40.28 36.04
CA MET B 206 -14.25 39.37 37.06
C MET B 206 -13.69 39.75 38.43
N MET B 207 -12.40 40.09 38.48
CA MET B 207 -11.77 40.41 39.75
C MET B 207 -12.34 41.69 40.35
N THR B 208 -12.55 42.73 39.53
CA THR B 208 -13.14 43.94 40.10
C THR B 208 -14.61 43.74 40.42
N ALA B 209 -15.26 42.75 39.80
CA ALA B 209 -16.63 42.44 40.18
C ALA B 209 -16.70 41.79 41.56
N CYS B 210 -15.81 40.82 41.81
CA CYS B 210 -15.79 40.16 43.12
C CYS B 210 -14.97 40.92 44.15
N GLN B 211 -14.37 42.06 43.80
CA GLN B 211 -13.65 42.85 44.78
C GLN B 211 -14.54 43.24 45.95
N GLY B 212 -15.81 43.55 45.68
CA GLY B 212 -16.68 44.04 46.72
C GLY B 212 -17.34 42.97 47.58
N VAL B 213 -17.17 41.70 47.24
CA VAL B 213 -17.82 40.63 47.98
C VAL B 213 -17.22 40.54 49.38
N GLY B 214 -18.07 40.29 50.37
CA GLY B 214 -17.63 40.20 51.74
C GLY B 214 -17.49 41.53 52.46
N GLY B 215 -17.61 42.64 51.74
CA GLY B 215 -17.54 43.95 52.36
C GLY B 215 -18.87 44.35 52.95
N PRO B 216 -18.87 45.47 53.67
CA PRO B 216 -20.12 45.96 54.27
C PRO B 216 -21.22 46.19 53.26
N GLY B 217 -20.89 46.72 52.08
CA GLY B 217 -21.90 46.97 51.08
C GLY B 217 -22.52 45.69 50.54
N HIS B 218 -21.68 44.70 50.22
CA HIS B 218 -22.20 43.44 49.72
C HIS B 218 -23.02 42.71 50.77
N LYS B 219 -22.56 42.73 52.02
CA LYS B 219 -23.32 42.10 53.09
C LYS B 219 -24.67 42.78 53.27
N ALA B 220 -24.69 44.12 53.24
CA ALA B 220 -25.96 44.83 53.34
C ALA B 220 -26.88 44.50 52.17
N ARG B 221 -26.32 44.41 50.96
CA ARG B 221 -27.13 44.12 49.79
C ARG B 221 -27.74 42.72 49.87
N VAL B 222 -26.94 41.71 50.24
CA VAL B 222 -27.46 40.35 50.29
C VAL B 222 -28.46 40.21 51.43
N LEU B 223 -28.20 40.89 52.56
CA LEU B 223 -29.18 40.88 53.64
C LEU B 223 -30.49 41.53 53.20
N ALA B 224 -30.41 42.64 52.47
CA ALA B 224 -31.62 43.28 51.97
C ALA B 224 -32.38 42.38 51.01
N GLU B 225 -31.65 41.67 50.14
CA GLU B 225 -32.31 40.73 49.23
C GLU B 225 -33.00 39.61 50.01
N ALA B 226 -32.33 39.08 51.03
CA ALA B 226 -32.94 38.02 51.84
C ALA B 226 -34.20 38.50 52.55
N MET B 227 -34.13 39.68 53.16
CA MET B 227 -35.31 40.21 53.86
C MET B 227 -36.42 40.60 52.91
N SER B 228 -36.08 41.00 51.68
CA SER B 228 -37.11 41.26 50.68
C SER B 228 -37.78 39.96 50.25
N GLN B 229 -36.99 38.88 50.12
CA GLN B 229 -37.58 37.57 49.84
C GLN B 229 -38.50 37.13 50.98
N VAL B 230 -38.08 37.39 52.22
CA VAL B 230 -38.94 37.10 53.38
C VAL B 230 -40.20 37.95 53.31
N ILE B 231 -40.05 39.24 53.01
CA ILE B 231 -41.19 40.14 52.94
C ILE B 231 -41.77 40.13 51.54
N VAL C 3 42.06 39.98 27.49
CA VAL C 3 41.11 39.05 26.90
C VAL C 3 40.50 39.64 25.64
N HIS C 4 40.46 38.84 24.57
CA HIS C 4 39.91 39.32 23.31
C HIS C 4 38.40 39.48 23.36
N GLN C 5 37.72 38.66 24.16
CA GLN C 5 36.26 38.67 24.23
C GLN C 5 35.73 39.53 25.37
N ALA C 6 36.45 40.58 25.73
CA ALA C 6 35.97 41.50 26.76
C ALA C 6 34.73 42.23 26.25
N ILE C 7 33.80 42.48 27.18
CA ILE C 7 32.52 43.10 26.80
C ILE C 7 32.76 44.55 26.40
N SER C 8 32.21 44.95 25.26
CA SER C 8 32.24 46.33 24.81
C SER C 8 31.15 47.13 25.53
N PRO C 9 31.30 48.46 25.59
CA PRO C 9 30.24 49.27 26.21
C PRO C 9 28.89 49.08 25.56
N ARG C 10 28.87 48.81 24.26
CA ARG C 10 27.61 48.55 23.57
C ARG C 10 26.91 47.32 24.12
N THR C 11 27.67 46.26 24.40
CA THR C 11 27.07 45.04 24.94
C THR C 11 26.49 45.30 26.32
N LEU C 12 27.20 46.05 27.16
CA LEU C 12 26.69 46.38 28.49
C LEU C 12 25.42 47.21 28.40
N ASN C 13 25.41 48.21 27.52
CA ASN C 13 24.22 49.04 27.35
C ASN C 13 23.06 48.21 26.82
N ALA C 14 23.33 47.29 25.90
CA ALA C 14 22.28 46.43 25.38
C ALA C 14 21.72 45.51 26.46
N TRP C 15 22.58 44.98 27.32
CA TRP C 15 22.11 44.16 28.42
C TRP C 15 21.23 44.97 29.37
N VAL C 16 21.66 46.20 29.67
CA VAL C 16 20.85 47.06 30.52
C VAL C 16 19.48 47.32 29.89
N LYS C 17 19.47 47.62 28.58
CA LYS C 17 18.22 47.91 27.90
C LYS C 17 17.31 46.70 27.86
N VAL C 18 17.86 45.51 27.63
CA VAL C 18 17.03 44.32 27.54
C VAL C 18 16.52 43.91 28.92
N VAL C 19 17.30 44.13 29.97
CA VAL C 19 16.81 43.81 31.30
C VAL C 19 15.84 44.85 31.82
N GLU C 20 15.85 46.06 31.26
CA GLU C 20 14.89 47.09 31.64
C GLU C 20 13.58 46.97 30.88
N GLU C 21 13.64 47.01 29.55
CA GLU C 21 12.43 46.99 28.73
C GLU C 21 11.71 45.65 28.85
N LYS C 22 12.45 44.54 28.80
CA LYS C 22 11.85 43.22 28.80
C LYS C 22 11.73 42.62 30.20
N ALA C 23 12.14 43.36 31.23
CA ALA C 23 12.06 42.90 32.62
C ALA C 23 12.72 41.55 32.78
N PHE C 24 11.92 40.51 33.02
CA PHE C 24 12.43 39.15 33.13
C PHE C 24 11.55 38.19 32.35
N SER C 25 11.15 38.60 31.15
CA SER C 25 10.46 37.73 30.23
C SER C 25 11.40 36.60 29.81
N PRO C 26 10.86 35.44 29.40
CA PRO C 26 11.74 34.33 29.01
C PRO C 26 12.69 34.70 27.90
N GLU C 27 12.32 35.64 27.04
CA GLU C 27 13.17 36.06 25.93
C GLU C 27 14.43 36.75 26.41
N VAL C 28 14.57 36.98 27.71
CA VAL C 28 15.81 37.51 28.24
C VAL C 28 16.88 36.42 28.37
N ILE C 29 16.48 35.15 28.39
CA ILE C 29 17.47 34.07 28.47
C ILE C 29 18.38 34.02 27.24
N PRO C 30 17.88 34.08 26.00
CA PRO C 30 18.81 34.08 24.86
C PRO C 30 19.72 35.29 24.81
N MET C 31 19.16 36.49 24.97
CA MET C 31 19.95 37.71 24.87
C MET C 31 21.18 37.65 25.76
N PHE C 32 20.97 37.28 27.03
CA PHE C 32 22.10 37.14 27.95
C PHE C 32 23.14 36.19 27.38
N SER C 33 22.72 34.99 26.98
CA SER C 33 23.68 34.02 26.47
C SER C 33 24.31 34.48 25.17
N ALA C 34 23.72 35.49 24.51
CA ALA C 34 24.31 36.05 23.30
C ALA C 34 25.21 37.23 23.57
N LEU C 35 25.12 37.85 24.75
CA LEU C 35 25.88 39.05 25.06
C LEU C 35 27.08 38.79 25.93
N SER C 36 27.06 37.75 26.76
CA SER C 36 28.16 37.44 27.66
C SER C 36 29.02 36.28 27.16
N GLU C 37 28.86 35.88 25.91
CA GLU C 37 29.62 34.75 25.38
C GLU C 37 31.10 35.08 25.36
N GLY C 38 31.89 34.28 26.07
CA GLY C 38 33.32 34.49 26.15
C GLY C 38 33.76 35.54 27.14
N ALA C 39 32.82 36.18 27.84
CA ALA C 39 33.17 37.22 28.80
C ALA C 39 33.76 36.61 30.07
N THR C 40 34.70 37.34 30.67
CA THR C 40 35.30 36.92 31.91
C THR C 40 34.27 36.97 33.05
N PRO C 41 34.49 36.22 34.13
CA PRO C 41 33.56 36.29 35.26
C PRO C 41 33.41 37.69 35.83
N GLN C 42 34.47 38.50 35.80
CA GLN C 42 34.35 39.88 36.25
C GLN C 42 33.37 40.66 35.36
N ASP C 43 33.45 40.44 34.05
CA ASP C 43 32.49 41.07 33.14
C ASP C 43 31.08 40.55 33.39
N LEU C 44 30.95 39.27 33.73
CA LEU C 44 29.64 38.72 34.07
C LEU C 44 29.06 39.42 35.30
N ASN C 45 29.90 39.63 36.33
CA ASN C 45 29.44 40.33 37.53
C ASN C 45 29.09 41.78 37.21
N THR C 46 29.89 42.44 36.38
CA THR C 46 29.58 43.81 35.99
C THR C 46 28.25 43.89 35.27
N MET C 47 27.98 42.93 34.38
CA MET C 47 26.70 42.87 33.70
C MET C 47 25.56 42.64 34.70
N LEU C 48 25.78 41.74 35.65
CA LEU C 48 24.72 41.42 36.62
C LEU C 48 24.47 42.54 37.62
N ASN C 49 25.45 43.40 37.87
CA ASN C 49 25.26 44.47 38.84
C ASN C 49 24.33 45.56 38.33
N THR C 50 24.25 45.74 37.02
CA THR C 50 23.49 46.84 36.44
C THR C 50 21.98 46.62 36.51
N VAL C 51 21.52 45.44 36.91
CA VAL C 51 20.09 45.20 37.02
C VAL C 51 19.52 46.05 38.14
N GLY C 52 18.75 47.07 37.79
CA GLY C 52 18.09 47.90 38.77
C GLY C 52 16.76 47.30 39.18
N GLY C 53 16.50 47.32 40.48
CA GLY C 53 15.30 46.68 40.98
C GLY C 53 15.42 45.17 40.92
N HIS C 54 14.26 44.52 41.06
CA HIS C 54 14.16 43.07 41.06
C HIS C 54 15.12 42.46 42.08
N GLN C 55 15.05 42.98 43.32
CA GLN C 55 15.93 42.48 44.37
C GLN C 55 15.67 41.02 44.67
N ALA C 56 14.40 40.60 44.63
CA ALA C 56 14.09 39.19 44.84
C ALA C 56 14.73 38.32 43.77
N ALA C 57 14.65 38.75 42.50
CA ALA C 57 15.28 38.00 41.43
C ALA C 57 16.77 37.89 41.62
N MET C 58 17.41 38.98 42.04
CA MET C 58 18.85 38.96 42.28
C MET C 58 19.19 38.01 43.42
N GLN C 59 18.36 37.99 44.47
CA GLN C 59 18.61 37.06 45.58
C GLN C 59 18.49 35.61 45.13
N MET C 60 17.46 35.29 44.34
CA MET C 60 17.33 33.94 43.82
C MET C 60 18.50 33.57 42.92
N LEU C 61 18.93 34.50 42.07
CA LEU C 61 20.07 34.24 41.20
C LEU C 61 21.35 34.01 42.00
N LYS C 62 21.53 34.79 43.07
CA LYS C 62 22.71 34.61 43.92
C LYS C 62 22.66 33.26 44.64
N GLU C 63 21.47 32.85 45.08
CA GLU C 63 21.32 31.53 45.68
C GLU C 63 21.68 30.44 44.68
N THR C 64 21.22 30.58 43.44
CA THR C 64 21.59 29.63 42.40
C THR C 64 23.09 29.59 42.19
N ILE C 65 23.73 30.76 42.12
CA ILE C 65 25.18 30.80 41.91
C ILE C 65 25.91 30.13 43.06
N ASN C 66 25.47 30.37 44.30
CA ASN C 66 26.11 29.75 45.44
C ASN C 66 25.96 28.24 45.42
N GLU C 67 24.74 27.75 45.13
CA GLU C 67 24.54 26.30 45.14
C GLU C 67 25.29 25.64 43.99
N GLU C 68 25.41 26.30 42.83
CA GLU C 68 26.16 25.71 41.73
C GLU C 68 27.65 25.78 42.00
N ALA C 69 28.13 26.80 42.70
CA ALA C 69 29.52 26.81 43.12
C ALA C 69 29.80 25.68 44.09
N ALA C 70 28.87 25.40 45.00
CA ALA C 70 29.03 24.26 45.90
C ALA C 70 29.06 22.95 45.13
N GLU C 71 28.17 22.80 44.15
CA GLU C 71 28.16 21.59 43.33
C GLU C 71 29.46 21.45 42.54
N TRP C 72 29.96 22.56 41.99
CA TRP C 72 31.20 22.52 41.23
C TRP C 72 32.38 22.16 42.14
N ASP C 73 32.38 22.67 43.37
CA ASP C 73 33.44 22.33 44.30
C ASP C 73 33.37 20.86 44.73
N ARG C 74 32.17 20.33 44.89
CA ARG C 74 32.05 18.92 45.26
C ARG C 74 32.40 18.00 44.09
N VAL C 75 32.15 18.44 42.86
CA VAL C 75 32.53 17.64 41.70
C VAL C 75 34.04 17.64 41.52
N HIS C 76 34.68 18.78 41.78
CA HIS C 76 36.13 18.94 41.66
C HIS C 76 36.74 19.02 43.04
N PRO C 77 37.19 17.90 43.62
CA PRO C 77 37.79 17.97 44.96
C PRO C 77 39.07 18.78 44.96
N VAL C 78 39.34 19.41 46.11
CA VAL C 78 40.53 20.23 46.25
C VAL C 78 41.75 19.33 46.34
N HIS C 79 42.75 19.61 45.51
CA HIS C 79 43.99 18.84 45.47
C HIS C 79 45.03 19.52 46.34
N ALA C 80 45.59 18.79 47.30
CA ALA C 80 46.59 19.32 48.21
C ALA C 80 47.96 19.27 47.55
N GLY C 81 49.00 19.56 48.32
CA GLY C 81 50.36 19.56 47.82
C GLY C 81 50.76 20.91 47.27
N PRO C 82 52.07 21.16 47.19
CA PRO C 82 52.55 22.43 46.64
C PRO C 82 52.14 22.60 45.19
N ILE C 83 51.85 23.84 44.81
CA ILE C 83 51.43 24.16 43.45
C ILE C 83 52.67 24.39 42.59
N ALA C 84 52.69 23.78 41.42
CA ALA C 84 53.82 23.93 40.52
C ALA C 84 53.90 25.37 40.01
N PRO C 85 55.08 26.00 40.01
CA PRO C 85 55.18 27.38 39.52
C PRO C 85 54.77 27.53 38.07
N GLY C 86 55.00 26.53 37.22
CA GLY C 86 54.59 26.64 35.83
C GLY C 86 53.09 26.78 35.68
N GLN C 87 52.34 25.94 36.39
CA GLN C 87 50.88 26.06 36.42
C GLN C 87 50.50 27.08 37.48
N MET C 88 49.20 27.16 37.78
CA MET C 88 48.73 28.07 38.83
C MET C 88 47.52 27.44 39.51
N ARG C 89 46.98 28.16 40.50
CA ARG C 89 46.00 27.59 41.41
C ARG C 89 44.74 27.14 40.68
N GLU C 90 44.28 25.93 40.99
CA GLU C 90 43.09 25.39 40.35
C GLU C 90 41.84 26.09 40.87
N PRO C 91 40.89 26.41 40.00
CA PRO C 91 39.71 27.16 40.44
C PRO C 91 38.86 26.36 41.41
N ARG C 92 38.19 27.09 42.30
CA ARG C 92 37.19 26.55 43.20
C ARG C 92 35.83 27.16 42.83
N GLY C 93 34.80 26.78 43.58
CA GLY C 93 33.47 27.32 43.31
C GLY C 93 33.44 28.83 43.41
N SER C 94 34.00 29.37 44.50
CA SER C 94 34.06 30.81 44.65
C SER C 94 34.98 31.44 43.61
N ASP C 95 36.08 30.75 43.26
CA ASP C 95 36.99 31.28 42.26
C ASP C 95 36.34 31.38 40.90
N ILE C 96 35.56 30.37 40.52
CA ILE C 96 34.75 30.48 39.31
C ILE C 96 33.76 31.62 39.45
N ALA C 97 33.13 31.73 40.62
CA ALA C 97 32.15 32.78 40.86
C ALA C 97 32.77 34.18 40.90
N GLY C 98 34.10 34.28 40.95
CA GLY C 98 34.74 35.57 41.00
C GLY C 98 34.68 36.27 42.34
N THR C 99 34.18 35.59 43.38
CA THR C 99 34.11 36.23 44.70
C THR C 99 35.49 36.56 45.22
N THR C 100 36.44 35.64 45.10
CA THR C 100 37.81 35.87 45.54
C THR C 100 38.83 35.89 44.41
N SER C 101 38.44 35.46 43.21
CA SER C 101 39.36 35.45 42.08
C SER C 101 39.39 36.81 41.41
N THR C 102 40.59 37.30 41.11
CA THR C 102 40.76 38.58 40.43
C THR C 102 40.62 38.40 38.93
N LEU C 103 40.62 39.53 38.21
CA LEU C 103 40.55 39.46 36.75
C LEU C 103 41.78 38.78 36.17
N GLN C 104 42.94 38.99 36.77
CA GLN C 104 44.15 38.33 36.29
C GLN C 104 44.04 36.82 36.39
N GLU C 105 43.52 36.33 37.51
CA GLU C 105 43.35 34.88 37.67
C GLU C 105 42.37 34.32 36.65
N GLN C 106 41.25 35.02 36.42
CA GLN C 106 40.28 34.56 35.43
C GLN C 106 40.90 34.54 34.04
N ILE C 107 41.66 35.57 33.69
CA ILE C 107 42.31 35.62 32.38
C ILE C 107 43.30 34.46 32.25
N GLY C 108 44.08 34.20 33.30
CA GLY C 108 44.99 33.07 33.27
C GLY C 108 44.27 31.75 33.09
N TRP C 109 43.10 31.62 33.72
CA TRP C 109 42.30 30.40 33.53
C TRP C 109 41.82 30.27 32.09
N MET C 110 41.34 31.37 31.50
CA MET C 110 40.78 31.28 30.15
C MET C 110 41.85 31.07 29.08
N THR C 111 43.10 31.46 29.34
CA THR C 111 44.18 31.30 28.37
C THR C 111 45.22 30.29 28.81
N ASN C 112 44.86 29.38 29.71
CA ASN C 112 45.81 28.36 30.16
C ASN C 112 45.90 27.23 29.14
N ASN C 113 46.87 26.34 29.37
CA ASN C 113 47.08 25.16 28.53
C ASN C 113 47.01 23.91 29.39
N PRO C 114 45.88 23.18 29.40
CA PRO C 114 44.64 23.44 28.67
C PRO C 114 43.80 24.54 29.31
N PRO C 115 42.98 25.24 28.53
CA PRO C 115 42.18 26.32 29.10
C PRO C 115 41.05 25.80 29.97
N ILE C 116 40.76 26.55 31.02
CA ILE C 116 39.61 26.31 31.90
C ILE C 116 38.57 27.39 31.60
N PRO C 117 37.47 27.06 30.93
CA PRO C 117 36.49 28.08 30.53
C PRO C 117 35.59 28.55 31.67
N VAL C 118 36.15 29.40 32.53
CA VAL C 118 35.40 29.88 33.68
C VAL C 118 34.17 30.66 33.22
N GLY C 119 34.30 31.41 32.14
CA GLY C 119 33.19 32.20 31.65
C GLY C 119 32.01 31.35 31.22
N GLU C 120 32.28 30.18 30.64
CA GLU C 120 31.18 29.34 30.15
C GLU C 120 30.42 28.70 31.31
N ILE C 121 31.14 28.22 32.32
CA ILE C 121 30.47 27.68 33.51
C ILE C 121 29.67 28.77 34.21
N TYR C 122 30.25 29.97 34.32
CA TYR C 122 29.50 31.09 34.86
C TYR C 122 28.24 31.37 34.05
N LYS C 123 28.36 31.34 32.72
CA LYS C 123 27.21 31.57 31.87
C LYS C 123 26.12 30.54 32.12
N ARG C 124 26.50 29.27 32.27
CA ARG C 124 25.52 28.24 32.55
C ARG C 124 24.83 28.49 33.90
N TRP C 125 25.61 28.87 34.92
CA TRP C 125 25.01 29.12 36.23
C TRP C 125 24.03 30.28 36.18
N ILE C 126 24.42 31.39 35.55
CA ILE C 126 23.52 32.53 35.46
C ILE C 126 22.32 32.20 34.59
N ILE C 127 22.50 31.39 33.55
CA ILE C 127 21.36 31.02 32.71
C ILE C 127 20.37 30.22 33.53
N LEU C 128 20.86 29.32 34.37
CA LEU C 128 19.97 28.57 35.27
C LEU C 128 19.26 29.50 36.25
N GLY C 129 19.99 30.47 36.80
CA GLY C 129 19.37 31.42 37.70
C GLY C 129 18.25 32.21 37.04
N LEU C 130 18.51 32.73 35.84
CA LEU C 130 17.49 33.47 35.10
C LEU C 130 16.34 32.56 34.69
N ASN C 131 16.63 31.29 34.41
CA ASN C 131 15.56 30.35 34.08
C ASN C 131 14.62 30.17 35.27
N LYS C 132 15.18 30.00 36.47
CA LYS C 132 14.32 29.92 37.65
C LYS C 132 13.57 31.23 37.86
N ILE C 133 14.24 32.36 37.60
CA ILE C 133 13.62 33.67 37.80
C ILE C 133 12.39 33.82 36.90
N VAL C 134 12.53 33.49 35.62
CA VAL C 134 11.37 33.61 34.73
C VAL C 134 10.32 32.57 35.08
N ARG C 135 10.75 31.37 35.50
CA ARG C 135 9.80 30.30 35.78
C ARG C 135 8.91 30.63 36.96
N MET C 136 9.48 31.20 38.03
CA MET C 136 8.76 31.38 39.28
C MET C 136 8.48 32.83 39.62
N TYR C 137 9.47 33.71 39.47
CA TYR C 137 9.31 35.08 39.94
C TYR C 137 8.31 35.79 39.02
N SER C 138 7.27 36.37 39.61
CA SER C 138 6.39 37.25 38.86
C SER C 138 6.54 38.67 39.39
N PRO C 139 6.94 39.64 38.56
CA PRO C 139 7.22 40.98 39.08
C PRO C 139 5.99 41.63 39.66
N THR C 140 6.18 42.35 40.76
CA THR C 140 5.10 43.11 41.36
C THR C 140 4.78 44.32 40.50
N SER C 141 3.51 44.48 40.14
CA SER C 141 3.08 45.54 39.25
C SER C 141 2.03 46.39 39.93
N ILE C 142 2.09 47.71 39.70
CA ILE C 142 1.10 48.61 40.27
C ILE C 142 -0.28 48.30 39.72
N LEU C 143 -0.36 47.67 38.56
CA LEU C 143 -1.66 47.28 38.03
C LEU C 143 -2.30 46.17 38.85
N ASP C 144 -1.49 45.29 39.45
CA ASP C 144 -2.00 44.18 40.25
C ASP C 144 -2.37 44.61 41.67
N ILE C 145 -1.93 45.78 42.12
CA ILE C 145 -2.20 46.22 43.48
C ILE C 145 -3.64 46.71 43.55
N ARG C 146 -4.50 45.94 44.20
CA ARG C 146 -5.88 46.35 44.43
C ARG C 146 -6.25 45.97 45.86
N GLN C 147 -7.23 46.68 46.40
CA GLN C 147 -7.54 46.60 47.83
C GLN C 147 -8.64 45.59 48.09
N GLY C 148 -8.39 44.70 49.04
CA GLY C 148 -9.34 43.68 49.42
C GLY C 148 -10.57 44.27 50.07
N PRO C 149 -11.67 43.52 50.05
CA PRO C 149 -12.94 44.06 50.56
C PRO C 149 -12.89 44.51 52.01
N LYS C 150 -12.15 43.81 52.86
CA LYS C 150 -12.05 44.19 54.26
C LYS C 150 -10.75 44.93 54.57
N GLU C 151 -9.93 45.19 53.58
CA GLU C 151 -8.65 45.85 53.82
C GLU C 151 -8.88 47.33 54.15
N PRO C 152 -8.22 47.87 55.16
CA PRO C 152 -8.37 49.31 55.45
C PRO C 152 -7.83 50.14 54.30
N PHE C 153 -8.44 51.32 54.11
CA PHE C 153 -7.99 52.22 53.06
C PHE C 153 -6.57 52.71 53.29
N ARG C 154 -6.23 53.00 54.54
CA ARG C 154 -4.87 53.46 54.85
C ARG C 154 -3.84 52.39 54.52
N ASP C 155 -4.13 51.14 54.88
CA ASP C 155 -3.20 50.05 54.57
C ASP C 155 -3.08 49.85 53.07
N TYR C 156 -4.19 49.96 52.34
CA TYR C 156 -4.14 49.86 50.88
C TYR C 156 -3.30 50.98 50.29
N VAL C 157 -3.45 52.20 50.81
CA VAL C 157 -2.65 53.32 50.34
C VAL C 157 -1.18 53.06 50.59
N ASP C 158 -0.85 52.55 51.78
CA ASP C 158 0.55 52.25 52.09
C ASP C 158 1.12 51.20 51.16
N ARG C 159 0.36 50.12 50.91
CA ARG C 159 0.82 49.08 49.99
C ARG C 159 0.99 49.63 48.58
N PHE C 160 0.03 50.44 48.13
CA PHE C 160 0.09 51.02 46.80
C PHE C 160 1.32 51.92 46.66
N TYR C 161 1.61 52.72 47.68
CA TYR C 161 2.76 53.61 47.60
C TYR C 161 4.06 52.83 47.67
N LYS C 162 4.10 51.74 48.45
CA LYS C 162 5.29 50.91 48.46
C LYS C 162 5.55 50.28 47.10
N THR C 163 4.49 49.76 46.47
CA THR C 163 4.64 49.20 45.13
C THR C 163 5.03 50.28 44.13
N LEU C 164 4.48 51.48 44.28
CA LEU C 164 4.83 52.58 43.39
C LEU C 164 6.31 52.95 43.51
N ARG C 165 6.82 53.01 44.74
CA ARG C 165 8.24 53.28 44.93
C ARG C 165 9.08 52.16 44.33
N ALA C 166 8.65 50.90 44.50
CA ALA C 166 9.40 49.79 43.93
C ALA C 166 9.29 49.77 42.40
N GLU C 167 8.22 50.33 41.85
CA GLU C 167 8.01 50.31 40.41
C GLU C 167 9.03 51.19 39.70
N GLN C 168 9.45 50.77 38.51
CA GLN C 168 10.36 51.55 37.68
C GLN C 168 9.55 52.29 36.62
N ALA C 169 9.57 53.61 36.69
CA ALA C 169 8.82 54.47 35.77
C ALA C 169 9.24 55.90 36.03
N SER C 170 8.94 56.77 35.05
CA SER C 170 9.26 58.18 35.21
C SER C 170 8.35 58.81 36.26
N GLN C 171 8.81 59.93 36.80
CA GLN C 171 8.08 60.58 37.89
C GLN C 171 6.70 61.05 37.42
N GLU C 172 6.62 61.58 36.20
CA GLU C 172 5.34 62.08 35.70
C GLU C 172 4.33 60.95 35.53
N VAL C 173 4.74 59.86 34.88
CA VAL C 173 3.83 58.74 34.74
C VAL C 173 3.56 58.08 36.08
N LYS C 174 4.51 58.18 37.01
CA LYS C 174 4.27 57.66 38.36
C LYS C 174 3.16 58.43 39.06
N ASN C 175 3.20 59.76 38.96
CA ASN C 175 2.13 60.58 39.53
C ASN C 175 0.81 60.33 38.82
N TRP C 176 0.86 60.13 37.51
CA TRP C 176 -0.37 59.81 36.77
C TRP C 176 -0.96 58.49 37.24
N MET C 177 -0.11 57.49 37.44
CA MET C 177 -0.58 56.20 37.96
C MET C 177 -1.16 56.35 39.36
N THR C 178 -0.52 57.17 40.20
CA THR C 178 -1.04 57.43 41.53
C THR C 178 -2.43 58.07 41.45
N GLU C 179 -2.61 59.03 40.56
CA GLU C 179 -3.86 59.75 40.47
C GLU C 179 -4.95 58.97 39.75
N THR C 180 -4.60 57.96 38.95
CA THR C 180 -5.61 57.25 38.17
C THR C 180 -5.88 55.83 38.67
N LEU C 181 -5.02 55.25 39.50
CA LEU C 181 -5.18 53.86 39.92
C LEU C 181 -5.51 53.70 41.38
N LEU C 182 -5.10 54.65 42.25
CA LEU C 182 -5.43 54.54 43.66
C LEU C 182 -6.93 54.56 43.88
N VAL C 183 -7.63 55.48 43.21
CA VAL C 183 -9.09 55.55 43.35
C VAL C 183 -9.75 54.37 42.65
N GLN C 184 -9.29 54.04 41.44
CA GLN C 184 -9.98 53.03 40.65
C GLN C 184 -9.88 51.65 41.26
N ASN C 185 -8.72 51.30 41.81
CA ASN C 185 -8.47 49.95 42.29
C ASN C 185 -8.96 49.72 43.72
N ALA C 186 -9.92 50.49 44.19
CA ALA C 186 -10.53 50.28 45.49
C ALA C 186 -11.82 49.48 45.36
N ASN C 187 -12.18 48.82 46.45
CA ASN C 187 -13.42 48.04 46.49
C ASN C 187 -14.60 48.99 46.43
N PRO C 188 -15.77 48.50 46.00
CA PRO C 188 -16.94 49.39 45.90
C PRO C 188 -17.28 50.14 47.17
N ASP C 189 -17.05 49.55 48.34
CA ASP C 189 -17.34 50.26 49.59
C ASP C 189 -16.52 51.53 49.70
N CYS C 190 -15.23 51.47 49.36
CA CYS C 190 -14.41 52.66 49.34
C CYS C 190 -14.65 53.51 48.10
N LYS C 191 -14.93 52.87 46.96
CA LYS C 191 -15.06 53.61 45.71
C LYS C 191 -16.29 54.50 45.71
N THR C 192 -17.38 54.05 46.34
CA THR C 192 -18.58 54.88 46.40
C THR C 192 -18.30 56.18 47.14
N ILE C 193 -17.69 56.09 48.31
CA ILE C 193 -17.33 57.29 49.06
C ILE C 193 -16.34 58.12 48.27
N LEU C 194 -15.45 57.46 47.53
CA LEU C 194 -14.42 58.19 46.83
C LEU C 194 -15.01 59.03 45.71
N LYS C 195 -15.91 58.42 44.93
CA LYS C 195 -16.59 59.15 43.87
C LYS C 195 -17.50 60.24 44.42
N ALA C 196 -18.18 59.97 45.53
CA ALA C 196 -19.02 61.01 46.14
C ALA C 196 -18.20 62.16 46.68
N LEU C 197 -16.95 61.91 47.04
CA LEU C 197 -16.10 62.98 47.58
C LEU C 197 -15.81 64.05 46.54
N GLY C 198 -15.53 63.64 45.30
CA GLY C 198 -15.23 64.57 44.24
C GLY C 198 -13.86 64.35 43.64
N PRO C 199 -13.72 64.63 42.34
CA PRO C 199 -12.43 64.41 41.67
C PRO C 199 -11.30 65.30 42.18
N ALA C 200 -11.62 66.41 42.84
CA ALA C 200 -10.62 67.36 43.30
C ALA C 200 -10.10 67.04 44.70
N ALA C 201 -10.52 65.92 45.29
CA ALA C 201 -10.12 65.60 46.65
C ALA C 201 -8.63 65.26 46.72
N THR C 202 -7.98 65.74 47.78
CA THR C 202 -6.58 65.44 48.03
C THR C 202 -6.46 64.08 48.69
N LEU C 203 -5.22 63.57 48.78
CA LEU C 203 -4.99 62.27 49.39
C LEU C 203 -5.36 62.27 50.87
N GLU C 204 -5.05 63.34 51.59
CA GLU C 204 -5.40 63.40 53.01
C GLU C 204 -6.91 63.40 53.20
N GLU C 205 -7.64 64.18 52.42
CA GLU C 205 -9.09 64.15 52.49
C GLU C 205 -9.63 62.79 52.11
N MET C 206 -8.98 62.14 51.13
CA MET C 206 -9.36 60.79 50.72
C MET C 206 -9.25 59.83 51.90
N MET C 207 -8.10 59.83 52.57
CA MET C 207 -7.87 58.94 53.70
C MET C 207 -8.82 59.24 54.85
N THR C 208 -9.07 60.52 55.13
CA THR C 208 -9.98 60.89 56.21
C THR C 208 -11.39 60.43 55.91
N ALA C 209 -11.86 60.63 54.68
CA ALA C 209 -13.22 60.22 54.34
C ALA C 209 -13.36 58.70 54.37
N CYS C 210 -12.36 57.98 53.90
CA CYS C 210 -12.45 56.53 53.85
C CYS C 210 -12.01 55.85 55.13
N GLN C 211 -11.57 56.62 56.14
CA GLN C 211 -11.12 56.01 57.39
C GLN C 211 -12.26 55.35 58.14
N GLY C 212 -13.48 55.88 58.04
CA GLY C 212 -14.60 55.33 58.76
C GLY C 212 -15.22 54.10 58.13
N VAL C 213 -14.72 53.64 56.99
CA VAL C 213 -15.30 52.46 56.35
C VAL C 213 -14.95 51.21 57.17
N GLY C 214 -15.84 50.22 57.10
CA GLY C 214 -15.63 48.97 57.79
C GLY C 214 -15.90 49.00 59.27
N GLY C 215 -16.23 50.16 59.84
CA GLY C 215 -16.49 50.28 61.25
C GLY C 215 -17.94 50.04 61.60
N PRO C 216 -18.30 50.28 62.85
CA PRO C 216 -19.70 50.09 63.25
C PRO C 216 -20.63 51.11 62.63
N GLY C 217 -20.22 52.38 62.61
CA GLY C 217 -21.09 53.42 62.07
C GLY C 217 -21.35 53.24 60.58
N HIS C 218 -20.31 52.97 59.81
CA HIS C 218 -20.49 52.78 58.38
C HIS C 218 -21.32 51.54 58.09
N LYS C 219 -21.09 50.45 58.83
CA LYS C 219 -21.90 49.25 58.65
C LYS C 219 -23.37 49.52 58.95
N ALA C 220 -23.64 50.25 60.04
CA ALA C 220 -25.01 50.59 60.38
C ALA C 220 -25.64 51.45 59.30
N ARG C 221 -24.90 52.43 58.78
CA ARG C 221 -25.42 53.31 57.74
C ARG C 221 -25.76 52.53 56.48
N VAL C 222 -24.85 51.64 56.04
CA VAL C 222 -25.11 50.90 54.82
C VAL C 222 -26.24 49.91 55.01
N LEU C 223 -26.35 49.32 56.21
CA LEU C 223 -27.47 48.45 56.49
C LEU C 223 -28.79 49.19 56.45
N ALA C 224 -28.84 50.39 57.03
CA ALA C 224 -30.05 51.20 56.98
C ALA C 224 -30.39 51.60 55.55
N GLU C 225 -29.38 51.94 54.76
CA GLU C 225 -29.61 52.29 53.36
C GLU C 225 -30.18 51.11 52.59
N ALA C 226 -29.66 49.91 52.84
CA ALA C 226 -30.20 48.72 52.18
C ALA C 226 -31.63 48.44 52.63
N MET C 227 -31.90 48.61 53.93
CA MET C 227 -33.25 48.39 54.44
C MET C 227 -34.24 49.38 53.87
N SER C 228 -33.81 50.61 53.60
CA SER C 228 -34.72 51.62 53.07
C SER C 228 -35.30 51.20 51.72
N GLN C 229 -34.56 50.40 50.95
CA GLN C 229 -35.05 49.98 49.65
C GLN C 229 -36.23 49.03 49.78
N VAL C 230 -36.10 48.00 50.62
CA VAL C 230 -37.19 47.04 50.77
C VAL C 230 -38.35 47.66 51.55
N ILE C 231 -38.06 48.49 52.54
CA ILE C 231 -39.10 49.12 53.34
C ILE C 231 -39.53 50.43 52.69
N VAL D 3 22.53 -23.56 38.40
CA VAL D 3 22.66 -22.35 39.20
C VAL D 3 21.86 -22.49 40.49
N HIS D 4 22.21 -21.70 41.50
CA HIS D 4 21.52 -21.81 42.79
C HIS D 4 20.11 -21.24 42.74
N GLN D 5 19.88 -20.20 41.94
CA GLN D 5 18.60 -19.52 41.87
C GLN D 5 17.74 -19.98 40.70
N ALA D 6 17.88 -21.25 40.30
CA ALA D 6 17.06 -21.78 39.23
C ALA D 6 15.58 -21.76 39.63
N ILE D 7 14.71 -21.50 38.65
CA ILE D 7 13.29 -21.37 38.95
C ILE D 7 12.72 -22.73 39.32
N SER D 8 12.01 -22.78 40.45
CA SER D 8 11.34 -23.98 40.89
C SER D 8 9.99 -24.11 40.19
N PRO D 9 9.38 -25.29 40.23
CA PRO D 9 8.05 -25.44 39.60
C PRO D 9 7.03 -24.45 40.10
N ARG D 10 7.07 -24.13 41.39
CA ARG D 10 6.11 -23.21 41.97
C ARG D 10 6.27 -21.80 41.38
N THR D 11 7.50 -21.37 41.13
CA THR D 11 7.70 -20.07 40.51
C THR D 11 7.10 -20.03 39.12
N LEU D 12 7.31 -21.09 38.33
CA LEU D 12 6.75 -21.13 36.98
C LEU D 12 5.23 -21.12 37.00
N ASN D 13 4.63 -21.92 37.89
CA ASN D 13 3.19 -21.95 37.97
C ASN D 13 2.62 -20.61 38.43
N ALA D 14 3.29 -19.97 39.40
CA ALA D 14 2.84 -18.67 39.87
C ALA D 14 2.93 -17.64 38.77
N TRP D 15 4.00 -17.66 37.99
CA TRP D 15 4.12 -16.72 36.87
C TRP D 15 3.02 -16.97 35.84
N VAL D 16 2.74 -18.23 35.54
CA VAL D 16 1.68 -18.54 34.58
C VAL D 16 0.35 -18.02 35.09
N LYS D 17 0.05 -18.24 36.36
CA LYS D 17 -1.19 -17.73 36.94
C LYS D 17 -1.22 -16.21 36.92
N VAL D 18 -0.07 -15.57 37.12
CA VAL D 18 -0.02 -14.11 37.10
C VAL D 18 -0.41 -13.60 35.72
N VAL D 19 0.20 -14.16 34.68
CA VAL D 19 -0.14 -13.73 33.32
C VAL D 19 -1.58 -14.06 32.99
N GLU D 20 -2.11 -15.16 33.54
CA GLU D 20 -3.48 -15.55 33.24
C GLU D 20 -4.49 -14.58 33.85
N GLU D 21 -4.50 -14.48 35.19
CA GLU D 21 -5.50 -13.64 35.84
C GLU D 21 -5.23 -12.15 35.61
N LYS D 22 -3.98 -11.73 35.83
CA LYS D 22 -3.68 -10.30 35.80
C LYS D 22 -3.48 -9.77 34.38
N ALA D 23 -3.49 -10.64 33.37
CA ALA D 23 -3.24 -10.24 31.99
C ALA D 23 -1.95 -9.47 31.89
N PHE D 24 -2.03 -8.16 31.61
CA PHE D 24 -0.87 -7.28 31.59
C PHE D 24 -1.18 -6.01 32.35
N SER D 25 -1.74 -6.16 33.54
CA SER D 25 -1.89 -5.06 34.47
C SER D 25 -0.54 -4.67 35.03
N PRO D 26 -0.42 -3.47 35.61
CA PRO D 26 0.89 -3.04 36.13
C PRO D 26 1.48 -3.98 37.15
N GLU D 27 0.64 -4.70 37.90
CA GLU D 27 1.15 -5.61 38.93
C GLU D 27 1.96 -6.76 38.36
N VAL D 28 1.92 -6.97 37.04
CA VAL D 28 2.78 -7.99 36.45
C VAL D 28 4.23 -7.58 36.52
N ILE D 29 4.53 -6.28 36.52
CA ILE D 29 5.91 -5.80 36.52
C ILE D 29 6.64 -6.17 37.80
N PRO D 30 6.08 -5.92 39.01
CA PRO D 30 6.81 -6.32 40.23
C PRO D 30 6.93 -7.82 40.35
N MET D 31 5.81 -8.53 40.20
CA MET D 31 5.79 -9.97 40.38
C MET D 31 6.86 -10.63 39.52
N PHE D 32 6.89 -10.30 38.24
CA PHE D 32 7.92 -10.84 37.36
C PHE D 32 9.31 -10.55 37.92
N SER D 33 9.57 -9.29 38.28
CA SER D 33 10.89 -8.93 38.79
C SER D 33 11.20 -9.65 40.09
N ALA D 34 10.17 -10.09 40.83
CA ALA D 34 10.37 -10.82 42.06
C ALA D 34 10.34 -12.33 41.88
N LEU D 35 10.03 -12.81 40.67
CA LEU D 35 9.96 -14.24 40.42
C LEU D 35 11.18 -14.78 39.70
N SER D 36 11.86 -13.94 38.91
CA SER D 36 13.02 -14.36 38.14
C SER D 36 14.31 -13.79 38.72
N GLU D 37 14.33 -13.49 40.01
CA GLU D 37 15.53 -12.97 40.64
C GLU D 37 16.63 -14.02 40.62
N GLY D 38 17.73 -13.71 39.95
CA GLY D 38 18.84 -14.63 39.84
C GLY D 38 18.68 -15.72 38.81
N ALA D 39 17.56 -15.74 38.07
CA ALA D 39 17.33 -16.79 37.09
C ALA D 39 18.18 -16.58 35.86
N THR D 40 18.66 -17.68 35.29
CA THR D 40 19.42 -17.63 34.06
C THR D 40 18.51 -17.23 32.91
N PRO D 41 19.08 -16.70 31.82
CA PRO D 41 18.23 -16.31 30.68
C PRO D 41 17.41 -17.44 30.11
N GLN D 42 17.87 -18.69 30.25
CA GLN D 42 17.03 -19.82 29.84
C GLN D 42 15.74 -19.84 30.65
N ASP D 43 15.84 -19.62 31.96
CA ASP D 43 14.64 -19.58 32.79
C ASP D 43 13.76 -18.40 32.42
N LEU D 44 14.37 -17.26 32.11
CA LEU D 44 13.59 -16.10 31.66
C LEU D 44 12.82 -16.42 30.39
N ASN D 45 13.47 -17.08 29.43
CA ASN D 45 12.80 -17.47 28.21
C ASN D 45 11.70 -18.48 28.48
N THR D 46 11.94 -19.42 29.39
CA THR D 46 10.92 -20.40 29.75
C THR D 46 9.69 -19.71 30.32
N MET D 47 9.89 -18.75 31.23
CA MET D 47 8.75 -18.01 31.77
C MET D 47 8.04 -17.22 30.70
N LEU D 48 8.79 -16.57 29.80
CA LEU D 48 8.16 -15.78 28.76
C LEU D 48 7.39 -16.65 27.76
N ASN D 49 7.82 -17.89 27.56
CA ASN D 49 7.16 -18.77 26.60
C ASN D 49 5.75 -19.12 27.03
N THR D 50 5.55 -19.34 28.33
CA THR D 50 4.26 -19.77 28.85
C THR D 50 3.20 -18.70 28.80
N VAL D 51 3.41 -17.56 28.17
CA VAL D 51 2.37 -16.53 28.06
C VAL D 51 1.42 -16.97 26.96
N GLY D 52 0.29 -17.57 27.35
CA GLY D 52 -0.71 -17.97 26.38
C GLY D 52 -1.48 -16.76 25.88
N GLY D 53 -1.57 -16.62 24.56
CA GLY D 53 -2.23 -15.47 24.00
C GLY D 53 -1.36 -14.23 24.10
N HIS D 54 -2.01 -13.09 23.87
CA HIS D 54 -1.33 -11.78 23.88
C HIS D 54 -0.12 -11.78 22.96
N GLN D 55 -0.34 -12.27 21.73
CA GLN D 55 0.77 -12.38 20.79
C GLN D 55 1.32 -11.01 20.42
N ALA D 56 0.45 -10.02 20.25
CA ALA D 56 0.92 -8.67 19.93
C ALA D 56 1.82 -8.13 21.04
N ALA D 57 1.41 -8.30 22.30
CA ALA D 57 2.21 -7.83 23.41
C ALA D 57 3.56 -8.53 23.46
N MET D 58 3.57 -9.83 23.18
CA MET D 58 4.84 -10.56 23.14
C MET D 58 5.72 -10.07 21.99
N GLN D 59 5.11 -9.68 20.87
CA GLN D 59 5.90 -9.10 19.79
C GLN D 59 6.54 -7.78 20.21
N MET D 60 5.78 -6.93 20.90
CA MET D 60 6.36 -5.69 21.41
C MET D 60 7.48 -5.98 22.39
N LEU D 61 7.30 -6.98 23.26
CA LEU D 61 8.34 -7.35 24.20
C LEU D 61 9.60 -7.83 23.48
N LYS D 62 9.44 -8.64 22.43
CA LYS D 62 10.61 -9.12 21.70
C LYS D 62 11.29 -7.98 20.97
N GLU D 63 10.52 -7.01 20.47
CA GLU D 63 11.14 -5.82 19.88
C GLU D 63 11.96 -5.06 20.90
N THR D 64 11.42 -4.91 22.13
CA THR D 64 12.19 -4.26 23.18
C THR D 64 13.47 -5.02 23.48
N ILE D 65 13.39 -6.35 23.58
CA ILE D 65 14.58 -7.14 23.87
C ILE D 65 15.61 -7.00 22.76
N ASN D 66 15.15 -6.97 21.51
CA ASN D 66 16.07 -6.79 20.39
C ASN D 66 16.76 -5.43 20.44
N GLU D 67 16.00 -4.37 20.75
CA GLU D 67 16.62 -3.05 20.79
C GLU D 67 17.57 -2.93 21.98
N GLU D 68 17.25 -3.57 23.10
CA GLU D 68 18.16 -3.56 24.24
C GLU D 68 19.43 -4.35 23.93
N ALA D 69 19.29 -5.46 23.20
CA ALA D 69 20.47 -6.21 22.78
C ALA D 69 21.33 -5.39 21.83
N ALA D 70 20.69 -4.63 20.93
CA ALA D 70 21.44 -3.74 20.06
C ALA D 70 22.20 -2.69 20.86
N GLU D 71 21.55 -2.11 21.87
CA GLU D 71 22.23 -1.14 22.72
C GLU D 71 23.38 -1.77 23.48
N TRP D 72 23.18 -2.99 23.99
CA TRP D 72 24.24 -3.69 24.71
C TRP D 72 25.44 -3.96 23.81
N ASP D 73 25.19 -4.38 22.58
CA ASP D 73 26.28 -4.58 21.62
C ASP D 73 26.94 -3.26 21.24
N ARG D 74 26.16 -2.17 21.23
CA ARG D 74 26.72 -0.86 20.94
C ARG D 74 27.70 -0.42 22.02
N VAL D 75 27.28 -0.49 23.28
CA VAL D 75 28.12 -0.01 24.38
C VAL D 75 29.34 -0.91 24.55
N HIS D 76 29.15 -2.23 24.49
CA HIS D 76 30.24 -3.17 24.67
C HIS D 76 30.85 -3.51 23.32
N PRO D 77 32.09 -3.12 23.04
CA PRO D 77 32.68 -3.43 21.73
C PRO D 77 33.02 -4.90 21.60
N VAL D 78 33.05 -5.36 20.36
CA VAL D 78 33.37 -6.76 20.08
C VAL D 78 34.85 -7.01 20.39
N HIS D 79 35.11 -8.06 21.17
CA HIS D 79 36.48 -8.40 21.51
C HIS D 79 37.25 -8.85 20.28
N ALA D 80 38.49 -8.37 20.16
CA ALA D 80 39.35 -8.70 19.04
C ALA D 80 40.57 -9.47 19.53
N GLY D 81 41.07 -10.35 18.67
CA GLY D 81 42.21 -11.18 19.00
C GLY D 81 41.81 -12.51 19.58
N PRO D 82 42.79 -13.38 19.83
CA PRO D 82 42.47 -14.70 20.40
C PRO D 82 41.89 -14.57 21.80
N ILE D 83 41.01 -15.50 22.13
CA ILE D 83 40.38 -15.53 23.45
C ILE D 83 41.28 -16.27 24.42
N ALA D 84 41.36 -15.78 25.65
CA ALA D 84 42.19 -16.42 26.65
C ALA D 84 41.63 -17.79 27.00
N PRO D 85 42.44 -18.85 26.98
CA PRO D 85 41.91 -20.19 27.32
C PRO D 85 41.33 -20.27 28.72
N GLY D 86 41.92 -19.56 29.68
CA GLY D 86 41.39 -19.58 31.03
C GLY D 86 40.03 -18.91 31.12
N GLN D 87 39.86 -17.79 30.43
CA GLN D 87 38.60 -17.07 30.43
C GLN D 87 37.68 -17.63 29.35
N MET D 88 36.54 -16.99 29.15
CA MET D 88 35.58 -17.37 28.11
C MET D 88 35.24 -16.16 27.27
N ARG D 89 34.57 -16.41 26.15
CA ARG D 89 34.21 -15.33 25.24
C ARG D 89 33.20 -14.39 25.89
N GLU D 90 33.36 -13.09 25.63
CA GLU D 90 32.48 -12.10 26.22
C GLU D 90 31.08 -12.22 25.63
N PRO D 91 30.04 -12.02 26.44
CA PRO D 91 28.68 -12.15 25.92
C PRO D 91 28.32 -10.99 25.00
N ARG D 92 27.33 -11.25 24.14
CA ARG D 92 26.77 -10.25 23.25
C ARG D 92 25.31 -10.02 23.63
N GLY D 93 24.66 -9.09 22.92
CA GLY D 93 23.28 -8.76 23.24
C GLY D 93 22.34 -9.93 23.07
N SER D 94 22.51 -10.69 21.98
CA SER D 94 21.69 -11.89 21.79
C SER D 94 21.96 -12.91 22.88
N ASP D 95 23.21 -13.04 23.30
CA ASP D 95 23.54 -13.97 24.38
C ASP D 95 22.85 -13.57 25.68
N ILE D 96 22.81 -12.27 25.98
CA ILE D 96 22.07 -11.80 27.13
C ILE D 96 20.59 -12.15 26.97
N ALA D 97 20.06 -11.97 25.77
CA ALA D 97 18.68 -12.34 25.48
C ALA D 97 18.45 -13.85 25.52
N GLY D 98 19.52 -14.64 25.55
CA GLY D 98 19.39 -16.08 25.68
C GLY D 98 19.18 -16.85 24.39
N THR D 99 19.55 -16.29 23.25
CA THR D 99 19.39 -16.99 21.98
C THR D 99 20.65 -17.76 21.59
N THR D 100 21.76 -17.04 21.43
CA THR D 100 23.00 -17.69 21.00
C THR D 100 23.64 -18.47 22.14
N SER D 101 23.61 -17.92 23.35
CA SER D 101 24.30 -18.53 24.48
C SER D 101 23.63 -19.84 24.89
N THR D 102 24.45 -20.81 25.26
CA THR D 102 23.99 -22.07 25.82
C THR D 102 24.03 -21.99 27.35
N LEU D 103 23.55 -23.05 27.99
CA LEU D 103 23.48 -23.05 29.46
C LEU D 103 24.86 -23.01 30.09
N GLN D 104 25.82 -23.75 29.53
CA GLN D 104 27.17 -23.75 30.08
C GLN D 104 27.78 -22.35 30.04
N GLU D 105 27.60 -21.65 28.92
CA GLU D 105 28.15 -20.30 28.80
C GLU D 105 27.49 -19.35 29.79
N GLN D 106 26.16 -19.44 29.92
CA GLN D 106 25.46 -18.57 30.86
C GLN D 106 25.90 -18.83 32.30
N ILE D 107 26.05 -20.10 32.67
CA ILE D 107 26.51 -20.41 34.02
C ILE D 107 27.94 -19.92 34.23
N GLY D 108 28.80 -20.11 33.23
CA GLY D 108 30.16 -19.62 33.35
C GLY D 108 30.22 -18.11 33.52
N TRP D 109 29.39 -17.38 32.79
CA TRP D 109 29.31 -15.93 32.97
C TRP D 109 28.80 -15.58 34.36
N MET D 110 27.78 -16.29 34.84
CA MET D 110 27.18 -15.95 36.13
C MET D 110 28.14 -16.21 37.28
N THR D 111 28.94 -17.27 37.19
CA THR D 111 29.90 -17.60 38.25
C THR D 111 31.33 -17.21 37.90
N ASN D 112 31.52 -16.34 36.91
CA ASN D 112 32.85 -15.88 36.56
C ASN D 112 33.39 -14.95 37.64
N ASN D 113 34.68 -14.64 37.53
CA ASN D 113 35.36 -13.71 38.43
C ASN D 113 36.06 -12.65 37.59
N PRO D 114 35.49 -11.44 37.47
CA PRO D 114 34.23 -10.98 38.07
C PRO D 114 33.01 -11.54 37.33
N PRO D 115 31.91 -11.73 38.05
CA PRO D 115 30.71 -12.29 37.42
C PRO D 115 30.03 -11.27 36.51
N ILE D 116 29.47 -11.79 35.42
CA ILE D 116 28.64 -11.00 34.51
C ILE D 116 27.18 -11.33 34.80
N PRO D 117 26.38 -10.39 35.29
CA PRO D 117 24.99 -10.69 35.67
C PRO D 117 24.05 -10.73 34.48
N VAL D 118 24.17 -11.80 33.70
CA VAL D 118 23.39 -11.94 32.47
C VAL D 118 21.90 -11.97 32.78
N GLY D 119 21.52 -12.73 33.81
CA GLY D 119 20.11 -12.86 34.13
C GLY D 119 19.47 -11.54 34.51
N GLU D 120 20.17 -10.71 35.29
CA GLU D 120 19.60 -9.44 35.71
C GLU D 120 19.46 -8.47 34.55
N ILE D 121 20.44 -8.44 33.64
CA ILE D 121 20.35 -7.57 32.47
C ILE D 121 19.17 -8.00 31.61
N TYR D 122 19.03 -9.30 31.37
CA TYR D 122 17.89 -9.79 30.60
C TYR D 122 16.58 -9.47 31.32
N LYS D 123 16.57 -9.58 32.64
CA LYS D 123 15.37 -9.26 33.41
C LYS D 123 15.00 -7.79 33.24
N ARG D 124 15.99 -6.90 33.24
CA ARG D 124 15.69 -5.48 33.03
C ARG D 124 15.15 -5.22 31.63
N TRP D 125 15.71 -5.92 30.64
CA TRP D 125 15.19 -5.77 29.28
C TRP D 125 13.73 -6.21 29.20
N ILE D 126 13.42 -7.37 29.77
CA ILE D 126 12.04 -7.84 29.77
C ILE D 126 11.17 -6.91 30.60
N ILE D 127 11.72 -6.28 31.63
CA ILE D 127 10.96 -5.32 32.42
C ILE D 127 10.60 -4.11 31.58
N LEU D 128 11.54 -3.62 30.78
CA LEU D 128 11.23 -2.51 29.87
C LEU D 128 10.14 -2.91 28.88
N GLY D 129 10.25 -4.12 28.33
CA GLY D 129 9.22 -4.59 27.42
C GLY D 129 7.85 -4.65 28.08
N LEU D 130 7.79 -5.19 29.30
CA LEU D 130 6.54 -5.27 30.03
C LEU D 130 6.00 -3.89 30.37
N ASN D 131 6.90 -2.95 30.68
CA ASN D 131 6.49 -1.59 30.97
C ASN D 131 5.81 -0.98 29.76
N LYS D 132 6.40 -1.13 28.58
CA LYS D 132 5.75 -0.58 27.40
C LYS D 132 4.45 -1.32 27.09
N ILE D 133 4.40 -2.63 27.36
CA ILE D 133 3.18 -3.40 27.14
C ILE D 133 2.05 -2.86 28.01
N VAL D 134 2.32 -2.65 29.29
CA VAL D 134 1.26 -2.17 30.18
C VAL D 134 0.91 -0.73 29.87
N ARG D 135 1.86 0.07 29.37
CA ARG D 135 1.55 1.45 29.05
C ARG D 135 0.70 1.57 27.80
N MET D 136 1.02 0.81 26.75
CA MET D 136 0.43 0.99 25.44
C MET D 136 -0.50 -0.13 25.03
N TYR D 137 -0.05 -1.39 25.13
CA TYR D 137 -0.83 -2.52 24.66
C TYR D 137 -2.12 -2.66 25.46
N SER D 138 -3.22 -2.86 24.78
CA SER D 138 -4.52 -3.10 25.40
C SER D 138 -5.10 -4.38 24.83
N PRO D 139 -5.25 -5.44 25.62
CA PRO D 139 -5.76 -6.70 25.08
C PRO D 139 -7.19 -6.55 24.56
N THR D 140 -7.49 -7.26 23.48
CA THR D 140 -8.82 -7.23 22.92
C THR D 140 -9.78 -8.04 23.78
N SER D 141 -10.93 -7.46 24.10
CA SER D 141 -11.94 -8.09 24.93
C SER D 141 -13.27 -8.11 24.19
N ILE D 142 -14.03 -9.19 24.38
CA ILE D 142 -15.31 -9.31 23.72
C ILE D 142 -16.30 -8.25 24.18
N LEU D 143 -16.11 -7.71 25.38
CA LEU D 143 -17.00 -6.66 25.86
C LEU D 143 -16.86 -5.39 25.04
N ASP D 144 -15.69 -5.17 24.44
CA ASP D 144 -15.43 -4.00 23.62
C ASP D 144 -15.82 -4.20 22.16
N ILE D 145 -16.31 -5.38 21.79
CA ILE D 145 -16.73 -5.65 20.42
C ILE D 145 -18.16 -5.15 20.27
N ARG D 146 -18.34 -4.07 19.53
CA ARG D 146 -19.66 -3.52 19.25
C ARG D 146 -19.75 -3.22 17.77
N GLN D 147 -20.95 -3.34 17.22
CA GLN D 147 -21.16 -3.19 15.78
C GLN D 147 -21.46 -1.74 15.46
N GLY D 148 -20.73 -1.19 14.50
CA GLY D 148 -20.91 0.18 14.09
C GLY D 148 -22.29 0.41 13.49
N PRO D 149 -22.71 1.67 13.44
CA PRO D 149 -24.04 1.97 12.90
C PRO D 149 -24.22 1.54 11.45
N LYS D 150 -23.16 1.62 10.64
CA LYS D 150 -23.23 1.20 9.25
C LYS D 150 -22.54 -0.13 8.98
N GLU D 151 -22.11 -0.82 10.03
CA GLU D 151 -21.41 -2.09 9.84
C GLU D 151 -22.41 -3.19 9.51
N PRO D 152 -22.18 -3.96 8.45
CA PRO D 152 -23.06 -5.10 8.16
C PRO D 152 -22.99 -6.13 9.28
N PHE D 153 -24.13 -6.78 9.53
CA PHE D 153 -24.19 -7.74 10.63
C PHE D 153 -23.26 -8.92 10.41
N ARG D 154 -23.03 -9.31 9.15
CA ARG D 154 -22.11 -10.41 8.88
C ARG D 154 -20.69 -10.06 9.31
N ASP D 155 -20.25 -8.84 8.99
CA ASP D 155 -18.92 -8.40 9.40
C ASP D 155 -18.81 -8.31 10.91
N TYR D 156 -19.85 -7.79 11.56
CA TYR D 156 -19.85 -7.71 13.01
C TYR D 156 -19.77 -9.10 13.65
N VAL D 157 -20.53 -10.05 13.11
CA VAL D 157 -20.50 -11.40 13.64
C VAL D 157 -19.12 -12.03 13.44
N ASP D 158 -18.51 -11.79 12.28
CA ASP D 158 -17.16 -12.32 12.04
C ASP D 158 -16.16 -11.75 13.03
N ARG D 159 -16.22 -10.43 13.26
CA ARG D 159 -15.32 -9.81 14.22
C ARG D 159 -15.57 -10.33 15.64
N PHE D 160 -16.85 -10.47 16.00
CA PHE D 160 -17.21 -10.96 17.32
C PHE D 160 -16.65 -12.35 17.55
N TYR D 161 -16.81 -13.24 16.56
CA TYR D 161 -16.33 -14.60 16.73
C TYR D 161 -14.80 -14.66 16.70
N LYS D 162 -14.16 -13.82 15.90
CA LYS D 162 -12.71 -13.78 15.92
C LYS D 162 -12.19 -13.34 17.28
N THR D 163 -12.80 -12.30 17.87
CA THR D 163 -12.40 -11.87 19.20
C THR D 163 -12.69 -12.94 20.24
N LEU D 164 -13.82 -13.62 20.12
CA LEU D 164 -14.16 -14.67 21.06
C LEU D 164 -13.16 -15.81 21.01
N ARG D 165 -12.78 -16.23 19.80
CA ARG D 165 -11.76 -17.28 19.68
C ARG D 165 -10.43 -16.81 20.24
N ALA D 166 -10.06 -15.56 19.96
CA ALA D 166 -8.80 -15.03 20.49
C ALA D 166 -8.84 -14.85 22.01
N GLU D 167 -10.03 -14.78 22.59
CA GLU D 167 -10.14 -14.58 24.03
C GLU D 167 -9.72 -15.84 24.78
N GLN D 168 -9.34 -15.64 26.03
CA GLN D 168 -8.99 -16.74 26.93
C GLN D 168 -10.13 -16.92 27.93
N ALA D 169 -10.78 -18.09 27.89
CA ALA D 169 -11.93 -18.42 28.70
C ALA D 169 -12.30 -19.86 28.39
N SER D 170 -13.21 -20.40 29.20
CA SER D 170 -13.67 -21.76 29.01
C SER D 170 -14.76 -21.82 27.93
N GLN D 171 -14.98 -23.02 27.40
CA GLN D 171 -15.86 -23.17 26.25
C GLN D 171 -17.30 -22.81 26.58
N GLU D 172 -17.80 -23.23 27.75
CA GLU D 172 -19.16 -22.92 28.13
C GLU D 172 -19.35 -21.42 28.37
N VAL D 173 -18.34 -20.77 28.95
CA VAL D 173 -18.42 -19.32 29.14
C VAL D 173 -18.43 -18.61 27.80
N LYS D 174 -17.64 -19.10 26.83
CA LYS D 174 -17.67 -18.52 25.49
C LYS D 174 -19.02 -18.73 24.83
N ASN D 175 -19.63 -19.90 25.02
CA ASN D 175 -20.96 -20.12 24.47
C ASN D 175 -21.98 -19.17 25.08
N TRP D 176 -21.88 -18.95 26.39
CA TRP D 176 -22.77 -17.97 27.03
C TRP D 176 -22.54 -16.57 26.49
N MET D 177 -21.27 -16.20 26.28
CA MET D 177 -20.95 -14.92 25.67
C MET D 177 -21.61 -14.79 24.31
N THR D 178 -21.49 -15.82 23.48
CA THR D 178 -22.15 -15.82 22.18
C THR D 178 -23.65 -15.65 22.33
N GLU D 179 -24.23 -16.33 23.32
CA GLU D 179 -25.67 -16.26 23.51
C GLU D 179 -26.14 -14.86 23.86
N THR D 180 -25.41 -14.15 24.72
CA THR D 180 -25.93 -12.87 25.20
C THR D 180 -25.31 -11.65 24.52
N LEU D 181 -23.97 -11.55 24.50
CA LEU D 181 -23.32 -10.33 24.04
C LEU D 181 -23.52 -10.10 22.55
N LEU D 182 -23.58 -11.15 21.74
CA LEU D 182 -23.66 -10.97 20.30
C LEU D 182 -24.94 -10.24 19.91
N VAL D 183 -26.06 -10.58 20.53
CA VAL D 183 -27.29 -9.83 20.27
C VAL D 183 -27.32 -8.54 21.09
N GLN D 184 -26.67 -8.53 22.26
CA GLN D 184 -26.73 -7.34 23.10
C GLN D 184 -25.99 -6.17 22.47
N ASN D 185 -24.88 -6.43 21.79
CA ASN D 185 -24.00 -5.38 21.30
C ASN D 185 -24.30 -4.95 19.87
N ALA D 186 -25.37 -5.46 19.26
CA ALA D 186 -25.72 -5.03 17.92
C ALA D 186 -26.28 -3.61 17.94
N ASN D 187 -26.15 -2.93 16.81
CA ASN D 187 -26.67 -1.57 16.69
C ASN D 187 -28.20 -1.62 16.68
N PRO D 188 -28.86 -0.50 16.99
CA PRO D 188 -30.33 -0.54 17.13
C PRO D 188 -31.05 -1.06 15.91
N ASP D 189 -30.56 -0.78 14.70
CA ASP D 189 -31.24 -1.25 13.50
C ASP D 189 -31.26 -2.77 13.43
N CYS D 190 -30.13 -3.41 13.73
CA CYS D 190 -30.10 -4.87 13.78
C CYS D 190 -30.77 -5.40 15.04
N LYS D 191 -30.66 -4.67 16.15
CA LYS D 191 -31.20 -5.15 17.42
C LYS D 191 -32.71 -5.22 17.37
N THR D 192 -33.37 -4.29 16.68
CA THR D 192 -34.82 -4.35 16.56
C THR D 192 -35.26 -5.65 15.87
N ILE D 193 -34.61 -5.98 14.77
CA ILE D 193 -34.93 -7.21 14.06
C ILE D 193 -34.62 -8.43 14.91
N LEU D 194 -33.47 -8.41 15.59
CA LEU D 194 -33.07 -9.56 16.38
C LEU D 194 -34.04 -9.81 17.53
N LYS D 195 -34.50 -8.74 18.18
CA LYS D 195 -35.47 -8.90 19.26
C LYS D 195 -36.84 -9.27 18.72
N ALA D 196 -37.17 -8.84 17.51
CA ALA D 196 -38.43 -9.29 16.91
C ALA D 196 -38.38 -10.77 16.54
N LEU D 197 -37.19 -11.29 16.24
CA LEU D 197 -37.06 -12.71 15.92
C LEU D 197 -37.45 -13.59 17.10
N GLY D 198 -37.01 -13.23 18.30
CA GLY D 198 -37.23 -14.04 19.47
C GLY D 198 -35.97 -14.77 19.87
N PRO D 199 -35.90 -15.20 21.14
CA PRO D 199 -34.69 -15.87 21.62
C PRO D 199 -34.41 -17.21 20.94
N ALA D 200 -35.42 -17.84 20.35
CA ALA D 200 -35.24 -19.15 19.74
C ALA D 200 -34.51 -19.10 18.41
N ALA D 201 -34.34 -17.93 17.81
CA ALA D 201 -33.70 -17.83 16.51
C ALA D 201 -32.23 -18.22 16.59
N THR D 202 -31.78 -18.99 15.60
CA THR D 202 -30.40 -19.42 15.53
C THR D 202 -29.54 -18.33 14.89
N LEU D 203 -28.23 -18.55 14.86
CA LEU D 203 -27.33 -17.57 14.26
C LEU D 203 -27.61 -17.38 12.78
N GLU D 204 -27.86 -18.48 12.06
CA GLU D 204 -28.13 -18.39 10.63
C GLU D 204 -29.39 -17.58 10.37
N GLU D 205 -30.46 -17.81 11.15
CA GLU D 205 -31.68 -17.05 10.98
C GLU D 205 -31.45 -15.58 11.30
N MET D 206 -30.64 -15.29 12.32
CA MET D 206 -30.35 -13.91 12.67
C MET D 206 -29.61 -13.20 11.56
N MET D 207 -28.60 -13.85 10.99
CA MET D 207 -27.86 -13.25 9.87
C MET D 207 -28.74 -13.10 8.64
N THR D 208 -29.63 -14.06 8.40
CA THR D 208 -30.58 -13.91 7.29
C THR D 208 -31.47 -12.69 7.50
N ALA D 209 -31.97 -12.51 8.72
CA ALA D 209 -32.84 -11.37 9.00
C ALA D 209 -32.10 -10.05 8.87
N CYS D 210 -30.83 -10.01 9.30
CA CYS D 210 -30.05 -8.79 9.27
C CYS D 210 -29.27 -8.60 7.98
N GLN D 211 -29.44 -9.49 7.00
CA GLN D 211 -28.83 -9.30 5.69
C GLN D 211 -29.28 -8.01 5.02
N GLY D 212 -30.43 -7.46 5.40
CA GLY D 212 -31.02 -6.37 4.65
C GLY D 212 -30.75 -4.98 5.17
N VAL D 213 -30.18 -4.84 6.36
CA VAL D 213 -30.03 -3.52 6.97
C VAL D 213 -28.99 -2.72 6.20
N GLY D 214 -29.38 -1.56 5.72
CA GLY D 214 -28.53 -0.73 4.90
C GLY D 214 -28.86 -0.77 3.42
N GLY D 215 -29.65 -1.74 2.98
CA GLY D 215 -30.07 -1.81 1.61
C GLY D 215 -31.20 -0.85 1.32
N PRO D 216 -31.50 -0.66 0.03
CA PRO D 216 -32.58 0.26 -0.34
C PRO D 216 -33.92 -0.11 0.26
N GLY D 217 -34.23 -1.41 0.32
CA GLY D 217 -35.51 -1.83 0.87
C GLY D 217 -35.67 -1.49 2.33
N HIS D 218 -34.64 -1.79 3.12
CA HIS D 218 -34.72 -1.56 4.56
C HIS D 218 -34.76 -0.07 4.88
N LYS D 219 -33.92 0.73 4.20
CA LYS D 219 -33.93 2.17 4.43
C LYS D 219 -35.27 2.77 4.03
N ALA D 220 -35.82 2.33 2.89
CA ALA D 220 -37.14 2.80 2.49
C ALA D 220 -38.20 2.42 3.51
N ARG D 221 -38.12 1.20 4.04
N ARG D 221 -38.12 1.20 4.04
CA ARG D 221 -39.12 0.74 5.00
CA ARG D 221 -39.12 0.74 5.00
C ARG D 221 -39.06 1.54 6.29
C ARG D 221 -39.06 1.54 6.29
N VAL D 222 -37.85 1.77 6.82
CA VAL D 222 -37.75 2.52 8.07
C VAL D 222 -38.14 3.98 7.86
N LEU D 223 -37.79 4.55 6.71
CA LEU D 223 -38.20 5.93 6.43
C LEU D 223 -39.72 6.03 6.32
N ALA D 224 -40.35 5.07 5.65
CA ALA D 224 -41.81 5.06 5.54
C ALA D 224 -42.46 4.90 6.90
N GLU D 225 -41.90 4.03 7.75
CA GLU D 225 -42.45 3.85 9.08
C GLU D 225 -42.35 5.14 9.90
N ALA D 226 -41.20 5.81 9.83
CA ALA D 226 -41.03 7.06 10.56
C ALA D 226 -42.02 8.12 10.07
N MET D 227 -42.16 8.26 8.75
CA MET D 227 -43.08 9.26 8.23
C MET D 227 -44.53 8.91 8.57
N SER D 228 -44.88 7.63 8.56
CA SER D 228 -46.23 7.23 8.93
C SER D 228 -46.50 7.54 10.40
N GLN D 229 -45.52 7.33 11.26
CA GLN D 229 -45.66 7.73 12.66
C GLN D 229 -45.84 9.23 12.78
N VAL D 230 -45.13 9.99 11.94
CA VAL D 230 -45.33 11.44 11.92
C VAL D 230 -46.75 11.78 11.46
N ILE D 231 -47.21 11.12 10.40
CA ILE D 231 -48.56 11.36 9.88
C ILE D 231 -49.56 10.43 10.55
N VAL E 3 19.85 -33.78 24.24
CA VAL E 3 19.04 -34.60 23.35
C VAL E 3 18.49 -33.71 22.24
N HIS E 4 18.13 -34.33 21.12
CA HIS E 4 17.60 -33.62 19.96
C HIS E 4 16.10 -33.39 20.03
N GLN E 5 15.42 -33.93 21.05
CA GLN E 5 13.97 -33.90 21.12
C GLN E 5 13.46 -33.05 22.27
N ALA E 6 14.22 -32.03 22.67
CA ALA E 6 13.74 -31.10 23.68
C ALA E 6 12.63 -30.22 23.11
N ILE E 7 11.83 -29.65 24.00
CA ILE E 7 10.68 -28.86 23.57
C ILE E 7 11.16 -27.47 23.16
N SER E 8 10.81 -27.08 21.94
CA SER E 8 11.08 -25.73 21.47
C SER E 8 10.10 -24.75 22.11
N PRO E 9 10.43 -23.45 22.11
CA PRO E 9 9.49 -22.48 22.69
C PRO E 9 8.11 -22.53 22.08
N ARG E 10 8.04 -22.77 20.77
CA ARG E 10 6.74 -22.83 20.12
C ARG E 10 5.91 -24.01 20.64
N THR E 11 6.56 -25.14 20.93
CA THR E 11 5.82 -26.29 21.46
C THR E 11 5.31 -26.02 22.87
N LEU E 12 6.14 -25.41 23.72
CA LEU E 12 5.69 -25.07 25.07
C LEU E 12 4.52 -24.10 25.01
N ASN E 13 4.62 -23.08 24.16
CA ASN E 13 3.55 -22.10 24.05
C ASN E 13 2.28 -22.72 23.45
N ALA E 14 2.45 -23.67 22.51
CA ALA E 14 1.31 -24.41 21.97
C ALA E 14 0.62 -25.23 23.05
N TRP E 15 1.40 -25.90 23.91
CA TRP E 15 0.81 -26.63 25.02
C TRP E 15 0.07 -25.70 25.98
N VAL E 16 0.64 -24.52 26.21
CA VAL E 16 0.00 -23.55 27.11
C VAL E 16 -1.35 -23.13 26.55
N LYS E 17 -1.40 -22.77 25.26
CA LYS E 17 -2.69 -22.44 24.67
C LYS E 17 -3.64 -23.63 24.65
N VAL E 18 -3.13 -24.84 24.40
CA VAL E 18 -4.02 -26.00 24.39
C VAL E 18 -4.70 -26.16 25.74
N VAL E 19 -3.94 -26.03 26.82
CA VAL E 19 -4.53 -26.11 28.15
C VAL E 19 -5.48 -24.94 28.38
N GLU E 20 -5.12 -23.75 27.90
CA GLU E 20 -5.93 -22.56 28.18
C GLU E 20 -7.31 -22.66 27.52
N GLU E 21 -7.35 -22.98 26.23
CA GLU E 21 -8.63 -23.06 25.53
C GLU E 21 -9.34 -24.39 25.80
N LYS E 22 -8.67 -25.50 25.50
CA LYS E 22 -9.31 -26.81 25.63
C LYS E 22 -9.56 -27.21 27.08
N ALA E 23 -9.02 -26.49 28.04
CA ALA E 23 -9.16 -26.81 29.46
C ALA E 23 -8.69 -28.24 29.72
N PHE E 24 -9.63 -29.13 30.01
CA PHE E 24 -9.34 -30.56 30.17
C PHE E 24 -10.37 -31.39 29.43
N SER E 25 -10.68 -30.97 28.21
CA SER E 25 -11.48 -31.75 27.29
C SER E 25 -10.65 -32.91 26.77
N PRO E 26 -11.28 -33.94 26.19
CA PRO E 26 -10.51 -35.07 25.67
C PRO E 26 -9.44 -34.69 24.66
N GLU E 27 -9.67 -33.61 23.90
CA GLU E 27 -8.70 -33.19 22.90
C GLU E 27 -7.37 -32.75 23.49
N VAL E 28 -7.30 -32.53 24.80
CA VAL E 28 -6.01 -32.21 25.41
C VAL E 28 -5.10 -33.43 25.43
N ILE E 29 -5.64 -34.63 25.27
CA ILE E 29 -4.85 -35.85 25.35
C ILE E 29 -4.03 -36.03 24.07
N PRO E 30 -4.62 -35.98 22.87
CA PRO E 30 -3.78 -36.14 21.67
C PRO E 30 -2.70 -35.09 21.52
N MET E 31 -2.98 -33.84 21.91
CA MET E 31 -1.98 -32.79 21.80
C MET E 31 -0.76 -33.11 22.65
N PHE E 32 -0.99 -33.45 23.93
CA PHE E 32 0.10 -33.93 24.76
C PHE E 32 0.72 -35.20 24.21
N SER E 33 -0.05 -35.98 23.43
CA SER E 33 0.50 -37.16 22.79
C SER E 33 1.55 -36.84 21.75
N ALA E 34 1.58 -35.60 21.27
CA ALA E 34 2.48 -35.23 20.18
C ALA E 34 3.49 -34.17 20.56
N LEU E 35 3.06 -33.10 21.23
CA LEU E 35 3.99 -32.02 21.58
C LEU E 35 5.08 -32.51 22.51
N SER E 36 4.81 -33.51 23.32
CA SER E 36 5.75 -34.00 24.33
C SER E 36 6.51 -35.23 23.88
N GLU E 37 6.37 -35.63 22.62
CA GLU E 37 6.99 -36.87 22.16
C GLU E 37 8.50 -36.75 22.17
N GLY E 38 9.16 -37.73 22.79
CA GLY E 38 10.60 -37.79 22.81
C GLY E 38 11.29 -36.91 23.83
N ALA E 39 10.55 -36.02 24.50
CA ALA E 39 11.17 -35.11 25.45
C ALA E 39 11.61 -35.86 26.70
N THR E 40 12.75 -35.43 27.25
CA THR E 40 13.21 -35.99 28.51
C THR E 40 12.31 -35.51 29.65
N PRO E 41 12.25 -36.25 30.76
CA PRO E 41 11.20 -35.99 31.77
C PRO E 41 11.13 -34.57 32.29
N GLN E 42 12.25 -33.85 32.43
CA GLN E 42 12.15 -32.50 32.97
C GLN E 42 11.39 -31.58 32.02
N ASP E 43 11.47 -31.82 30.72
CA ASP E 43 10.63 -31.07 29.79
C ASP E 43 9.15 -31.38 30.03
N LEU E 44 8.82 -32.63 30.28
CA LEU E 44 7.43 -32.99 30.60
C LEU E 44 6.97 -32.29 31.86
N ASN E 45 7.82 -32.26 32.88
CA ASN E 45 7.49 -31.54 34.11
C ASN E 45 7.27 -30.06 33.82
N THR E 46 8.12 -29.48 32.96
CA THR E 46 7.95 -28.09 32.57
C THR E 46 6.58 -27.86 31.96
N MET E 47 6.20 -28.69 30.99
CA MET E 47 4.87 -28.54 30.39
C MET E 47 3.78 -28.67 31.43
N LEU E 48 3.93 -29.64 32.35
CA LEU E 48 2.91 -29.82 33.39
C LEU E 48 2.82 -28.61 34.30
N ASN E 49 3.92 -27.87 34.48
CA ASN E 49 3.93 -26.76 35.43
C ASN E 49 3.28 -25.49 34.89
N THR E 50 3.12 -25.36 33.57
CA THR E 50 2.63 -24.13 32.97
C THR E 50 1.11 -24.06 32.89
N VAL E 51 0.41 -24.78 33.76
CA VAL E 51 -1.05 -24.79 33.76
C VAL E 51 -1.55 -24.01 34.97
N GLY E 52 -2.27 -22.93 34.71
CA GLY E 52 -2.87 -22.16 35.79
C GLY E 52 -4.21 -22.75 36.20
N GLY E 53 -4.43 -22.82 37.51
CA GLY E 53 -5.66 -23.38 37.99
C GLY E 53 -5.67 -24.90 37.88
N HIS E 54 -6.88 -25.46 37.97
CA HIS E 54 -7.09 -26.90 37.92
C HIS E 54 -6.25 -27.62 38.96
N GLN E 55 -6.24 -27.09 40.18
CA GLN E 55 -5.41 -27.65 41.24
C GLN E 55 -5.85 -29.07 41.58
N ALA E 56 -7.16 -29.32 41.65
CA ALA E 56 -7.65 -30.66 41.95
C ALA E 56 -7.26 -31.65 40.86
N ALA E 57 -7.37 -31.22 39.59
CA ALA E 57 -7.00 -32.09 38.48
C ALA E 57 -5.54 -32.49 38.57
N MET E 58 -4.66 -31.55 38.88
CA MET E 58 -3.26 -31.89 39.00
C MET E 58 -2.95 -32.66 40.26
N GLN E 59 -3.76 -32.52 41.32
CA GLN E 59 -3.60 -33.43 42.45
C GLN E 59 -3.90 -34.87 42.02
N MET E 60 -4.96 -35.05 41.23
CA MET E 60 -5.24 -36.38 40.69
C MET E 60 -4.11 -36.88 39.81
N LEU E 61 -3.58 -35.99 38.96
CA LEU E 61 -2.50 -36.37 38.06
C LEU E 61 -1.25 -36.78 38.84
N LYS E 62 -0.93 -36.03 39.90
CA LYS E 62 0.22 -36.37 40.73
C LYS E 62 0.00 -37.71 41.42
N GLU E 63 -1.22 -37.96 41.90
CA GLU E 63 -1.52 -39.26 42.51
C GLU E 63 -1.32 -40.38 41.50
N THR E 64 -1.76 -40.17 40.26
CA THR E 64 -1.54 -41.17 39.21
C THR E 64 -0.05 -41.40 38.99
N ILE E 65 0.74 -40.33 38.96
CA ILE E 65 2.18 -40.49 38.73
C ILE E 65 2.83 -41.27 39.86
N ASN E 66 2.46 -40.96 41.11
CA ASN E 66 3.03 -41.72 42.23
C ASN E 66 2.63 -43.18 42.16
N GLU E 67 1.38 -43.46 41.82
CA GLU E 67 0.92 -44.84 41.74
C GLU E 67 1.63 -45.61 40.63
N GLU E 68 1.81 -44.97 39.47
CA GLU E 68 2.52 -45.63 38.38
C GLU E 68 4.00 -45.80 38.70
N ALA E 69 4.60 -44.86 39.43
CA ALA E 69 5.99 -45.02 39.85
C ALA E 69 6.13 -46.18 40.83
N ALA E 70 5.15 -46.32 41.73
CA ALA E 70 5.16 -47.47 42.64
C ALA E 70 5.03 -48.78 41.87
N GLU E 71 4.16 -48.80 40.85
CA GLU E 71 4.06 -49.98 40.00
C GLU E 71 5.38 -50.26 39.28
N TRP E 72 6.03 -49.21 38.78
CA TRP E 72 7.31 -49.36 38.11
C TRP E 72 8.34 -49.97 39.05
N ASP E 73 8.40 -49.49 40.29
CA ASP E 73 9.31 -50.07 41.27
C ASP E 73 8.95 -51.50 41.59
N ARG E 74 7.65 -51.83 41.59
CA ARG E 74 7.24 -53.21 41.84
C ARG E 74 7.71 -54.14 40.73
N VAL E 75 7.58 -53.71 39.47
CA VAL E 75 7.99 -54.57 38.36
C VAL E 75 9.50 -54.79 38.35
N HIS E 76 10.26 -53.72 38.55
CA HIS E 76 11.72 -53.83 38.52
C HIS E 76 12.29 -53.70 39.92
N PRO E 77 12.75 -54.78 40.53
CA PRO E 77 13.38 -54.66 41.85
C PRO E 77 14.69 -53.90 41.77
N VAL E 78 15.03 -53.24 42.88
CA VAL E 78 16.29 -52.51 42.96
C VAL E 78 17.41 -53.50 43.24
N HIS E 79 18.42 -53.51 42.37
CA HIS E 79 19.53 -54.44 42.50
C HIS E 79 20.50 -53.95 43.55
N ALA E 80 20.66 -54.72 44.63
CA ALA E 80 21.55 -54.36 45.73
C ALA E 80 22.95 -54.87 45.41
N GLY E 81 23.64 -54.12 44.55
CA GLY E 81 24.99 -54.44 44.17
C GLY E 81 25.77 -53.21 43.76
N PRO E 82 27.10 -53.27 43.90
CA PRO E 82 27.92 -52.14 43.49
C PRO E 82 27.79 -51.88 42.00
N ILE E 83 27.77 -50.61 41.63
CA ILE E 83 27.60 -50.20 40.24
C ILE E 83 28.97 -50.13 39.58
N ALA E 84 29.08 -50.69 38.38
CA ALA E 84 30.33 -50.66 37.65
C ALA E 84 30.67 -49.22 37.26
N PRO E 85 31.95 -48.85 37.27
CA PRO E 85 32.32 -47.47 36.88
C PRO E 85 31.87 -47.11 35.47
N GLY E 86 31.92 -48.05 34.53
CA GLY E 86 31.45 -47.76 33.19
C GLY E 86 29.95 -47.57 33.13
N GLN E 87 29.20 -48.37 33.89
CA GLN E 87 27.75 -48.29 33.90
C GLN E 87 27.27 -47.24 34.91
N MET E 88 25.95 -47.11 35.02
CA MET E 88 25.36 -46.21 35.99
C MET E 88 24.05 -46.82 36.47
N ARG E 89 23.57 -46.31 37.61
CA ARG E 89 22.45 -46.93 38.31
C ARG E 89 21.18 -46.91 37.45
N GLU E 90 20.40 -47.97 37.58
CA GLU E 90 19.14 -48.08 36.86
C GLU E 90 18.10 -47.14 37.45
N PRO E 91 17.20 -46.61 36.63
CA PRO E 91 16.21 -45.66 37.15
C PRO E 91 15.23 -46.34 38.10
N ARG E 92 14.74 -45.56 39.05
CA ARG E 92 13.68 -45.98 39.94
C ARG E 92 12.38 -45.30 39.54
N GLY E 93 11.32 -45.53 40.31
CA GLY E 93 10.04 -44.95 39.99
C GLY E 93 10.04 -43.44 39.99
N SER E 94 10.72 -42.85 40.97
CA SER E 94 10.77 -41.40 41.07
C SER E 94 11.64 -40.78 39.98
N ASP E 95 12.70 -41.48 39.57
CA ASP E 95 13.61 -40.91 38.58
C ASP E 95 12.93 -40.72 37.23
N ILE E 96 12.01 -41.61 36.87
CA ILE E 96 11.27 -41.45 35.62
C ILE E 96 10.46 -40.17 35.65
N ALA E 97 9.88 -39.84 36.80
CA ALA E 97 9.15 -38.59 36.94
C ALA E 97 10.07 -37.38 36.99
N GLY E 98 11.38 -37.58 37.14
CA GLY E 98 12.33 -36.50 37.16
C GLY E 98 12.58 -35.87 38.51
N THR E 99 11.97 -36.39 39.58
CA THR E 99 12.15 -35.79 40.89
C THR E 99 13.54 -36.08 41.44
N THR E 100 14.01 -37.32 41.32
CA THR E 100 15.30 -37.72 41.87
C THR E 100 16.38 -37.78 40.79
N SER E 101 16.10 -37.29 39.59
CA SER E 101 17.06 -37.33 38.49
C SER E 101 17.15 -35.97 37.83
N THR E 102 18.35 -35.65 37.37
CA THR E 102 18.67 -34.38 36.74
C THR E 102 18.79 -34.55 35.22
N LEU E 103 19.17 -33.47 34.54
CA LEU E 103 19.28 -33.52 33.08
C LEU E 103 20.32 -34.55 32.63
N GLN E 104 21.47 -34.60 33.31
CA GLN E 104 22.53 -35.49 32.89
C GLN E 104 22.10 -36.96 32.97
N GLU E 105 21.51 -37.36 34.11
CA GLU E 105 21.10 -38.74 34.27
C GLU E 105 19.96 -39.09 33.32
N GLN E 106 18.99 -38.19 33.14
CA GLN E 106 17.88 -38.45 32.22
C GLN E 106 18.39 -38.61 30.80
N ILE E 107 19.30 -37.74 30.36
CA ILE E 107 19.83 -37.84 29.01
C ILE E 107 20.65 -39.12 28.85
N GLY E 108 21.45 -39.47 29.86
CA GLY E 108 22.20 -40.71 29.80
C GLY E 108 21.30 -41.93 29.69
N TRP E 109 20.20 -41.94 30.44
CA TRP E 109 19.23 -43.03 30.33
C TRP E 109 18.61 -43.07 28.94
N MET E 110 18.23 -41.90 28.40
CA MET E 110 17.61 -41.87 27.09
C MET E 110 18.58 -42.13 25.95
N THR E 111 19.88 -42.13 26.21
CA THR E 111 20.91 -42.38 25.20
C THR E 111 21.86 -43.47 25.67
N ASN E 112 21.31 -44.55 26.19
CA ASN E 112 22.10 -45.67 26.69
C ASN E 112 22.16 -46.77 25.64
N ASN E 113 22.93 -47.82 25.94
CA ASN E 113 23.06 -48.99 25.07
C ASN E 113 22.85 -50.23 25.91
N PRO E 114 21.62 -50.77 25.96
CA PRO E 114 20.41 -50.32 25.26
C PRO E 114 19.79 -49.10 25.91
N PRO E 115 19.11 -48.24 25.14
CA PRO E 115 18.53 -47.04 25.71
C PRO E 115 17.30 -47.36 26.55
N ILE E 116 17.14 -46.61 27.64
CA ILE E 116 15.95 -46.69 28.49
C ILE E 116 15.08 -45.47 28.15
N PRO E 117 13.90 -45.65 27.60
CA PRO E 117 13.07 -44.51 27.16
C PRO E 117 12.33 -43.86 28.33
N VAL E 118 13.11 -43.24 29.22
CA VAL E 118 12.56 -42.68 30.46
C VAL E 118 11.53 -41.61 30.14
N GLY E 119 11.83 -40.75 29.17
CA GLY E 119 10.88 -39.72 28.78
C GLY E 119 9.55 -40.30 28.32
N GLU E 120 9.60 -41.37 27.53
CA GLU E 120 8.37 -41.99 27.04
C GLU E 120 7.60 -42.69 28.14
N ILE E 121 8.29 -43.31 29.10
CA ILE E 121 7.60 -43.94 30.22
C ILE E 121 6.89 -42.90 31.06
N TYR E 122 7.59 -41.80 31.38
CA TYR E 122 6.94 -40.71 32.10
C TYR E 122 5.79 -40.12 31.29
N LYS E 123 5.94 -40.09 29.97
CA LYS E 123 4.88 -39.62 29.10
C LYS E 123 3.64 -40.50 29.21
N ARG E 124 3.85 -41.82 29.27
CA ARG E 124 2.73 -42.74 29.43
C ARG E 124 2.05 -42.55 30.78
N TRP E 125 2.84 -42.35 31.84
CA TRP E 125 2.24 -42.10 33.16
C TRP E 125 1.42 -40.82 33.14
N ILE E 126 1.95 -39.75 32.53
CA ILE E 126 1.25 -38.48 32.50
C ILE E 126 -0.02 -38.60 31.67
N ILE E 127 0.02 -39.38 30.58
CA ILE E 127 -1.19 -39.52 29.77
C ILE E 127 -2.22 -40.38 30.49
N LEU E 128 -1.79 -41.33 31.32
CA LEU E 128 -2.73 -42.04 32.17
C LEU E 128 -3.41 -41.08 33.14
N GLY E 129 -2.62 -40.20 33.76
CA GLY E 129 -3.21 -39.20 34.64
C GLY E 129 -4.18 -38.29 33.92
N LEU E 130 -3.82 -37.87 32.70
CA LEU E 130 -4.70 -37.00 31.92
C LEU E 130 -5.98 -37.73 31.52
N ASN E 131 -5.88 -39.03 31.23
CA ASN E 131 -7.08 -39.82 30.96
C ASN E 131 -8.00 -39.85 32.17
N LYS E 132 -7.42 -40.07 33.35
CA LYS E 132 -8.24 -40.02 34.56
C LYS E 132 -8.87 -38.64 34.75
N ILE E 133 -8.12 -37.59 34.45
CA ILE E 133 -8.63 -36.23 34.59
C ILE E 133 -9.83 -36.01 33.68
N VAL E 134 -9.69 -36.36 32.40
CA VAL E 134 -10.78 -36.11 31.47
C VAL E 134 -11.98 -36.99 31.79
N ARG E 135 -11.74 -38.19 32.32
CA ARG E 135 -12.85 -39.09 32.63
C ARG E 135 -13.62 -38.60 33.85
N MET E 136 -12.93 -38.20 34.91
CA MET E 136 -13.57 -37.92 36.20
C MET E 136 -13.66 -36.44 36.53
N TYR E 137 -12.58 -35.70 36.41
CA TYR E 137 -12.57 -34.31 36.83
C TYR E 137 -13.53 -33.47 35.99
N SER E 138 -14.20 -32.54 36.65
CA SER E 138 -15.07 -31.57 35.98
C SER E 138 -14.73 -30.20 36.55
N PRO E 139 -14.36 -29.22 35.73
CA PRO E 139 -14.00 -27.91 36.26
C PRO E 139 -15.22 -27.18 36.82
N THR E 140 -14.96 -26.29 37.77
CA THR E 140 -16.00 -25.48 38.38
C THR E 140 -16.21 -24.22 37.55
N SER E 141 -17.41 -24.07 36.99
CA SER E 141 -17.74 -22.93 36.16
C SER E 141 -18.72 -22.02 36.89
N ILE E 142 -18.59 -20.71 36.63
CA ILE E 142 -19.44 -19.74 37.31
C ILE E 142 -20.90 -19.96 36.96
N LEU E 143 -21.19 -20.46 35.77
CA LEU E 143 -22.57 -20.70 35.38
C LEU E 143 -23.18 -21.87 36.14
N ASP E 144 -22.35 -22.72 36.75
CA ASP E 144 -22.85 -23.83 37.54
C ASP E 144 -23.20 -23.41 38.96
N ILE E 145 -22.97 -22.15 39.32
CA ILE E 145 -23.24 -21.65 40.67
C ILE E 145 -24.65 -21.06 40.67
N ARG E 146 -25.58 -21.76 41.30
CA ARG E 146 -26.95 -21.29 41.46
C ARG E 146 -27.33 -21.38 42.92
N GLN E 147 -28.03 -20.36 43.42
CA GLN E 147 -28.46 -20.35 44.80
C GLN E 147 -29.49 -21.43 45.06
N GLY E 148 -29.34 -22.12 46.19
CA GLY E 148 -30.25 -23.18 46.54
C GLY E 148 -31.61 -22.66 46.97
N PRO E 149 -32.59 -23.56 47.08
CA PRO E 149 -33.92 -23.14 47.52
C PRO E 149 -33.94 -22.54 48.91
N LYS E 150 -33.11 -23.06 49.83
CA LYS E 150 -33.04 -22.56 51.19
C LYS E 150 -31.65 -22.08 51.55
N GLU E 151 -30.86 -21.70 50.57
CA GLU E 151 -29.49 -21.26 50.75
C GLU E 151 -29.44 -19.77 51.09
N PRO E 152 -28.78 -19.38 52.17
CA PRO E 152 -28.67 -17.96 52.49
C PRO E 152 -27.92 -17.21 51.39
N PHE E 153 -28.32 -15.95 51.18
CA PHE E 153 -27.71 -15.16 50.12
C PHE E 153 -26.24 -14.89 50.38
N ARG E 154 -25.84 -14.75 51.65
CA ARG E 154 -24.43 -14.55 51.95
C ARG E 154 -23.60 -15.76 51.52
N ASP E 155 -24.08 -16.96 51.82
CA ASP E 155 -23.36 -18.17 51.41
C ASP E 155 -23.29 -18.29 49.90
N TYR E 156 -24.40 -17.98 49.22
CA TYR E 156 -24.41 -18.04 47.76
C TYR E 156 -23.44 -17.04 47.17
N VAL E 157 -23.38 -15.84 47.71
CA VAL E 157 -22.43 -14.84 47.22
C VAL E 157 -21.00 -15.29 47.50
N ASP E 158 -20.76 -15.87 48.66
CA ASP E 158 -19.42 -16.36 48.97
C ASP E 158 -18.97 -17.42 47.97
N ARG E 159 -19.85 -18.39 47.68
CA ARG E 159 -19.51 -19.42 46.72
C ARG E 159 -19.34 -18.84 45.32
N PHE E 160 -20.21 -17.90 44.94
CA PHE E 160 -20.12 -17.27 43.63
C PHE E 160 -18.78 -16.59 43.46
N TYR E 161 -18.35 -15.82 44.47
CA TYR E 161 -17.10 -15.09 44.36
C TYR E 161 -15.90 -16.02 44.46
N LYS E 162 -16.01 -17.10 45.24
CA LYS E 162 -14.92 -18.07 45.29
C LYS E 162 -14.71 -18.72 43.93
N THR E 163 -15.79 -19.14 43.28
CA THR E 163 -15.66 -19.71 41.95
C THR E 163 -15.24 -18.67 40.92
N LEU E 164 -15.65 -17.41 41.12
CA LEU E 164 -15.22 -16.34 40.22
C LEU E 164 -13.72 -16.14 40.30
N ARG E 165 -13.17 -16.09 41.51
CA ARG E 165 -11.72 -15.95 41.67
C ARG E 165 -10.99 -17.16 41.12
N ALA E 166 -11.51 -18.37 41.41
CA ALA E 166 -10.88 -19.58 40.90
C ALA E 166 -11.04 -19.75 39.40
N GLU E 167 -11.91 -18.97 38.77
CA GLU E 167 -12.15 -19.08 37.33
C GLU E 167 -11.12 -18.29 36.56
N GLN E 168 -10.63 -18.89 35.47
CA GLN E 168 -9.72 -18.20 34.55
C GLN E 168 -10.56 -17.36 33.59
N ALA E 169 -10.32 -16.05 33.59
CA ALA E 169 -11.04 -15.11 32.75
C ALA E 169 -10.38 -13.74 32.91
N SER E 170 -10.73 -12.84 32.01
CA SER E 170 -10.23 -11.47 32.11
C SER E 170 -10.97 -10.73 33.24
N GLN E 171 -10.33 -9.69 33.75
CA GLN E 171 -10.92 -8.94 34.86
C GLN E 171 -12.20 -8.24 34.43
N GLU E 172 -12.20 -7.66 33.22
CA GLU E 172 -13.41 -6.99 32.73
C GLU E 172 -14.56 -7.96 32.54
N VAL E 173 -14.28 -9.12 31.94
CA VAL E 173 -15.34 -10.10 31.76
C VAL E 173 -15.77 -10.67 33.11
N LYS E 174 -14.85 -10.75 34.07
CA LYS E 174 -15.23 -11.20 35.41
C LYS E 174 -16.18 -10.20 36.06
N ASN E 175 -15.93 -8.90 35.88
CA ASN E 175 -16.84 -7.90 36.39
C ASN E 175 -18.19 -8.00 35.71
N TRP E 176 -18.20 -8.23 34.40
CA TRP E 176 -19.47 -8.39 33.70
C TRP E 176 -20.23 -9.61 34.20
N MET E 177 -19.52 -10.71 34.46
CA MET E 177 -20.17 -11.93 34.93
C MET E 177 -20.72 -11.75 36.34
N THR E 178 -19.98 -11.08 37.23
CA THR E 178 -20.54 -10.85 38.56
C THR E 178 -21.66 -9.82 38.52
N GLU E 179 -21.71 -8.98 37.49
CA GLU E 179 -22.84 -8.07 37.34
C GLU E 179 -24.09 -8.83 36.88
N THR E 180 -23.93 -9.80 35.99
CA THR E 180 -25.08 -10.48 35.39
C THR E 180 -25.51 -11.72 36.17
N LEU E 181 -24.60 -12.70 36.29
CA LEU E 181 -24.99 -14.00 36.82
C LEU E 181 -25.33 -13.96 38.30
N LEU E 182 -24.81 -12.98 39.05
CA LEU E 182 -25.11 -12.92 40.48
C LEU E 182 -26.60 -12.72 40.71
N VAL E 183 -27.24 -11.87 39.92
CA VAL E 183 -28.68 -11.69 40.02
C VAL E 183 -29.41 -12.75 39.19
N GLN E 184 -28.84 -13.13 38.06
CA GLN E 184 -29.53 -14.07 37.18
C GLN E 184 -29.71 -15.44 37.82
N ASN E 185 -28.70 -15.92 38.52
CA ASN E 185 -28.70 -17.26 39.08
C ASN E 185 -29.25 -17.31 40.50
N ALA E 186 -29.77 -16.21 41.02
CA ALA E 186 -30.26 -16.18 42.38
C ALA E 186 -31.54 -17.00 42.53
N ASN E 187 -31.75 -17.50 43.74
CA ASN E 187 -32.96 -18.24 44.06
C ASN E 187 -34.18 -17.32 43.89
N PRO E 188 -35.32 -17.87 43.46
CA PRO E 188 -36.47 -17.01 43.15
C PRO E 188 -36.90 -16.08 44.28
N ASP E 189 -36.84 -16.52 45.53
CA ASP E 189 -37.21 -15.64 46.64
C ASP E 189 -36.27 -14.43 46.69
N CYS E 190 -34.97 -14.65 46.51
CA CYS E 190 -34.04 -13.54 46.45
C CYS E 190 -34.12 -12.80 45.13
N LYS E 191 -34.50 -13.49 44.05
CA LYS E 191 -34.60 -12.85 42.75
C LYS E 191 -35.71 -11.80 42.74
N THR E 192 -36.81 -12.08 43.43
CA THR E 192 -37.89 -11.11 43.53
C THR E 192 -37.40 -9.82 44.18
N ILE E 193 -36.66 -9.94 45.28
CA ILE E 193 -36.14 -8.77 45.98
C ILE E 193 -35.11 -8.04 45.13
N LEU E 194 -34.24 -8.80 44.44
CA LEU E 194 -33.25 -8.17 43.58
C LEU E 194 -33.91 -7.38 42.46
N LYS E 195 -34.95 -7.94 41.84
CA LYS E 195 -35.65 -7.22 40.80
C LYS E 195 -36.38 -6.00 41.36
N ALA E 196 -36.96 -6.12 42.55
CA ALA E 196 -37.65 -4.98 43.15
C ALA E 196 -36.68 -3.86 43.51
N LEU E 197 -35.44 -4.20 43.89
CA LEU E 197 -34.47 -3.17 44.26
C LEU E 197 -34.14 -2.27 43.08
N GLY E 198 -33.95 -2.86 41.90
CA GLY E 198 -33.57 -2.10 40.73
C GLY E 198 -32.14 -2.36 40.32
N PRO E 199 -31.82 -2.10 39.05
CA PRO E 199 -30.46 -2.36 38.56
C PRO E 199 -29.38 -1.55 39.26
N ALA E 200 -29.70 -0.34 39.71
CA ALA E 200 -28.70 0.54 40.29
C ALA E 200 -28.25 0.09 41.69
N ALA E 201 -28.93 -0.89 42.28
CA ALA E 201 -28.60 -1.32 43.64
C ALA E 201 -27.20 -1.93 43.68
N THR E 202 -26.44 -1.54 44.70
CA THR E 202 -25.10 -2.08 44.90
C THR E 202 -25.18 -3.44 45.56
N LEU E 203 -24.03 -4.13 45.59
CA LEU E 203 -23.99 -5.49 46.14
C LEU E 203 -24.41 -5.52 47.60
N GLU E 204 -23.96 -4.54 48.39
CA GLU E 204 -24.33 -4.49 49.80
C GLU E 204 -25.84 -4.31 49.96
N GLU E 205 -26.44 -3.51 49.09
CA GLU E 205 -27.89 -3.30 49.17
C GLU E 205 -28.65 -4.60 48.93
N MET E 206 -28.26 -5.35 47.90
CA MET E 206 -28.90 -6.63 47.65
C MET E 206 -28.67 -7.60 48.81
N MET E 207 -27.47 -7.57 49.39
CA MET E 207 -27.16 -8.46 50.49
C MET E 207 -28.04 -8.17 51.70
N THR E 208 -28.21 -6.88 52.05
CA THR E 208 -29.05 -6.57 53.20
C THR E 208 -30.52 -6.74 52.88
N ALA E 209 -30.91 -6.67 51.60
CA ALA E 209 -32.30 -6.97 51.24
C ALA E 209 -32.60 -8.45 51.40
N CYS E 210 -31.67 -9.31 50.98
CA CYS E 210 -31.87 -10.75 51.08
C CYS E 210 -31.47 -11.32 52.44
N GLN E 211 -30.91 -10.51 53.32
CA GLN E 211 -30.58 -10.99 54.66
C GLN E 211 -31.79 -11.57 55.37
N GLY E 212 -32.96 -11.01 55.14
CA GLY E 212 -34.16 -11.47 55.81
C GLY E 212 -34.92 -12.59 55.13
N VAL E 213 -34.47 -13.04 53.95
CA VAL E 213 -35.21 -14.08 53.25
C VAL E 213 -35.05 -15.41 53.98
N GLY E 214 -36.14 -16.16 54.06
CA GLY E 214 -36.16 -17.41 54.79
C GLY E 214 -36.41 -17.28 56.28
N GLY E 215 -36.36 -16.08 56.83
CA GLY E 215 -36.64 -15.88 58.24
C GLY E 215 -38.12 -15.92 58.52
N PRO E 216 -38.47 -15.92 59.80
CA PRO E 216 -39.88 -15.94 60.18
C PRO E 216 -40.69 -14.79 59.59
N GLY E 217 -40.11 -13.60 59.55
CA GLY E 217 -40.84 -12.46 59.00
C GLY E 217 -41.11 -12.62 57.52
N HIS E 218 -40.10 -13.03 56.76
CA HIS E 218 -40.28 -13.22 55.33
C HIS E 218 -41.27 -14.34 55.03
N LYS E 219 -41.18 -15.44 55.78
CA LYS E 219 -42.11 -16.54 55.59
C LYS E 219 -43.54 -16.10 55.89
N ALA E 220 -43.73 -15.35 56.99
CA ALA E 220 -45.05 -14.85 57.31
C ALA E 220 -45.56 -13.91 56.22
N ARG E 221 -44.69 -13.05 55.70
CA ARG E 221 -45.11 -12.11 54.67
C ARG E 221 -45.52 -12.82 53.38
N VAL E 222 -44.72 -13.81 52.94
CA VAL E 222 -45.05 -14.50 51.70
C VAL E 222 -46.31 -15.35 51.88
N LEU E 223 -46.47 -15.96 53.06
CA LEU E 223 -47.70 -16.71 53.33
C LEU E 223 -48.91 -15.78 53.32
N ALA E 224 -48.77 -14.59 53.90
CA ALA E 224 -49.85 -13.62 53.88
C ALA E 224 -50.19 -13.19 52.46
N GLU E 225 -49.17 -12.96 51.63
CA GLU E 225 -49.42 -12.60 50.25
C GLU E 225 -50.14 -13.71 49.50
N ALA E 226 -49.70 -14.95 49.68
CA ALA E 226 -50.33 -16.08 49.00
C ALA E 226 -51.79 -16.23 49.44
N MET E 227 -52.04 -16.19 50.74
CA MET E 227 -53.40 -16.39 51.22
C MET E 227 -54.28 -15.15 51.05
N SER E 228 -53.69 -13.99 50.76
CA SER E 228 -54.51 -12.85 50.34
C SER E 228 -54.87 -12.95 48.87
N GLN E 229 -53.95 -13.49 48.06
CA GLN E 229 -54.31 -13.83 46.69
C GLN E 229 -55.42 -14.87 46.67
N VAL E 230 -55.36 -15.85 47.56
CA VAL E 230 -56.44 -16.82 47.70
C VAL E 230 -57.73 -16.12 48.12
N ILE E 231 -57.62 -15.24 49.12
CA ILE E 231 -58.79 -14.50 49.60
C ILE E 231 -59.00 -13.26 48.76
N VAL F 3 27.67 -7.73 57.11
CA VAL F 3 27.09 -7.53 55.80
C VAL F 3 26.72 -6.07 55.59
N HIS F 4 27.08 -5.54 54.43
CA HIS F 4 26.82 -4.13 54.14
C HIS F 4 25.33 -3.86 53.93
N GLN F 5 24.57 -4.88 53.51
CA GLN F 5 23.14 -4.73 53.26
C GLN F 5 22.31 -5.25 54.43
N ALA F 6 22.79 -5.07 55.66
CA ALA F 6 22.07 -5.53 56.82
C ALA F 6 20.80 -4.69 57.02
N ILE F 7 19.91 -5.20 57.89
CA ILE F 7 18.68 -4.49 58.19
C ILE F 7 19.00 -3.22 58.98
N SER F 8 18.14 -2.23 58.83
CA SER F 8 18.24 -0.96 59.54
C SER F 8 16.88 -0.62 60.13
N PRO F 9 16.85 0.22 61.17
CA PRO F 9 15.55 0.53 61.78
C PRO F 9 14.54 1.12 60.80
N ARG F 10 15.01 1.91 59.84
CA ARG F 10 14.10 2.59 58.93
C ARG F 10 13.38 1.60 58.03
N THR F 11 14.11 0.66 57.42
CA THR F 11 13.47 -0.29 56.53
C THR F 11 12.54 -1.23 57.29
N LEU F 12 12.93 -1.64 58.50
CA LEU F 12 12.05 -2.49 59.31
C LEU F 12 10.77 -1.75 59.66
N ASN F 13 10.88 -0.49 60.07
CA ASN F 13 9.69 0.29 60.39
C ASN F 13 8.82 0.49 59.16
N ALA F 14 9.44 0.73 58.00
CA ALA F 14 8.68 0.90 56.77
C ALA F 14 7.95 -0.38 56.40
N TRP F 15 8.61 -1.53 56.56
CA TRP F 15 7.95 -2.80 56.27
C TRP F 15 6.78 -3.04 57.22
N VAL F 16 6.96 -2.73 58.49
CA VAL F 16 5.85 -2.84 59.44
C VAL F 16 4.70 -1.94 59.02
N LYS F 17 5.02 -0.69 58.65
CA LYS F 17 3.99 0.27 58.29
C LYS F 17 3.23 -0.18 57.05
N VAL F 18 3.93 -0.73 56.06
CA VAL F 18 3.22 -1.15 54.86
C VAL F 18 2.40 -2.41 55.12
N VAL F 19 2.89 -3.30 56.00
CA VAL F 19 2.11 -4.50 56.27
C VAL F 19 0.84 -4.15 57.04
N GLU F 20 0.88 -3.17 57.94
CA GLU F 20 -0.34 -2.78 58.63
C GLU F 20 -1.26 -1.94 57.74
N GLU F 21 -0.70 -0.99 57.00
CA GLU F 21 -1.54 -0.08 56.22
C GLU F 21 -2.15 -0.77 55.00
N LYS F 22 -1.34 -1.52 54.27
CA LYS F 22 -1.79 -2.14 53.04
C LYS F 22 -2.36 -3.54 53.24
N ALA F 23 -2.38 -4.03 54.48
CA ALA F 23 -2.85 -5.38 54.80
C ALA F 23 -2.15 -6.40 53.93
N PHE F 24 -2.86 -6.98 52.97
CA PHE F 24 -2.26 -7.92 52.03
C PHE F 24 -2.78 -7.67 50.61
N SER F 25 -2.94 -6.39 50.26
CA SER F 25 -3.21 -6.03 48.88
C SER F 25 -1.97 -6.35 48.05
N PRO F 26 -2.13 -6.45 46.71
CA PRO F 26 -0.98 -6.81 45.87
C PRO F 26 0.23 -5.90 46.07
N GLU F 27 -0.03 -4.67 46.55
CA GLU F 27 1.03 -3.70 46.74
C GLU F 27 2.09 -4.17 47.72
N VAL F 28 1.79 -5.16 48.56
CA VAL F 28 2.80 -5.64 49.49
C VAL F 28 3.93 -6.33 48.74
N ILE F 29 3.64 -6.95 47.59
CA ILE F 29 4.66 -7.69 46.85
C ILE F 29 5.79 -6.78 46.38
N PRO F 30 5.54 -5.63 45.74
CA PRO F 30 6.66 -4.75 45.39
C PRO F 30 7.46 -4.30 46.59
N MET F 31 6.78 -3.77 47.62
CA MET F 31 7.47 -3.21 48.77
C MET F 31 8.43 -4.22 49.38
N PHE F 32 7.96 -5.44 49.62
CA PHE F 32 8.84 -6.46 50.17
C PHE F 32 10.07 -6.65 49.28
N SER F 33 9.86 -6.78 47.97
CA SER F 33 10.97 -7.00 47.06
C SER F 33 11.99 -5.88 47.14
N ALA F 34 11.56 -4.69 47.55
CA ALA F 34 12.45 -3.56 47.66
C ALA F 34 12.94 -3.32 49.09
N LEU F 35 12.23 -3.84 50.08
CA LEU F 35 12.56 -3.55 51.48
C LEU F 35 13.48 -4.59 52.09
N SER F 36 13.80 -5.65 51.36
CA SER F 36 14.66 -6.71 51.90
C SER F 36 15.69 -7.19 50.88
N GLU F 37 16.04 -6.37 49.91
CA GLU F 37 17.02 -6.77 48.90
C GLU F 37 18.39 -6.89 49.54
N GLY F 38 18.99 -8.07 49.44
CA GLY F 38 20.30 -8.31 50.02
C GLY F 38 20.29 -8.60 51.50
N ALA F 39 19.12 -8.62 52.15
CA ALA F 39 19.06 -8.89 53.58
C ALA F 39 19.33 -10.37 53.85
N THR F 40 19.98 -10.62 54.98
CA THR F 40 20.28 -11.98 55.38
C THR F 40 19.00 -12.72 55.76
N PRO F 41 19.03 -14.06 55.75
CA PRO F 41 17.84 -14.80 56.17
C PRO F 41 17.35 -14.44 57.57
N GLN F 42 18.27 -14.15 58.48
CA GLN F 42 17.87 -13.71 59.82
C GLN F 42 17.08 -12.43 59.76
N ASP F 43 17.51 -11.48 58.93
CA ASP F 43 16.75 -10.24 58.78
C ASP F 43 15.40 -10.48 58.12
N LEU F 44 15.34 -11.45 57.19
CA LEU F 44 14.05 -11.80 56.60
C LEU F 44 13.10 -12.34 57.65
N ASN F 45 13.61 -13.21 58.53
CA ASN F 45 12.77 -13.74 59.62
C ASN F 45 12.34 -12.62 60.56
N THR F 46 13.26 -11.70 60.86
CA THR F 46 12.91 -10.57 61.74
C THR F 46 11.80 -9.72 61.12
N MET F 47 11.89 -9.46 59.83
CA MET F 47 10.82 -8.72 59.16
C MET F 47 9.51 -9.49 59.19
N LEU F 48 9.58 -10.81 58.96
CA LEU F 48 8.36 -11.60 58.90
C LEU F 48 7.69 -11.74 60.26
N ASN F 49 8.47 -11.70 61.34
CA ASN F 49 7.91 -11.88 62.67
C ASN F 49 7.04 -10.71 63.11
N THR F 50 7.19 -9.55 62.49
CA THR F 50 6.50 -8.34 62.92
C THR F 50 5.11 -8.19 62.29
N VAL F 51 4.65 -9.17 61.50
CA VAL F 51 3.33 -9.11 60.90
C VAL F 51 2.31 -9.41 62.00
N GLY F 52 1.70 -8.39 62.57
CA GLY F 52 0.68 -8.59 63.56
C GLY F 52 -0.63 -9.05 62.92
N GLY F 53 -1.25 -10.04 63.55
CA GLY F 53 -2.46 -10.59 62.99
C GLY F 53 -2.18 -11.42 61.74
N HIS F 54 -3.26 -11.70 61.01
CA HIS F 54 -3.21 -12.49 59.79
C HIS F 54 -2.51 -13.83 60.04
N GLN F 55 -2.97 -14.53 61.08
CA GLN F 55 -2.34 -15.79 61.44
C GLN F 55 -2.51 -16.83 60.34
N ALA F 56 -3.69 -16.87 59.70
CA ALA F 56 -3.92 -17.81 58.62
C ALA F 56 -2.97 -17.54 57.45
N ALA F 57 -2.83 -16.28 57.07
CA ALA F 57 -1.92 -15.93 55.98
C ALA F 57 -0.48 -16.30 56.34
N MET F 58 -0.10 -16.06 57.59
CA MET F 58 1.25 -16.43 58.02
C MET F 58 1.46 -17.93 57.96
N GLN F 59 0.42 -18.70 58.29
CA GLN F 59 0.52 -20.16 58.17
C GLN F 59 0.67 -20.58 56.72
N MET F 60 -0.07 -19.95 55.80
CA MET F 60 0.12 -20.24 54.38
C MET F 60 1.54 -19.91 53.94
N LEU F 61 2.07 -18.78 54.42
CA LEU F 61 3.42 -18.38 54.05
C LEU F 61 4.45 -19.40 54.58
N LYS F 62 4.24 -19.88 55.81
CA LYS F 62 5.16 -20.88 56.36
C LYS F 62 5.07 -22.19 55.60
N GLU F 63 3.87 -22.59 55.21
CA GLU F 63 3.72 -23.81 54.41
C GLU F 63 4.44 -23.66 53.08
N THR F 64 4.32 -22.50 52.45
CA THR F 64 5.06 -22.25 51.21
C THR F 64 6.55 -22.32 51.44
N ILE F 65 7.04 -21.72 52.52
CA ILE F 65 8.47 -21.77 52.81
C ILE F 65 8.93 -23.22 52.95
N ASN F 66 8.15 -24.03 53.69
CA ASN F 66 8.53 -25.42 53.89
C ASN F 66 8.56 -26.18 52.57
N GLU F 67 7.56 -25.97 51.73
CA GLU F 67 7.52 -26.69 50.46
C GLU F 67 8.66 -26.27 49.54
N GLU F 68 9.02 -24.98 49.54
CA GLU F 68 10.12 -24.55 48.68
C GLU F 68 11.46 -24.99 49.25
N ALA F 69 11.59 -25.08 50.57
CA ALA F 69 12.78 -25.66 51.16
C ALA F 69 12.93 -27.13 50.80
N ALA F 70 11.81 -27.87 50.80
CA ALA F 70 11.86 -29.26 50.36
C ALA F 70 12.27 -29.37 48.90
N GLU F 71 11.71 -28.50 48.04
CA GLU F 71 12.10 -28.52 46.63
C GLU F 71 13.58 -28.18 46.45
N TRP F 72 14.07 -27.18 47.19
CA TRP F 72 15.48 -26.81 47.12
C TRP F 72 16.38 -27.95 47.57
N ASP F 73 15.98 -28.65 48.63
CA ASP F 73 16.78 -29.78 49.09
C ASP F 73 16.75 -30.92 48.09
N ARG F 74 15.62 -31.11 47.40
CA ARG F 74 15.56 -32.14 46.36
C ARG F 74 16.45 -31.78 45.18
N VAL F 75 16.51 -30.49 44.83
CA VAL F 75 17.33 -30.08 43.68
C VAL F 75 18.81 -30.20 44.01
N HIS F 76 19.20 -29.83 45.24
CA HIS F 76 20.58 -29.91 45.66
C HIS F 76 20.76 -31.12 46.56
N PRO F 77 21.22 -32.25 46.05
CA PRO F 77 21.38 -33.43 46.90
C PRO F 77 22.48 -33.23 47.92
N VAL F 78 22.33 -33.93 49.05
CA VAL F 78 23.33 -33.86 50.12
C VAL F 78 24.59 -34.60 49.68
N HIS F 79 25.73 -33.93 49.80
CA HIS F 79 27.02 -34.50 49.43
C HIS F 79 27.71 -35.01 50.69
N ALA F 80 28.08 -36.28 50.69
CA ALA F 80 28.74 -36.89 51.84
C ALA F 80 30.24 -36.57 51.80
N GLY F 81 31.00 -37.21 52.69
CA GLY F 81 32.42 -36.98 52.77
C GLY F 81 32.75 -35.83 53.71
N PRO F 82 33.98 -35.82 54.22
CA PRO F 82 34.39 -34.73 55.12
C PRO F 82 34.39 -33.39 54.40
N ILE F 83 34.03 -32.34 55.14
CA ILE F 83 34.00 -30.99 54.59
C ILE F 83 35.39 -30.39 54.66
N ALA F 84 35.82 -29.76 53.56
CA ALA F 84 37.13 -29.15 53.53
C ALA F 84 37.21 -28.01 54.54
N PRO F 85 38.28 -27.94 55.35
CA PRO F 85 38.38 -26.86 56.34
C PRO F 85 38.34 -25.47 55.74
N GLY F 86 38.90 -25.28 54.54
CA GLY F 86 38.85 -23.98 53.91
C GLY F 86 37.43 -23.54 53.59
N GLN F 87 36.63 -24.47 53.07
CA GLN F 87 35.23 -24.20 52.81
C GLN F 87 34.40 -24.53 54.04
N MET F 88 33.08 -24.56 53.90
CA MET F 88 32.21 -24.98 54.98
C MET F 88 30.96 -25.61 54.39
N ARG F 89 30.25 -26.36 55.22
CA ARG F 89 29.20 -27.25 54.74
C ARG F 89 28.11 -26.50 53.99
N GLU F 90 27.61 -27.13 52.93
CA GLU F 90 26.66 -26.50 52.03
C GLU F 90 25.30 -26.35 52.69
N PRO F 91 24.51 -25.36 52.27
CA PRO F 91 23.19 -25.16 52.88
C PRO F 91 22.18 -26.20 52.42
N ARG F 92 21.13 -26.34 53.22
CA ARG F 92 19.95 -27.12 52.92
C ARG F 92 18.75 -26.19 52.85
N GLY F 93 17.56 -26.77 52.66
CA GLY F 93 16.36 -25.94 52.58
C GLY F 93 16.07 -25.22 53.88
N SER F 94 16.12 -25.95 55.00
CA SER F 94 15.95 -25.31 56.30
C SER F 94 17.07 -24.33 56.57
N ASP F 95 18.27 -24.62 56.07
CA ASP F 95 19.41 -23.73 56.25
C ASP F 95 19.18 -22.40 55.55
N ILE F 96 18.62 -22.45 54.34
CA ILE F 96 18.19 -21.23 53.65
C ILE F 96 17.12 -20.53 54.46
N ALA F 97 16.16 -21.29 54.98
CA ALA F 97 15.07 -20.75 55.78
C ALA F 97 15.55 -20.15 57.09
N GLY F 98 16.78 -20.42 57.50
CA GLY F 98 17.33 -19.85 58.72
C GLY F 98 16.98 -20.59 59.99
N THR F 99 16.27 -21.71 59.91
CA THR F 99 15.91 -22.44 61.11
C THR F 99 17.11 -23.13 61.75
N THR F 100 17.94 -23.77 60.94
CA THR F 100 19.14 -24.46 61.43
C THR F 100 20.42 -23.70 61.10
N SER F 101 20.31 -22.49 60.59
CA SER F 101 21.48 -21.69 60.21
C SER F 101 21.55 -20.46 61.10
N THR F 102 22.71 -20.21 61.68
CA THR F 102 22.93 -19.01 62.46
C THR F 102 23.28 -17.84 61.55
N LEU F 103 23.40 -16.66 62.15
CA LEU F 103 23.77 -15.47 61.37
C LEU F 103 25.17 -15.60 60.80
N GLN F 104 26.09 -16.19 61.56
CA GLN F 104 27.46 -16.35 61.08
C GLN F 104 27.51 -17.26 59.85
N GLU F 105 26.76 -18.35 59.86
CA GLU F 105 26.73 -19.24 58.70
C GLU F 105 26.13 -18.55 57.49
N GLN F 106 25.05 -17.79 57.68
CA GLN F 106 24.47 -17.05 56.57
C GLN F 106 25.46 -16.04 56.00
N ILE F 107 26.17 -15.32 56.88
CA ILE F 107 27.17 -14.36 56.42
C ILE F 107 28.26 -15.08 55.63
N GLY F 108 28.74 -16.21 56.13
CA GLY F 108 29.73 -16.98 55.39
C GLY F 108 29.23 -17.41 54.03
N TRP F 109 27.95 -17.77 53.94
CA TRP F 109 27.38 -18.15 52.65
C TRP F 109 27.33 -16.97 51.69
N MET F 110 26.91 -15.79 52.17
CA MET F 110 26.74 -14.65 51.29
C MET F 110 28.08 -14.09 50.82
N THR F 111 29.13 -14.21 51.64
CA THR F 111 30.45 -13.70 51.28
C THR F 111 31.42 -14.81 50.89
N ASN F 112 30.91 -15.99 50.54
CA ASN F 112 31.77 -17.09 50.12
C ASN F 112 32.31 -16.85 48.71
N ASN F 113 33.28 -17.66 48.32
CA ASN F 113 33.87 -17.62 46.98
C ASN F 113 33.74 -18.98 46.34
N PRO F 114 32.76 -19.20 45.44
CA PRO F 114 31.74 -18.25 44.98
C PRO F 114 30.64 -18.05 46.00
N PRO F 115 29.98 -16.89 45.98
CA PRO F 115 28.93 -16.63 46.96
C PRO F 115 27.70 -17.49 46.71
N ILE F 116 27.03 -17.85 47.80
CA ILE F 116 25.74 -18.52 47.75
C ILE F 116 24.69 -17.52 48.21
N PRO F 117 23.86 -17.01 47.30
CA PRO F 117 22.90 -15.95 47.68
C PRO F 117 21.71 -16.48 48.45
N VAL F 118 21.91 -16.81 49.73
CA VAL F 118 20.84 -17.38 50.53
C VAL F 118 19.69 -16.39 50.66
N GLY F 119 20.01 -15.11 50.78
CA GLY F 119 18.97 -14.11 50.95
C GLY F 119 18.06 -14.00 49.74
N GLU F 120 18.61 -14.15 48.54
CA GLU F 120 17.80 -14.00 47.34
C GLU F 120 16.87 -15.20 47.14
N ILE F 121 17.35 -16.41 47.40
CA ILE F 121 16.48 -17.58 47.34
C ILE F 121 15.39 -17.47 48.39
N TYR F 122 15.76 -17.06 49.60
CA TYR F 122 14.76 -16.79 50.63
C TYR F 122 13.72 -15.80 50.13
N LYS F 123 14.17 -14.70 49.54
CA LYS F 123 13.25 -13.66 49.08
C LYS F 123 12.31 -14.21 48.02
N ARG F 124 12.80 -15.05 47.13
CA ARG F 124 11.91 -15.64 46.12
C ARG F 124 10.86 -16.54 46.76
N TRP F 125 11.27 -17.35 47.75
CA TRP F 125 10.30 -18.20 48.43
C TRP F 125 9.23 -17.35 49.12
N ILE F 126 9.65 -16.30 49.81
CA ILE F 126 8.70 -15.42 50.49
C ILE F 126 7.79 -14.73 49.50
N ILE F 127 8.32 -14.32 48.36
CA ILE F 127 7.48 -13.64 47.39
C ILE F 127 6.45 -14.60 46.82
N LEU F 128 6.81 -15.87 46.63
CA LEU F 128 5.81 -16.87 46.27
C LEU F 128 4.74 -16.98 47.34
N GLY F 129 5.16 -17.00 48.61
CA GLY F 129 4.21 -17.09 49.70
C GLY F 129 3.24 -15.93 49.73
N LEU F 130 3.76 -14.70 49.61
CA LEU F 130 2.87 -13.54 49.58
C LEU F 130 2.02 -13.51 48.32
N ASN F 131 2.52 -14.05 47.21
CA ASN F 131 1.68 -14.14 46.03
C ASN F 131 0.47 -15.02 46.31
N LYS F 132 0.68 -16.14 46.99
CA LYS F 132 -0.46 -16.95 47.42
C LYS F 132 -1.34 -16.17 48.39
N ILE F 133 -0.71 -15.44 49.32
CA ILE F 133 -1.42 -14.76 50.40
C ILE F 133 -2.37 -13.71 49.83
N VAL F 134 -1.96 -13.04 48.76
CA VAL F 134 -2.80 -12.06 48.11
C VAL F 134 -3.79 -12.71 47.15
N ARG F 135 -3.38 -13.80 46.49
CA ARG F 135 -4.26 -14.43 45.51
C ARG F 135 -5.47 -15.07 46.18
N MET F 136 -5.27 -15.80 47.27
CA MET F 136 -6.32 -16.61 47.86
C MET F 136 -6.81 -16.09 49.20
N TYR F 137 -5.91 -15.78 50.13
CA TYR F 137 -6.33 -15.35 51.45
C TYR F 137 -7.07 -14.02 51.38
N SER F 138 -8.19 -13.94 52.09
CA SER F 138 -8.95 -12.71 52.22
C SER F 138 -9.15 -12.45 53.71
N PRO F 139 -8.64 -11.33 54.24
CA PRO F 139 -8.75 -11.10 55.68
C PRO F 139 -10.20 -10.91 56.10
N THR F 140 -10.52 -11.37 57.31
CA THR F 140 -11.84 -11.20 57.87
C THR F 140 -12.01 -9.75 58.34
N SER F 141 -13.15 -9.16 57.99
CA SER F 141 -13.41 -7.76 58.32
C SER F 141 -14.74 -7.65 59.04
N ILE F 142 -14.81 -6.72 59.99
CA ILE F 142 -16.04 -6.50 60.73
C ILE F 142 -17.17 -6.02 59.82
N LEU F 143 -16.81 -5.44 58.67
CA LEU F 143 -17.85 -5.01 57.73
C LEU F 143 -18.56 -6.20 57.10
N ASP F 144 -17.84 -7.30 56.89
CA ASP F 144 -18.42 -8.48 56.28
C ASP F 144 -19.32 -9.26 57.24
N ILE F 145 -18.99 -9.24 58.53
CA ILE F 145 -19.71 -10.04 59.52
C ILE F 145 -21.14 -9.54 59.60
N ARG F 146 -22.09 -10.37 59.20
CA ARG F 146 -23.51 -10.07 59.32
C ARG F 146 -24.25 -11.36 59.61
N GLN F 147 -25.44 -11.22 60.20
CA GLN F 147 -26.17 -12.35 60.75
C GLN F 147 -27.12 -12.93 59.71
N GLY F 148 -27.03 -14.25 59.52
CA GLY F 148 -27.87 -14.95 58.59
C GLY F 148 -29.31 -14.98 59.04
N PRO F 149 -30.24 -15.23 58.11
CA PRO F 149 -31.67 -15.16 58.46
C PRO F 149 -32.08 -16.12 59.57
N LYS F 150 -31.51 -17.32 59.61
CA LYS F 150 -31.84 -18.29 60.65
C LYS F 150 -30.81 -18.31 61.77
N GLU F 151 -29.79 -17.48 61.70
CA GLU F 151 -28.74 -17.51 62.71
C GLU F 151 -29.28 -16.96 64.04
N PRO F 152 -28.99 -17.61 65.16
CA PRO F 152 -29.39 -17.04 66.46
C PRO F 152 -28.67 -15.73 66.72
N PHE F 153 -29.34 -14.84 67.45
CA PHE F 153 -28.72 -13.56 67.77
C PHE F 153 -27.49 -13.74 68.64
N ARG F 154 -27.54 -14.67 69.59
CA ARG F 154 -26.38 -14.90 70.46
C ARG F 154 -25.18 -15.40 69.67
N ASP F 155 -25.40 -16.33 68.74
CA ASP F 155 -24.30 -16.82 67.93
C ASP F 155 -23.73 -15.73 67.04
N TYR F 156 -24.59 -14.89 66.47
CA TYR F 156 -24.11 -13.77 65.67
C TYR F 156 -23.30 -12.80 66.51
N VAL F 157 -23.75 -12.54 67.73
CA VAL F 157 -23.01 -11.66 68.63
C VAL F 157 -21.65 -12.25 68.95
N ASP F 158 -21.60 -13.55 69.20
CA ASP F 158 -20.32 -14.20 69.48
C ASP F 158 -19.38 -14.11 68.28
N ARG F 159 -19.90 -14.37 67.08
CA ARG F 159 -19.06 -14.27 65.89
C ARG F 159 -18.56 -12.84 65.67
N PHE F 160 -19.44 -11.87 65.85
CA PHE F 160 -19.07 -10.47 65.69
C PHE F 160 -17.99 -10.07 66.69
N TYR F 161 -18.12 -10.51 67.95
CA TYR F 161 -17.13 -10.17 68.95
C TYR F 161 -15.80 -10.87 68.68
N LYS F 162 -15.85 -12.11 68.20
CA LYS F 162 -14.60 -12.79 67.83
C LYS F 162 -13.90 -12.06 66.70
N THR F 163 -14.66 -11.64 65.69
CA THR F 163 -14.07 -10.88 64.59
C THR F 163 -13.51 -9.55 65.08
N LEU F 164 -14.21 -8.90 66.00
CA LEU F 164 -13.73 -7.65 66.56
C LEU F 164 -12.42 -7.85 67.31
N ARG F 165 -12.32 -8.92 68.10
CA ARG F 165 -11.08 -9.21 68.80
C ARG F 165 -9.96 -9.48 67.80
N ALA F 166 -10.27 -10.18 66.71
CA ALA F 166 -9.25 -10.44 65.69
C ALA F 166 -8.91 -9.19 64.88
N GLU F 167 -9.84 -8.24 64.81
CA GLU F 167 -9.62 -7.04 64.00
C GLU F 167 -8.56 -6.16 64.61
N GLN F 168 -7.76 -5.51 63.75
CA GLN F 168 -6.76 -4.53 64.18
C GLN F 168 -7.38 -3.13 64.08
N ALA F 169 -7.56 -2.51 65.23
CA ALA F 169 -8.17 -1.18 65.32
C ALA F 169 -8.01 -0.66 66.74
N SER F 170 -8.14 0.65 66.89
CA SER F 170 -8.07 1.27 68.21
C SER F 170 -9.31 0.90 69.03
N GLN F 171 -9.16 1.00 70.36
CA GLN F 171 -10.25 0.61 71.25
C GLN F 171 -11.49 1.46 71.03
N GLU F 172 -11.31 2.77 70.87
CA GLU F 172 -12.44 3.67 70.69
C GLU F 172 -13.18 3.37 69.40
N VAL F 173 -12.43 3.21 68.30
CA VAL F 173 -13.09 2.89 67.03
C VAL F 173 -13.67 1.49 67.07
N LYS F 174 -13.10 0.58 67.86
CA LYS F 174 -13.70 -0.74 68.02
C LYS F 174 -15.05 -0.64 68.71
N ASN F 175 -15.13 0.17 69.77
CA ASN F 175 -16.41 0.37 70.45
C ASN F 175 -17.42 1.04 69.54
N TRP F 176 -16.96 2.01 68.74
CA TRP F 176 -17.87 2.66 67.79
C TRP F 176 -18.38 1.66 66.76
N MET F 177 -17.49 0.81 66.24
CA MET F 177 -17.90 -0.20 65.27
C MET F 177 -18.89 -1.17 65.89
N THR F 178 -18.66 -1.57 67.13
CA THR F 178 -19.62 -2.41 67.83
C THR F 178 -20.98 -1.74 67.90
N GLU F 179 -21.02 -0.52 68.44
CA GLU F 179 -22.29 0.17 68.66
C GLU F 179 -22.99 0.52 67.37
N THR F 180 -22.27 0.62 66.24
CA THR F 180 -22.89 1.00 64.99
C THR F 180 -23.14 -0.17 64.04
N LEU F 181 -22.58 -1.36 64.32
CA LEU F 181 -22.72 -2.48 63.41
C LEU F 181 -23.34 -3.72 64.02
N LEU F 182 -23.35 -3.86 65.35
CA LEU F 182 -23.99 -5.03 65.94
C LEU F 182 -25.50 -5.02 65.70
N VAL F 183 -26.09 -3.84 65.56
CA VAL F 183 -27.52 -3.74 65.32
C VAL F 183 -27.82 -3.57 63.84
N GLN F 184 -27.02 -2.77 63.14
CA GLN F 184 -27.29 -2.53 61.72
C GLN F 184 -27.13 -3.81 60.91
N ASN F 185 -26.09 -4.60 61.19
CA ASN F 185 -25.81 -5.81 60.43
C ASN F 185 -26.56 -7.02 61.03
N ALA F 186 -27.89 -6.89 61.06
CA ALA F 186 -28.75 -7.96 61.54
C ALA F 186 -29.92 -8.11 60.59
N ASN F 187 -30.49 -9.32 60.55
CA ASN F 187 -31.60 -9.59 59.67
C ASN F 187 -32.83 -8.80 60.13
N PRO F 188 -33.76 -8.51 59.22
CA PRO F 188 -34.93 -7.72 59.61
C PRO F 188 -35.71 -8.30 60.76
N ASP F 189 -35.75 -9.63 60.90
CA ASP F 189 -36.47 -10.23 62.02
C ASP F 189 -35.89 -9.77 63.36
N CYS F 190 -34.56 -9.66 63.44
CA CYS F 190 -33.90 -9.19 64.64
C CYS F 190 -33.83 -7.67 64.70
N LYS F 191 -33.64 -7.04 63.54
CA LYS F 191 -33.48 -5.59 63.47
C LYS F 191 -34.76 -4.87 63.88
N THR F 192 -35.92 -5.41 63.49
CA THR F 192 -37.18 -4.78 63.88
C THR F 192 -37.34 -4.77 65.40
N ILE F 193 -37.07 -5.90 66.03
CA ILE F 193 -37.14 -5.97 67.50
C ILE F 193 -36.14 -5.01 68.11
N LEU F 194 -34.93 -4.94 67.55
CA LEU F 194 -33.91 -4.08 68.13
C LEU F 194 -34.29 -2.62 68.03
N LYS F 195 -34.81 -2.20 66.87
CA LYS F 195 -35.25 -0.82 66.70
C LYS F 195 -36.41 -0.49 67.63
N ALA F 196 -37.36 -1.42 67.78
CA ALA F 196 -38.47 -1.19 68.70
C ALA F 196 -38.00 -1.16 70.16
N LEU F 197 -36.87 -1.78 70.47
CA LEU F 197 -36.38 -1.78 71.85
C LEU F 197 -35.94 -0.38 72.27
N GLY F 198 -35.13 0.28 71.45
CA GLY F 198 -34.65 1.60 71.77
C GLY F 198 -33.14 1.72 71.63
N PRO F 199 -32.66 2.91 71.27
CA PRO F 199 -31.21 3.08 71.08
C PRO F 199 -30.41 2.97 72.36
N ALA F 200 -31.03 3.08 73.52
CA ALA F 200 -30.31 3.07 74.79
C ALA F 200 -30.14 1.68 75.37
N ALA F 201 -30.56 0.64 74.65
CA ALA F 201 -30.49 -0.72 75.18
C ALA F 201 -29.05 -1.19 75.30
N THR F 202 -28.76 -1.90 76.38
CA THR F 202 -27.46 -2.50 76.60
C THR F 202 -27.36 -3.83 75.85
N LEU F 203 -26.14 -4.37 75.78
CA LEU F 203 -25.94 -5.64 75.08
C LEU F 203 -26.70 -6.78 75.74
N GLU F 204 -26.70 -6.83 77.07
CA GLU F 204 -27.43 -7.88 77.77
C GLU F 204 -28.92 -7.80 77.50
N GLU F 205 -29.49 -6.59 77.56
CA GLU F 205 -30.90 -6.42 77.21
C GLU F 205 -31.13 -6.77 75.75
N MET F 206 -30.18 -6.41 74.89
CA MET F 206 -30.27 -6.75 73.47
C MET F 206 -30.43 -8.26 73.28
N MET F 207 -29.52 -9.03 73.89
CA MET F 207 -29.56 -10.49 73.75
C MET F 207 -30.82 -11.07 74.41
N THR F 208 -31.21 -10.55 75.57
CA THR F 208 -32.40 -11.07 76.24
C THR F 208 -33.66 -10.85 75.39
N ALA F 209 -33.79 -9.66 74.81
CA ALA F 209 -34.97 -9.38 74.00
C ALA F 209 -34.94 -10.18 72.70
N CYS F 210 -33.76 -10.40 72.15
CA CYS F 210 -33.65 -11.07 70.86
C CYS F 210 -33.59 -12.59 70.97
N GLN F 211 -33.45 -13.13 72.19
CA GLN F 211 -33.39 -14.57 72.37
C GLN F 211 -34.66 -15.27 71.93
N GLY F 212 -35.80 -14.59 72.01
CA GLY F 212 -37.06 -15.22 71.65
C GLY F 212 -37.31 -15.35 70.17
N VAL F 213 -36.44 -14.81 69.32
CA VAL F 213 -36.65 -14.88 67.89
C VAL F 213 -36.37 -16.30 67.39
N GLY F 214 -37.06 -16.68 66.32
CA GLY F 214 -36.90 -17.99 65.72
C GLY F 214 -37.61 -19.11 66.42
N GLY F 215 -38.23 -18.86 67.58
CA GLY F 215 -38.93 -19.89 68.31
C GLY F 215 -40.38 -20.00 67.89
N PRO F 216 -41.10 -20.96 68.49
CA PRO F 216 -42.53 -21.09 68.16
C PRO F 216 -43.34 -19.85 68.48
N GLY F 217 -43.05 -19.20 69.61
CA GLY F 217 -43.82 -18.02 69.98
C GLY F 217 -43.64 -16.88 69.01
N HIS F 218 -42.39 -16.59 68.64
CA HIS F 218 -42.13 -15.50 67.69
C HIS F 218 -42.73 -15.82 66.33
N LYS F 219 -42.61 -17.07 65.88
CA LYS F 219 -43.19 -17.45 64.59
C LYS F 219 -44.70 -17.28 64.62
N ALA F 220 -45.36 -17.70 65.70
CA ALA F 220 -46.80 -17.53 65.81
C ALA F 220 -47.18 -16.05 65.82
N ARG F 221 -46.42 -15.24 66.56
CA ARG F 221 -46.72 -13.81 66.61
C ARG F 221 -46.59 -13.17 65.23
N VAL F 222 -45.50 -13.46 64.52
CA VAL F 222 -45.31 -12.82 63.22
C VAL F 222 -46.34 -13.33 62.22
N LEU F 223 -46.72 -14.61 62.32
CA LEU F 223 -47.78 -15.12 61.45
C LEU F 223 -49.10 -14.41 61.72
N ALA F 224 -49.44 -14.21 62.99
CA ALA F 224 -50.68 -13.49 63.31
C ALA F 224 -50.61 -12.05 62.84
N GLU F 225 -49.46 -11.41 62.98
CA GLU F 225 -49.31 -10.03 62.51
C GLU F 225 -49.50 -9.95 61.01
N ALA F 226 -48.93 -10.91 60.27
CA ALA F 226 -49.13 -10.94 58.82
C ALA F 226 -50.58 -11.21 58.47
N MET F 227 -51.23 -12.10 59.21
CA MET F 227 -52.64 -12.40 58.96
C MET F 227 -53.54 -11.20 59.22
N SER F 228 -53.16 -10.33 60.17
CA SER F 228 -54.00 -9.19 60.50
C SER F 228 -54.29 -8.32 59.28
N GLN F 229 -53.38 -8.27 58.31
CA GLN F 229 -53.64 -7.52 57.09
C GLN F 229 -54.76 -8.14 56.27
N VAL F 230 -54.79 -9.47 56.18
CA VAL F 230 -55.79 -10.14 55.34
C VAL F 230 -57.12 -10.35 56.05
N ILE F 231 -57.15 -10.30 57.38
CA ILE F 231 -58.41 -10.42 58.10
C ILE F 231 -59.06 -9.06 58.25
N VAL G 3 13.71 -48.30 5.44
CA VAL G 3 13.40 -48.28 6.86
C VAL G 3 12.28 -49.27 7.15
N HIS G 4 12.21 -49.73 8.41
CA HIS G 4 11.20 -50.72 8.78
C HIS G 4 9.81 -50.12 8.90
N GLN G 5 9.71 -48.84 9.21
CA GLN G 5 8.44 -48.18 9.44
C GLN G 5 7.99 -47.33 8.25
N ALA G 6 8.43 -47.69 7.04
CA ALA G 6 8.00 -46.96 5.86
C ALA G 6 6.49 -47.08 5.69
N ILE G 7 5.86 -45.98 5.23
CA ILE G 7 4.41 -45.95 5.15
C ILE G 7 3.94 -46.89 4.04
N SER G 8 2.97 -47.73 4.37
CA SER G 8 2.35 -48.62 3.41
C SER G 8 1.24 -47.89 2.67
N PRO G 9 0.78 -48.44 1.54
CA PRO G 9 -0.27 -47.75 0.77
C PRO G 9 -1.51 -47.43 1.58
N ARG G 10 -1.89 -48.33 2.50
CA ARG G 10 -3.10 -48.11 3.28
C ARG G 10 -2.95 -46.90 4.20
N THR G 11 -1.77 -46.67 4.77
CA THR G 11 -1.57 -45.49 5.59
C THR G 11 -1.73 -44.22 4.77
N LEU G 12 -1.18 -44.19 3.56
CA LEU G 12 -1.31 -43.02 2.70
C LEU G 12 -2.77 -42.78 2.33
N ASN G 13 -3.49 -43.84 1.96
CA ASN G 13 -4.89 -43.67 1.60
C ASN G 13 -5.72 -43.21 2.81
N ALA G 14 -5.43 -43.77 3.98
CA ALA G 14 -6.15 -43.38 5.19
C ALA G 14 -5.89 -41.92 5.53
N TRP G 15 -4.64 -41.47 5.39
CA TRP G 15 -4.34 -40.07 5.64
C TRP G 15 -5.04 -39.16 4.64
N VAL G 16 -5.07 -39.57 3.37
CA VAL G 16 -5.77 -38.77 2.36
C VAL G 16 -7.24 -38.65 2.72
N LYS G 17 -7.86 -39.77 3.11
CA LYS G 17 -9.26 -39.74 3.51
C LYS G 17 -9.46 -38.88 4.75
N VAL G 18 -8.50 -38.91 5.67
CA VAL G 18 -8.60 -38.11 6.88
C VAL G 18 -8.65 -36.63 6.54
N VAL G 19 -7.75 -36.19 5.66
CA VAL G 19 -7.77 -34.78 5.26
C VAL G 19 -9.04 -34.47 4.48
N GLU G 20 -9.54 -35.42 3.68
CA GLU G 20 -10.71 -35.16 2.87
C GLU G 20 -11.96 -34.95 3.73
N GLU G 21 -12.22 -35.86 4.67
CA GLU G 21 -13.44 -35.74 5.46
C GLU G 21 -13.26 -34.80 6.64
N LYS G 22 -12.24 -35.03 7.46
CA LYS G 22 -12.06 -34.22 8.66
C LYS G 22 -11.84 -32.75 8.32
N ALA G 23 -11.02 -32.48 7.29
CA ALA G 23 -10.75 -31.13 6.81
C ALA G 23 -10.18 -30.25 7.92
N PHE G 24 -9.05 -30.70 8.46
CA PHE G 24 -8.32 -29.96 9.50
C PHE G 24 -9.18 -29.72 10.73
N SER G 25 -10.01 -30.71 11.07
CA SER G 25 -10.66 -30.77 12.37
C SER G 25 -9.63 -31.22 13.40
N PRO G 26 -9.92 -31.06 14.69
CA PRO G 26 -8.97 -31.52 15.71
C PRO G 26 -8.57 -32.98 15.56
N GLU G 27 -9.49 -33.84 15.10
CA GLU G 27 -9.19 -35.25 14.92
C GLU G 27 -8.05 -35.50 13.94
N VAL G 28 -7.61 -34.47 13.21
CA VAL G 28 -6.45 -34.64 12.34
C VAL G 28 -5.19 -34.86 13.17
N ILE G 29 -5.07 -34.15 14.29
CA ILE G 29 -3.83 -34.23 15.08
C ILE G 29 -3.55 -35.64 15.59
N PRO G 30 -4.53 -36.38 16.18
CA PRO G 30 -4.23 -37.75 16.61
C PRO G 30 -3.86 -38.65 15.45
N MET G 31 -4.76 -38.73 14.47
CA MET G 31 -4.59 -39.66 13.35
C MET G 31 -3.23 -39.47 12.69
N PHE G 32 -2.91 -38.23 12.33
CA PHE G 32 -1.61 -37.95 11.73
C PHE G 32 -0.48 -38.47 12.61
N SER G 33 -0.52 -38.11 13.90
CA SER G 33 0.54 -38.54 14.82
C SER G 33 0.61 -40.04 14.95
N ALA G 34 -0.48 -40.74 14.65
CA ALA G 34 -0.52 -42.20 14.71
C ALA G 34 -0.28 -42.85 13.36
N LEU G 35 -0.23 -42.08 12.27
CA LEU G 35 -0.07 -42.63 10.94
C LEU G 35 1.35 -42.49 10.41
N SER G 36 2.11 -41.50 10.90
CA SER G 36 3.47 -41.27 10.46
C SER G 36 4.48 -41.68 11.53
N GLU G 37 4.10 -42.54 12.46
CA GLU G 37 5.01 -42.98 13.49
C GLU G 37 6.17 -43.74 12.88
N GLY G 38 7.39 -43.22 13.07
CA GLY G 38 8.57 -43.83 12.52
C GLY G 38 8.81 -43.58 11.05
N ALA G 39 7.96 -42.80 10.40
CA ALA G 39 8.12 -42.52 8.98
C ALA G 39 9.24 -41.53 8.75
N THR G 40 9.99 -41.72 7.66
CA THR G 40 11.05 -40.82 7.31
C THR G 40 10.49 -39.47 6.86
N PRO G 41 11.28 -38.40 6.94
CA PRO G 41 10.80 -37.10 6.48
C PRO G 41 10.33 -37.10 5.03
N GLN G 42 10.90 -37.95 4.18
CA GLN G 42 10.38 -38.08 2.82
C GLN G 42 8.95 -38.60 2.83
N ASP G 43 8.67 -39.60 3.67
CA ASP G 43 7.30 -40.08 3.80
C ASP G 43 6.39 -39.00 4.37
N LEU G 44 6.89 -38.21 5.31
CA LEU G 44 6.11 -37.11 5.86
C LEU G 44 5.77 -36.10 4.77
N ASN G 45 6.73 -35.79 3.91
CA ASN G 45 6.47 -34.90 2.78
C ASN G 45 5.44 -35.50 1.83
N THR G 46 5.55 -36.80 1.56
CA THR G 46 4.57 -37.46 0.70
C THR G 46 3.17 -37.34 1.29
N MET G 47 3.04 -37.54 2.60
CA MET G 47 1.75 -37.40 3.26
C MET G 47 1.27 -35.95 3.21
N LEU G 48 2.17 -34.99 3.37
CA LEU G 48 1.75 -33.60 3.39
C LEU G 48 1.35 -33.09 2.01
N ASN G 49 1.95 -33.65 0.95
CA ASN G 49 1.66 -33.21 -0.41
C ASN G 49 0.25 -33.58 -0.86
N THR G 50 -0.43 -34.48 -0.18
CA THR G 50 -1.69 -35.02 -0.64
C THR G 50 -2.89 -34.20 -0.19
N VAL G 51 -2.67 -33.08 0.49
CA VAL G 51 -3.76 -32.25 0.97
C VAL G 51 -4.31 -31.48 -0.23
N GLY G 52 -5.41 -31.95 -0.79
CA GLY G 52 -6.05 -31.24 -1.88
C GLY G 52 -6.77 -30.02 -1.36
N GLY G 53 -6.41 -28.84 -1.84
CA GLY G 53 -7.00 -27.62 -1.35
C GLY G 53 -6.39 -27.20 -0.02
N HIS G 54 -7.07 -26.24 0.62
CA HIS G 54 -6.63 -25.67 1.89
C HIS G 54 -5.21 -25.14 1.77
N GLN G 55 -4.97 -24.36 0.71
CA GLN G 55 -3.62 -23.85 0.45
C GLN G 55 -3.14 -22.93 1.55
N ALA G 56 -4.05 -22.11 2.11
CA ALA G 56 -3.66 -21.23 3.21
C ALA G 56 -3.22 -22.02 4.43
N ALA G 57 -3.93 -23.11 4.73
CA ALA G 57 -3.53 -23.95 5.85
C ALA G 57 -2.15 -24.55 5.64
N MET G 58 -1.87 -25.02 4.42
CA MET G 58 -0.56 -25.61 4.16
C MET G 58 0.52 -24.55 4.17
N GLN G 59 0.20 -23.31 3.79
CA GLN G 59 1.17 -22.22 3.92
C GLN G 59 1.48 -21.94 5.38
N MET G 60 0.46 -21.96 6.23
CA MET G 60 0.71 -21.82 7.67
C MET G 60 1.58 -22.95 8.19
N LEU G 61 1.31 -24.17 7.73
CA LEU G 61 2.11 -25.33 8.14
C LEU G 61 3.55 -25.16 7.69
N LYS G 62 3.76 -24.66 6.47
CA LYS G 62 5.11 -24.45 5.97
C LYS G 62 5.83 -23.38 6.78
N GLU G 63 5.12 -22.31 7.16
CA GLU G 63 5.73 -21.30 8.01
C GLU G 63 6.13 -21.87 9.36
N THR G 64 5.28 -22.72 9.94
CA THR G 64 5.63 -23.37 11.20
C THR G 64 6.86 -24.26 11.04
N ILE G 65 6.91 -25.02 9.94
CA ILE G 65 8.07 -25.89 9.72
C ILE G 65 9.32 -25.07 9.57
N ASN G 66 9.24 -23.94 8.86
CA ASN G 66 10.41 -23.09 8.68
C ASN G 66 10.89 -22.50 10.00
N GLU G 67 9.96 -22.04 10.84
CA GLU G 67 10.38 -21.48 12.13
C GLU G 67 10.93 -22.56 13.06
N GLU G 68 10.38 -23.78 13.00
CA GLU G 68 10.95 -24.87 13.78
C GLU G 68 12.34 -25.23 13.30
N ALA G 69 12.56 -25.21 11.98
CA ALA G 69 13.88 -25.48 11.44
C ALA G 69 14.86 -24.40 11.87
N ALA G 70 14.42 -23.14 11.90
CA ALA G 70 15.26 -22.06 12.39
C ALA G 70 15.63 -22.28 13.85
N GLU G 71 14.64 -22.68 14.67
CA GLU G 71 14.92 -22.94 16.08
C GLU G 71 15.91 -24.10 16.23
N TRP G 72 15.73 -25.17 15.44
CA TRP G 72 16.66 -26.29 15.50
C TRP G 72 18.06 -25.87 15.11
N ASP G 73 18.18 -25.03 14.07
CA ASP G 73 19.49 -24.55 13.66
C ASP G 73 20.12 -23.67 14.75
N ARG G 74 19.31 -22.88 15.44
CA ARG G 74 19.83 -22.06 16.53
C ARG G 74 20.36 -22.93 17.67
N VAL G 75 19.56 -23.91 18.10
CA VAL G 75 19.95 -24.74 19.23
C VAL G 75 21.15 -25.60 18.89
N HIS G 76 21.19 -26.17 17.68
CA HIS G 76 22.28 -27.03 17.28
C HIS G 76 23.30 -26.22 16.49
N PRO G 77 24.48 -25.95 17.02
CA PRO G 77 25.47 -25.17 16.26
C PRO G 77 26.00 -25.96 15.08
N VAL G 78 26.42 -25.21 14.04
CA VAL G 78 26.97 -25.84 12.85
C VAL G 78 28.31 -26.47 13.18
N HIS G 79 28.48 -27.73 12.80
CA HIS G 79 29.73 -28.43 13.06
C HIS G 79 30.86 -27.81 12.25
N ALA G 80 32.03 -27.70 12.88
CA ALA G 80 33.21 -27.10 12.25
C ALA G 80 34.31 -28.15 12.12
N GLY G 81 35.12 -27.99 11.08
CA GLY G 81 36.21 -28.91 10.83
C GLY G 81 35.80 -30.05 9.92
N PRO G 82 36.77 -30.87 9.51
CA PRO G 82 36.45 -32.00 8.65
C PRO G 82 35.57 -33.02 9.35
N ILE G 83 34.72 -33.67 8.57
CA ILE G 83 33.82 -34.70 9.08
C ILE G 83 34.55 -36.03 9.09
N ALA G 84 34.34 -36.80 10.16
CA ALA G 84 34.99 -38.10 10.28
C ALA G 84 34.49 -39.05 9.20
N PRO G 85 35.38 -39.76 8.50
CA PRO G 85 34.90 -40.68 7.45
C PRO G 85 33.97 -41.76 7.98
N GLY G 86 34.21 -42.27 9.19
CA GLY G 86 33.32 -43.27 9.75
C GLY G 86 31.93 -42.73 10.04
N GLN G 87 31.86 -41.52 10.60
CA GLN G 87 30.60 -40.87 10.87
C GLN G 87 30.16 -40.09 9.63
N MET G 88 29.15 -39.24 9.78
CA MET G 88 28.68 -38.42 8.67
C MET G 88 28.11 -37.11 9.23
N ARG G 89 27.82 -36.19 8.33
CA ARG G 89 27.53 -34.82 8.71
C ARG G 89 26.23 -34.72 9.52
N GLU G 90 26.21 -33.77 10.46
CA GLU G 90 25.07 -33.58 11.33
C GLU G 90 23.92 -32.96 10.55
N PRO G 91 22.68 -33.34 10.85
CA PRO G 91 21.53 -32.72 10.15
C PRO G 91 21.33 -31.28 10.54
N ARG G 92 20.73 -30.53 9.62
CA ARG G 92 20.30 -29.15 9.85
C ARG G 92 18.78 -29.09 9.88
N GLY G 93 18.26 -27.91 10.22
CA GLY G 93 16.81 -27.78 10.36
C GLY G 93 16.06 -28.10 9.08
N SER G 94 16.56 -27.58 7.95
CA SER G 94 15.93 -27.89 6.67
C SER G 94 16.02 -29.38 6.37
N ASP G 95 17.14 -30.01 6.72
CA ASP G 95 17.30 -31.44 6.47
C ASP G 95 16.33 -32.26 7.32
N ILE G 96 16.12 -31.84 8.57
CA ILE G 96 15.09 -32.48 9.38
C ILE G 96 13.73 -32.28 8.75
N ALA G 97 13.50 -31.11 8.16
CA ALA G 97 12.26 -30.88 7.42
C ALA G 97 12.19 -31.70 6.14
N GLY G 98 13.27 -32.35 5.75
CA GLY G 98 13.25 -33.18 4.55
C GLY G 98 13.24 -32.41 3.26
N THR G 99 13.71 -31.17 3.27
CA THR G 99 13.75 -30.34 2.08
C THR G 99 15.14 -30.25 1.45
N THR G 100 16.15 -30.75 2.10
CA THR G 100 17.50 -30.73 1.53
C THR G 100 18.15 -32.11 1.52
N SER G 101 17.93 -32.91 2.56
CA SER G 101 18.55 -34.22 2.64
C SER G 101 17.78 -35.25 1.81
N THR G 102 18.51 -36.13 1.16
CA THR G 102 17.91 -37.24 0.44
C THR G 102 17.53 -38.35 1.42
N LEU G 103 16.70 -39.28 0.95
CA LEU G 103 16.21 -40.35 1.82
C LEU G 103 17.34 -41.22 2.34
N GLN G 104 18.41 -41.38 1.56
CA GLN G 104 19.55 -42.18 2.03
C GLN G 104 20.18 -41.58 3.27
N GLU G 105 20.36 -40.25 3.27
CA GLU G 105 20.93 -39.60 4.45
C GLU G 105 20.00 -39.71 5.65
N GLN G 106 18.69 -39.58 5.44
CA GLN G 106 17.75 -39.74 6.55
C GLN G 106 17.81 -41.14 7.12
N ILE G 107 17.88 -42.16 6.25
CA ILE G 107 17.99 -43.53 6.73
C ILE G 107 19.29 -43.72 7.50
N GLY G 108 20.38 -43.13 7.02
CA GLY G 108 21.62 -43.18 7.77
C GLY G 108 21.52 -42.52 9.13
N TRP G 109 20.78 -41.42 9.21
CA TRP G 109 20.55 -40.76 10.49
C TRP G 109 19.79 -41.67 11.44
N MET G 110 18.72 -42.30 10.96
CA MET G 110 17.91 -43.14 11.84
C MET G 110 18.63 -44.42 12.24
N THR G 111 19.47 -44.96 11.37
CA THR G 111 20.20 -46.19 11.67
C THR G 111 21.54 -45.93 12.36
N ASN G 112 21.91 -44.66 12.57
CA ASN G 112 23.18 -44.34 13.17
C ASN G 112 23.20 -44.75 14.65
N ASN G 113 24.41 -44.84 15.20
CA ASN G 113 24.59 -45.15 16.62
C ASN G 113 25.35 -44.02 17.28
N PRO G 114 24.70 -43.18 18.11
CA PRO G 114 23.28 -43.21 18.49
C PRO G 114 22.38 -42.66 17.39
N PRO G 115 21.15 -43.17 17.31
CA PRO G 115 20.23 -42.71 16.26
C PRO G 115 19.78 -41.27 16.49
N ILE G 116 19.56 -40.57 15.38
CA ILE G 116 18.96 -39.24 15.37
C ILE G 116 17.53 -39.39 14.87
N PRO G 117 16.52 -39.18 15.71
CA PRO G 117 15.13 -39.42 15.29
C PRO G 117 14.58 -38.27 14.44
N VAL G 118 15.06 -38.19 13.20
CA VAL G 118 14.69 -37.11 12.30
C VAL G 118 13.19 -37.14 12.03
N GLY G 119 12.64 -38.33 11.80
CA GLY G 119 11.22 -38.44 11.51
C GLY G 119 10.35 -37.92 12.64
N GLU G 120 10.71 -38.21 13.88
CA GLU G 120 9.90 -37.78 15.02
C GLU G 120 9.98 -36.27 15.21
N ILE G 121 11.16 -35.68 15.05
CA ILE G 121 11.29 -34.23 15.16
C ILE G 121 10.46 -33.54 14.09
N TYR G 122 10.56 -34.03 12.85
CA TYR G 122 9.75 -33.47 11.78
C TYR G 122 8.27 -33.66 12.04
N LYS G 123 7.89 -34.81 12.61
CA LYS G 123 6.50 -35.05 12.95
C LYS G 123 6.00 -34.05 13.99
N ARG G 124 6.84 -33.74 14.97
CA ARG G 124 6.44 -32.73 15.96
C ARG G 124 6.29 -31.36 15.32
N TRP G 125 7.18 -31.00 14.39
CA TRP G 125 7.06 -29.72 13.71
C TRP G 125 5.74 -29.66 12.93
N ILE G 126 5.43 -30.73 12.19
CA ILE G 126 4.18 -30.76 11.45
C ILE G 126 2.98 -30.78 12.41
N ILE G 127 3.14 -31.36 13.58
CA ILE G 127 2.08 -31.35 14.58
C ILE G 127 1.81 -29.92 15.05
N LEU G 128 2.88 -29.16 15.28
CA LEU G 128 2.71 -27.74 15.64
C LEU G 128 2.00 -26.99 14.52
N GLY G 129 2.41 -27.25 13.27
CA GLY G 129 1.74 -26.62 12.14
C GLY G 129 0.26 -26.96 12.08
N LEU G 130 -0.07 -28.24 12.25
CA LEU G 130 -1.47 -28.66 12.26
C LEU G 130 -2.23 -28.05 13.43
N ASN G 131 -1.56 -27.88 14.57
CA ASN G 131 -2.18 -27.22 15.71
C ASN G 131 -2.58 -25.79 15.35
N LYS G 132 -1.64 -25.05 14.76
CA LYS G 132 -1.97 -23.69 14.36
C LYS G 132 -3.10 -23.69 13.32
N ILE G 133 -3.08 -24.66 12.42
CA ILE G 133 -4.13 -24.75 11.40
C ILE G 133 -5.49 -24.93 12.04
N VAL G 134 -5.59 -25.90 12.96
CA VAL G 134 -6.89 -26.21 13.56
C VAL G 134 -7.35 -25.12 14.52
N ARG G 135 -6.42 -24.32 15.06
CA ARG G 135 -6.85 -23.22 15.93
C ARG G 135 -7.25 -21.98 15.13
N MET G 136 -6.40 -21.54 14.21
CA MET G 136 -6.54 -20.22 13.61
C MET G 136 -7.09 -20.22 12.19
N TYR G 137 -7.13 -21.36 11.51
CA TYR G 137 -7.57 -21.43 10.13
C TYR G 137 -8.99 -21.97 10.06
N SER G 138 -9.85 -21.27 9.32
CA SER G 138 -11.22 -21.71 9.06
C SER G 138 -11.40 -21.84 7.56
N PRO G 139 -11.64 -23.04 7.03
CA PRO G 139 -11.77 -23.19 5.58
C PRO G 139 -12.98 -22.46 5.03
N THR G 140 -12.85 -21.97 3.81
CA THR G 140 -13.94 -21.26 3.16
C THR G 140 -15.00 -22.25 2.71
N SER G 141 -16.24 -21.98 3.05
CA SER G 141 -17.37 -22.83 2.69
C SER G 141 -18.43 -22.03 1.96
N ILE G 142 -19.06 -22.66 0.97
CA ILE G 142 -20.10 -21.99 0.20
C ILE G 142 -21.29 -21.63 1.07
N LEU G 143 -21.48 -22.32 2.19
CA LEU G 143 -22.58 -21.99 3.08
C LEU G 143 -22.37 -20.62 3.73
N ASP G 144 -21.12 -20.21 3.91
CA ASP G 144 -20.80 -18.94 4.54
C ASP G 144 -20.76 -17.78 3.55
N ILE G 145 -20.88 -18.05 2.24
CA ILE G 145 -20.85 -16.99 1.25
C ILE G 145 -22.25 -16.38 1.18
N ARG G 146 -22.40 -15.19 1.74
CA ARG G 146 -23.66 -14.47 1.72
C ARG G 146 -23.40 -13.05 1.25
N GLN G 147 -24.38 -12.47 0.58
CA GLN G 147 -24.23 -11.15 -0.03
C GLN G 147 -24.55 -10.07 0.98
N GLY G 148 -23.70 -9.06 1.05
CA GLY G 148 -23.89 -7.95 1.95
C GLY G 148 -25.10 -7.12 1.57
N PRO G 149 -25.59 -6.31 2.50
CA PRO G 149 -26.76 -5.49 2.21
C PRO G 149 -26.55 -4.50 1.07
N LYS G 150 -25.35 -3.97 0.90
CA LYS G 150 -25.05 -3.01 -0.15
C LYS G 150 -24.07 -3.55 -1.17
N GLU G 151 -23.84 -4.85 -1.20
CA GLU G 151 -22.90 -5.43 -2.14
C GLU G 151 -23.62 -5.70 -3.47
N PRO G 152 -23.07 -5.24 -4.59
CA PRO G 152 -23.72 -5.50 -5.89
C PRO G 152 -23.80 -6.98 -6.18
N PHE G 153 -24.86 -7.38 -6.88
CA PHE G 153 -25.10 -8.80 -7.12
C PHE G 153 -23.99 -9.44 -7.94
N ARG G 154 -23.35 -8.67 -8.84
CA ARG G 154 -22.27 -9.23 -9.63
C ARG G 154 -21.09 -9.62 -8.76
N ASP G 155 -20.72 -8.77 -7.80
CA ASP G 155 -19.62 -9.11 -6.91
C ASP G 155 -19.96 -10.32 -6.05
N TYR G 156 -21.21 -10.39 -5.57
CA TYR G 156 -21.62 -11.56 -4.80
C TYR G 156 -21.55 -12.83 -5.62
N VAL G 157 -22.00 -12.77 -6.88
CA VAL G 157 -21.94 -13.94 -7.74
C VAL G 157 -20.50 -14.35 -7.99
N ASP G 158 -19.62 -13.37 -8.21
CA ASP G 158 -18.21 -13.69 -8.43
C ASP G 158 -17.59 -14.35 -7.21
N ARG G 159 -17.88 -13.82 -6.02
CA ARG G 159 -17.35 -14.43 -4.80
C ARG G 159 -17.92 -15.83 -4.61
N PHE G 160 -19.22 -16.00 -4.87
CA PHE G 160 -19.84 -17.31 -4.74
C PHE G 160 -19.18 -18.33 -5.64
N TYR G 161 -18.95 -17.96 -6.90
CA TYR G 161 -18.35 -18.91 -7.84
C TYR G 161 -16.88 -19.15 -7.53
N LYS G 162 -16.17 -18.14 -7.04
CA LYS G 162 -14.78 -18.37 -6.64
C LYS G 162 -14.70 -19.35 -5.47
N THR G 163 -15.57 -19.17 -4.48
CA THR G 163 -15.61 -20.12 -3.36
C THR G 163 -16.02 -21.50 -3.83
N LEU G 164 -16.96 -21.56 -4.78
CA LEU G 164 -17.39 -22.85 -5.32
C LEU G 164 -16.24 -23.56 -6.02
N ARG G 165 -15.47 -22.85 -6.82
CA ARG G 165 -14.32 -23.46 -7.48
C ARG G 165 -13.29 -23.91 -6.45
N ALA G 166 -13.05 -23.10 -5.42
CA ALA G 166 -12.11 -23.50 -4.38
C ALA G 166 -12.64 -24.66 -3.54
N GLU G 167 -13.96 -24.85 -3.49
CA GLU G 167 -14.53 -25.89 -2.66
C GLU G 167 -14.29 -27.27 -3.26
N GLN G 168 -14.16 -28.25 -2.38
CA GLN G 168 -14.01 -29.65 -2.77
C GLN G 168 -15.36 -30.36 -2.64
N ALA G 169 -15.88 -30.84 -3.76
CA ALA G 169 -17.20 -31.46 -3.82
C ALA G 169 -17.39 -32.00 -5.23
N SER G 170 -18.40 -32.86 -5.38
CA SER G 170 -18.71 -33.42 -6.69
C SER G 170 -19.35 -32.38 -7.59
N GLN G 171 -19.19 -32.56 -8.91
CA GLN G 171 -19.64 -31.55 -9.86
C GLN G 171 -21.16 -31.37 -9.82
N GLU G 172 -21.90 -32.48 -9.74
CA GLU G 172 -23.35 -32.37 -9.65
C GLU G 172 -23.78 -31.69 -8.35
N VAL G 173 -23.07 -31.97 -7.26
CA VAL G 173 -23.35 -31.28 -6.00
C VAL G 173 -23.09 -29.79 -6.15
N LYS G 174 -22.00 -29.42 -6.83
CA LYS G 174 -21.71 -28.01 -7.07
C LYS G 174 -22.80 -27.35 -7.90
N ASN G 175 -23.30 -28.06 -8.93
CA ASN G 175 -24.38 -27.51 -9.73
C ASN G 175 -25.64 -27.30 -8.90
N TRP G 176 -25.97 -28.28 -8.06
CA TRP G 176 -27.14 -28.15 -7.21
C TRP G 176 -26.99 -26.98 -6.24
N MET G 177 -25.80 -26.83 -5.67
CA MET G 177 -25.55 -25.72 -4.75
C MET G 177 -25.63 -24.38 -5.47
N THR G 178 -25.14 -24.32 -6.71
CA THR G 178 -25.35 -23.12 -7.52
C THR G 178 -26.83 -22.85 -7.70
N GLU G 179 -27.60 -23.89 -7.95
CA GLU G 179 -29.04 -23.72 -8.17
C GLU G 179 -29.73 -23.15 -6.94
N THR G 180 -29.38 -23.63 -5.75
CA THR G 180 -30.13 -23.26 -4.55
C THR G 180 -29.51 -22.10 -3.76
N LEU G 181 -28.24 -22.20 -3.38
CA LEU G 181 -27.67 -21.24 -2.45
C LEU G 181 -27.44 -19.87 -3.09
N LEU G 182 -27.24 -19.82 -4.41
CA LEU G 182 -26.98 -18.54 -5.05
C LEU G 182 -28.17 -17.59 -4.88
N VAL G 183 -29.38 -18.10 -5.03
CA VAL G 183 -30.57 -17.29 -4.80
C VAL G 183 -30.97 -17.29 -3.33
N GLN G 184 -30.64 -18.34 -2.59
CA GLN G 184 -31.04 -18.38 -1.18
C GLN G 184 -30.27 -17.38 -0.33
N ASN G 185 -29.01 -17.13 -0.65
CA ASN G 185 -28.15 -16.31 0.18
C ASN G 185 -28.09 -14.85 -0.26
N ALA G 186 -28.86 -14.44 -1.25
CA ALA G 186 -28.86 -13.06 -1.68
C ALA G 186 -29.57 -12.18 -0.65
N ASN G 187 -29.20 -10.90 -0.64
CA ASN G 187 -29.81 -9.96 0.27
C ASN G 187 -31.26 -9.71 -0.14
N PRO G 188 -32.11 -9.24 0.79
CA PRO G 188 -33.54 -9.16 0.47
C PRO G 188 -33.86 -8.33 -0.75
N ASP G 189 -33.11 -7.25 -1.01
CA ASP G 189 -33.38 -6.42 -2.18
C ASP G 189 -33.18 -7.21 -3.47
N CYS G 190 -32.11 -7.98 -3.56
CA CYS G 190 -31.90 -8.84 -4.72
C CYS G 190 -32.83 -10.03 -4.69
N LYS G 191 -33.12 -10.57 -3.50
CA LYS G 191 -33.93 -11.77 -3.40
C LYS G 191 -35.36 -11.52 -3.88
N THR G 192 -35.91 -10.34 -3.60
CA THR G 192 -37.25 -10.04 -4.08
C THR G 192 -37.32 -10.11 -5.59
N ILE G 193 -36.36 -9.48 -6.27
CA ILE G 193 -36.34 -9.50 -7.73
C ILE G 193 -36.11 -10.91 -8.23
N LEU G 194 -35.20 -11.65 -7.61
CA LEU G 194 -34.89 -13.00 -8.07
C LEU G 194 -36.08 -13.92 -7.94
N LYS G 195 -36.84 -13.80 -6.85
CA LYS G 195 -38.04 -14.62 -6.68
C LYS G 195 -39.15 -14.17 -7.60
N ALA G 196 -39.21 -12.87 -7.93
CA ALA G 196 -40.20 -12.42 -8.91
C ALA G 196 -39.85 -12.91 -10.30
N LEU G 197 -38.57 -13.15 -10.58
CA LEU G 197 -38.18 -13.66 -11.88
C LEU G 197 -38.78 -15.04 -12.14
N GLY G 198 -38.75 -15.91 -11.14
CA GLY G 198 -39.20 -17.28 -11.31
C GLY G 198 -38.03 -18.24 -11.36
N PRO G 199 -38.29 -19.51 -11.07
CA PRO G 199 -37.20 -20.50 -11.04
C PRO G 199 -36.56 -20.73 -12.41
N ALA G 200 -37.25 -20.42 -13.50
CA ALA G 200 -36.73 -20.68 -14.84
C ALA G 200 -35.67 -19.67 -15.27
N ALA G 201 -35.48 -18.59 -14.53
CA ALA G 201 -34.53 -17.56 -14.93
C ALA G 201 -33.11 -18.09 -14.88
N THR G 202 -32.33 -17.77 -15.90
CA THR G 202 -30.93 -18.17 -15.96
C THR G 202 -30.08 -17.21 -15.15
N LEU G 203 -28.79 -17.54 -15.01
CA LEU G 203 -27.88 -16.68 -14.26
C LEU G 203 -27.76 -15.31 -14.91
N GLU G 204 -27.67 -15.27 -16.24
CA GLU G 204 -27.56 -13.98 -16.93
C GLU G 204 -28.80 -13.13 -16.71
N GLU G 205 -29.98 -13.74 -16.75
CA GLU G 205 -31.21 -13.00 -16.49
C GLU G 205 -31.23 -12.47 -15.07
N MET G 206 -30.79 -13.27 -14.10
CA MET G 206 -30.74 -12.81 -12.71
C MET G 206 -29.79 -11.65 -12.55
N MET G 207 -28.61 -11.72 -13.18
CA MET G 207 -27.65 -10.62 -13.08
C MET G 207 -28.20 -9.37 -13.75
N THR G 208 -28.88 -9.52 -14.88
CA THR G 208 -29.51 -8.37 -15.54
C THR G 208 -30.56 -7.74 -14.63
N ALA G 209 -31.38 -8.57 -13.98
CA ALA G 209 -32.44 -8.03 -13.13
C ALA G 209 -31.86 -7.33 -11.91
N CYS G 210 -30.79 -7.88 -11.34
CA CYS G 210 -30.19 -7.31 -10.13
C CYS G 210 -29.09 -6.29 -10.43
N GLN G 211 -28.87 -5.97 -11.70
CA GLN G 211 -27.91 -4.94 -12.04
C GLN G 211 -28.28 -3.59 -11.44
N GLY G 212 -29.57 -3.36 -11.21
CA GLY G 212 -30.03 -2.04 -10.82
C GLY G 212 -30.12 -1.75 -9.34
N VAL G 213 -29.91 -2.74 -8.46
CA VAL G 213 -30.12 -2.52 -7.04
C VAL G 213 -29.03 -1.61 -6.49
N GLY G 214 -29.45 -0.54 -5.82
CA GLY G 214 -28.53 0.46 -5.33
C GLY G 214 -28.44 1.70 -6.20
N GLY G 215 -28.90 1.64 -7.43
CA GLY G 215 -28.92 2.80 -8.29
C GLY G 215 -30.02 3.76 -7.92
N PRO G 216 -29.93 4.97 -8.46
CA PRO G 216 -30.96 5.98 -8.15
C PRO G 216 -32.36 5.53 -8.51
N GLY G 217 -32.52 4.84 -9.64
CA GLY G 217 -33.85 4.41 -10.04
C GLY G 217 -34.43 3.39 -9.07
N HIS G 218 -33.63 2.39 -8.68
CA HIS G 218 -34.13 1.36 -7.79
C HIS G 218 -34.42 1.92 -6.40
N LYS G 219 -33.54 2.76 -5.87
CA LYS G 219 -33.78 3.36 -4.57
C LYS G 219 -35.02 4.23 -4.59
N ALA G 220 -35.20 5.02 -5.65
CA ALA G 220 -36.41 5.82 -5.77
C ALA G 220 -37.65 4.95 -5.85
N ARG G 221 -37.57 3.85 -6.59
N ARG G 221 -37.57 3.84 -6.59
CA ARG G 221 -38.72 2.97 -6.74
CA ARG G 221 -38.73 2.97 -6.74
C ARG G 221 -39.11 2.32 -5.42
C ARG G 221 -39.11 2.32 -5.42
N VAL G 222 -38.12 1.81 -4.67
CA VAL G 222 -38.42 1.17 -3.39
C VAL G 222 -38.92 2.19 -2.38
N LEU G 223 -38.35 3.41 -2.40
CA LEU G 223 -38.83 4.44 -1.50
C LEU G 223 -40.27 4.82 -1.82
N ALA G 224 -40.60 4.96 -3.10
CA ALA G 224 -41.97 5.27 -3.49
C ALA G 224 -42.92 4.14 -3.10
N GLU G 225 -42.50 2.89 -3.29
CA GLU G 225 -43.33 1.76 -2.90
C GLU G 225 -43.56 1.75 -1.39
N ALA G 226 -42.53 2.05 -0.61
CA ALA G 226 -42.68 2.09 0.84
C ALA G 226 -43.62 3.21 1.26
N MET G 227 -43.49 4.39 0.64
CA MET G 227 -44.33 5.51 1.04
C MET G 227 -45.75 5.42 0.50
N SER G 228 -46.00 4.59 -0.52
CA SER G 228 -47.34 4.48 -1.07
C SER G 228 -48.31 3.94 -0.03
N GLN G 229 -47.88 2.93 0.74
CA GLN G 229 -48.74 2.39 1.80
C GLN G 229 -49.02 3.44 2.87
N VAL G 230 -48.01 4.28 3.17
CA VAL G 230 -48.21 5.34 4.15
C VAL G 230 -49.27 6.32 3.66
N ILE G 231 -49.19 6.72 2.39
CA ILE G 231 -50.14 7.65 1.83
C ILE G 231 -51.30 6.89 1.19
N VAL H 3 16.34 -41.69 -11.00
CA VAL H 3 15.87 -41.21 -12.29
C VAL H 3 15.50 -39.73 -12.19
N HIS H 4 15.57 -39.03 -13.31
CA HIS H 4 15.27 -37.60 -13.34
C HIS H 4 13.80 -37.30 -13.55
N GLN H 5 12.95 -38.33 -13.71
CA GLN H 5 11.56 -38.14 -14.04
C GLN H 5 10.62 -38.51 -12.89
N ALA H 6 11.12 -38.50 -11.66
CA ALA H 6 10.28 -38.76 -10.51
C ALA H 6 9.28 -37.62 -10.31
N ILE H 7 8.16 -37.92 -9.66
CA ILE H 7 7.10 -36.93 -9.50
C ILE H 7 7.51 -35.93 -8.43
N SER H 8 7.40 -34.65 -8.75
CA SER H 8 7.63 -33.58 -7.80
C SER H 8 6.42 -33.41 -6.90
N PRO H 9 6.58 -32.76 -5.74
CA PRO H 9 5.41 -32.55 -4.87
C PRO H 9 4.27 -31.83 -5.56
N ARG H 10 4.58 -30.88 -6.43
CA ARG H 10 3.53 -30.14 -7.12
C ARG H 10 2.71 -31.06 -8.02
N THR H 11 3.36 -32.02 -8.68
CA THR H 11 2.62 -32.95 -9.52
C THR H 11 1.68 -33.83 -8.69
N LEU H 12 2.16 -34.30 -7.53
CA LEU H 12 1.34 -35.12 -6.67
C LEU H 12 0.13 -34.35 -6.16
N ASN H 13 0.34 -33.11 -5.71
CA ASN H 13 -0.78 -32.31 -5.27
C ASN H 13 -1.74 -31.99 -6.40
N ALA H 14 -1.20 -31.75 -7.61
CA ALA H 14 -2.06 -31.50 -8.75
C ALA H 14 -2.93 -32.70 -9.07
N TRP H 15 -2.35 -33.90 -8.99
CA TRP H 15 -3.13 -35.10 -9.24
C TRP H 15 -4.19 -35.31 -8.17
N VAL H 16 -3.86 -35.04 -6.91
CA VAL H 16 -4.84 -35.16 -5.84
C VAL H 16 -6.00 -34.19 -6.08
N LYS H 17 -5.68 -32.96 -6.47
CA LYS H 17 -6.73 -32.00 -6.80
C LYS H 17 -7.53 -32.45 -8.01
N VAL H 18 -6.88 -33.12 -8.96
CA VAL H 18 -7.59 -33.59 -10.15
C VAL H 18 -8.62 -34.64 -9.79
N VAL H 19 -8.22 -35.63 -8.98
CA VAL H 19 -9.17 -36.67 -8.59
C VAL H 19 -10.20 -36.14 -7.61
N GLU H 20 -9.88 -35.10 -6.85
CA GLU H 20 -10.87 -34.52 -5.95
C GLU H 20 -11.91 -33.71 -6.70
N GLU H 21 -11.49 -32.91 -7.67
CA GLU H 21 -12.40 -32.02 -8.40
C GLU H 21 -13.08 -32.75 -9.56
N LYS H 22 -12.29 -33.27 -10.49
CA LYS H 22 -12.83 -33.94 -11.66
C LYS H 22 -13.39 -35.32 -11.34
N ALA H 23 -13.17 -35.82 -10.12
CA ALA H 23 -13.63 -37.15 -9.72
C ALA H 23 -13.11 -38.21 -10.68
N PHE H 24 -14.00 -38.73 -11.53
CA PHE H 24 -13.62 -39.68 -12.57
C PHE H 24 -14.27 -39.28 -13.89
N SER H 25 -14.12 -38.01 -14.24
CA SER H 25 -14.48 -37.54 -15.57
C SER H 25 -13.42 -38.00 -16.56
N PRO H 26 -13.74 -37.97 -17.86
CA PRO H 26 -12.72 -38.34 -18.85
C PRO H 26 -11.46 -37.50 -18.77
N GLU H 27 -11.55 -36.26 -18.27
CA GLU H 27 -10.38 -35.39 -18.18
C GLU H 27 -9.30 -35.97 -17.27
N VAL H 28 -9.65 -36.94 -16.43
CA VAL H 28 -8.64 -37.60 -15.61
C VAL H 28 -7.63 -38.32 -16.49
N ILE H 29 -8.09 -38.94 -17.57
CA ILE H 29 -7.19 -39.77 -18.39
C ILE H 29 -6.04 -38.97 -18.98
N PRO H 30 -6.26 -37.82 -19.63
CA PRO H 30 -5.09 -37.07 -20.14
C PRO H 30 -4.18 -36.59 -19.04
N MET H 31 -4.73 -35.95 -18.00
CA MET H 31 -3.90 -35.39 -16.93
C MET H 31 -2.99 -36.45 -16.34
N PHE H 32 -3.54 -37.62 -16.03
CA PHE H 32 -2.71 -38.72 -15.53
C PHE H 32 -1.57 -39.01 -16.49
N SER H 33 -1.89 -39.21 -17.77
CA SER H 33 -0.85 -39.54 -18.73
C SER H 33 0.12 -38.40 -18.94
N ALA H 34 -0.21 -37.20 -18.48
CA ALA H 34 0.68 -36.06 -18.55
C ALA H 34 1.43 -35.82 -17.25
N LEU H 35 1.02 -36.45 -16.15
CA LEU H 35 1.65 -36.24 -14.86
C LEU H 35 2.61 -37.36 -14.47
N SER H 36 2.36 -38.57 -14.94
CA SER H 36 3.19 -39.73 -14.60
C SER H 36 4.13 -40.12 -15.74
N GLU H 37 4.35 -39.23 -16.71
CA GLU H 37 5.20 -39.55 -17.85
C GLU H 37 6.63 -39.77 -17.37
N GLY H 38 7.14 -40.98 -17.61
CA GLY H 38 8.51 -41.31 -17.24
C GLY H 38 8.70 -41.71 -15.79
N ALA H 39 7.67 -41.62 -14.96
CA ALA H 39 7.79 -41.97 -13.55
C ALA H 39 7.92 -43.48 -13.40
N THR H 40 8.77 -43.90 -12.47
CA THR H 40 8.92 -45.31 -12.17
C THR H 40 7.66 -45.81 -11.47
N PRO H 41 7.39 -47.12 -11.52
CA PRO H 41 6.14 -47.63 -10.93
C PRO H 41 5.96 -47.34 -9.46
N GLN H 42 7.03 -47.06 -8.71
CA GLN H 42 6.86 -46.65 -7.32
C GLN H 42 6.09 -45.33 -7.25
N ASP H 43 6.49 -44.36 -8.08
CA ASP H 43 5.74 -43.11 -8.14
C ASP H 43 4.34 -43.32 -8.69
N LEU H 44 4.17 -44.25 -9.63
CA LEU H 44 2.83 -44.53 -10.14
C LEU H 44 1.93 -45.10 -9.05
N ASN H 45 2.46 -46.00 -8.22
CA ASN H 45 1.69 -46.54 -7.12
C ASN H 45 1.36 -45.47 -6.10
N THR H 46 2.32 -44.58 -5.79
CA THR H 46 2.03 -43.45 -4.92
C THR H 46 0.94 -42.57 -5.52
N MET H 47 0.98 -42.37 -6.84
CA MET H 47 -0.02 -41.61 -7.56
C MET H 47 -1.39 -42.26 -7.42
N LEU H 48 -1.45 -43.58 -7.50
CA LEU H 48 -2.72 -44.28 -7.45
C LEU H 48 -3.29 -44.32 -6.03
N ASN H 49 -2.40 -44.42 -5.03
CA ASN H 49 -2.83 -44.56 -3.64
C ASN H 49 -3.39 -43.29 -3.05
N THR H 50 -3.25 -42.16 -3.73
CA THR H 50 -3.61 -40.87 -3.16
C THR H 50 -5.07 -40.50 -3.41
N VAL H 51 -5.86 -41.39 -3.98
CA VAL H 51 -7.26 -41.13 -4.28
C VAL H 51 -8.11 -41.56 -3.09
N GLY H 52 -8.86 -40.62 -2.52
CA GLY H 52 -9.76 -40.94 -1.42
C GLY H 52 -11.12 -41.35 -1.94
N GLY H 53 -11.66 -42.41 -1.34
CA GLY H 53 -12.93 -42.91 -1.80
C GLY H 53 -12.79 -43.66 -3.12
N HIS H 54 -13.93 -43.83 -3.78
CA HIS H 54 -14.01 -44.53 -5.07
C HIS H 54 -13.40 -45.92 -4.95
N GLN H 55 -13.82 -46.65 -3.91
CA GLN H 55 -13.27 -47.98 -3.66
C GLN H 55 -13.63 -48.95 -4.79
N ALA H 56 -14.86 -48.88 -5.29
CA ALA H 56 -15.26 -49.78 -6.37
C ALA H 56 -14.44 -49.54 -7.62
N ALA H 57 -14.25 -48.26 -7.99
CA ALA H 57 -13.45 -47.93 -9.16
C ALA H 57 -12.01 -48.41 -9.00
N MET H 58 -11.46 -48.24 -7.80
CA MET H 58 -10.10 -48.72 -7.56
C MET H 58 -10.03 -50.24 -7.63
N GLN H 59 -11.10 -50.94 -7.24
CA GLN H 59 -11.11 -52.39 -7.40
C GLN H 59 -11.13 -52.78 -8.87
N MET H 60 -11.90 -52.08 -9.69
CA MET H 60 -11.85 -52.34 -11.14
C MET H 60 -10.46 -52.07 -11.68
N LEU H 61 -9.82 -50.99 -11.23
CA LEU H 61 -8.48 -50.66 -11.69
C LEU H 61 -7.49 -51.74 -11.30
N LYS H 62 -7.60 -52.26 -10.07
CA LYS H 62 -6.71 -53.32 -9.62
C LYS H 62 -6.93 -54.60 -10.43
N GLU H 63 -8.19 -54.91 -10.74
CA GLU H 63 -8.47 -56.07 -11.59
C GLU H 63 -7.84 -55.90 -12.96
N THR H 64 -7.94 -54.70 -13.53
CA THR H 64 -7.31 -54.43 -14.83
C THR H 64 -5.81 -54.62 -14.76
N ILE H 65 -5.18 -54.07 -13.72
CA ILE H 65 -3.72 -54.16 -13.61
C ILE H 65 -3.29 -55.61 -13.44
N ASN H 66 -4.02 -56.38 -12.63
CA ASN H 66 -3.65 -57.77 -12.42
C ASN H 66 -3.81 -58.58 -13.71
N GLU H 67 -4.90 -58.36 -14.44
CA GLU H 67 -5.11 -59.16 -15.64
C GLU H 67 -4.14 -58.75 -16.75
N GLU H 68 -3.72 -57.49 -16.80
CA GLU H 68 -2.68 -57.12 -17.75
C GLU H 68 -1.31 -57.60 -17.30
N ALA H 69 -1.07 -57.75 -16.00
CA ALA H 69 0.16 -58.41 -15.56
C ALA H 69 0.16 -59.86 -16.01
N ALA H 70 -0.99 -60.53 -15.93
CA ALA H 70 -1.10 -61.89 -16.44
C ALA H 70 -0.84 -61.93 -17.94
N GLU H 71 -1.39 -60.98 -18.68
CA GLU H 71 -1.15 -60.93 -20.13
C GLU H 71 0.33 -60.68 -20.42
N TRP H 72 0.97 -59.78 -19.65
CA TRP H 72 2.39 -59.51 -19.82
C TRP H 72 3.22 -60.76 -19.59
N ASP H 73 2.89 -61.52 -18.54
CA ASP H 73 3.61 -62.76 -18.30
C ASP H 73 3.34 -63.78 -19.38
N ARG H 74 2.13 -63.78 -19.95
CA ARG H 74 1.83 -64.69 -21.06
C ARG H 74 2.67 -64.36 -22.28
N VAL H 75 2.81 -63.07 -22.61
CA VAL H 75 3.51 -62.68 -23.82
C VAL H 75 5.00 -62.98 -23.72
N HIS H 76 5.60 -62.65 -22.58
CA HIS H 76 7.01 -62.96 -22.35
C HIS H 76 7.12 -64.14 -21.39
N PRO H 77 7.49 -65.33 -21.88
CA PRO H 77 7.70 -66.45 -20.97
C PRO H 77 8.90 -66.23 -20.07
N VAL H 78 8.83 -66.80 -18.87
CA VAL H 78 9.92 -66.70 -17.91
C VAL H 78 10.99 -67.70 -18.32
N HIS H 79 12.21 -67.21 -18.53
CA HIS H 79 13.30 -68.06 -18.98
C HIS H 79 13.88 -68.82 -17.79
N ALA H 80 13.82 -70.14 -17.84
CA ALA H 80 14.32 -71.01 -16.77
C ALA H 80 15.82 -71.24 -17.00
N GLY H 81 16.61 -70.22 -16.67
CA GLY H 81 18.04 -70.30 -16.81
C GLY H 81 18.76 -69.45 -15.78
N PRO H 82 20.00 -69.81 -15.47
CA PRO H 82 20.78 -69.00 -14.53
C PRO H 82 21.01 -67.60 -15.05
N ILE H 83 21.01 -66.63 -14.14
CA ILE H 83 21.16 -65.23 -14.49
C ILE H 83 22.63 -64.87 -14.41
N ALA H 84 23.14 -64.21 -15.47
CA ALA H 84 24.52 -63.78 -15.47
C ALA H 84 24.76 -62.73 -14.40
N PRO H 85 25.93 -62.74 -13.76
CA PRO H 85 26.19 -61.73 -12.71
C PRO H 85 26.11 -60.30 -13.23
N GLY H 86 26.55 -60.06 -14.47
CA GLY H 86 26.44 -58.72 -15.03
C GLY H 86 25.00 -58.31 -15.28
N GLN H 87 24.18 -59.24 -15.74
CA GLN H 87 22.79 -58.96 -16.06
C GLN H 87 21.92 -59.10 -14.81
N MET H 88 20.62 -58.88 -14.98
CA MET H 88 19.66 -59.01 -13.90
C MET H 88 18.40 -59.67 -14.45
N ARG H 89 17.56 -60.14 -13.53
CA ARG H 89 16.38 -60.90 -13.91
C ARG H 89 15.42 -60.05 -14.74
N GLU H 90 14.76 -60.70 -15.68
CA GLU H 90 13.77 -60.01 -16.50
C GLU H 90 12.50 -59.75 -15.69
N PRO H 91 11.82 -58.63 -15.91
CA PRO H 91 10.65 -58.32 -15.11
C PRO H 91 9.47 -59.22 -15.45
N ARG H 92 8.60 -59.41 -14.47
CA ARG H 92 7.32 -60.08 -14.64
C ARG H 92 6.21 -59.05 -14.52
N GLY H 93 4.97 -59.51 -14.71
CA GLY H 93 3.84 -58.59 -14.66
C GLY H 93 3.71 -57.89 -13.31
N SER H 94 3.94 -58.63 -12.23
CA SER H 94 3.90 -58.05 -10.91
C SER H 94 4.99 -56.99 -10.75
N ASP H 95 6.18 -57.26 -11.30
CA ASP H 95 7.27 -56.28 -11.22
C ASP H 95 6.91 -55.00 -11.97
N ILE H 96 6.28 -55.12 -13.14
CA ILE H 96 5.82 -53.93 -13.85
C ILE H 96 4.78 -53.20 -13.01
N ALA H 97 3.90 -53.95 -12.34
CA ALA H 97 2.94 -53.32 -11.44
C ALA H 97 3.61 -52.67 -10.25
N GLY H 98 4.81 -53.14 -9.87
CA GLY H 98 5.54 -52.57 -8.76
C GLY H 98 5.46 -53.34 -7.46
N THR H 99 4.66 -54.39 -7.41
CA THR H 99 4.48 -55.11 -6.14
C THR H 99 5.73 -55.90 -5.77
N THR H 100 6.30 -56.65 -6.72
CA THR H 100 7.44 -57.50 -6.45
C THR H 100 8.77 -56.84 -6.78
N SER H 101 8.74 -55.60 -7.25
CA SER H 101 9.95 -54.89 -7.66
C SER H 101 10.19 -53.72 -6.72
N THR H 102 11.43 -53.61 -6.24
CA THR H 102 11.81 -52.50 -5.39
C THR H 102 12.16 -51.28 -6.24
N LEU H 103 12.42 -50.16 -5.57
CA LEU H 103 12.78 -48.94 -6.30
C LEU H 103 14.09 -49.12 -7.06
N GLN H 104 15.07 -49.79 -6.46
CA GLN H 104 16.35 -50.00 -7.13
C GLN H 104 16.17 -50.84 -8.39
N GLU H 105 15.39 -51.93 -8.31
CA GLU H 105 15.18 -52.77 -9.47
C GLU H 105 14.45 -52.04 -10.58
N GLN H 106 13.42 -51.26 -10.22
CA GLN H 106 12.70 -50.49 -11.22
C GLN H 106 13.61 -49.47 -11.89
N ILE H 107 14.42 -48.77 -11.10
CA ILE H 107 15.33 -47.78 -11.66
C ILE H 107 16.34 -48.44 -12.58
N GLY H 108 16.87 -49.59 -12.18
CA GLY H 108 17.80 -50.31 -13.03
C GLY H 108 17.16 -50.75 -14.34
N TRP H 109 15.91 -51.22 -14.26
CA TRP H 109 15.21 -51.62 -15.48
C TRP H 109 14.99 -50.42 -16.41
N MET H 110 14.59 -49.28 -15.86
CA MET H 110 14.36 -48.10 -16.67
C MET H 110 15.64 -47.48 -17.21
N THR H 111 16.81 -47.92 -16.72
CA THR H 111 18.10 -47.38 -17.16
C THR H 111 19.02 -48.51 -17.59
N ASN H 112 18.49 -49.43 -18.39
CA ASN H 112 19.23 -50.57 -18.90
C ASN H 112 19.47 -50.38 -20.40
N ASN H 113 20.35 -51.23 -20.96
CA ASN H 113 20.62 -51.24 -22.38
C ASN H 113 20.33 -52.64 -22.93
N PRO H 114 19.20 -52.85 -23.62
CA PRO H 114 18.14 -51.87 -23.94
C PRO H 114 17.28 -51.56 -22.73
N PRO H 115 16.63 -50.39 -22.70
CA PRO H 115 15.83 -50.02 -21.53
C PRO H 115 14.45 -50.63 -21.59
N ILE H 116 14.05 -51.29 -20.51
CA ILE H 116 12.69 -51.80 -20.36
C ILE H 116 11.86 -50.69 -19.72
N PRO H 117 10.90 -50.10 -20.42
CA PRO H 117 10.15 -48.94 -19.88
C PRO H 117 9.06 -49.36 -18.91
N VAL H 118 9.49 -49.89 -17.76
CA VAL H 118 8.56 -50.43 -16.77
C VAL H 118 7.55 -49.38 -16.35
N GLY H 119 8.00 -48.15 -16.13
CA GLY H 119 7.08 -47.09 -15.74
C GLY H 119 6.03 -46.81 -16.81
N GLU H 120 6.45 -46.80 -18.07
CA GLU H 120 5.51 -46.47 -19.15
C GLU H 120 4.52 -47.60 -19.39
N ILE H 121 4.97 -48.86 -19.31
CA ILE H 121 4.04 -49.99 -19.45
C ILE H 121 3.02 -49.96 -18.32
N TYR H 122 3.50 -49.74 -17.09
CA TYR H 122 2.57 -49.63 -15.97
C TYR H 122 1.61 -48.47 -16.17
N LYS H 123 2.11 -47.35 -16.70
CA LYS H 123 1.27 -46.19 -16.95
C LYS H 123 0.17 -46.52 -17.95
N ARG H 124 0.51 -47.27 -18.99
CA ARG H 124 -0.52 -47.68 -19.94
C ARG H 124 -1.56 -48.57 -19.28
N TRP H 125 -1.13 -49.50 -18.43
CA TRP H 125 -2.09 -50.35 -17.73
C TRP H 125 -3.04 -49.53 -16.87
N ILE H 126 -2.49 -48.58 -16.10
CA ILE H 126 -3.31 -47.73 -15.24
C ILE H 126 -4.25 -46.87 -16.08
N ILE H 127 -3.77 -46.36 -17.22
CA ILE H 127 -4.62 -45.50 -18.04
C ILE H 127 -5.76 -46.30 -18.65
N LEU H 128 -5.53 -47.56 -19.01
CA LEU H 128 -6.64 -48.36 -19.52
C LEU H 128 -7.62 -48.68 -18.40
N GLY H 129 -7.11 -48.96 -17.19
CA GLY H 129 -7.99 -49.14 -16.06
C GLY H 129 -8.86 -47.91 -15.82
N LEU H 130 -8.26 -46.72 -15.92
CA LEU H 130 -9.03 -45.49 -15.81
C LEU H 130 -10.03 -45.33 -16.93
N ASN H 131 -9.68 -45.80 -18.14
CA ASN H 131 -10.63 -45.77 -19.25
C ASN H 131 -11.85 -46.64 -18.93
N LYS H 132 -11.62 -47.83 -18.39
CA LYS H 132 -12.74 -48.67 -17.98
C LYS H 132 -13.54 -48.00 -16.88
N ILE H 133 -12.86 -47.31 -15.96
CA ILE H 133 -13.54 -46.64 -14.87
C ILE H 133 -14.47 -45.56 -15.41
N VAL H 134 -13.99 -44.73 -16.33
CA VAL H 134 -14.84 -43.64 -16.84
C VAL H 134 -15.96 -44.23 -17.68
N ARG H 135 -15.69 -45.30 -18.42
CA ARG H 135 -16.71 -45.89 -19.28
C ARG H 135 -17.85 -46.49 -18.47
N MET H 136 -17.53 -47.25 -17.41
CA MET H 136 -18.53 -48.04 -16.71
C MET H 136 -18.86 -47.53 -15.32
N TYR H 137 -17.86 -47.21 -14.50
CA TYR H 137 -18.11 -46.83 -13.13
C TYR H 137 -18.89 -45.51 -13.07
N SER H 138 -19.85 -45.45 -12.16
CA SER H 138 -20.63 -44.24 -11.91
C SER H 138 -20.65 -44.01 -10.40
N PRO H 139 -20.09 -42.91 -9.91
CA PRO H 139 -20.05 -42.69 -8.46
C PRO H 139 -21.43 -42.48 -7.89
N THR H 140 -21.60 -42.89 -6.64
CA THR H 140 -22.87 -42.71 -5.94
C THR H 140 -22.94 -41.29 -5.40
N SER H 141 -23.98 -40.56 -5.78
CA SER H 141 -24.17 -39.18 -5.35
C SER H 141 -25.42 -39.09 -4.47
N ILE H 142 -25.36 -38.20 -3.49
CA ILE H 142 -26.48 -38.04 -2.56
C ILE H 142 -27.71 -37.56 -3.30
N LEU H 143 -27.53 -36.80 -4.38
CA LEU H 143 -28.67 -36.34 -5.16
C LEU H 143 -29.41 -37.47 -5.85
N ASP H 144 -28.74 -38.59 -6.08
CA ASP H 144 -29.34 -39.74 -6.73
C ASP H 144 -30.13 -40.62 -5.77
N ILE H 145 -30.09 -40.33 -4.47
CA ILE H 145 -30.80 -41.13 -3.48
C ILE H 145 -32.22 -40.59 -3.36
N ARG H 146 -33.18 -41.35 -3.86
CA ARG H 146 -34.59 -41.00 -3.77
C ARG H 146 -35.35 -42.17 -3.18
N GLN H 147 -36.30 -41.86 -2.30
CA GLN H 147 -37.09 -42.90 -1.67
C GLN H 147 -37.98 -43.59 -2.70
N GLY H 148 -38.08 -44.91 -2.60
CA GLY H 148 -38.90 -45.68 -3.51
C GLY H 148 -40.38 -45.49 -3.24
N PRO H 149 -41.21 -45.91 -4.18
CA PRO H 149 -42.66 -45.80 -3.97
C PRO H 149 -43.17 -46.62 -2.80
N LYS H 150 -42.56 -47.78 -2.53
CA LYS H 150 -42.98 -48.67 -1.46
C LYS H 150 -41.78 -49.05 -0.60
N GLU H 151 -40.99 -48.05 -0.23
CA GLU H 151 -39.79 -48.27 0.56
C GLU H 151 -39.97 -47.70 1.96
N PRO H 152 -39.66 -48.46 3.00
CA PRO H 152 -39.77 -47.92 4.37
C PRO H 152 -38.86 -46.73 4.56
N PHE H 153 -39.32 -45.78 5.38
CA PHE H 153 -38.53 -44.58 5.63
C PHE H 153 -37.23 -44.89 6.34
N ARG H 154 -37.22 -45.92 7.19
CA ARG H 154 -35.97 -46.31 7.85
C ARG H 154 -34.93 -46.77 6.83
N ASP H 155 -35.34 -47.58 5.86
CA ASP H 155 -34.41 -48.04 4.83
C ASP H 155 -33.92 -46.89 3.98
N TYR H 156 -34.82 -45.96 3.62
CA TYR H 156 -34.40 -44.80 2.85
C TYR H 156 -33.42 -43.94 3.62
N VAL H 157 -33.66 -43.76 4.93
CA VAL H 157 -32.72 -42.99 5.74
C VAL H 157 -31.38 -43.70 5.83
N ASP H 158 -31.40 -45.03 5.96
CA ASP H 158 -30.14 -45.78 6.01
C ASP H 158 -29.36 -45.59 4.72
N ARG H 159 -30.03 -45.69 3.58
CA ARG H 159 -29.36 -45.50 2.30
C ARG H 159 -28.83 -44.07 2.18
N PHE H 160 -29.63 -43.08 2.58
CA PHE H 160 -29.22 -41.70 2.50
C PHE H 160 -27.98 -41.44 3.33
N TYR H 161 -27.94 -41.96 4.55
CA TYR H 161 -26.80 -41.71 5.41
C TYR H 161 -25.59 -42.51 4.98
N LYS H 162 -25.78 -43.72 4.44
CA LYS H 162 -24.65 -44.46 3.91
C LYS H 162 -24.00 -43.72 2.75
N THR H 163 -24.82 -43.20 1.83
CA THR H 163 -24.26 -42.43 0.72
C THR H 163 -23.68 -41.10 1.19
N LEU H 164 -24.24 -40.52 2.26
CA LEU H 164 -23.66 -39.31 2.82
C LEU H 164 -22.27 -39.57 3.37
N ARG H 165 -22.10 -40.66 4.13
CA ARG H 165 -20.79 -41.00 4.65
C ARG H 165 -19.81 -41.33 3.53
N ALA H 166 -20.28 -42.06 2.52
CA ALA H 166 -19.40 -42.37 1.40
C ALA H 166 -19.10 -41.13 0.56
N GLU H 167 -20.00 -40.15 0.56
CA GLU H 167 -19.80 -38.96 -0.24
C GLU H 167 -18.64 -38.13 0.30
N GLN H 168 -17.82 -37.61 -0.61
CA GLN H 168 -16.72 -36.71 -0.26
C GLN H 168 -17.24 -35.28 -0.25
N ALA H 169 -17.26 -34.66 0.93
CA ALA H 169 -17.76 -33.31 1.10
C ALA H 169 -17.39 -32.83 2.50
N SER H 170 -17.51 -31.53 2.72
CA SER H 170 -17.24 -30.95 4.03
C SER H 170 -18.37 -31.31 4.98
N GLN H 171 -18.06 -31.25 6.29
CA GLN H 171 -19.03 -31.64 7.29
C GLN H 171 -20.22 -30.69 7.32
N GLU H 172 -19.97 -29.38 7.21
CA GLU H 172 -21.07 -28.41 7.24
C GLU H 172 -21.97 -28.57 6.03
N VAL H 173 -21.40 -28.76 4.84
CA VAL H 173 -22.24 -28.96 3.67
C VAL H 173 -22.95 -30.30 3.76
N LYS H 174 -22.34 -31.30 4.40
CA LYS H 174 -23.04 -32.57 4.61
C LYS H 174 -24.24 -32.39 5.52
N ASN H 175 -24.09 -31.59 6.58
CA ASN H 175 -25.22 -31.30 7.45
C ASN H 175 -26.33 -30.57 6.70
N TRP H 176 -25.96 -29.60 5.86
CA TRP H 176 -26.96 -28.90 5.08
C TRP H 176 -27.67 -29.85 4.11
N MET H 177 -26.91 -30.77 3.50
CA MET H 177 -27.49 -31.73 2.57
C MET H 177 -28.44 -32.68 3.27
N THR H 178 -28.09 -33.17 4.46
CA THR H 178 -29.03 -34.04 5.16
C THR H 178 -30.20 -33.25 5.72
N GLU H 179 -30.06 -31.94 5.90
CA GLU H 179 -31.20 -31.12 6.28
C GLU H 179 -32.17 -30.96 5.11
N THR H 180 -31.65 -30.79 3.90
CA THR H 180 -32.51 -30.48 2.76
C THR H 180 -32.98 -31.73 2.01
N LEU H 181 -32.04 -32.52 1.48
CA LEU H 181 -32.37 -33.60 0.57
C LEU H 181 -33.08 -34.76 1.26
N LEU H 182 -32.92 -34.93 2.57
CA LEU H 182 -33.58 -36.03 3.25
C LEU H 182 -35.10 -35.90 3.16
N VAL H 183 -35.62 -34.70 3.31
CA VAL H 183 -37.04 -34.47 3.14
C VAL H 183 -37.38 -34.19 1.68
N GLN H 184 -36.47 -33.54 0.94
CA GLN H 184 -36.77 -33.19 -0.45
C GLN H 184 -36.96 -34.42 -1.32
N ASN H 185 -36.16 -35.46 -1.09
CA ASN H 185 -36.17 -36.64 -1.95
C ASN H 185 -37.09 -37.74 -1.44
N ALA H 186 -37.86 -37.49 -0.38
CA ALA H 186 -38.76 -38.51 0.13
C ALA H 186 -39.93 -38.72 -0.81
N ASN H 187 -40.46 -39.94 -0.80
CA ASN H 187 -41.59 -40.27 -1.65
C ASN H 187 -42.82 -39.50 -1.18
N PRO H 188 -43.80 -39.28 -2.07
CA PRO H 188 -44.92 -38.40 -1.72
C PRO H 188 -45.67 -38.80 -0.45
N ASP H 189 -45.86 -40.10 -0.21
CA ASP H 189 -46.56 -40.53 0.98
C ASP H 189 -45.84 -40.08 2.25
N CYS H 190 -44.51 -40.23 2.27
CA CYS H 190 -43.74 -39.75 3.41
C CYS H 190 -43.56 -38.24 3.38
N LYS H 191 -43.50 -37.64 2.21
CA LYS H 191 -43.30 -36.20 2.11
C LYS H 191 -44.50 -35.43 2.67
N THR H 192 -45.71 -35.97 2.48
CA THR H 192 -46.88 -35.34 3.06
C THR H 192 -46.78 -35.28 4.58
N ILE H 193 -46.39 -36.39 5.20
CA ILE H 193 -46.26 -36.42 6.65
C ILE H 193 -45.13 -35.52 7.12
N LEU H 194 -44.01 -35.51 6.38
CA LEU H 194 -42.90 -34.66 6.76
C LEU H 194 -43.28 -33.19 6.69
N LYS H 195 -44.02 -32.79 5.66
CA LYS H 195 -44.47 -31.41 5.57
C LYS H 195 -45.48 -31.09 6.67
N ALA H 196 -46.34 -32.05 7.02
CA ALA H 196 -47.29 -31.83 8.10
C ALA H 196 -46.59 -31.67 9.45
N LEU H 197 -45.46 -32.36 9.63
CA LEU H 197 -44.72 -32.24 10.89
C LEU H 197 -44.21 -30.83 11.12
N GLY H 198 -43.68 -30.19 10.08
CA GLY H 198 -43.12 -28.87 10.21
C GLY H 198 -41.60 -28.89 10.14
N PRO H 199 -41.00 -27.75 9.80
CA PRO H 199 -39.54 -27.70 9.67
C PRO H 199 -38.80 -28.00 10.96
N ALA H 200 -39.40 -27.71 12.12
CA ALA H 200 -38.72 -27.89 13.39
C ALA H 200 -38.62 -29.35 13.81
N ALA H 201 -39.29 -30.26 13.12
CA ALA H 201 -39.27 -31.66 13.50
C ALA H 201 -37.87 -32.25 13.38
N THR H 202 -37.48 -33.04 14.38
CA THR H 202 -36.19 -33.69 14.39
C THR H 202 -36.23 -34.98 13.57
N LEU H 203 -35.06 -35.59 13.39
CA LEU H 203 -34.97 -36.80 12.58
C LEU H 203 -35.78 -37.93 13.21
N GLU H 204 -35.70 -38.09 14.53
CA GLU H 204 -36.44 -39.16 15.19
C GLU H 204 -37.94 -38.97 15.04
N GLU H 205 -38.40 -37.71 15.17
CA GLU H 205 -39.82 -37.43 14.99
C GLU H 205 -40.29 -37.76 13.58
N MET H 206 -39.48 -37.39 12.58
CA MET H 206 -39.82 -37.73 11.20
C MET H 206 -39.87 -39.24 11.01
N MET H 207 -38.91 -39.95 11.59
CA MET H 207 -38.87 -41.41 11.44
C MET H 207 -40.10 -42.05 12.05
N THR H 208 -40.50 -41.64 13.26
CA THR H 208 -41.69 -42.24 13.85
C THR H 208 -42.96 -41.78 13.17
N ALA H 209 -42.92 -40.63 12.48
CA ALA H 209 -44.09 -40.21 11.71
C ALA H 209 -44.28 -41.06 10.47
N CYS H 210 -43.20 -41.34 9.74
CA CYS H 210 -43.29 -42.17 8.53
C CYS H 210 -43.16 -43.65 8.84
N GLN H 211 -43.02 -44.04 10.10
CA GLN H 211 -42.98 -45.45 10.45
C GLN H 211 -44.24 -46.17 10.01
N GLY H 212 -45.40 -45.52 10.15
CA GLY H 212 -46.66 -46.14 9.81
C GLY H 212 -47.07 -46.06 8.37
N VAL H 213 -46.31 -45.40 7.51
CA VAL H 213 -46.68 -45.29 6.10
C VAL H 213 -46.57 -46.65 5.44
N GLY H 214 -47.52 -46.96 4.56
CA GLY H 214 -47.54 -48.24 3.89
C GLY H 214 -48.18 -49.36 4.67
N GLY H 215 -48.51 -49.14 5.93
CA GLY H 215 -49.18 -50.15 6.73
C GLY H 215 -50.67 -50.16 6.46
N PRO H 216 -51.35 -51.15 7.04
CA PRO H 216 -52.81 -51.23 6.84
C PRO H 216 -53.55 -50.01 7.31
N GLY H 217 -53.13 -49.41 8.44
CA GLY H 217 -53.81 -48.23 8.92
C GLY H 217 -53.64 -47.04 8.00
N HIS H 218 -52.41 -46.81 7.51
CA HIS H 218 -52.18 -45.69 6.61
C HIS H 218 -52.90 -45.90 5.28
N LYS H 219 -52.91 -47.13 4.77
CA LYS H 219 -53.62 -47.41 3.53
C LYS H 219 -55.11 -47.18 3.71
N ALA H 220 -55.68 -47.63 4.83
CA ALA H 220 -57.09 -47.39 5.09
C ALA H 220 -57.38 -45.89 5.20
N ARG H 221 -56.50 -45.14 5.85
CA ARG H 221 -56.72 -43.70 6.01
C ARG H 221 -56.68 -42.98 4.67
N VAL H 222 -55.69 -43.30 3.84
CA VAL H 222 -55.59 -42.62 2.54
C VAL H 222 -56.74 -43.03 1.63
N LEU H 223 -57.15 -44.29 1.69
CA LEU H 223 -58.32 -44.72 0.92
C LEU H 223 -59.57 -43.98 1.39
N ALA H 224 -59.73 -43.81 2.69
CA ALA H 224 -60.87 -43.07 3.22
C ALA H 224 -60.85 -41.62 2.76
N GLU H 225 -59.67 -41.00 2.74
CA GLU H 225 -59.56 -39.63 2.25
C GLU H 225 -59.92 -39.55 0.78
N ALA H 226 -59.47 -40.53 -0.02
CA ALA H 226 -59.80 -40.53 -1.44
C ALA H 226 -61.30 -40.69 -1.67
N MET H 227 -61.93 -41.60 -0.92
CA MET H 227 -63.38 -41.76 -1.07
C MET H 227 -64.14 -40.56 -0.55
N SER H 228 -63.60 -39.86 0.46
CA SER H 228 -64.22 -38.61 0.89
C SER H 228 -64.14 -37.56 -0.21
N GLN H 229 -63.00 -37.48 -0.90
CA GLN H 229 -62.89 -36.56 -2.02
C GLN H 229 -63.87 -36.94 -3.14
N VAL H 230 -64.03 -38.24 -3.38
CA VAL H 230 -65.02 -38.71 -4.35
C VAL H 230 -66.42 -38.32 -3.90
N ILE H 231 -66.73 -38.54 -2.63
CA ILE H 231 -68.05 -38.24 -2.09
C ILE H 231 -68.09 -36.81 -1.56
N VAL I 3 11.39 -55.93 29.09
CA VAL I 3 11.21 -54.64 28.44
C VAL I 3 10.80 -53.59 29.47
N HIS I 4 11.39 -52.40 29.35
CA HIS I 4 11.12 -51.33 30.29
C HIS I 4 9.74 -50.69 30.09
N GLN I 5 9.22 -50.74 28.87
CA GLN I 5 7.92 -50.15 28.56
C GLN I 5 6.82 -51.21 28.54
N ALA I 6 6.91 -52.20 29.43
CA ALA I 6 5.91 -53.26 29.47
C ALA I 6 4.57 -52.71 29.92
N ILE I 7 3.57 -53.58 29.90
CA ILE I 7 2.22 -53.20 30.29
C ILE I 7 2.11 -53.24 31.82
N SER I 8 1.22 -52.42 32.35
CA SER I 8 0.90 -52.37 33.77
C SER I 8 -0.61 -52.55 33.93
N PRO I 9 -1.06 -53.00 35.10
CA PRO I 9 -2.50 -53.24 35.25
C PRO I 9 -3.35 -52.01 35.03
N ARG I 10 -2.87 -50.83 35.43
CA ARG I 10 -3.72 -49.65 35.40
C ARG I 10 -3.90 -49.12 33.98
N THR I 11 -2.88 -49.19 33.13
CA THR I 11 -3.06 -48.78 31.75
C THR I 11 -4.00 -49.73 31.00
N LEU I 12 -3.91 -51.03 31.30
CA LEU I 12 -4.85 -51.97 30.70
C LEU I 12 -6.27 -51.70 31.16
N ASN I 13 -6.45 -51.40 32.44
CA ASN I 13 -7.77 -51.05 32.95
C ASN I 13 -8.28 -49.77 32.29
N ALA I 14 -7.38 -48.80 32.07
CA ALA I 14 -7.78 -47.56 31.43
C ALA I 14 -8.22 -47.81 29.99
N TRP I 15 -7.51 -48.68 29.27
CA TRP I 15 -7.93 -49.02 27.92
C TRP I 15 -9.29 -49.72 27.91
N VAL I 16 -9.50 -50.64 28.86
CA VAL I 16 -10.79 -51.31 28.95
C VAL I 16 -11.89 -50.28 29.21
N LYS I 17 -11.64 -49.34 30.13
CA LYS I 17 -12.64 -48.33 30.46
C LYS I 17 -12.93 -47.44 29.27
N VAL I 18 -11.90 -47.05 28.52
CA VAL I 18 -12.13 -46.14 27.40
C VAL I 18 -12.86 -46.85 26.28
N VAL I 19 -12.56 -48.13 26.03
CA VAL I 19 -13.26 -48.84 24.97
C VAL I 19 -14.70 -49.16 25.39
N GLU I 20 -14.94 -49.28 26.70
CA GLU I 20 -16.31 -49.51 27.17
C GLU I 20 -17.13 -48.22 27.17
N GLU I 21 -16.50 -47.08 27.44
CA GLU I 21 -17.24 -45.83 27.55
C GLU I 21 -17.44 -45.18 26.19
N LYS I 22 -16.36 -44.98 25.44
CA LYS I 22 -16.43 -44.26 24.18
C LYS I 22 -16.71 -45.18 22.99
N ALA I 23 -16.88 -46.48 23.23
CA ALA I 23 -17.16 -47.46 22.18
C ALA I 23 -16.10 -47.37 21.09
N PHE I 24 -16.45 -46.77 19.96
CA PHE I 24 -15.49 -46.56 18.87
C PHE I 24 -15.63 -45.16 18.30
N SER I 25 -15.78 -44.18 19.18
CA SER I 25 -15.74 -42.79 18.78
C SER I 25 -14.33 -42.45 18.30
N PRO I 26 -14.19 -41.41 17.48
CA PRO I 26 -12.83 -41.04 17.01
C PRO I 26 -11.85 -40.80 18.14
N GLU I 27 -12.32 -40.32 19.29
CA GLU I 27 -11.44 -40.07 20.43
C GLU I 27 -10.78 -41.35 20.96
N VAL I 28 -11.15 -42.52 20.44
CA VAL I 28 -10.46 -43.74 20.84
C VAL I 28 -9.14 -43.90 20.11
N ILE I 29 -8.97 -43.29 18.94
CA ILE I 29 -7.70 -43.39 18.21
C ILE I 29 -6.56 -42.74 18.99
N PRO I 30 -6.70 -41.49 19.47
CA PRO I 30 -5.59 -40.93 20.26
C PRO I 30 -5.32 -41.70 21.53
N MET I 31 -6.37 -42.11 22.24
CA MET I 31 -6.19 -42.82 23.49
C MET I 31 -5.32 -44.05 23.29
N PHE I 32 -5.69 -44.90 22.33
CA PHE I 32 -4.87 -46.05 21.98
C PHE I 32 -3.45 -45.63 21.66
N SER I 33 -3.30 -44.57 20.87
CA SER I 33 -1.97 -44.12 20.45
C SER I 33 -1.09 -43.80 21.64
N ALA I 34 -1.68 -43.46 22.78
CA ALA I 34 -0.90 -43.16 23.97
C ALA I 34 -0.94 -44.27 25.00
N LEU I 35 -1.86 -45.23 24.86
CA LEU I 35 -2.02 -46.29 25.84
C LEU I 35 -1.19 -47.52 25.54
N SER I 36 -0.49 -47.53 24.39
CA SER I 36 0.31 -48.68 23.99
C SER I 36 1.65 -48.25 23.40
N GLU I 37 2.11 -47.06 23.75
CA GLU I 37 3.38 -46.57 23.24
C GLU I 37 4.52 -47.41 23.79
N GLY I 38 5.23 -48.10 22.89
CA GLY I 38 6.34 -48.94 23.28
C GLY I 38 5.94 -50.32 23.78
N ALA I 39 4.65 -50.64 23.79
CA ALA I 39 4.21 -51.95 24.25
C ALA I 39 4.62 -53.03 23.27
N THR I 40 4.94 -54.21 23.81
CA THR I 40 5.30 -55.35 22.98
C THR I 40 4.07 -55.83 22.21
N PRO I 41 4.27 -56.54 21.10
CA PRO I 41 3.12 -57.08 20.36
C PRO I 41 2.22 -57.98 21.20
N GLN I 42 2.80 -58.77 22.11
CA GLN I 42 1.96 -59.61 22.98
C GLN I 42 1.11 -58.75 23.90
N ASP I 43 1.68 -57.67 24.45
CA ASP I 43 0.88 -56.74 25.24
C ASP I 43 -0.19 -56.07 24.40
N LEU I 44 0.11 -55.79 23.13
CA LEU I 44 -0.90 -55.21 22.25
C LEU I 44 -2.04 -56.19 22.00
N ASN I 45 -1.71 -57.46 21.81
CA ASN I 45 -2.75 -58.49 21.66
C ASN I 45 -3.58 -58.61 22.93
N THR I 46 -2.94 -58.55 24.09
CA THR I 46 -3.67 -58.57 25.35
C THR I 46 -4.61 -57.37 25.46
N MET I 47 -4.13 -56.21 25.02
CA MET I 47 -4.98 -55.02 24.99
C MET I 47 -6.19 -55.24 24.09
N LEU I 48 -5.97 -55.84 22.92
CA LEU I 48 -7.05 -56.00 21.95
C LEU I 48 -8.03 -57.08 22.35
N ASN I 49 -7.59 -58.07 23.13
CA ASN I 49 -8.49 -59.16 23.51
C ASN I 49 -9.58 -58.69 24.47
N THR I 50 -9.30 -57.66 25.27
CA THR I 50 -10.23 -57.23 26.30
C THR I 50 -11.44 -56.49 25.74
N VAL I 51 -11.47 -56.19 24.45
CA VAL I 51 -12.62 -55.49 23.88
C VAL I 51 -13.80 -56.45 23.87
N GLY I 52 -14.76 -56.20 24.75
CA GLY I 52 -15.98 -57.01 24.79
C GLY I 52 -17.01 -56.46 23.83
N GLY I 53 -17.66 -57.38 23.11
CA GLY I 53 -18.60 -56.97 22.09
C GLY I 53 -17.89 -56.43 20.87
N HIS I 54 -18.69 -55.81 20.00
CA HIS I 54 -18.20 -55.26 18.74
C HIS I 54 -17.44 -56.32 17.94
N GLN I 55 -18.08 -57.48 17.78
CA GLN I 55 -17.44 -58.58 17.07
C GLN I 55 -17.17 -58.21 15.61
N ALA I 56 -18.10 -57.51 14.97
CA ALA I 56 -17.90 -57.10 13.59
C ALA I 56 -16.69 -56.18 13.46
N ALA I 57 -16.60 -55.19 14.35
CA ALA I 57 -15.46 -54.27 14.31
C ALA I 57 -14.16 -55.01 14.58
N MET I 58 -14.18 -55.98 15.49
CA MET I 58 -12.99 -56.77 15.75
C MET I 58 -12.58 -57.57 14.52
N GLN I 59 -13.55 -58.11 13.79
CA GLN I 59 -13.24 -58.84 12.56
C GLN I 59 -12.64 -57.92 11.51
N MET I 60 -13.18 -56.70 11.37
CA MET I 60 -12.60 -55.73 10.44
C MET I 60 -11.16 -55.40 10.83
N LEU I 61 -10.92 -55.21 12.14
CA LEU I 61 -9.57 -54.91 12.60
C LEU I 61 -8.62 -56.08 12.32
N LYS I 62 -9.10 -57.31 12.52
CA LYS I 62 -8.25 -58.48 12.24
C LYS I 62 -7.95 -58.59 10.75
N GLU I 63 -8.93 -58.30 9.90
CA GLU I 63 -8.69 -58.30 8.46
C GLU I 63 -7.65 -57.25 8.09
N THR I 64 -7.74 -56.07 8.70
CA THR I 64 -6.74 -55.03 8.47
C THR I 64 -5.36 -55.50 8.89
N ILE I 65 -5.26 -56.14 10.06
CA ILE I 65 -3.97 -56.61 10.54
C ILE I 65 -3.40 -57.64 9.57
N ASN I 66 -4.23 -58.58 9.11
CA ASN I 66 -3.75 -59.61 8.19
C ASN I 66 -3.25 -59.00 6.89
N GLU I 67 -4.02 -58.06 6.33
CA GLU I 67 -3.63 -57.44 5.07
C GLU I 67 -2.37 -56.59 5.21
N GLU I 68 -2.22 -55.90 6.35
CA GLU I 68 -1.01 -55.12 6.55
C GLU I 68 0.19 -56.02 6.82
N ALA I 69 -0.02 -57.16 7.46
CA ALA I 69 1.07 -58.14 7.58
C ALA I 69 1.47 -58.68 6.23
N ALA I 70 0.50 -58.91 5.35
CA ALA I 70 0.83 -59.34 3.99
C ALA I 70 1.63 -58.27 3.26
N GLU I 71 1.22 -57.00 3.39
CA GLU I 71 1.97 -55.91 2.77
C GLU I 71 3.38 -55.81 3.34
N TRP I 72 3.52 -55.97 4.65
CA TRP I 72 4.84 -55.93 5.28
C TRP I 72 5.72 -57.07 4.77
N ASP I 73 5.14 -58.26 4.61
CA ASP I 73 5.91 -59.39 4.10
C ASP I 73 6.30 -59.17 2.65
N ARG I 74 5.43 -58.55 1.84
CA ARG I 74 5.79 -58.29 0.46
C ARG I 74 6.85 -57.19 0.35
N VAL I 75 6.85 -56.23 1.26
CA VAL I 75 7.89 -55.20 1.25
C VAL I 75 9.23 -55.78 1.69
N HIS I 76 9.22 -56.65 2.70
CA HIS I 76 10.43 -57.27 3.20
C HIS I 76 10.51 -58.70 2.72
N PRO I 77 11.21 -58.98 1.62
CA PRO I 77 11.28 -60.37 1.13
C PRO I 77 12.04 -61.27 2.08
N VAL I 78 11.67 -62.55 2.06
CA VAL I 78 12.33 -63.53 2.92
C VAL I 78 13.72 -63.82 2.39
N HIS I 79 14.72 -63.73 3.27
CA HIS I 79 16.11 -63.99 2.91
C HIS I 79 16.47 -65.41 3.34
N ALA I 80 16.95 -66.21 2.39
CA ALA I 80 17.31 -67.59 2.66
C ALA I 80 18.72 -67.65 3.25
N GLY I 81 19.26 -68.86 3.38
CA GLY I 81 20.57 -69.06 3.94
C GLY I 81 20.53 -69.26 5.43
N PRO I 82 21.58 -69.85 6.00
CA PRO I 82 21.62 -70.05 7.44
C PRO I 82 21.64 -68.73 8.19
N ILE I 83 20.99 -68.72 9.35
CA ILE I 83 20.91 -67.53 10.19
C ILE I 83 22.15 -67.49 11.08
N ALA I 84 22.78 -66.31 11.14
CA ALA I 84 23.97 -66.16 11.97
C ALA I 84 23.61 -66.34 13.44
N PRO I 85 24.39 -67.11 14.20
CA PRO I 85 24.07 -67.30 15.63
C PRO I 85 24.01 -66.01 16.43
N GLY I 86 24.86 -65.03 16.09
CA GLY I 86 24.81 -63.75 16.79
C GLY I 86 23.49 -63.03 16.58
N GLN I 87 22.99 -63.03 15.35
CA GLN I 87 21.70 -62.45 15.04
C GLN I 87 20.62 -63.52 15.23
N MET I 88 19.40 -63.20 14.78
CA MET I 88 18.32 -64.17 14.82
C MET I 88 17.30 -63.78 13.75
N ARG I 89 16.40 -64.71 13.46
CA ARG I 89 15.51 -64.57 12.31
C ARG I 89 14.70 -63.28 12.37
N GLU I 90 14.61 -62.62 11.23
CA GLU I 90 13.87 -61.37 11.13
C GLU I 90 12.37 -61.63 11.14
N PRO I 91 11.56 -60.64 11.53
CA PRO I 91 10.10 -60.83 11.51
C PRO I 91 9.60 -61.07 10.10
N ARG I 92 8.51 -61.82 10.00
CA ARG I 92 7.94 -62.23 8.71
C ARG I 92 6.46 -61.85 8.64
N GLY I 93 6.14 -60.63 9.03
CA GLY I 93 4.79 -60.13 8.91
C GLY I 93 3.87 -60.61 10.01
N SER I 94 3.54 -61.90 9.99
CA SER I 94 2.79 -62.48 11.11
C SER I 94 3.61 -62.44 12.39
N ASP I 95 4.94 -62.45 12.27
CA ASP I 95 5.80 -62.32 13.43
C ASP I 95 5.60 -60.96 14.10
N ILE I 96 5.44 -59.90 13.30
CA ILE I 96 5.07 -58.61 13.85
C ILE I 96 3.73 -58.71 14.57
N ALA I 97 2.77 -59.39 13.95
CA ALA I 97 1.45 -59.56 14.54
C ALA I 97 1.46 -60.43 15.79
N GLY I 98 2.56 -61.13 16.08
CA GLY I 98 2.62 -61.97 17.25
C GLY I 98 1.85 -63.27 17.14
N THR I 99 1.38 -63.63 15.94
CA THR I 99 0.63 -64.87 15.77
C THR I 99 1.50 -66.08 16.10
N THR I 100 2.75 -66.08 15.64
CA THR I 100 3.66 -67.20 15.88
C THR I 100 4.89 -66.82 16.69
N SER I 101 5.21 -65.53 16.80
CA SER I 101 6.38 -65.10 17.54
C SER I 101 6.09 -65.03 19.02
N THR I 102 6.98 -65.62 19.82
CA THR I 102 6.85 -65.59 21.28
C THR I 102 7.36 -64.25 21.82
N LEU I 103 7.12 -64.02 23.11
CA LEU I 103 7.58 -62.78 23.73
C LEU I 103 9.09 -62.67 23.72
N GLN I 104 9.80 -63.79 23.86
CA GLN I 104 11.26 -63.73 23.87
C GLN I 104 11.78 -63.18 22.55
N GLU I 105 11.22 -63.65 21.44
CA GLU I 105 11.63 -63.15 20.13
C GLU I 105 11.24 -61.69 19.95
N GLN I 106 10.07 -61.31 20.45
CA GLN I 106 9.64 -59.91 20.35
C GLN I 106 10.59 -58.99 21.09
N ILE I 107 10.95 -59.35 22.33
CA ILE I 107 11.86 -58.50 23.09
C ILE I 107 13.26 -58.54 22.49
N GLY I 108 13.65 -59.67 21.88
CA GLY I 108 14.91 -59.70 21.17
C GLY I 108 14.92 -58.73 20.00
N TRP I 109 13.81 -58.65 19.27
CA TRP I 109 13.71 -57.68 18.18
C TRP I 109 13.74 -56.25 18.71
N MET I 110 13.02 -55.99 19.81
CA MET I 110 12.92 -54.63 20.31
C MET I 110 14.25 -54.11 20.86
N THR I 111 15.09 -55.00 21.40
CA THR I 111 16.39 -54.62 21.94
C THR I 111 17.55 -55.11 21.08
N ASN I 112 17.31 -55.37 19.80
CA ASN I 112 18.37 -55.81 18.91
C ASN I 112 19.25 -54.63 18.51
N ASN I 113 20.37 -54.96 17.85
CA ASN I 113 21.31 -53.96 17.34
C ASN I 113 21.49 -54.15 15.85
N PRO I 114 20.82 -53.37 15.00
CA PRO I 114 19.86 -52.29 15.33
C PRO I 114 18.51 -52.84 15.74
N PRO I 115 17.76 -52.08 16.54
CA PRO I 115 16.45 -52.57 16.98
C PRO I 115 15.42 -52.56 15.86
N ILE I 116 14.53 -53.54 15.90
CA ILE I 116 13.39 -53.62 15.00
C ILE I 116 12.14 -53.30 15.82
N PRO I 117 11.53 -52.14 15.65
CA PRO I 117 10.39 -51.73 16.48
C PRO I 117 9.08 -52.41 16.08
N VAL I 118 8.93 -53.67 16.49
CA VAL I 118 7.73 -54.43 16.16
C VAL I 118 6.50 -53.76 16.75
N GLY I 119 6.63 -53.21 17.96
CA GLY I 119 5.50 -52.58 18.61
C GLY I 119 4.97 -51.39 17.85
N GLU I 120 5.86 -50.62 17.22
CA GLU I 120 5.43 -49.41 16.52
C GLU I 120 4.70 -49.75 15.23
N ILE I 121 5.20 -50.73 14.47
CA ILE I 121 4.50 -51.18 13.27
C ILE I 121 3.15 -51.77 13.65
N TYR I 122 3.12 -52.56 14.72
CA TYR I 122 1.85 -53.06 15.22
C TYR I 122 0.90 -51.92 15.56
N LYS I 123 1.41 -50.89 16.23
CA LYS I 123 0.58 -49.76 16.60
C LYS I 123 0.00 -49.08 15.36
N ARG I 124 0.81 -48.92 14.32
CA ARG I 124 0.30 -48.32 13.09
C ARG I 124 -0.79 -49.18 12.48
N TRP I 125 -0.61 -50.50 12.46
CA TRP I 125 -1.61 -51.39 11.89
C TRP I 125 -2.93 -51.30 12.67
N ILE I 126 -2.85 -51.35 13.99
CA ILE I 126 -4.07 -51.26 14.80
C ILE I 126 -4.70 -49.88 14.65
N ILE I 127 -3.89 -48.83 14.51
CA ILE I 127 -4.46 -47.49 14.33
C ILE I 127 -5.23 -47.42 13.03
N LEU I 128 -4.69 -48.02 11.97
CA LEU I 128 -5.43 -48.08 10.71
C LEU I 128 -6.72 -48.88 10.87
N GLY I 129 -6.65 -50.00 11.58
CA GLY I 129 -7.85 -50.79 11.81
C GLY I 129 -8.93 -50.02 12.55
N LEU I 130 -8.54 -49.35 13.64
CA LEU I 130 -9.51 -48.57 14.38
C LEU I 130 -10.01 -47.38 13.59
N ASN I 131 -9.16 -46.81 12.72
CA ASN I 131 -9.62 -45.72 11.86
C ASN I 131 -10.70 -46.20 10.92
N LYS I 132 -10.51 -47.37 10.31
CA LYS I 132 -11.57 -47.93 9.47
C LYS I 132 -12.80 -48.23 10.30
N ILE I 133 -12.62 -48.71 11.54
CA ILE I 133 -13.74 -49.06 12.39
C ILE I 133 -14.60 -47.82 12.66
N VAL I 134 -13.96 -46.71 13.04
CA VAL I 134 -14.75 -45.50 13.33
C VAL I 134 -15.34 -44.93 12.05
N ARG I 135 -14.59 -45.00 10.94
CA ARG I 135 -15.07 -44.44 9.69
C ARG I 135 -16.32 -45.16 9.18
N MET I 136 -16.32 -46.48 9.22
CA MET I 136 -17.36 -47.28 8.59
C MET I 136 -18.27 -47.98 9.58
N TYR I 137 -17.71 -48.74 10.52
CA TYR I 137 -18.53 -49.52 11.44
C TYR I 137 -19.35 -48.60 12.33
N SER I 138 -20.64 -48.92 12.45
CA SER I 138 -21.54 -48.24 13.37
C SER I 138 -22.16 -49.28 14.29
N PRO I 139 -21.91 -49.21 15.60
CA PRO I 139 -22.44 -50.25 16.50
C PRO I 139 -23.95 -50.25 16.51
N THR I 140 -24.52 -51.44 16.60
CA THR I 140 -25.98 -51.57 16.67
C THR I 140 -26.48 -51.08 18.03
N SER I 141 -27.52 -50.26 18.01
CA SER I 141 -28.07 -49.67 19.22
C SER I 141 -29.55 -50.01 19.33
N ILE I 142 -29.98 -50.34 20.55
CA ILE I 142 -31.37 -50.66 20.79
C ILE I 142 -32.26 -49.44 20.54
N LEU I 143 -31.69 -48.24 20.63
CA LEU I 143 -32.46 -47.04 20.32
C LEU I 143 -32.79 -46.95 18.84
N ASP I 144 -32.00 -47.59 17.99
CA ASP I 144 -32.20 -47.56 16.54
C ASP I 144 -33.07 -48.70 16.03
N ILE I 145 -33.53 -49.58 16.91
CA ILE I 145 -34.34 -50.72 16.49
C ILE I 145 -35.78 -50.22 16.34
N ARG I 146 -36.22 -50.05 15.10
CA ARG I 146 -37.59 -49.70 14.79
C ARG I 146 -38.15 -50.72 13.81
N GLN I 147 -39.44 -50.99 13.92
CA GLN I 147 -40.08 -52.06 13.18
C GLN I 147 -40.80 -51.51 11.96
N GLY I 148 -40.53 -52.10 10.80
CA GLY I 148 -41.12 -51.65 9.56
C GLY I 148 -42.62 -51.76 9.57
N PRO I 149 -43.29 -50.93 8.77
CA PRO I 149 -44.77 -50.92 8.79
C PRO I 149 -45.38 -52.27 8.46
N LYS I 150 -44.78 -53.01 7.54
CA LYS I 150 -45.25 -54.35 7.19
C LYS I 150 -44.53 -55.45 7.95
N GLU I 151 -43.60 -55.10 8.82
CA GLU I 151 -42.84 -56.11 9.55
C GLU I 151 -43.73 -56.79 10.58
N PRO I 152 -43.67 -58.11 10.69
CA PRO I 152 -44.45 -58.81 11.72
C PRO I 152 -44.00 -58.40 13.11
N PHE I 153 -44.95 -58.38 14.05
CA PHE I 153 -44.61 -58.03 15.42
C PHE I 153 -43.66 -59.05 16.04
N ARG I 154 -43.87 -60.34 15.73
CA ARG I 154 -42.98 -61.36 16.27
C ARG I 154 -41.55 -61.18 15.78
N ASP I 155 -41.38 -60.87 14.49
CA ASP I 155 -40.04 -60.64 13.96
C ASP I 155 -39.41 -59.41 14.58
N TYR I 156 -40.21 -58.35 14.80
CA TYR I 156 -39.68 -57.17 15.47
C TYR I 156 -39.24 -57.49 16.89
N VAL I 157 -40.03 -58.29 17.61
CA VAL I 157 -39.65 -58.69 18.96
C VAL I 157 -38.36 -59.49 18.94
N ASP I 158 -38.23 -60.40 17.97
CA ASP I 158 -37.00 -61.19 17.87
C ASP I 158 -35.80 -60.32 17.59
N ARG I 159 -35.92 -59.36 16.67
CA ARG I 159 -34.80 -58.46 16.37
C ARG I 159 -34.47 -57.60 17.57
N PHE I 160 -35.49 -57.09 18.26
CA PHE I 160 -35.28 -56.27 19.45
C PHE I 160 -34.55 -57.05 20.52
N TYR I 161 -34.95 -58.30 20.76
CA TYR I 161 -34.29 -59.11 21.78
C TYR I 161 -32.87 -59.48 21.37
N LYS I 162 -32.65 -59.75 20.08
CA LYS I 162 -31.29 -60.03 19.62
C LYS I 162 -30.38 -58.83 19.83
N THR I 163 -30.88 -57.63 19.52
CA THR I 163 -30.09 -56.43 19.76
C THR I 163 -29.87 -56.20 21.25
N LEU I 164 -30.91 -56.45 22.06
CA LEU I 164 -30.81 -56.27 23.51
C LEU I 164 -29.75 -57.18 24.11
N ARG I 165 -29.70 -58.44 23.66
CA ARG I 165 -28.76 -59.42 24.17
C ARG I 165 -27.33 -59.00 23.87
N ALA I 166 -27.16 -58.05 22.93
CA ALA I 166 -25.84 -57.54 22.58
C ALA I 166 -25.57 -56.15 23.09
N GLU I 167 -26.59 -55.38 23.47
CA GLU I 167 -26.36 -54.06 24.04
C GLU I 167 -25.61 -54.18 25.36
N GLN I 168 -24.63 -53.29 25.55
CA GLN I 168 -23.89 -53.25 26.81
C GLN I 168 -24.70 -52.41 27.80
N ALA I 169 -25.28 -53.08 28.78
CA ALA I 169 -26.13 -52.41 29.76
C ALA I 169 -26.38 -53.37 30.91
N SER I 170 -26.61 -52.79 32.09
CA SER I 170 -26.94 -53.60 33.26
C SER I 170 -28.30 -54.24 33.07
N GLN I 171 -28.47 -55.44 33.64
CA GLN I 171 -29.70 -56.19 33.48
C GLN I 171 -30.93 -55.38 33.87
N GLU I 172 -30.81 -54.53 34.89
CA GLU I 172 -31.94 -53.72 35.32
C GLU I 172 -32.32 -52.71 34.25
N VAL I 173 -31.35 -51.96 33.74
CA VAL I 173 -31.66 -51.00 32.69
C VAL I 173 -31.99 -51.70 31.39
N LYS I 174 -31.49 -52.94 31.20
CA LYS I 174 -31.88 -53.73 30.05
C LYS I 174 -33.36 -54.08 30.10
N ASN I 175 -33.84 -54.51 31.27
CA ASN I 175 -35.26 -54.78 31.44
C ASN I 175 -36.08 -53.50 31.30
N TRP I 176 -35.55 -52.39 31.79
CA TRP I 176 -36.24 -51.11 31.62
C TRP I 176 -36.36 -50.75 30.14
N MET I 177 -35.31 -50.95 29.36
CA MET I 177 -35.37 -50.69 27.93
C MET I 177 -36.35 -51.64 27.25
N THR I 178 -36.39 -52.90 27.70
CA THR I 178 -37.37 -53.85 27.17
C THR I 178 -38.79 -53.36 27.43
N GLU I 179 -39.06 -52.87 28.64
CA GLU I 179 -40.41 -52.48 29.00
C GLU I 179 -40.80 -51.10 28.47
N THR I 180 -39.83 -50.27 28.08
CA THR I 180 -40.13 -48.91 27.64
C THR I 180 -39.91 -48.67 26.16
N LEU I 181 -39.22 -49.56 25.45
CA LEU I 181 -38.90 -49.33 24.05
C LEU I 181 -39.55 -50.31 23.09
N LEU I 182 -39.91 -51.51 23.54
CA LEU I 182 -40.56 -52.47 22.67
C LEU I 182 -41.90 -51.95 22.17
N VAL I 183 -42.74 -51.49 23.09
CA VAL I 183 -44.05 -50.96 22.71
C VAL I 183 -43.91 -49.61 22.01
N GLN I 184 -42.98 -48.78 22.49
CA GLN I 184 -42.89 -47.42 21.97
C GLN I 184 -42.47 -47.39 20.50
N ASN I 185 -41.56 -48.28 20.11
CA ASN I 185 -40.99 -48.25 18.76
C ASN I 185 -41.82 -49.00 17.74
N ALA I 186 -42.96 -49.57 18.13
CA ALA I 186 -43.81 -50.27 17.18
C ALA I 186 -44.50 -49.28 16.24
N ASN I 187 -44.90 -49.77 15.06
CA ASN I 187 -45.57 -48.90 14.10
C ASN I 187 -46.97 -48.57 14.60
N PRO I 188 -47.57 -47.49 14.09
CA PRO I 188 -48.88 -47.05 14.59
C PRO I 188 -49.93 -48.15 14.72
N ASP I 189 -49.97 -49.13 13.82
CA ASP I 189 -50.94 -50.21 13.96
C ASP I 189 -50.66 -51.03 15.22
N CYS I 190 -49.43 -51.52 15.36
CA CYS I 190 -49.07 -52.30 16.53
C CYS I 190 -49.13 -51.46 17.80
N LYS I 191 -48.71 -50.20 17.72
CA LYS I 191 -48.75 -49.33 18.89
C LYS I 191 -50.19 -49.09 19.35
N THR I 192 -51.10 -48.87 18.40
CA THR I 192 -52.50 -48.70 18.76
C THR I 192 -53.07 -49.97 19.37
N ILE I 193 -52.75 -51.12 18.79
CA ILE I 193 -53.23 -52.38 19.35
C ILE I 193 -52.73 -52.56 20.77
N LEU I 194 -51.47 -52.22 21.01
CA LEU I 194 -50.88 -52.42 22.34
C LEU I 194 -51.44 -51.43 23.35
N LYS I 195 -51.66 -50.18 22.93
CA LYS I 195 -52.28 -49.21 23.82
C LYS I 195 -53.68 -49.63 24.20
N ALA I 196 -54.45 -50.16 23.24
CA ALA I 196 -55.76 -50.71 23.59
C ALA I 196 -55.64 -51.92 24.48
N LEU I 197 -54.54 -52.68 24.36
CA LEU I 197 -54.37 -53.89 25.16
C LEU I 197 -54.27 -53.55 26.65
N GLY I 198 -53.52 -52.51 27.01
CA GLY I 198 -53.33 -52.14 28.39
C GLY I 198 -51.89 -52.20 28.82
N PRO I 199 -51.49 -51.31 29.73
CA PRO I 199 -50.09 -51.28 30.17
C PRO I 199 -49.66 -52.50 30.96
N ALA I 200 -50.59 -53.29 31.49
CA ALA I 200 -50.26 -54.44 32.32
C ALA I 200 -50.09 -55.73 31.53
N ALA I 201 -50.19 -55.66 30.20
CA ALA I 201 -50.11 -56.87 29.39
C ALA I 201 -48.70 -57.46 29.41
N THR I 202 -48.61 -58.78 29.45
CA THR I 202 -47.35 -59.49 29.40
C THR I 202 -46.88 -59.61 27.96
N LEU I 203 -45.62 -60.04 27.79
CA LEU I 203 -45.06 -60.17 26.45
C LEU I 203 -45.82 -61.21 25.63
N GLU I 204 -46.20 -62.33 26.24
CA GLU I 204 -46.94 -63.34 25.51
C GLU I 204 -48.29 -62.82 25.06
N GLU I 205 -49.00 -62.10 25.93
CA GLU I 205 -50.25 -61.48 25.54
C GLU I 205 -50.02 -60.44 24.46
N MET I 206 -48.92 -59.69 24.57
CA MET I 206 -48.56 -58.72 23.54
C MET I 206 -48.45 -59.39 22.18
N MET I 207 -47.68 -60.46 22.10
CA MET I 207 -47.48 -61.16 20.83
C MET I 207 -48.77 -61.77 20.32
N THR I 208 -49.56 -62.36 21.21
CA THR I 208 -50.82 -62.97 20.79
C THR I 208 -51.78 -61.93 20.23
N ALA I 209 -51.88 -60.77 20.90
CA ALA I 209 -52.78 -59.73 20.42
C ALA I 209 -52.30 -59.13 19.10
N CYS I 210 -50.98 -58.95 18.96
CA CYS I 210 -50.45 -58.29 17.77
C CYS I 210 -50.22 -59.25 16.62
N GLN I 211 -50.37 -60.56 16.83
CA GLN I 211 -50.17 -61.52 15.74
C GLN I 211 -51.17 -61.32 14.62
N GLY I 212 -52.38 -60.85 14.93
CA GLY I 212 -53.40 -60.69 13.93
C GLY I 212 -53.21 -59.51 13.00
N VAL I 213 -52.23 -58.64 13.28
CA VAL I 213 -52.02 -57.48 12.43
C VAL I 213 -51.44 -57.92 11.09
N GLY I 214 -51.73 -57.14 10.05
CA GLY I 214 -51.23 -57.40 8.72
C GLY I 214 -51.97 -58.46 7.94
N GLY I 215 -52.88 -59.20 8.57
CA GLY I 215 -53.62 -60.24 7.90
C GLY I 215 -54.86 -59.71 7.22
N PRO I 216 -55.58 -60.58 6.52
CA PRO I 216 -56.83 -60.14 5.88
C PRO I 216 -57.86 -59.62 6.85
N GLY I 217 -57.96 -60.23 8.03
CA GLY I 217 -58.95 -59.80 8.99
C GLY I 217 -58.69 -58.40 9.50
N HIS I 218 -57.44 -58.11 9.88
CA HIS I 218 -57.10 -56.79 10.41
C HIS I 218 -57.28 -55.72 9.34
N LYS I 219 -56.85 -56.02 8.10
CA LYS I 219 -57.02 -55.06 7.02
C LYS I 219 -58.49 -54.79 6.75
N ALA I 220 -59.32 -55.83 6.77
CA ALA I 220 -60.76 -55.64 6.58
C ALA I 220 -61.35 -54.80 7.71
N ARG I 221 -60.95 -55.06 8.96
CA ARG I 221 -61.47 -54.29 10.08
C ARG I 221 -61.07 -52.82 9.96
N VAL I 222 -59.82 -52.54 9.64
CA VAL I 222 -59.38 -51.15 9.60
C VAL I 222 -60.03 -50.43 8.43
N LEU I 223 -60.19 -51.11 7.29
CA LEU I 223 -60.89 -50.50 6.17
C LEU I 223 -62.34 -50.20 6.52
N ALA I 224 -63.02 -51.14 7.19
CA ALA I 224 -64.41 -50.91 7.58
C ALA I 224 -64.50 -49.76 8.58
N GLU I 225 -63.55 -49.68 9.51
CA GLU I 225 -63.56 -48.58 10.47
C GLU I 225 -63.37 -47.24 9.77
N ALA I 226 -62.44 -47.17 8.82
CA ALA I 226 -62.24 -45.92 8.07
C ALA I 226 -63.49 -45.56 7.26
N MET I 227 -64.12 -46.55 6.64
CA MET I 227 -65.33 -46.28 5.87
C MET I 227 -66.45 -45.78 6.77
N SER I 228 -66.61 -46.39 7.94
CA SER I 228 -67.65 -45.95 8.87
C SER I 228 -67.36 -44.54 9.36
N GLN I 229 -66.10 -44.23 9.63
CA GLN I 229 -65.73 -42.88 10.06
C GLN I 229 -66.02 -41.85 8.98
N VAL I 230 -65.72 -42.19 7.72
CA VAL I 230 -65.95 -41.24 6.63
C VAL I 230 -67.41 -41.20 6.19
N ILE I 231 -68.22 -42.16 6.61
CA ILE I 231 -69.63 -42.17 6.25
C ILE I 231 -70.49 -41.81 7.46
N VAL J 3 17.20 -32.96 -33.80
CA VAL J 3 16.71 -34.19 -33.22
C VAL J 3 15.66 -34.83 -34.15
N HIS J 4 15.45 -36.13 -33.98
CA HIS J 4 14.51 -36.84 -34.85
C HIS J 4 13.08 -36.35 -34.64
N GLN J 5 12.69 -36.10 -33.39
CA GLN J 5 11.33 -35.71 -33.06
C GLN J 5 11.14 -34.20 -33.04
N ALA J 6 11.94 -33.45 -33.79
CA ALA J 6 11.76 -32.01 -33.85
C ALA J 6 10.41 -31.68 -34.46
N ILE J 7 9.76 -30.66 -33.90
CA ILE J 7 8.40 -30.32 -34.33
C ILE J 7 8.44 -29.81 -35.77
N SER J 8 7.37 -30.10 -36.49
CA SER J 8 7.19 -29.71 -37.89
C SER J 8 6.24 -28.53 -37.98
N PRO J 9 6.15 -27.88 -39.14
CA PRO J 9 5.24 -26.73 -39.27
C PRO J 9 3.80 -27.05 -38.89
N ARG J 10 3.34 -28.26 -39.24
CA ARG J 10 1.95 -28.62 -38.97
C ARG J 10 1.67 -28.67 -37.47
N THR J 11 2.62 -29.19 -36.68
CA THR J 11 2.43 -29.23 -35.23
C THR J 11 2.36 -27.82 -34.66
N LEU J 12 3.23 -26.92 -35.12
CA LEU J 12 3.22 -25.56 -34.61
C LEU J 12 1.91 -24.86 -34.95
N ASN J 13 1.46 -25.00 -36.20
CA ASN J 13 0.20 -24.37 -36.59
C ASN J 13 -0.97 -24.96 -35.83
N ALA J 14 -0.97 -26.28 -35.62
CA ALA J 14 -2.05 -26.92 -34.89
C ALA J 14 -2.08 -26.46 -33.44
N TRP J 15 -0.91 -26.33 -32.81
CA TRP J 15 -0.88 -25.83 -31.43
C TRP J 15 -1.37 -24.39 -31.37
N VAL J 16 -0.94 -23.56 -32.33
CA VAL J 16 -1.43 -22.18 -32.38
C VAL J 16 -2.93 -22.16 -32.47
N LYS J 17 -3.50 -22.94 -33.39
CA LYS J 17 -4.95 -22.98 -33.55
C LYS J 17 -5.63 -23.50 -32.29
N VAL J 18 -5.00 -24.45 -31.61
CA VAL J 18 -5.57 -24.97 -30.37
C VAL J 18 -5.70 -23.86 -29.34
N VAL J 19 -4.65 -23.06 -29.20
CA VAL J 19 -4.71 -21.94 -28.25
C VAL J 19 -5.75 -20.92 -28.71
N GLU J 20 -5.86 -20.68 -30.02
CA GLU J 20 -6.81 -19.68 -30.50
C GLU J 20 -8.25 -20.08 -30.21
N GLU J 21 -8.64 -21.29 -30.61
CA GLU J 21 -10.03 -21.69 -30.43
C GLU J 21 -10.31 -22.13 -29.00
N LYS J 22 -9.59 -23.14 -28.51
CA LYS J 22 -9.94 -23.71 -27.21
C LYS J 22 -9.50 -22.83 -26.05
N ALA J 23 -8.76 -21.75 -26.31
CA ALA J 23 -8.26 -20.87 -25.26
C ALA J 23 -7.49 -21.67 -24.23
N PHE J 24 -7.98 -21.71 -23.00
CA PHE J 24 -7.40 -22.53 -21.94
C PHE J 24 -8.55 -23.34 -21.32
N SER J 25 -8.85 -24.47 -21.93
CA SER J 25 -9.89 -25.38 -21.51
C SER J 25 -9.22 -26.70 -21.14
N PRO J 26 -9.95 -27.67 -20.57
CA PRO J 26 -9.32 -28.97 -20.28
C PRO J 26 -8.77 -29.66 -21.51
N GLU J 27 -9.21 -29.30 -22.71
CA GLU J 27 -8.71 -29.90 -23.93
C GLU J 27 -7.30 -29.46 -24.29
N VAL J 28 -6.77 -28.44 -23.63
CA VAL J 28 -5.42 -27.97 -23.95
C VAL J 28 -4.38 -28.99 -23.48
N ILE J 29 -4.58 -29.57 -22.30
CA ILE J 29 -3.58 -30.49 -21.74
C ILE J 29 -3.33 -31.69 -22.63
N PRO J 30 -4.33 -32.39 -23.17
CA PRO J 30 -4.02 -33.52 -24.05
C PRO J 30 -3.26 -33.12 -25.29
N MET J 31 -3.76 -32.12 -26.03
CA MET J 31 -3.11 -31.70 -27.26
C MET J 31 -1.65 -31.33 -27.03
N PHE J 32 -1.40 -30.47 -26.04
CA PHE J 32 -0.03 -30.09 -25.75
C PHE J 32 0.82 -31.29 -25.36
N SER J 33 0.22 -32.29 -24.71
CA SER J 33 0.98 -33.46 -24.31
C SER J 33 1.31 -34.36 -25.49
N ALA J 34 0.63 -34.17 -26.63
CA ALA J 34 0.82 -35.03 -27.78
C ALA J 34 1.50 -34.33 -28.95
N LEU J 35 1.30 -33.02 -29.10
CA LEU J 35 1.95 -32.29 -30.18
C LEU J 35 3.43 -32.08 -29.91
N SER J 36 3.82 -31.95 -28.64
CA SER J 36 5.19 -31.67 -28.25
C SER J 36 5.90 -32.90 -27.69
N GLU J 37 5.45 -34.09 -28.07
CA GLU J 37 6.07 -35.31 -27.59
C GLU J 37 7.48 -35.44 -28.14
N GLY J 38 8.44 -35.72 -27.25
CA GLY J 38 9.82 -35.89 -27.65
C GLY J 38 10.45 -34.65 -28.24
N ALA J 39 9.88 -33.47 -28.00
CA ALA J 39 10.37 -32.25 -28.59
C ALA J 39 11.44 -31.61 -27.70
N THR J 40 12.41 -30.99 -28.34
CA THR J 40 13.45 -30.28 -27.62
C THR J 40 12.83 -29.09 -26.86
N PRO J 41 13.30 -28.80 -25.64
CA PRO J 41 12.71 -27.68 -24.89
C PRO J 41 12.82 -26.34 -25.58
N GLN J 42 13.76 -26.17 -26.52
CA GLN J 42 13.74 -24.98 -27.36
C GLN J 42 12.47 -24.94 -28.21
N ASP J 43 12.09 -26.08 -28.78
CA ASP J 43 10.81 -26.17 -29.49
C ASP J 43 9.64 -25.98 -28.54
N LEU J 44 9.77 -26.45 -27.30
CA LEU J 44 8.73 -26.18 -26.30
C LEU J 44 8.57 -24.70 -26.06
N ASN J 45 9.69 -23.98 -25.96
CA ASN J 45 9.62 -22.53 -25.79
C ASN J 45 9.02 -21.86 -27.02
N THR J 46 9.36 -22.35 -28.21
CA THR J 46 8.76 -21.82 -29.43
C THR J 46 7.26 -21.99 -29.42
N MET J 47 6.79 -23.16 -28.98
CA MET J 47 5.36 -23.40 -28.87
C MET J 47 4.74 -22.54 -27.78
N LEU J 48 5.47 -22.25 -26.72
CA LEU J 48 4.89 -21.43 -25.65
C LEU J 48 4.79 -19.97 -26.05
N ASN J 49 5.73 -19.49 -26.87
CA ASN J 49 5.74 -18.10 -27.29
C ASN J 49 4.57 -17.74 -28.20
N THR J 50 3.89 -18.71 -28.77
CA THR J 50 2.86 -18.44 -29.78
C THR J 50 1.52 -18.10 -29.18
N VAL J 51 1.39 -18.10 -27.85
CA VAL J 51 0.12 -17.84 -27.19
C VAL J 51 -0.14 -16.34 -27.27
N GLY J 52 -0.96 -15.92 -28.24
CA GLY J 52 -1.34 -14.52 -28.33
C GLY J 52 -2.34 -14.19 -27.24
N GLY J 53 -2.04 -13.14 -26.48
CA GLY J 53 -2.89 -12.79 -25.36
C GLY J 53 -2.69 -13.74 -24.20
N HIS J 54 -3.66 -13.71 -23.28
CA HIS J 54 -3.62 -14.52 -22.07
C HIS J 54 -2.32 -14.29 -21.30
N GLN J 55 -2.00 -13.01 -21.08
CA GLN J 55 -0.75 -12.66 -20.41
C GLN J 55 -0.72 -13.18 -18.98
N ALA J 56 -1.85 -13.09 -18.26
CA ALA J 56 -1.88 -13.58 -16.89
C ALA J 56 -1.66 -15.09 -16.84
N ALA J 57 -2.28 -15.82 -17.75
CA ALA J 57 -2.10 -17.27 -17.79
C ALA J 57 -0.64 -17.63 -18.08
N MET J 58 -0.01 -16.92 -19.00
CA MET J 58 1.39 -17.19 -19.30
C MET J 58 2.29 -16.84 -18.13
N GLN J 59 1.96 -15.79 -17.38
CA GLN J 59 2.71 -15.47 -16.18
C GLN J 59 2.60 -16.58 -15.14
N MET J 60 1.39 -17.10 -14.94
CA MET J 60 1.20 -18.22 -14.02
C MET J 60 2.00 -19.43 -14.49
N LEU J 61 1.99 -19.70 -15.80
CA LEU J 61 2.72 -20.83 -16.34
C LEU J 61 4.21 -20.68 -16.11
N LYS J 62 4.74 -19.47 -16.31
CA LYS J 62 6.16 -19.27 -16.08
C LYS J 62 6.51 -19.36 -14.59
N GLU J 63 5.60 -18.94 -13.72
CA GLU J 63 5.82 -19.16 -12.28
C GLU J 63 5.90 -20.64 -11.97
N THR J 64 5.01 -21.44 -12.57
CA THR J 64 5.08 -22.88 -12.37
C THR J 64 6.39 -23.45 -12.88
N ILE J 65 6.85 -23.01 -14.05
CA ILE J 65 8.12 -23.49 -14.58
C ILE J 65 9.26 -23.12 -13.65
N ASN J 66 9.23 -21.90 -13.10
CA ASN J 66 10.28 -21.47 -12.19
C ASN J 66 10.30 -22.33 -10.93
N GLU J 67 9.12 -22.61 -10.35
CA GLU J 67 9.11 -23.43 -9.15
C GLU J 67 9.50 -24.87 -9.44
N GLU J 68 9.14 -25.40 -10.61
CA GLU J 68 9.57 -26.75 -10.97
C GLU J 68 11.08 -26.79 -11.19
N ALA J 69 11.65 -25.75 -11.78
CA ALA J 69 13.10 -25.69 -11.94
C ALA J 69 13.79 -25.60 -10.59
N ALA J 70 13.21 -24.85 -9.66
CA ALA J 70 13.76 -24.81 -8.31
C ALA J 70 13.73 -26.19 -7.66
N GLU J 71 12.62 -26.92 -7.82
CA GLU J 71 12.55 -28.27 -7.28
C GLU J 71 13.57 -29.19 -7.94
N TRP J 72 13.75 -29.05 -9.25
CA TRP J 72 14.74 -29.87 -9.96
C TRP J 72 16.14 -29.60 -9.46
N ASP J 73 16.48 -28.33 -9.25
CA ASP J 73 17.79 -27.99 -8.69
C ASP J 73 17.92 -28.47 -7.25
N ARG J 74 16.80 -28.51 -6.51
CA ARG J 74 16.83 -29.01 -5.15
C ARG J 74 17.16 -30.50 -5.11
N VAL J 75 16.44 -31.30 -5.91
CA VAL J 75 16.64 -32.74 -5.87
C VAL J 75 18.00 -33.12 -6.44
N HIS J 76 18.40 -32.49 -7.55
CA HIS J 76 19.68 -32.80 -8.18
C HIS J 76 20.75 -31.85 -7.65
N PRO J 77 21.74 -32.33 -6.92
CA PRO J 77 22.77 -31.43 -6.39
C PRO J 77 23.72 -30.98 -7.50
N VAL J 78 24.35 -29.83 -7.25
CA VAL J 78 25.29 -29.27 -8.22
C VAL J 78 26.55 -30.12 -8.25
N HIS J 79 26.97 -30.51 -9.44
CA HIS J 79 28.17 -31.32 -9.59
C HIS J 79 29.41 -30.50 -9.21
N ALA J 80 30.32 -31.13 -8.48
CA ALA J 80 31.55 -30.49 -8.03
C ALA J 80 32.75 -31.16 -8.67
N GLY J 81 33.79 -30.37 -8.92
CA GLY J 81 35.00 -30.86 -9.52
C GLY J 81 34.99 -30.71 -11.03
N PRO J 82 36.11 -31.01 -11.67
CA PRO J 82 36.19 -30.90 -13.14
C PRO J 82 35.28 -31.90 -13.82
N ILE J 83 34.78 -31.50 -14.98
CA ILE J 83 33.91 -32.35 -15.79
C ILE J 83 34.76 -33.18 -16.74
N ALA J 84 34.42 -34.46 -16.88
CA ALA J 84 35.17 -35.33 -17.76
C ALA J 84 35.05 -34.87 -19.20
N PRO J 85 36.14 -34.86 -19.97
CA PRO J 85 36.05 -34.41 -21.37
C PRO J 85 35.10 -35.25 -22.21
N GLY J 86 35.02 -36.56 -21.95
CA GLY J 86 34.10 -37.39 -22.71
C GLY J 86 32.65 -37.06 -22.43
N GLN J 87 32.32 -36.83 -21.15
CA GLN J 87 30.97 -36.43 -20.76
C GLN J 87 30.83 -34.92 -20.88
N MET J 88 29.73 -34.38 -20.35
CA MET J 88 29.51 -32.95 -20.35
C MET J 88 28.70 -32.59 -19.11
N ARG J 89 28.64 -31.30 -18.82
CA ARG J 89 28.10 -30.83 -17.54
C ARG J 89 26.62 -31.17 -17.41
N GLU J 90 26.21 -31.44 -16.17
CA GLU J 90 24.86 -31.88 -15.88
C GLU J 90 23.87 -30.73 -16.07
N PRO J 91 22.63 -31.04 -16.43
CA PRO J 91 21.62 -29.99 -16.59
C PRO J 91 21.21 -29.38 -15.27
N ARG J 92 20.66 -28.18 -15.35
CA ARG J 92 20.05 -27.49 -14.22
C ARG J 92 18.60 -27.18 -14.53
N GLY J 93 17.87 -26.67 -13.54
CA GLY J 93 16.46 -26.41 -13.72
C GLY J 93 16.19 -25.40 -14.82
N SER J 94 16.98 -24.33 -14.87
CA SER J 94 16.84 -23.36 -15.95
C SER J 94 17.14 -23.99 -17.30
N ASP J 95 18.10 -24.92 -17.34
CA ASP J 95 18.43 -25.60 -18.59
C ASP J 95 17.25 -26.43 -19.09
N ILE J 96 16.58 -27.14 -18.17
CA ILE J 96 15.36 -27.85 -18.55
C ILE J 96 14.31 -26.86 -19.04
N ALA J 97 14.19 -25.72 -18.36
CA ALA J 97 13.28 -24.68 -18.83
C ALA J 97 13.72 -24.09 -20.16
N GLY J 98 14.96 -24.32 -20.57
CA GLY J 98 15.46 -23.87 -21.85
C GLY J 98 16.07 -22.48 -21.87
N THR J 99 16.12 -21.78 -20.73
CA THR J 99 16.65 -20.43 -20.72
C THR J 99 18.16 -20.41 -20.93
N THR J 100 18.88 -21.27 -20.21
CA THR J 100 20.33 -21.27 -20.28
C THR J 100 20.88 -22.29 -21.26
N SER J 101 20.14 -23.36 -21.51
CA SER J 101 20.60 -24.40 -22.42
C SER J 101 20.46 -23.93 -23.87
N THR J 102 21.46 -24.28 -24.67
CA THR J 102 21.40 -24.06 -26.12
C THR J 102 20.95 -25.35 -26.80
N LEU J 103 20.63 -25.22 -28.09
CA LEU J 103 20.10 -26.36 -28.83
C LEU J 103 21.10 -27.51 -28.86
N GLN J 104 22.39 -27.20 -29.05
CA GLN J 104 23.40 -28.24 -29.08
C GLN J 104 23.47 -28.97 -27.75
N GLU J 105 23.39 -28.25 -26.64
CA GLU J 105 23.45 -28.87 -25.32
C GLU J 105 22.29 -29.81 -25.11
N GLN J 106 21.08 -29.38 -25.47
CA GLN J 106 19.90 -30.23 -25.29
C GLN J 106 19.96 -31.46 -26.20
N ILE J 107 20.44 -31.29 -27.43
CA ILE J 107 20.59 -32.43 -28.32
C ILE J 107 21.60 -33.41 -27.74
N GLY J 108 22.71 -32.91 -27.20
CA GLY J 108 23.67 -33.79 -26.57
C GLY J 108 23.11 -34.50 -25.36
N TRP J 109 22.28 -33.81 -24.58
CA TRP J 109 21.63 -34.46 -23.44
C TRP J 109 20.73 -35.59 -23.90
N MET J 110 19.92 -35.35 -24.92
CA MET J 110 18.99 -36.38 -25.39
C MET J 110 19.71 -37.53 -26.08
N THR J 111 20.85 -37.27 -26.71
CA THR J 111 21.60 -38.32 -27.37
C THR J 111 22.64 -38.97 -26.46
N ASN J 112 22.75 -38.51 -25.22
CA ASN J 112 23.75 -39.04 -24.30
C ASN J 112 23.40 -40.49 -23.91
N ASN J 113 24.40 -41.21 -23.43
CA ASN J 113 24.21 -42.57 -22.93
C ASN J 113 24.64 -42.64 -21.48
N PRO J 114 23.70 -42.70 -20.52
CA PRO J 114 22.24 -42.75 -20.68
C PRO J 114 21.65 -41.39 -21.00
N PRO J 115 20.53 -41.37 -21.73
CA PRO J 115 19.92 -40.09 -22.11
C PRO J 115 19.29 -39.38 -20.92
N ILE J 116 19.29 -38.05 -20.99
CA ILE J 116 18.57 -37.23 -20.03
C ILE J 116 17.38 -36.62 -20.75
N PRO J 117 16.16 -37.10 -20.51
CA PRO J 117 14.99 -36.59 -21.24
C PRO J 117 14.61 -35.18 -20.83
N VAL J 118 15.35 -34.18 -21.29
CA VAL J 118 15.08 -32.79 -20.95
C VAL J 118 13.71 -32.37 -21.47
N GLY J 119 13.40 -32.76 -22.71
CA GLY J 119 12.14 -32.35 -23.30
C GLY J 119 10.93 -32.84 -22.54
N GLU J 120 10.96 -34.09 -22.08
CA GLU J 120 9.82 -34.64 -21.36
C GLU J 120 9.65 -33.98 -19.99
N ILE J 121 10.75 -33.71 -19.30
CA ILE J 121 10.66 -33.03 -18.00
C ILE J 121 10.08 -31.63 -18.18
N TYR J 122 10.57 -30.91 -19.18
CA TYR J 122 10.02 -29.58 -19.46
C TYR J 122 8.56 -29.66 -19.85
N LYS J 123 8.18 -30.70 -20.61
CA LYS J 123 6.79 -30.87 -21.00
C LYS J 123 5.92 -31.09 -19.78
N ARG J 124 6.39 -31.88 -18.81
CA ARG J 124 5.62 -32.08 -17.59
C ARG J 124 5.48 -30.78 -16.80
N TRP J 125 6.56 -29.97 -16.74
CA TRP J 125 6.46 -28.70 -16.04
C TRP J 125 5.42 -27.79 -16.70
N ILE J 126 5.46 -27.71 -18.03
CA ILE J 126 4.47 -26.90 -18.73
C ILE J 126 3.08 -27.49 -18.56
N ILE J 127 2.98 -28.82 -18.43
CA ILE J 127 1.69 -29.45 -18.19
C ILE J 127 1.13 -29.03 -16.85
N LEU J 128 1.98 -28.98 -15.82
CA LEU J 128 1.55 -28.48 -14.52
C LEU J 128 1.09 -27.04 -14.61
N GLY J 129 1.85 -26.21 -15.34
CA GLY J 129 1.44 -24.83 -15.51
C GLY J 129 0.09 -24.71 -16.19
N LEU J 130 -0.12 -25.47 -17.26
CA LEU J 130 -1.39 -25.45 -17.97
C LEU J 130 -2.52 -25.96 -17.10
N ASN J 131 -2.24 -26.96 -16.27
CA ASN J 131 -3.24 -27.47 -15.35
C ASN J 131 -3.69 -26.39 -14.38
N LYS J 132 -2.72 -25.67 -13.79
CA LYS J 132 -3.11 -24.59 -12.88
C LYS J 132 -3.87 -23.50 -13.64
N ILE J 133 -3.47 -23.23 -14.88
CA ILE J 133 -4.17 -22.23 -15.69
C ILE J 133 -5.62 -22.63 -15.90
N VAL J 134 -5.86 -23.89 -16.26
CA VAL J 134 -7.23 -24.29 -16.58
C VAL J 134 -8.08 -24.38 -15.32
N ARG J 135 -7.49 -24.75 -14.17
CA ARG J 135 -8.29 -24.75 -12.94
C ARG J 135 -8.63 -23.34 -12.49
N MET J 136 -7.63 -22.45 -12.42
CA MET J 136 -7.82 -21.17 -11.74
C MET J 136 -8.01 -20.00 -12.71
N TYR J 137 -7.15 -19.87 -13.71
CA TYR J 137 -7.21 -18.71 -14.59
C TYR J 137 -8.49 -18.73 -15.41
N SER J 138 -9.12 -17.56 -15.52
CA SER J 138 -10.34 -17.39 -16.31
C SER J 138 -10.14 -16.19 -17.23
N PRO J 139 -10.18 -16.36 -18.55
CA PRO J 139 -9.97 -15.22 -19.44
C PRO J 139 -11.07 -14.20 -19.33
N THR J 140 -10.71 -12.94 -19.55
CA THR J 140 -11.67 -11.84 -19.53
C THR J 140 -12.42 -11.79 -20.86
N SER J 141 -13.74 -11.71 -20.77
CA SER J 141 -14.59 -11.67 -21.96
C SER J 141 -15.51 -10.46 -21.88
N ILE J 142 -15.77 -9.86 -23.05
CA ILE J 142 -16.65 -8.70 -23.09
C ILE J 142 -18.08 -9.06 -22.70
N LEU J 143 -18.44 -10.34 -22.79
CA LEU J 143 -19.77 -10.75 -22.37
C LEU J 143 -19.93 -10.61 -20.86
N ASP J 144 -18.83 -10.72 -20.11
CA ASP J 144 -18.85 -10.62 -18.66
C ASP J 144 -18.60 -9.21 -18.16
N ILE J 145 -18.51 -8.22 -19.05
CA ILE J 145 -18.30 -6.84 -18.66
C ILE J 145 -19.67 -6.18 -18.55
N ARG J 146 -20.09 -5.88 -17.33
CA ARG J 146 -21.34 -5.17 -17.08
C ARG J 146 -21.10 -4.06 -16.07
N GLN J 147 -21.92 -3.04 -16.14
CA GLN J 147 -21.73 -1.84 -15.32
C GLN J 147 -22.42 -2.01 -13.98
N GLY J 148 -21.71 -1.72 -12.90
CA GLY J 148 -22.26 -1.80 -11.58
C GLY J 148 -23.37 -0.80 -11.40
N PRO J 149 -24.24 -1.04 -10.41
CA PRO J 149 -25.36 -0.11 -10.18
C PRO J 149 -24.92 1.30 -9.83
N LYS J 150 -23.81 1.46 -9.12
CA LYS J 150 -23.30 2.78 -8.78
C LYS J 150 -22.07 3.17 -9.61
N GLU J 151 -21.73 2.39 -10.61
CA GLU J 151 -20.56 2.70 -11.42
C GLU J 151 -20.89 3.79 -12.43
N PRO J 152 -20.09 4.86 -12.51
CA PRO J 152 -20.33 5.88 -13.52
C PRO J 152 -20.13 5.31 -14.92
N PHE J 153 -20.89 5.85 -15.88
CA PHE J 153 -20.85 5.33 -17.24
C PHE J 153 -19.48 5.48 -17.87
N ARG J 154 -18.72 6.51 -17.48
CA ARG J 154 -17.39 6.71 -18.04
C ARG J 154 -16.46 5.56 -17.67
N ASP J 155 -16.47 5.16 -16.40
CA ASP J 155 -15.63 4.04 -15.98
C ASP J 155 -16.08 2.73 -16.62
N TYR J 156 -17.39 2.54 -16.74
CA TYR J 156 -17.91 1.37 -17.44
C TYR J 156 -17.41 1.33 -18.88
N VAL J 157 -17.47 2.46 -19.57
CA VAL J 157 -17.02 2.52 -20.96
C VAL J 157 -15.53 2.23 -21.05
N ASP J 158 -14.76 2.80 -20.12
CA ASP J 158 -13.31 2.55 -20.13
C ASP J 158 -13.00 1.08 -19.94
N ARG J 159 -13.65 0.44 -18.96
CA ARG J 159 -13.43 -0.99 -18.74
C ARG J 159 -13.88 -1.81 -19.94
N PHE J 160 -15.02 -1.45 -20.53
CA PHE J 160 -15.54 -2.16 -21.70
C PHE J 160 -14.54 -2.10 -22.84
N TYR J 161 -14.00 -0.91 -23.11
CA TYR J 161 -13.07 -0.77 -24.22
C TYR J 161 -11.74 -1.43 -23.93
N LYS J 162 -11.29 -1.41 -22.68
CA LYS J 162 -10.07 -2.13 -22.33
C LYS J 162 -10.23 -3.63 -22.56
N THR J 163 -11.36 -4.19 -22.11
CA THR J 163 -11.63 -5.61 -22.34
C THR J 163 -11.74 -5.91 -23.82
N LEU J 164 -12.40 -5.03 -24.57
CA LEU J 164 -12.55 -5.24 -26.02
C LEU J 164 -11.19 -5.24 -26.71
N ARG J 165 -10.31 -4.31 -26.33
CA ARG J 165 -8.98 -4.29 -26.90
C ARG J 165 -8.21 -5.55 -26.54
N ALA J 166 -8.38 -6.04 -25.31
CA ALA J 166 -7.73 -7.28 -24.91
C ALA J 166 -8.36 -8.51 -25.53
N GLU J 167 -9.55 -8.39 -26.11
CA GLU J 167 -10.24 -9.55 -26.65
C GLU J 167 -9.56 -10.08 -27.91
N GLN J 168 -9.67 -11.39 -28.10
CA GLN J 168 -9.19 -12.06 -29.30
C GLN J 168 -10.37 -12.18 -30.25
N ALA J 169 -10.43 -11.28 -31.23
CA ALA J 169 -11.50 -11.27 -32.22
C ALA J 169 -11.06 -10.38 -33.37
N SER J 170 -11.94 -10.25 -34.37
CA SER J 170 -11.68 -9.43 -35.53
C SER J 170 -12.30 -8.05 -35.36
N GLN J 171 -11.80 -7.09 -36.14
CA GLN J 171 -12.14 -5.68 -35.92
C GLN J 171 -13.61 -5.42 -36.15
N GLU J 172 -14.20 -5.99 -37.21
CA GLU J 172 -15.62 -5.79 -37.46
C GLU J 172 -16.47 -6.40 -36.36
N VAL J 173 -16.07 -7.56 -35.85
CA VAL J 173 -16.82 -8.17 -34.75
C VAL J 173 -16.69 -7.31 -33.48
N LYS J 174 -15.51 -6.72 -33.26
CA LYS J 174 -15.36 -5.82 -32.13
C LYS J 174 -16.23 -4.58 -32.27
N ASN J 175 -16.34 -4.05 -33.48
CA ASN J 175 -17.24 -2.92 -33.72
C ASN J 175 -18.68 -3.32 -33.45
N TRP J 176 -19.07 -4.52 -33.86
CA TRP J 176 -20.42 -5.00 -33.56
C TRP J 176 -20.64 -5.12 -32.06
N MET J 177 -19.64 -5.64 -31.34
CA MET J 177 -19.73 -5.71 -29.89
C MET J 177 -19.94 -4.33 -29.29
N THR J 178 -19.15 -3.36 -29.74
CA THR J 178 -19.32 -1.98 -29.27
C THR J 178 -20.72 -1.48 -29.56
N GLU J 179 -21.26 -1.81 -30.73
CA GLU J 179 -22.58 -1.35 -31.11
C GLU J 179 -23.66 -1.91 -30.19
N THR J 180 -23.57 -3.19 -29.84
CA THR J 180 -24.69 -3.81 -29.12
C THR J 180 -24.46 -3.96 -27.61
N LEU J 181 -23.33 -4.54 -27.20
CA LEU J 181 -23.15 -4.89 -25.80
C LEU J 181 -22.92 -3.66 -24.92
N LEU J 182 -22.37 -2.58 -25.49
CA LEU J 182 -22.10 -1.39 -24.69
C LEU J 182 -23.39 -0.83 -24.09
N VAL J 183 -24.46 -0.78 -24.89
CA VAL J 183 -25.74 -0.33 -24.38
C VAL J 183 -26.53 -1.48 -23.73
N GLN J 184 -26.29 -2.72 -24.17
CA GLN J 184 -27.04 -3.84 -23.62
C GLN J 184 -26.67 -4.10 -22.17
N ASN J 185 -25.41 -3.96 -21.81
CA ASN J 185 -24.92 -4.33 -20.50
C ASN J 185 -24.88 -3.17 -19.50
N ALA J 186 -25.39 -2.00 -19.88
CA ALA J 186 -25.42 -0.88 -18.94
C ALA J 186 -26.49 -1.13 -17.88
N ASN J 187 -26.29 -0.50 -16.72
CA ASN J 187 -27.24 -0.62 -15.63
C ASN J 187 -28.52 0.11 -15.99
N PRO J 188 -29.66 -0.26 -15.36
CA PRO J 188 -30.94 0.30 -15.81
C PRO J 188 -31.01 1.81 -15.78
N ASP J 189 -30.35 2.46 -14.82
CA ASP J 189 -30.38 3.92 -14.76
C ASP J 189 -29.77 4.54 -15.99
N CYS J 190 -28.61 4.02 -16.42
CA CYS J 190 -28.02 4.51 -17.67
C CYS J 190 -28.76 3.97 -18.89
N LYS J 191 -29.31 2.76 -18.80
CA LYS J 191 -29.96 2.14 -19.95
C LYS J 191 -31.22 2.90 -20.35
N THR J 192 -31.96 3.43 -19.37
CA THR J 192 -33.15 4.20 -19.70
C THR J 192 -32.79 5.43 -20.54
N ILE J 193 -31.76 6.16 -20.12
CA ILE J 193 -31.32 7.33 -20.87
C ILE J 193 -30.79 6.92 -22.25
N LEU J 194 -30.01 5.84 -22.30
CA LEU J 194 -29.42 5.42 -23.56
C LEU J 194 -30.49 5.00 -24.56
N LYS J 195 -31.53 4.32 -24.09
CA LYS J 195 -32.61 3.93 -24.99
C LYS J 195 -33.49 5.11 -25.36
N ALA J 196 -33.60 6.11 -24.47
CA ALA J 196 -34.32 7.32 -24.84
C ALA J 196 -33.55 8.15 -25.86
N LEU J 197 -32.23 8.01 -25.89
CA LEU J 197 -31.43 8.75 -26.86
C LEU J 197 -31.76 8.32 -28.29
N GLY J 198 -31.90 7.03 -28.52
CA GLY J 198 -32.11 6.51 -29.85
C GLY J 198 -30.85 5.82 -30.37
N PRO J 199 -31.03 4.92 -31.34
CA PRO J 199 -29.87 4.18 -31.86
C PRO J 199 -28.84 5.05 -32.57
N ALA J 200 -29.23 6.24 -33.04
CA ALA J 200 -28.33 7.10 -33.79
C ALA J 200 -27.33 7.81 -32.91
N ALA J 201 -27.48 7.76 -31.59
CA ALA J 201 -26.59 8.49 -30.70
C ALA J 201 -25.18 7.92 -30.75
N THR J 202 -24.19 8.81 -30.81
CA THR J 202 -22.79 8.42 -30.82
C THR J 202 -22.33 8.15 -29.39
N LEU J 203 -21.11 7.62 -29.27
CA LEU J 203 -20.57 7.32 -27.94
C LEU J 203 -20.42 8.59 -27.12
N GLU J 204 -19.96 9.67 -27.74
CA GLU J 204 -19.82 10.94 -27.00
C GLU J 204 -21.15 11.44 -26.49
N GLU J 205 -22.19 11.35 -27.32
CA GLU J 205 -23.53 11.76 -26.88
C GLU J 205 -24.03 10.88 -25.75
N MET J 206 -23.77 9.58 -25.83
CA MET J 206 -24.20 8.68 -24.76
C MET J 206 -23.48 9.00 -23.45
N MET J 207 -22.18 9.27 -23.52
CA MET J 207 -21.44 9.64 -22.32
C MET J 207 -21.93 10.97 -21.75
N THR J 208 -22.22 11.93 -22.62
CA THR J 208 -22.77 13.19 -22.15
C THR J 208 -24.11 12.99 -21.45
N ALA J 209 -24.98 12.16 -22.02
CA ALA J 209 -26.29 11.93 -21.43
C ALA J 209 -26.16 11.20 -20.09
N CYS J 210 -25.22 10.27 -19.99
CA CYS J 210 -25.08 9.47 -18.77
C CYS J 210 -24.10 10.07 -17.78
N GLN J 211 -23.54 11.24 -18.07
CA GLN J 211 -22.66 11.90 -17.11
C GLN J 211 -23.38 12.25 -15.81
N GLY J 212 -24.70 12.36 -15.82
CA GLY J 212 -25.41 12.85 -14.66
C GLY J 212 -25.93 11.81 -13.70
N VAL J 213 -25.84 10.52 -14.02
CA VAL J 213 -26.45 9.51 -13.17
C VAL J 213 -25.66 9.39 -11.87
N GLY J 214 -26.37 9.49 -10.75
CA GLY J 214 -25.75 9.49 -9.44
C GLY J 214 -25.59 10.85 -8.82
N GLY J 215 -25.66 11.91 -9.61
CA GLY J 215 -25.58 13.25 -9.09
C GLY J 215 -26.86 13.66 -8.39
N PRO J 216 -26.79 14.75 -7.65
CA PRO J 216 -27.98 15.23 -6.93
C PRO J 216 -29.16 15.51 -7.85
N GLY J 217 -28.91 16.06 -9.03
CA GLY J 217 -30.01 16.37 -9.94
C GLY J 217 -30.73 15.12 -10.42
N HIS J 218 -29.96 14.11 -10.84
CA HIS J 218 -30.58 12.90 -11.37
C HIS J 218 -31.30 12.12 -10.28
N LYS J 219 -30.69 12.00 -9.10
CA LYS J 219 -31.37 11.31 -8.00
C LYS J 219 -32.64 12.02 -7.60
N ALA J 220 -32.59 13.36 -7.54
CA ALA J 220 -33.80 14.11 -7.23
C ALA J 220 -34.86 13.91 -8.30
N ARG J 221 -34.45 13.88 -9.57
N ARG J 221 -34.45 13.89 -9.57
CA ARG J 221 -35.41 13.73 -10.66
CA ARG J 221 -35.42 13.73 -10.66
C ARG J 221 -36.09 12.36 -10.62
C ARG J 221 -36.09 12.36 -10.62
N VAL J 222 -35.30 11.30 -10.41
CA VAL J 222 -35.89 9.96 -10.38
C VAL J 222 -36.77 9.78 -9.14
N LEU J 223 -36.35 10.35 -8.01
CA LEU J 223 -37.18 10.27 -6.81
C LEU J 223 -38.49 11.01 -7.01
N ALA J 224 -38.44 12.20 -7.62
CA ALA J 224 -39.65 12.96 -7.90
C ALA J 224 -40.56 12.20 -8.86
N GLU J 225 -39.99 11.57 -9.88
CA GLU J 225 -40.79 10.79 -10.81
C GLU J 225 -41.48 9.64 -10.11
N ALA J 226 -40.75 8.93 -9.24
CA ALA J 226 -41.34 7.82 -8.50
C ALA J 226 -42.48 8.29 -7.61
N MET J 227 -42.25 9.38 -6.87
CA MET J 227 -43.30 9.88 -5.99
C MET J 227 -44.50 10.39 -6.76
N SER J 228 -44.27 11.01 -7.93
CA SER J 228 -45.39 11.46 -8.74
C SER J 228 -46.19 10.27 -9.27
N GLN J 229 -45.51 9.19 -9.63
CA GLN J 229 -46.21 7.97 -10.01
C GLN J 229 -47.03 7.43 -8.84
N VAL J 230 -46.49 7.53 -7.63
CA VAL J 230 -47.26 7.15 -6.44
C VAL J 230 -48.49 8.04 -6.31
N ILE J 231 -48.30 9.35 -6.44
CA ILE J 231 -49.40 10.30 -6.32
C ILE J 231 -50.04 10.56 -7.67
N VAL K 3 23.59 -16.59 -35.87
CA VAL K 3 23.50 -15.19 -36.26
C VAL K 3 22.95 -14.38 -35.08
N HIS K 4 23.23 -13.09 -35.07
CA HIS K 4 22.79 -12.21 -33.99
C HIS K 4 21.41 -11.62 -34.23
N GLN K 5 20.78 -11.92 -35.37
CA GLN K 5 19.51 -11.31 -35.73
C GLN K 5 18.36 -12.31 -35.69
N ALA K 6 18.50 -13.39 -34.93
CA ALA K 6 17.41 -14.34 -34.80
C ALA K 6 16.25 -13.71 -34.01
N ILE K 7 15.07 -14.29 -34.18
CA ILE K 7 13.87 -13.73 -33.56
C ILE K 7 13.85 -14.10 -32.08
N SER K 8 13.65 -13.10 -31.23
CA SER K 8 13.49 -13.33 -29.81
C SER K 8 12.05 -13.75 -29.51
N PRO K 9 11.81 -14.35 -28.34
CA PRO K 9 10.43 -14.73 -28.00
C PRO K 9 9.45 -13.56 -28.07
N ARG K 10 9.90 -12.37 -27.67
CA ARG K 10 9.02 -11.21 -27.71
C ARG K 10 8.62 -10.86 -29.14
N THR K 11 9.55 -10.99 -30.10
CA THR K 11 9.20 -10.73 -31.49
C THR K 11 8.18 -11.74 -32.00
N LEU K 12 8.35 -13.02 -31.65
CA LEU K 12 7.40 -14.04 -32.09
C LEU K 12 6.02 -13.78 -31.52
N ASN K 13 5.94 -13.46 -30.22
CA ASN K 13 4.64 -13.18 -29.63
C ASN K 13 4.03 -11.92 -30.22
N ALA K 14 4.85 -10.90 -30.49
CA ALA K 14 4.33 -9.68 -31.09
C ALA K 14 3.77 -9.96 -32.47
N TRP K 15 4.46 -10.78 -33.27
CA TRP K 15 3.97 -11.12 -34.60
C TRP K 15 2.67 -11.92 -34.52
N VAL K 16 2.58 -12.84 -33.56
CA VAL K 16 1.35 -13.60 -33.37
C VAL K 16 0.20 -12.66 -33.02
N LYS K 17 0.44 -11.73 -32.10
CA LYS K 17 -0.60 -10.76 -31.75
C LYS K 17 -0.96 -9.89 -32.94
N VAL K 18 0.03 -9.57 -33.78
CA VAL K 18 -0.21 -8.73 -34.95
C VAL K 18 -1.16 -9.43 -35.92
N VAL K 19 -0.89 -10.70 -36.22
CA VAL K 19 -1.78 -11.42 -37.11
C VAL K 19 -3.11 -11.76 -36.42
N GLU K 20 -3.15 -11.70 -35.08
CA GLU K 20 -4.40 -11.95 -34.38
C GLU K 20 -5.35 -10.76 -34.46
N GLU K 21 -4.93 -9.61 -33.91
CA GLU K 21 -5.82 -8.46 -33.87
C GLU K 21 -5.99 -7.83 -35.25
N LYS K 22 -4.89 -7.64 -35.97
CA LYS K 22 -4.92 -6.94 -37.24
C LYS K 22 -5.26 -7.85 -38.42
N ALA K 23 -5.41 -9.16 -38.19
CA ALA K 23 -5.73 -10.11 -39.24
C ALA K 23 -4.75 -10.00 -40.40
N PHE K 24 -5.21 -9.48 -41.53
CA PHE K 24 -4.37 -9.21 -42.69
C PHE K 24 -4.64 -7.82 -43.24
N SER K 25 -4.81 -6.86 -42.35
CA SER K 25 -4.91 -5.46 -42.73
C SER K 25 -3.55 -4.97 -43.22
N PRO K 26 -3.51 -3.84 -43.92
CA PRO K 26 -2.21 -3.34 -44.42
C PRO K 26 -1.18 -3.14 -43.33
N GLU K 27 -1.60 -2.89 -42.09
CA GLU K 27 -0.65 -2.70 -41.00
C GLU K 27 0.20 -3.94 -40.73
N VAL K 28 -0.23 -5.10 -41.20
CA VAL K 28 0.56 -6.31 -41.03
C VAL K 28 1.82 -6.28 -41.89
N ILE K 29 1.86 -5.42 -42.91
CA ILE K 29 3.01 -5.40 -43.82
C ILE K 29 4.19 -4.68 -43.18
N PRO K 30 4.04 -3.46 -42.65
CA PRO K 30 5.21 -2.82 -42.03
C PRO K 30 5.67 -3.52 -40.77
N MET K 31 4.73 -3.98 -39.94
CA MET K 31 5.09 -4.67 -38.70
C MET K 31 5.96 -5.88 -39.00
N PHE K 32 5.49 -6.76 -39.89
CA PHE K 32 6.33 -7.85 -40.36
C PHE K 32 7.64 -7.31 -40.93
N SER K 33 7.56 -6.22 -41.70
CA SER K 33 8.74 -5.66 -42.32
C SER K 33 9.78 -5.24 -41.30
N ALA K 34 9.38 -5.04 -40.05
CA ALA K 34 10.32 -4.70 -38.99
C ALA K 34 10.54 -5.82 -38.00
N LEU K 35 9.73 -6.87 -38.04
CA LEU K 35 9.82 -7.95 -37.06
C LEU K 35 10.69 -9.10 -37.53
N SER K 36 11.22 -9.05 -38.74
CA SER K 36 12.03 -10.14 -39.26
C SER K 36 13.24 -9.62 -40.03
N GLU K 37 13.74 -8.44 -39.67
CA GLU K 37 14.88 -7.87 -40.37
C GLU K 37 16.15 -8.61 -40.00
N GLY K 38 16.81 -9.17 -41.01
CA GLY K 38 18.06 -9.88 -40.82
C GLY K 38 17.92 -11.29 -40.31
N ALA K 39 16.70 -11.77 -40.07
CA ALA K 39 16.51 -13.12 -39.59
C ALA K 39 16.78 -14.13 -40.70
N THR K 40 17.35 -15.27 -40.31
CA THR K 40 17.57 -16.32 -41.28
C THR K 40 16.23 -16.91 -41.69
N PRO K 41 16.13 -17.50 -42.89
CA PRO K 41 14.81 -17.88 -43.42
C PRO K 41 14.00 -18.79 -42.53
N GLN K 42 14.63 -19.60 -41.67
CA GLN K 42 13.84 -20.49 -40.83
C GLN K 42 13.01 -19.73 -39.81
N ASP K 43 13.51 -18.60 -39.30
CA ASP K 43 12.68 -17.76 -38.44
C ASP K 43 11.50 -17.20 -39.23
N LEU K 44 11.73 -16.82 -40.49
CA LEU K 44 10.62 -16.36 -41.32
C LEU K 44 9.59 -17.44 -41.51
N ASN K 45 10.03 -18.68 -41.73
CA ASN K 45 9.10 -19.80 -41.83
C ASN K 45 8.33 -20.00 -40.53
N THR K 46 9.01 -19.84 -39.39
CA THR K 46 8.34 -19.97 -38.10
C THR K 46 7.27 -18.91 -37.94
N MET K 47 7.56 -17.67 -38.32
CA MET K 47 6.55 -16.61 -38.26
C MET K 47 5.41 -16.89 -39.23
N LEU K 48 5.71 -17.45 -40.40
CA LEU K 48 4.63 -17.79 -41.32
C LEU K 48 3.76 -18.91 -40.77
N ASN K 49 4.35 -19.83 -40.03
CA ASN K 49 3.60 -20.95 -39.45
C ASN K 49 2.74 -20.54 -38.28
N THR K 50 3.07 -19.43 -37.61
CA THR K 50 2.36 -19.06 -36.40
C THR K 50 0.98 -18.47 -36.69
N VAL K 51 0.64 -18.26 -37.96
CA VAL K 51 -0.65 -17.71 -38.34
C VAL K 51 -1.71 -18.79 -38.19
N GLY K 52 -2.69 -18.54 -37.34
CA GLY K 52 -3.79 -19.47 -37.14
C GLY K 52 -4.96 -19.09 -38.02
N GLY K 53 -5.49 -20.07 -38.75
CA GLY K 53 -6.56 -19.79 -39.68
C GLY K 53 -6.04 -19.11 -40.93
N HIS K 54 -6.98 -18.48 -41.66
CA HIS K 54 -6.68 -17.79 -42.91
C HIS K 54 -5.96 -18.73 -43.88
N GLN K 55 -6.48 -19.95 -43.99
CA GLN K 55 -5.80 -20.97 -44.80
C GLN K 55 -5.69 -20.55 -46.26
N ALA K 56 -6.75 -19.97 -46.82
CA ALA K 56 -6.71 -19.54 -48.20
C ALA K 56 -5.64 -18.47 -48.42
N ALA K 57 -5.56 -17.51 -47.49
CA ALA K 57 -4.58 -16.44 -47.61
C ALA K 57 -3.16 -16.99 -47.63
N MET K 58 -2.85 -17.90 -46.70
CA MET K 58 -1.52 -18.47 -46.68
C MET K 58 -1.29 -19.39 -47.88
N GLN K 59 -2.34 -19.93 -48.48
CA GLN K 59 -2.17 -20.66 -49.73
C GLN K 59 -1.74 -19.73 -50.86
N MET K 60 -2.37 -18.54 -50.95
CA MET K 60 -1.89 -17.56 -51.92
C MET K 60 -0.47 -17.14 -51.62
N LEU K 61 -0.13 -17.00 -50.34
CA LEU K 61 1.24 -16.67 -49.94
C LEU K 61 2.22 -17.73 -50.42
N LYS K 62 1.87 -19.00 -50.24
CA LYS K 62 2.74 -20.09 -50.68
C LYS K 62 2.88 -20.11 -52.19
N GLU K 63 1.79 -19.85 -52.91
CA GLU K 63 1.87 -19.77 -54.37
C GLU K 63 2.81 -18.64 -54.80
N THR K 64 2.70 -17.49 -54.15
CA THR K 64 3.59 -16.37 -54.47
C THR K 64 5.04 -16.73 -54.19
N ILE K 65 5.30 -17.36 -53.05
CA ILE K 65 6.68 -17.73 -52.71
C ILE K 65 7.23 -18.72 -53.71
N ASN K 66 6.42 -19.69 -54.14
CA ASN K 66 6.88 -20.66 -55.12
C ASN K 66 7.17 -20.00 -56.46
N GLU K 67 6.29 -19.09 -56.90
CA GLU K 67 6.53 -18.42 -58.18
C GLU K 67 7.78 -17.55 -58.11
N GLU K 68 8.04 -16.92 -56.97
CA GLU K 68 9.24 -16.12 -56.86
C GLU K 68 10.50 -16.96 -56.72
N ALA K 69 10.40 -18.15 -56.13
CA ALA K 69 11.52 -19.08 -56.16
C ALA K 69 11.82 -19.52 -57.57
N ALA K 70 10.77 -19.75 -58.37
CA ALA K 70 10.96 -20.07 -59.78
C ALA K 70 11.64 -18.92 -60.52
N GLU K 71 11.21 -17.69 -60.25
CA GLU K 71 11.86 -16.53 -60.86
C GLU K 71 13.32 -16.42 -60.43
N TRP K 72 13.60 -16.68 -59.15
CA TRP K 72 14.97 -16.65 -58.65
C TRP K 72 15.83 -17.67 -59.37
N ASP K 73 15.31 -18.88 -59.56
CA ASP K 73 16.06 -19.90 -60.29
C ASP K 73 16.23 -19.53 -61.75
N ARG K 74 15.25 -18.84 -62.33
CA ARG K 74 15.38 -18.37 -63.71
C ARG K 74 16.50 -17.35 -63.84
N VAL K 75 16.57 -16.40 -62.89
CA VAL K 75 17.54 -15.31 -63.01
C VAL K 75 18.95 -15.83 -62.81
N HIS K 76 19.17 -16.69 -61.82
CA HIS K 76 20.48 -17.30 -61.61
C HIS K 76 20.46 -18.74 -62.09
N PRO K 77 21.10 -19.05 -63.22
CA PRO K 77 21.19 -20.45 -63.65
C PRO K 77 22.04 -21.27 -62.69
N VAL K 78 21.73 -22.55 -62.60
CA VAL K 78 22.49 -23.46 -61.75
C VAL K 78 23.76 -23.84 -62.48
N HIS K 79 24.91 -23.58 -61.84
CA HIS K 79 26.20 -23.84 -62.46
C HIS K 79 26.53 -25.33 -62.35
N ALA K 80 26.64 -25.98 -63.51
CA ALA K 80 26.92 -27.41 -63.57
C ALA K 80 28.43 -27.62 -63.50
N GLY K 81 28.95 -27.56 -62.28
CA GLY K 81 30.37 -27.75 -62.05
C GLY K 81 30.64 -28.27 -60.65
N PRO K 82 31.79 -28.95 -60.48
CA PRO K 82 32.16 -29.43 -59.14
C PRO K 82 32.36 -28.27 -58.18
N ILE K 83 31.97 -28.48 -56.93
CA ILE K 83 32.04 -27.45 -55.91
C ILE K 83 33.38 -27.55 -55.19
N ALA K 84 34.07 -26.43 -55.09
CA ALA K 84 35.36 -26.41 -54.41
C ALA K 84 35.16 -26.68 -52.92
N PRO K 85 36.10 -27.39 -52.27
CA PRO K 85 35.96 -27.63 -50.82
C PRO K 85 35.88 -26.36 -50.00
N GLY K 86 36.63 -25.32 -50.38
CA GLY K 86 36.52 -24.06 -49.67
C GLY K 86 35.18 -23.39 -49.86
N GLN K 87 34.66 -23.41 -51.09
CA GLN K 87 33.37 -22.82 -51.38
C GLN K 87 32.24 -23.76 -50.99
N MET K 88 31.01 -23.27 -51.14
CA MET K 88 29.82 -24.06 -50.91
C MET K 88 28.79 -23.72 -51.96
N ARG K 89 27.82 -24.61 -52.15
CA ARG K 89 26.90 -24.52 -53.27
C ARG K 89 26.06 -23.25 -53.20
N GLU K 90 25.77 -22.69 -54.37
CA GLU K 90 24.93 -21.51 -54.45
C GLU K 90 23.48 -21.88 -54.17
N PRO K 91 22.73 -21.02 -53.49
CA PRO K 91 21.34 -21.36 -53.15
C PRO K 91 20.43 -21.33 -54.36
N ARG K 92 19.38 -22.13 -54.28
CA ARG K 92 18.28 -22.12 -55.24
C ARG K 92 17.07 -21.48 -54.59
N GLY K 93 16.00 -21.32 -55.37
CA GLY K 93 14.81 -20.67 -54.85
C GLY K 93 14.21 -21.38 -53.66
N SER K 94 14.23 -22.72 -53.70
CA SER K 94 13.76 -23.49 -52.55
C SER K 94 14.63 -23.26 -51.34
N ASP K 95 15.94 -23.13 -51.54
CA ASP K 95 16.84 -22.87 -50.42
C ASP K 95 16.55 -21.50 -49.80
N ILE K 96 16.27 -20.49 -50.63
CA ILE K 96 15.89 -19.19 -50.09
C ILE K 96 14.58 -19.31 -49.32
N ALA K 97 13.64 -20.08 -49.85
CA ALA K 97 12.40 -20.32 -49.11
C ALA K 97 12.64 -21.11 -47.83
N GLY K 98 13.77 -21.83 -47.73
CA GLY K 98 14.11 -22.59 -46.56
C GLY K 98 13.72 -24.05 -46.58
N THR K 99 13.07 -24.52 -47.65
CA THR K 99 12.62 -25.90 -47.69
C THR K 99 13.79 -26.88 -47.84
N THR K 100 14.70 -26.60 -48.75
CA THR K 100 15.81 -27.50 -49.03
C THR K 100 17.09 -27.10 -48.30
N SER K 101 17.02 -26.04 -47.48
CA SER K 101 18.19 -25.51 -46.80
C SER K 101 17.97 -25.57 -45.30
N THR K 102 19.01 -26.01 -44.58
CA THR K 102 18.96 -26.14 -43.13
C THR K 102 19.41 -24.83 -42.48
N LEU K 103 19.38 -24.82 -41.14
CA LEU K 103 19.84 -23.64 -40.41
C LEU K 103 21.31 -23.35 -40.67
N GLN K 104 22.14 -24.39 -40.67
CA GLN K 104 23.57 -24.19 -40.89
C GLN K 104 23.84 -23.60 -42.27
N GLU K 105 23.17 -24.13 -43.30
CA GLU K 105 23.40 -23.64 -44.65
C GLU K 105 22.95 -22.19 -44.79
N GLN K 106 21.78 -21.85 -44.23
CA GLN K 106 21.30 -20.48 -44.29
C GLN K 106 22.25 -19.54 -43.56
N ILE K 107 22.71 -19.93 -42.36
CA ILE K 107 23.61 -19.08 -41.60
C ILE K 107 24.92 -18.87 -42.36
N GLY K 108 25.45 -19.95 -42.96
CA GLY K 108 26.64 -19.79 -43.77
C GLY K 108 26.42 -18.88 -44.96
N TRP K 109 25.25 -18.96 -45.58
CA TRP K 109 24.96 -18.09 -46.71
C TRP K 109 24.92 -16.63 -46.29
N MET K 110 24.28 -16.33 -45.16
CA MET K 110 24.22 -14.96 -44.70
C MET K 110 25.54 -14.46 -44.11
N THR K 111 26.52 -15.32 -43.94
CA THR K 111 27.83 -14.96 -43.40
C THR K 111 28.94 -15.39 -44.35
N ASN K 112 28.76 -15.11 -45.64
CA ASN K 112 29.72 -15.47 -46.66
C ASN K 112 30.52 -14.23 -47.06
N ASN K 113 31.51 -14.43 -47.93
CA ASN K 113 32.36 -13.35 -48.45
C ASN K 113 32.42 -13.47 -49.96
N PRO K 114 31.57 -12.75 -50.70
CA PRO K 114 30.54 -11.82 -50.24
C PRO K 114 29.32 -12.53 -49.70
N PRO K 115 28.63 -11.94 -48.72
CA PRO K 115 27.45 -12.60 -48.16
C PRO K 115 26.29 -12.60 -49.12
N ILE K 116 25.50 -13.66 -49.04
CA ILE K 116 24.25 -13.79 -49.78
C ILE K 116 23.11 -13.56 -48.78
N PRO K 117 22.35 -12.47 -48.90
CA PRO K 117 21.31 -12.14 -47.90
C PRO K 117 20.04 -12.95 -48.11
N VAL K 118 20.16 -14.26 -47.89
CA VAL K 118 19.06 -15.19 -48.16
C VAL K 118 17.84 -14.83 -47.34
N GLY K 119 18.04 -14.52 -46.06
CA GLY K 119 16.92 -14.13 -45.22
C GLY K 119 16.18 -12.92 -45.75
N GLU K 120 16.92 -11.91 -46.24
CA GLU K 120 16.27 -10.71 -46.74
C GLU K 120 15.53 -10.96 -48.04
N ILE K 121 16.07 -11.82 -48.91
CA ILE K 121 15.38 -12.15 -50.15
C ILE K 121 14.07 -12.87 -49.85
N TYR K 122 14.12 -13.87 -48.97
CA TYR K 122 12.91 -14.56 -48.56
C TYR K 122 11.95 -13.58 -47.89
N LYS K 123 12.49 -12.61 -47.15
CA LYS K 123 11.67 -11.60 -46.51
C LYS K 123 10.92 -10.76 -47.52
N ARG K 124 11.60 -10.36 -48.60
CA ARG K 124 10.93 -9.61 -49.66
C ARG K 124 9.84 -10.43 -50.33
N TRP K 125 10.13 -11.69 -50.62
CA TRP K 125 9.12 -12.57 -51.21
C TRP K 125 7.89 -12.65 -50.32
N ILE K 126 8.11 -12.87 -49.01
CA ILE K 126 6.99 -12.99 -48.08
C ILE K 126 6.23 -11.68 -47.98
N ILE K 127 6.92 -10.55 -47.95
CA ILE K 127 6.23 -9.28 -47.76
C ILE K 127 5.40 -8.92 -48.98
N LEU K 128 5.87 -9.24 -50.18
CA LEU K 128 5.03 -8.96 -51.33
C LEU K 128 3.91 -9.98 -51.48
N GLY K 129 4.10 -11.21 -51.01
CA GLY K 129 2.98 -12.12 -50.86
C GLY K 129 1.94 -11.58 -49.90
N LEU K 130 2.39 -10.95 -48.81
CA LEU K 130 1.49 -10.29 -47.87
C LEU K 130 0.75 -9.15 -48.57
N ASN K 131 1.45 -8.40 -49.42
CA ASN K 131 0.79 -7.37 -50.21
C ASN K 131 -0.31 -7.95 -51.08
N LYS K 132 -0.03 -9.07 -51.75
CA LYS K 132 -1.07 -9.70 -52.57
C LYS K 132 -2.24 -10.14 -51.70
N ILE K 133 -1.96 -10.68 -50.52
CA ILE K 133 -3.02 -11.09 -49.61
C ILE K 133 -3.90 -9.90 -49.22
N VAL K 134 -3.27 -8.79 -48.86
CA VAL K 134 -4.03 -7.61 -48.46
C VAL K 134 -4.86 -7.09 -49.62
N ARG K 135 -4.27 -7.05 -50.82
CA ARG K 135 -4.97 -6.51 -51.97
C ARG K 135 -6.18 -7.36 -52.35
N MET K 136 -6.03 -8.68 -52.36
CA MET K 136 -7.05 -9.56 -52.92
C MET K 136 -7.86 -10.31 -51.88
N TYR K 137 -7.21 -10.96 -50.93
CA TYR K 137 -7.93 -11.79 -49.97
C TYR K 137 -8.85 -10.95 -49.09
N SER K 138 -10.04 -11.50 -48.83
CA SER K 138 -11.00 -10.89 -47.91
C SER K 138 -11.45 -11.96 -46.93
N PRO K 139 -11.22 -11.79 -45.63
CA PRO K 139 -11.61 -12.84 -44.68
C PRO K 139 -13.12 -12.99 -44.58
N THR K 140 -13.55 -14.20 -44.28
CA THR K 140 -14.97 -14.50 -44.09
C THR K 140 -15.37 -14.18 -42.66
N SER K 141 -16.38 -13.34 -42.51
CA SER K 141 -16.88 -12.94 -41.20
C SER K 141 -18.32 -13.41 -41.03
N ILE K 142 -18.68 -13.71 -39.78
CA ILE K 142 -20.02 -14.21 -39.51
C ILE K 142 -21.07 -13.17 -39.84
N LEU K 143 -20.74 -11.89 -39.67
CA LEU K 143 -21.69 -10.83 -39.99
C LEU K 143 -21.96 -10.75 -41.49
N ASP K 144 -21.05 -11.27 -42.31
CA ASP K 144 -21.27 -11.29 -43.76
C ASP K 144 -22.17 -12.44 -44.20
N ILE K 145 -22.54 -13.34 -43.29
CA ILE K 145 -23.37 -14.49 -43.60
C ILE K 145 -24.82 -14.07 -43.38
N ARG K 146 -25.53 -13.81 -44.47
CA ARG K 146 -26.94 -13.47 -44.42
C ARG K 146 -27.70 -14.42 -45.34
N GLN K 147 -28.85 -14.87 -44.88
CA GLN K 147 -29.65 -15.81 -45.66
C GLN K 147 -30.14 -15.15 -46.94
N GLY K 148 -30.14 -15.91 -48.04
CA GLY K 148 -30.55 -15.39 -49.31
C GLY K 148 -32.05 -15.24 -49.39
N PRO K 149 -32.53 -14.80 -50.55
CA PRO K 149 -33.97 -14.59 -50.72
C PRO K 149 -34.73 -15.88 -50.89
N LYS K 150 -34.15 -16.83 -51.64
CA LYS K 150 -34.78 -18.13 -51.88
C LYS K 150 -33.93 -19.28 -51.36
N GLU K 151 -33.11 -19.03 -50.35
CA GLU K 151 -32.21 -20.07 -49.86
C GLU K 151 -32.86 -20.83 -48.71
N PRO K 152 -32.80 -22.16 -48.71
CA PRO K 152 -33.36 -22.93 -47.59
C PRO K 152 -32.66 -22.59 -46.28
N PHE K 153 -33.43 -22.67 -45.20
CA PHE K 153 -32.89 -22.35 -43.89
C PHE K 153 -31.82 -23.34 -43.45
N ARG K 154 -31.94 -24.62 -43.86
CA ARG K 154 -30.87 -25.58 -43.56
C ARG K 154 -29.54 -25.15 -44.18
N ASP K 155 -29.55 -24.73 -45.45
CA ASP K 155 -28.31 -24.32 -46.09
C ASP K 155 -27.74 -23.06 -45.44
N TYR K 156 -28.61 -22.11 -45.09
CA TYR K 156 -28.13 -20.91 -44.41
C TYR K 156 -27.52 -21.25 -43.06
N VAL K 157 -28.15 -22.16 -42.32
CA VAL K 157 -27.60 -22.56 -41.03
C VAL K 157 -26.26 -23.27 -41.21
N ASP K 158 -26.15 -24.10 -42.25
CA ASP K 158 -24.90 -24.77 -42.52
C ASP K 158 -23.79 -23.77 -42.80
N ARG K 159 -24.07 -22.77 -43.64
CA ARG K 159 -23.08 -21.73 -43.92
C ARG K 159 -22.73 -20.95 -42.67
N PHE K 160 -23.74 -20.59 -41.87
CA PHE K 160 -23.51 -19.83 -40.65
C PHE K 160 -22.59 -20.58 -39.71
N TYR K 161 -22.86 -21.87 -39.50
CA TYR K 161 -22.05 -22.64 -38.57
C TYR K 161 -20.67 -22.92 -39.13
N LYS K 162 -20.54 -23.13 -40.44
CA LYS K 162 -19.23 -23.33 -41.02
C LYS K 162 -18.36 -22.09 -40.83
N THR K 163 -18.92 -20.91 -41.10
CA THR K 163 -18.15 -19.68 -40.90
C THR K 163 -17.90 -19.40 -39.43
N LEU K 164 -18.84 -19.77 -38.56
CA LEU K 164 -18.61 -19.60 -37.12
C LEU K 164 -17.46 -20.46 -36.63
N ARG K 165 -17.40 -21.72 -37.05
CA ARG K 165 -16.28 -22.57 -36.68
C ARG K 165 -14.98 -22.05 -37.28
N ALA K 166 -15.02 -21.60 -38.55
CA ALA K 166 -13.82 -21.06 -39.16
C ALA K 166 -13.38 -19.76 -38.51
N GLU K 167 -14.29 -19.03 -37.87
CA GLU K 167 -13.95 -17.76 -37.26
C GLU K 167 -13.11 -17.98 -36.00
N GLN K 168 -12.21 -17.03 -35.76
CA GLN K 168 -11.38 -17.03 -34.55
C GLN K 168 -12.05 -16.15 -33.51
N ALA K 169 -12.51 -16.76 -32.43
CA ALA K 169 -13.20 -16.05 -31.36
C ALA K 169 -13.34 -17.00 -30.17
N SER K 170 -13.74 -16.44 -29.03
CA SER K 170 -13.95 -17.26 -27.86
C SER K 170 -15.21 -18.10 -28.01
N GLN K 171 -15.26 -19.20 -27.27
CA GLN K 171 -16.42 -20.08 -27.34
C GLN K 171 -17.68 -19.39 -26.83
N GLU K 172 -17.56 -18.62 -25.75
CA GLU K 172 -18.72 -17.93 -25.19
C GLU K 172 -19.25 -16.88 -26.16
N VAL K 173 -18.34 -16.10 -26.77
CA VAL K 173 -18.79 -15.11 -27.75
C VAL K 173 -19.31 -15.78 -29.00
N LYS K 174 -18.81 -16.98 -29.33
CA LYS K 174 -19.37 -17.71 -30.46
C LYS K 174 -20.79 -18.17 -30.16
N ASN K 175 -21.05 -18.60 -28.93
CA ASN K 175 -22.41 -18.94 -28.53
C ASN K 175 -23.31 -17.72 -28.59
N TRP K 176 -22.80 -16.57 -28.16
CA TRP K 176 -23.59 -15.34 -28.27
C TRP K 176 -23.88 -14.99 -29.72
N MET K 177 -22.88 -15.18 -30.59
CA MET K 177 -23.06 -14.90 -32.01
C MET K 177 -24.13 -15.80 -32.63
N THR K 178 -24.08 -17.11 -32.32
CA THR K 178 -25.07 -18.00 -32.88
C THR K 178 -26.44 -17.80 -32.23
N GLU K 179 -26.48 -17.19 -31.04
CA GLU K 179 -27.76 -16.84 -30.46
C GLU K 179 -28.38 -15.63 -31.14
N THR K 180 -27.56 -14.65 -31.50
CA THR K 180 -28.08 -13.38 -32.03
C THR K 180 -28.17 -13.37 -33.55
N LEU K 181 -27.02 -13.53 -34.22
CA LEU K 181 -26.95 -13.33 -35.66
C LEU K 181 -27.69 -14.40 -36.45
N LEU K 182 -27.88 -15.60 -35.88
CA LEU K 182 -28.60 -16.64 -36.62
C LEU K 182 -30.03 -16.22 -36.93
N VAL K 183 -30.70 -15.59 -35.96
CA VAL K 183 -32.03 -15.06 -36.22
C VAL K 183 -31.96 -13.66 -36.82
N GLN K 184 -30.91 -12.90 -36.52
CA GLN K 184 -30.81 -11.53 -37.02
C GLN K 184 -30.65 -11.51 -38.54
N ASN K 185 -29.60 -12.13 -39.05
CA ASN K 185 -29.31 -12.13 -40.48
C ASN K 185 -30.05 -13.30 -41.15
N ALA K 186 -31.38 -13.17 -41.16
CA ALA K 186 -32.23 -14.20 -41.72
C ALA K 186 -33.15 -13.60 -42.77
N ASN K 187 -33.54 -14.42 -43.74
CA ASN K 187 -34.46 -13.97 -44.77
C ASN K 187 -35.78 -13.53 -44.14
N PRO K 188 -36.43 -12.50 -44.68
CA PRO K 188 -37.66 -12.00 -44.02
C PRO K 188 -38.74 -13.05 -43.85
N ASP K 189 -38.91 -13.95 -44.83
CA ASP K 189 -39.90 -15.00 -44.69
C ASP K 189 -39.57 -15.92 -43.52
N CYS K 190 -38.30 -16.28 -43.36
CA CYS K 190 -37.90 -17.07 -42.20
C CYS K 190 -37.89 -16.24 -40.93
N LYS K 191 -37.61 -14.94 -41.05
CA LYS K 191 -37.58 -14.09 -39.87
C LYS K 191 -38.96 -13.96 -39.24
N THR K 192 -40.00 -13.92 -40.08
CA THR K 192 -41.36 -13.88 -39.54
C THR K 192 -41.65 -15.12 -38.70
N ILE K 193 -41.30 -16.29 -39.22
CA ILE K 193 -41.53 -17.53 -38.49
C ILE K 193 -40.70 -17.56 -37.21
N LEU K 194 -39.44 -17.11 -37.29
CA LEU K 194 -38.58 -17.14 -36.12
C LEU K 194 -39.10 -16.22 -35.03
N LYS K 195 -39.58 -15.04 -35.41
CA LYS K 195 -40.14 -14.11 -34.42
C LYS K 195 -41.44 -14.65 -33.84
N ALA K 196 -42.26 -15.30 -34.67
CA ALA K 196 -43.51 -15.88 -34.16
C ALA K 196 -43.23 -17.04 -33.22
N LEU K 197 -42.12 -17.76 -33.41
CA LEU K 197 -41.79 -18.88 -32.54
C LEU K 197 -41.53 -18.42 -31.12
N GLY K 198 -40.81 -17.31 -30.95
CA GLY K 198 -40.47 -16.83 -29.64
C GLY K 198 -38.99 -16.99 -29.35
N PRO K 199 -38.50 -16.32 -28.32
CA PRO K 199 -37.06 -16.37 -28.01
C PRO K 199 -36.62 -17.68 -27.38
N ALA K 200 -37.54 -18.46 -26.83
CA ALA K 200 -37.18 -19.71 -26.17
C ALA K 200 -37.04 -20.88 -27.12
N ALA K 201 -37.34 -20.69 -28.41
CA ALA K 201 -37.26 -21.79 -29.36
C ALA K 201 -35.83 -22.24 -29.56
N THR K 202 -35.63 -23.54 -29.62
CA THR K 202 -34.32 -24.12 -29.85
C THR K 202 -33.99 -24.13 -31.34
N LEU K 203 -32.75 -24.50 -31.66
CA LEU K 203 -32.33 -24.52 -33.05
C LEU K 203 -33.14 -25.51 -33.87
N GLU K 204 -33.41 -26.69 -33.31
CA GLU K 204 -34.19 -27.69 -34.04
C GLU K 204 -35.60 -27.20 -34.29
N GLU K 205 -36.23 -26.57 -33.29
CA GLU K 205 -37.57 -26.05 -33.49
C GLU K 205 -37.60 -24.96 -34.56
N MET K 206 -36.63 -24.04 -34.51
CA MET K 206 -36.55 -22.99 -35.52
C MET K 206 -36.40 -23.60 -36.91
N MET K 207 -35.58 -24.65 -37.02
CA MET K 207 -35.34 -25.28 -38.30
C MET K 207 -36.59 -25.98 -38.84
N THR K 208 -37.29 -26.76 -38.02
CA THR K 208 -38.51 -27.39 -38.53
C THR K 208 -39.61 -26.36 -38.79
N ALA K 209 -39.53 -25.19 -38.16
CA ALA K 209 -40.45 -24.11 -38.50
C ALA K 209 -40.15 -23.52 -39.87
N CYS K 210 -38.89 -23.24 -40.18
CA CYS K 210 -38.55 -22.71 -41.49
C CYS K 210 -38.42 -23.78 -42.56
N GLN K 211 -38.58 -25.06 -42.22
CA GLN K 211 -38.53 -26.11 -43.23
C GLN K 211 -39.54 -25.89 -44.33
N GLY K 212 -40.71 -25.36 -43.98
CA GLY K 212 -41.76 -25.20 -44.95
C GLY K 212 -41.69 -23.95 -45.79
N VAL K 213 -40.77 -23.03 -45.48
CA VAL K 213 -40.70 -21.77 -46.21
C VAL K 213 -40.27 -22.03 -47.65
N GLY K 214 -40.87 -21.29 -48.59
CA GLY K 214 -40.55 -21.46 -49.98
C GLY K 214 -41.27 -22.61 -50.67
N GLY K 215 -41.95 -23.46 -49.92
CA GLY K 215 -42.69 -24.56 -50.51
C GLY K 215 -44.03 -24.10 -51.03
N PRO K 216 -44.71 -25.01 -51.74
CA PRO K 216 -46.05 -24.67 -52.27
C PRO K 216 -47.03 -24.24 -51.19
N GLY K 217 -47.01 -24.88 -50.03
CA GLY K 217 -47.92 -24.51 -48.97
C GLY K 217 -47.64 -23.12 -48.41
N HIS K 218 -46.37 -22.82 -48.17
CA HIS K 218 -46.02 -21.49 -47.66
C HIS K 218 -46.32 -20.41 -48.68
N LYS K 219 -46.03 -20.66 -49.95
CA LYS K 219 -46.35 -19.68 -50.99
C LYS K 219 -47.84 -19.45 -51.08
N ALA K 220 -48.64 -20.52 -51.03
CA ALA K 220 -50.08 -20.37 -51.05
C ALA K 220 -50.57 -19.59 -49.84
N ARG K 221 -50.00 -19.86 -48.67
CA ARG K 221 -50.44 -19.16 -47.45
C ARG K 221 -50.11 -17.68 -47.52
N VAL K 222 -48.90 -17.33 -47.95
CA VAL K 222 -48.54 -15.92 -48.00
C VAL K 222 -49.32 -15.19 -49.09
N LEU K 223 -49.57 -15.86 -50.22
CA LEU K 223 -50.42 -15.27 -51.24
C LEU K 223 -51.84 -15.04 -50.72
N ALA K 224 -52.37 -16.01 -49.95
CA ALA K 224 -53.70 -15.83 -49.38
C ALA K 224 -53.73 -14.67 -48.40
N GLU K 225 -52.68 -14.53 -47.59
CA GLU K 225 -52.62 -13.40 -46.66
C GLU K 225 -52.56 -12.08 -47.43
N ALA K 226 -51.78 -12.02 -48.51
CA ALA K 226 -51.69 -10.79 -49.29
C ALA K 226 -53.03 -10.44 -49.92
N MET K 227 -53.72 -11.43 -50.50
CA MET K 227 -55.00 -11.15 -51.13
C MET K 227 -56.08 -10.86 -50.09
N SER K 228 -55.94 -11.37 -48.87
CA SER K 228 -56.87 -11.00 -47.81
C SER K 228 -56.63 -9.55 -47.37
N GLN K 229 -55.37 -9.14 -47.32
CA GLN K 229 -55.08 -7.73 -47.04
C GLN K 229 -55.64 -6.84 -48.15
N VAL K 230 -55.52 -7.27 -49.41
CA VAL K 230 -56.12 -6.54 -50.51
C VAL K 230 -57.63 -6.49 -50.36
N ILE K 231 -58.23 -7.63 -50.05
CA ILE K 231 -59.67 -7.72 -49.90
C ILE K 231 -60.08 -7.45 -48.46
N VAL L 3 9.56 -56.40 -29.11
CA VAL L 3 9.28 -55.11 -28.49
C VAL L 3 8.55 -55.31 -27.16
N HIS L 4 9.05 -54.65 -26.12
CA HIS L 4 8.47 -54.81 -24.79
C HIS L 4 7.10 -54.14 -24.70
N GLN L 5 6.90 -53.02 -25.39
CA GLN L 5 5.67 -52.26 -25.30
C GLN L 5 4.72 -52.53 -26.46
N ALA L 6 4.69 -53.78 -26.93
CA ALA L 6 3.69 -54.17 -27.93
C ALA L 6 2.30 -54.07 -27.34
N ILE L 7 1.33 -53.69 -28.17
CA ILE L 7 -0.04 -53.54 -27.69
C ILE L 7 -0.62 -54.90 -27.35
N SER L 8 -1.46 -54.93 -26.32
CA SER L 8 -2.20 -56.10 -25.88
C SER L 8 -3.59 -56.08 -26.46
N PRO L 9 -4.27 -57.25 -26.52
CA PRO L 9 -5.64 -57.26 -27.06
C PRO L 9 -6.58 -56.33 -26.31
N ARG L 10 -6.36 -56.13 -25.01
CA ARG L 10 -7.20 -55.23 -24.25
C ARG L 10 -7.08 -53.80 -24.75
N THR L 11 -5.86 -53.37 -25.08
CA THR L 11 -5.67 -52.01 -25.59
C THR L 11 -6.36 -51.83 -26.94
N LEU L 12 -6.27 -52.83 -27.81
CA LEU L 12 -6.93 -52.76 -29.11
C LEU L 12 -8.45 -52.69 -28.93
N ASN L 13 -8.99 -53.53 -28.04
CA ASN L 13 -10.44 -53.50 -27.80
C ASN L 13 -10.86 -52.17 -27.21
N ALA L 14 -10.04 -51.61 -26.31
CA ALA L 14 -10.37 -50.31 -25.73
C ALA L 14 -10.35 -49.21 -26.78
N TRP L 15 -9.38 -49.26 -27.70
CA TRP L 15 -9.35 -48.28 -28.78
C TRP L 15 -10.58 -48.41 -29.67
N VAL L 16 -10.97 -49.64 -29.99
CA VAL L 16 -12.18 -49.85 -30.78
C VAL L 16 -13.39 -49.27 -30.05
N LYS L 17 -13.48 -49.53 -28.75
CA LYS L 17 -14.63 -49.06 -27.99
C LYS L 17 -14.68 -47.54 -27.91
N VAL L 18 -13.53 -46.89 -27.74
CA VAL L 18 -13.54 -45.44 -27.63
C VAL L 18 -13.83 -44.81 -28.99
N VAL L 19 -13.32 -45.40 -30.08
CA VAL L 19 -13.61 -44.83 -31.39
C VAL L 19 -15.04 -45.12 -31.83
N GLU L 20 -15.70 -46.11 -31.23
CA GLU L 20 -17.09 -46.40 -31.56
C GLU L 20 -18.05 -45.56 -30.71
N GLU L 21 -17.85 -45.54 -29.40
CA GLU L 21 -18.77 -44.83 -28.52
C GLU L 21 -18.61 -43.33 -28.65
N LYS L 22 -17.38 -42.84 -28.67
CA LYS L 22 -17.11 -41.41 -28.69
C LYS L 22 -16.94 -40.84 -30.09
N ALA L 23 -17.05 -41.68 -31.12
CA ALA L 23 -16.91 -41.25 -32.51
C ALA L 23 -15.60 -40.49 -32.72
N PHE L 24 -15.69 -39.18 -32.90
CA PHE L 24 -14.52 -38.33 -33.06
C PHE L 24 -14.66 -37.06 -32.23
N SER L 25 -15.26 -37.19 -31.06
CA SER L 25 -15.24 -36.11 -30.09
C SER L 25 -13.80 -35.86 -29.66
N PRO L 26 -13.47 -34.63 -29.21
CA PRO L 26 -12.07 -34.34 -28.87
C PRO L 26 -11.48 -35.28 -27.84
N GLU L 27 -12.34 -35.92 -27.04
CA GLU L 27 -11.88 -36.86 -26.03
C GLU L 27 -11.15 -38.05 -26.65
N VAL L 28 -11.31 -38.30 -27.95
CA VAL L 28 -10.57 -39.39 -28.57
C VAL L 28 -9.08 -39.10 -28.59
N ILE L 29 -8.69 -37.82 -28.60
CA ILE L 29 -7.27 -37.48 -28.68
C ILE L 29 -6.49 -37.96 -27.47
N PRO L 30 -6.91 -37.67 -26.22
CA PRO L 30 -6.13 -38.19 -25.09
C PRO L 30 -6.10 -39.70 -25.01
N MET L 31 -7.24 -40.37 -25.27
CA MET L 31 -7.27 -41.83 -25.20
C MET L 31 -6.23 -42.44 -26.14
N PHE L 32 -6.26 -42.04 -27.41
CA PHE L 32 -5.22 -42.46 -28.33
C PHE L 32 -3.84 -42.09 -27.79
N SER L 33 -3.72 -40.86 -27.27
CA SER L 33 -2.44 -40.40 -26.72
C SER L 33 -1.93 -41.32 -25.63
N ALA L 34 -2.83 -42.04 -24.95
CA ALA L 34 -2.43 -42.94 -23.88
C ALA L 34 -2.48 -44.40 -24.28
N LEU L 35 -2.99 -44.73 -25.46
CA LEU L 35 -3.17 -46.14 -25.83
C LEU L 35 -2.12 -46.63 -26.81
N SER L 36 -1.55 -45.74 -27.61
CA SER L 36 -0.54 -46.11 -28.60
C SER L 36 0.87 -45.74 -28.16
N GLU L 37 1.06 -45.38 -26.89
CA GLU L 37 2.38 -44.97 -26.42
C GLU L 37 3.33 -46.15 -26.45
N GLY L 38 4.46 -45.97 -27.13
CA GLY L 38 5.46 -47.01 -27.24
C GLY L 38 5.15 -48.09 -28.25
N ALA L 39 4.04 -48.00 -28.97
CA ALA L 39 3.65 -49.01 -29.92
C ALA L 39 4.43 -48.86 -31.22
N THR L 40 4.71 -50.01 -31.84
CA THR L 40 5.41 -50.01 -33.12
C THR L 40 4.50 -49.44 -34.21
N PRO L 41 5.09 -48.97 -35.32
CA PRO L 41 4.26 -48.48 -36.43
C PRO L 41 3.23 -49.49 -36.93
N GLN L 42 3.60 -50.78 -36.96
CA GLN L 42 2.64 -51.80 -37.37
C GLN L 42 1.47 -51.87 -36.41
N ASP L 43 1.73 -51.74 -35.11
CA ASP L 43 0.64 -51.70 -34.13
C ASP L 43 -0.22 -50.46 -34.33
N LEU L 44 0.41 -49.33 -34.68
CA LEU L 44 -0.36 -48.12 -34.98
C LEU L 44 -1.29 -48.36 -36.17
N ASN L 45 -0.78 -48.99 -37.22
CA ASN L 45 -1.61 -49.28 -38.39
C ASN L 45 -2.74 -50.25 -38.03
N THR L 46 -2.45 -51.25 -37.22
CA THR L 46 -3.48 -52.19 -36.79
C THR L 46 -4.57 -51.47 -35.99
N MET L 47 -4.17 -50.57 -35.10
CA MET L 47 -5.15 -49.78 -34.36
C MET L 47 -5.98 -48.91 -35.28
N LEU L 48 -5.34 -48.28 -36.28
CA LEU L 48 -6.06 -47.40 -37.18
C LEU L 48 -6.96 -48.14 -38.15
N ASN L 49 -6.69 -49.42 -38.42
CA ASN L 49 -7.49 -50.16 -39.38
C ASN L 49 -8.86 -50.52 -38.81
N THR L 50 -8.97 -50.65 -37.49
CA THR L 50 -10.20 -51.11 -36.87
C THR L 50 -11.30 -50.06 -36.85
N VAL L 51 -11.01 -48.83 -37.24
CA VAL L 51 -12.04 -47.79 -37.26
C VAL L 51 -13.05 -48.13 -38.34
N GLY L 52 -14.26 -48.51 -37.93
CA GLY L 52 -15.34 -48.78 -38.87
C GLY L 52 -16.08 -47.51 -39.21
N GLY L 53 -16.36 -47.34 -40.50
CA GLY L 53 -17.00 -46.12 -40.95
C GLY L 53 -16.04 -44.95 -40.92
N HIS L 54 -16.61 -43.76 -41.03
CA HIS L 54 -15.85 -42.51 -41.05
C HIS L 54 -14.75 -42.55 -42.11
N GLN L 55 -15.14 -42.95 -43.32
CA GLN L 55 -14.17 -43.05 -44.41
C GLN L 55 -13.57 -41.70 -44.76
N ALA L 56 -14.36 -40.62 -44.65
CA ALA L 56 -13.82 -39.29 -44.89
C ALA L 56 -12.74 -38.96 -43.87
N ALA L 57 -12.98 -39.28 -42.60
CA ALA L 57 -11.97 -39.03 -41.57
C ALA L 57 -10.71 -39.84 -41.85
N MET L 58 -10.86 -41.08 -42.28
CA MET L 58 -9.69 -41.90 -42.59
C MET L 58 -8.92 -41.32 -43.77
N GLN L 59 -9.63 -40.81 -44.77
CA GLN L 59 -8.95 -40.19 -45.91
C GLN L 59 -8.19 -38.94 -45.46
N MET L 60 -8.79 -38.11 -44.60
CA MET L 60 -8.07 -36.95 -44.08
C MET L 60 -6.85 -37.37 -43.28
N LEU L 61 -6.99 -38.43 -42.47
CA LEU L 61 -5.86 -38.91 -41.69
C LEU L 61 -4.74 -39.42 -42.58
N LYS L 62 -5.09 -40.13 -43.66
CA LYS L 62 -4.08 -40.62 -44.59
C LYS L 62 -3.39 -39.46 -45.31
N GLU L 63 -4.15 -38.43 -45.68
CA GLU L 63 -3.54 -37.25 -46.28
C GLU L 63 -2.56 -36.60 -45.30
N THR L 64 -2.95 -36.50 -44.04
CA THR L 64 -2.05 -35.94 -43.03
C THR L 64 -0.78 -36.78 -42.90
N ILE L 65 -0.94 -38.11 -42.87
CA ILE L 65 0.23 -38.98 -42.75
C ILE L 65 1.16 -38.78 -43.95
N ASN L 66 0.59 -38.70 -45.15
CA ASN L 66 1.42 -38.50 -46.33
C ASN L 66 2.16 -37.16 -46.28
N GLU L 67 1.46 -36.10 -45.87
CA GLU L 67 2.10 -34.79 -45.82
C GLU L 67 3.21 -34.74 -44.77
N GLU L 68 2.98 -35.39 -43.63
CA GLU L 68 4.02 -35.40 -42.59
C GLU L 68 5.17 -36.32 -42.97
N ALA L 69 4.90 -37.39 -43.72
CA ALA L 69 5.99 -38.20 -44.24
C ALA L 69 6.83 -37.42 -45.23
N ALA L 70 6.18 -36.61 -46.08
CA ALA L 70 6.94 -35.76 -46.99
C ALA L 70 7.78 -34.74 -46.22
N GLU L 71 7.21 -34.14 -45.18
CA GLU L 71 7.96 -33.20 -44.37
C GLU L 71 9.14 -33.87 -43.68
N TRP L 72 8.93 -35.09 -43.16
CA TRP L 72 10.01 -35.82 -42.51
C TRP L 72 11.11 -36.17 -43.51
N ASP L 73 10.73 -36.54 -44.73
CA ASP L 73 11.73 -36.88 -45.73
C ASP L 73 12.50 -35.64 -46.17
N ARG L 74 11.84 -34.49 -46.26
CA ARG L 74 12.56 -33.28 -46.64
C ARG L 74 13.45 -32.76 -45.53
N VAL L 75 13.05 -32.97 -44.26
CA VAL L 75 13.90 -32.57 -43.15
C VAL L 75 15.12 -33.49 -43.05
N HIS L 76 14.92 -34.78 -43.27
CA HIS L 76 16.00 -35.76 -43.20
C HIS L 76 16.39 -36.18 -44.61
N PRO L 77 17.41 -35.58 -45.21
CA PRO L 77 17.81 -35.97 -46.56
C PRO L 77 18.36 -37.39 -46.59
N VAL L 78 18.19 -38.04 -47.73
CA VAL L 78 18.67 -39.41 -47.91
C VAL L 78 20.18 -39.37 -48.15
N HIS L 79 20.92 -40.18 -47.41
CA HIS L 79 22.37 -40.26 -47.52
C HIS L 79 22.72 -41.45 -48.41
N ALA L 80 23.06 -41.16 -49.66
CA ALA L 80 23.40 -42.21 -50.61
C ALA L 80 24.78 -42.78 -50.28
N GLY L 81 24.99 -44.03 -50.69
CA GLY L 81 26.24 -44.71 -50.47
C GLY L 81 26.05 -46.08 -49.84
N PRO L 82 27.16 -46.76 -49.56
CA PRO L 82 27.09 -48.10 -48.95
C PRO L 82 26.73 -48.01 -47.47
N ILE L 83 25.64 -48.68 -47.09
CA ILE L 83 25.23 -48.70 -45.70
C ILE L 83 26.15 -49.62 -44.91
N ALA L 84 26.60 -49.16 -43.75
CA ALA L 84 27.49 -49.96 -42.92
C ALA L 84 26.79 -51.23 -42.46
N PRO L 85 27.43 -52.40 -42.59
CA PRO L 85 26.78 -53.65 -42.16
C PRO L 85 26.40 -53.66 -40.70
N GLY L 86 27.20 -53.04 -39.83
CA GLY L 86 26.86 -53.00 -38.41
C GLY L 86 25.56 -52.26 -38.16
N GLN L 87 25.36 -51.13 -38.82
CA GLN L 87 24.12 -50.38 -38.73
C GLN L 87 23.15 -50.88 -39.81
N MET L 88 22.05 -50.16 -40.00
CA MET L 88 21.12 -50.48 -41.07
C MET L 88 20.52 -49.18 -41.58
N ARG L 89 19.97 -49.25 -42.79
CA ARG L 89 19.61 -48.05 -43.53
C ARG L 89 18.56 -47.22 -42.79
N GLU L 90 18.71 -45.90 -42.90
CA GLU L 90 17.90 -44.97 -42.13
C GLU L 90 16.45 -44.98 -42.62
N PRO L 91 15.50 -44.65 -41.74
CA PRO L 91 14.10 -44.63 -42.15
C PRO L 91 13.79 -43.45 -43.07
N ARG L 92 12.77 -43.62 -43.89
CA ARG L 92 12.21 -42.57 -44.73
C ARG L 92 10.83 -42.19 -44.19
N GLY L 93 10.16 -41.30 -44.91
CA GLY L 93 8.83 -40.89 -44.49
C GLY L 93 7.84 -42.03 -44.51
N SER L 94 7.83 -42.80 -45.60
CA SER L 94 6.97 -43.98 -45.67
C SER L 94 7.40 -45.02 -44.65
N ASP L 95 8.71 -45.16 -44.43
CA ASP L 95 9.20 -46.14 -43.47
C ASP L 95 8.74 -45.81 -42.05
N ILE L 96 8.78 -44.54 -41.68
CA ILE L 96 8.19 -44.11 -40.42
C ILE L 96 6.70 -44.43 -40.44
N ALA L 97 6.03 -44.09 -41.54
CA ALA L 97 4.59 -44.28 -41.72
C ALA L 97 4.21 -45.74 -41.95
N GLY L 98 5.14 -46.68 -41.75
CA GLY L 98 4.77 -48.10 -41.78
C GLY L 98 4.18 -48.56 -43.08
N THR L 99 4.66 -48.03 -44.21
CA THR L 99 4.12 -48.39 -45.51
C THR L 99 4.94 -49.49 -46.17
N THR L 100 6.25 -49.28 -46.28
CA THR L 100 7.15 -50.28 -46.87
C THR L 100 8.21 -50.73 -45.86
N SER L 101 7.93 -50.57 -44.57
CA SER L 101 8.82 -51.03 -43.51
C SER L 101 8.17 -52.18 -42.77
N THR L 102 8.95 -53.23 -42.50
CA THR L 102 8.44 -54.42 -41.85
C THR L 102 8.59 -54.31 -40.34
N LEU L 103 8.10 -55.33 -39.63
CA LEU L 103 8.22 -55.36 -38.17
C LEU L 103 9.67 -55.44 -37.74
N GLN L 104 10.49 -56.22 -38.45
CA GLN L 104 11.90 -56.36 -38.08
C GLN L 104 12.62 -55.02 -38.17
N GLU L 105 12.40 -54.28 -39.25
CA GLU L 105 13.06 -52.98 -39.41
C GLU L 105 12.58 -51.99 -38.35
N GLN L 106 11.28 -51.98 -38.06
CA GLN L 106 10.77 -51.08 -37.02
C GLN L 106 11.37 -51.42 -35.67
N ILE L 107 11.44 -52.71 -35.33
CA ILE L 107 12.03 -53.11 -34.06
C ILE L 107 13.50 -52.71 -34.01
N GLY L 108 14.24 -52.92 -35.10
CA GLY L 108 15.63 -52.49 -35.14
C GLY L 108 15.77 -50.99 -34.93
N TRP L 109 14.84 -50.21 -35.48
CA TRP L 109 14.86 -48.77 -35.27
C TRP L 109 14.60 -48.42 -33.81
N MET L 110 13.61 -49.05 -33.18
CA MET L 110 13.25 -48.68 -31.82
C MET L 110 14.31 -49.11 -30.81
N THR L 111 15.06 -50.18 -31.11
CA THR L 111 16.10 -50.68 -30.20
C THR L 111 17.50 -50.41 -30.72
N ASN L 112 17.67 -49.44 -31.61
CA ASN L 112 18.98 -49.10 -32.13
C ASN L 112 19.79 -48.32 -31.10
N ASN L 113 21.08 -48.16 -31.37
CA ASN L 113 21.98 -47.38 -30.53
C ASN L 113 22.65 -46.32 -31.39
N PRO L 114 22.17 -45.07 -31.38
CA PRO L 114 21.03 -44.54 -30.61
C PRO L 114 19.70 -44.96 -31.23
N PRO L 115 18.64 -45.02 -30.41
CA PRO L 115 17.34 -45.46 -30.94
C PRO L 115 16.66 -44.37 -31.75
N ILE L 116 15.99 -44.79 -32.82
CA ILE L 116 15.14 -43.90 -33.62
C ILE L 116 13.70 -44.19 -33.24
N PRO L 117 13.02 -43.29 -32.54
CA PRO L 117 11.64 -43.56 -32.08
C PRO L 117 10.59 -43.43 -33.17
N VAL L 118 10.53 -44.45 -34.02
CA VAL L 118 9.57 -44.45 -35.13
C VAL L 118 8.15 -44.34 -34.60
N GLY L 119 7.86 -45.03 -33.49
CA GLY L 119 6.52 -45.01 -32.95
C GLY L 119 6.10 -43.64 -32.47
N GLU L 120 7.04 -42.86 -31.94
CA GLU L 120 6.69 -41.54 -31.42
C GLU L 120 6.40 -40.56 -32.55
N ILE L 121 7.18 -40.58 -33.61
CA ILE L 121 6.89 -39.74 -34.76
C ILE L 121 5.56 -40.15 -35.40
N TYR L 122 5.32 -41.45 -35.55
CA TYR L 122 4.01 -41.91 -35.96
C TYR L 122 2.93 -41.34 -35.07
N LYS L 123 3.14 -41.40 -33.75
CA LYS L 123 2.13 -40.94 -32.80
C LYS L 123 1.82 -39.49 -33.01
N ARG L 124 2.84 -38.67 -33.22
CA ARG L 124 2.61 -37.25 -33.47
C ARG L 124 1.83 -37.02 -34.76
N TRP L 125 2.18 -37.75 -35.82
CA TRP L 125 1.46 -37.58 -37.08
C TRP L 125 -0.01 -37.96 -36.94
N ILE L 126 -0.28 -39.10 -36.31
CA ILE L 126 -1.66 -39.53 -36.13
C ILE L 126 -2.40 -38.59 -35.19
N ILE L 127 -1.72 -38.04 -34.19
CA ILE L 127 -2.38 -37.08 -33.31
C ILE L 127 -2.78 -35.85 -34.09
N LEU L 128 -1.91 -35.39 -34.99
CA LEU L 128 -2.27 -34.27 -35.85
C LEU L 128 -3.46 -34.61 -36.74
N GLY L 129 -3.48 -35.83 -37.27
CA GLY L 129 -4.61 -36.24 -38.11
C GLY L 129 -5.92 -36.25 -37.36
N LEU L 130 -5.94 -36.87 -36.17
CA LEU L 130 -7.13 -36.84 -35.34
C LEU L 130 -7.50 -35.44 -34.91
N ASN L 131 -6.51 -34.57 -34.69
CA ASN L 131 -6.81 -33.19 -34.33
C ASN L 131 -7.56 -32.49 -35.46
N LYS L 132 -7.09 -32.67 -36.69
CA LYS L 132 -7.81 -32.09 -37.82
C LYS L 132 -9.19 -32.71 -37.95
N ILE L 133 -9.29 -34.02 -37.72
CA ILE L 133 -10.57 -34.72 -37.85
C ILE L 133 -11.60 -34.14 -36.88
N VAL L 134 -11.21 -33.98 -35.62
CA VAL L 134 -12.15 -33.44 -34.64
C VAL L 134 -12.44 -31.97 -34.93
N ARG L 135 -11.42 -31.22 -35.37
CA ARG L 135 -11.61 -29.79 -35.62
C ARG L 135 -12.60 -29.55 -36.76
N MET L 136 -12.49 -30.31 -37.84
CA MET L 136 -13.21 -30.01 -39.07
C MET L 136 -14.33 -31.00 -39.37
N TYR L 137 -14.05 -32.30 -39.31
CA TYR L 137 -15.04 -33.29 -39.70
C TYR L 137 -16.21 -33.28 -38.72
N SER L 138 -17.42 -33.10 -39.24
CA SER L 138 -18.63 -33.31 -38.47
C SER L 138 -19.35 -34.54 -39.00
N PRO L 139 -19.51 -35.59 -38.20
CA PRO L 139 -20.10 -36.83 -38.72
C PRO L 139 -21.53 -36.62 -39.19
N THR L 140 -21.89 -37.29 -40.29
CA THR L 140 -23.25 -37.24 -40.77
C THR L 140 -24.15 -38.10 -39.89
N SER L 141 -25.32 -37.57 -39.53
CA SER L 141 -26.22 -38.25 -38.62
C SER L 141 -27.63 -38.25 -39.21
N ILE L 142 -28.37 -39.33 -38.93
CA ILE L 142 -29.73 -39.43 -39.41
C ILE L 142 -30.63 -38.36 -38.81
N LEU L 143 -30.21 -37.77 -37.68
CA LEU L 143 -30.98 -36.68 -37.10
C LEU L 143 -30.89 -35.42 -37.94
N ASP L 144 -29.76 -35.19 -38.59
CA ASP L 144 -29.59 -34.01 -39.42
C ASP L 144 -30.32 -34.12 -40.76
N ILE L 145 -30.50 -35.33 -41.25
CA ILE L 145 -31.12 -35.52 -42.57
C ILE L 145 -32.58 -35.10 -42.50
N ARG L 146 -32.93 -34.09 -43.30
CA ARG L 146 -34.31 -33.64 -43.39
C ARG L 146 -34.54 -33.06 -44.77
N GLN L 147 -35.81 -33.05 -45.18
CA GLN L 147 -36.16 -32.70 -46.55
C GLN L 147 -36.14 -31.19 -46.77
N GLY L 148 -35.54 -30.78 -47.88
CA GLY L 148 -35.55 -29.39 -48.26
C GLY L 148 -36.94 -28.96 -48.66
N PRO L 149 -37.21 -27.65 -48.62
CA PRO L 149 -38.57 -27.18 -48.93
C PRO L 149 -39.06 -27.58 -50.29
N LYS L 150 -38.20 -27.58 -51.30
CA LYS L 150 -38.58 -27.96 -52.65
C LYS L 150 -37.99 -29.30 -53.08
N GLU L 151 -37.33 -30.00 -52.16
CA GLU L 151 -36.69 -31.27 -52.51
C GLU L 151 -37.75 -32.31 -52.82
N PRO L 152 -37.54 -33.14 -53.85
CA PRO L 152 -38.48 -34.23 -54.11
C PRO L 152 -38.48 -35.24 -52.96
N PHE L 153 -39.65 -35.86 -52.74
CA PHE L 153 -39.77 -36.85 -51.68
C PHE L 153 -38.91 -38.07 -51.96
N ARG L 154 -38.85 -38.50 -53.23
CA ARG L 154 -38.03 -39.66 -53.57
C ARG L 154 -36.56 -39.39 -53.31
N ASP L 155 -36.08 -38.19 -53.66
CA ASP L 155 -34.69 -37.85 -53.41
C ASP L 155 -34.40 -37.78 -51.92
N TYR L 156 -35.32 -37.23 -51.14
CA TYR L 156 -35.12 -37.20 -49.69
C TYR L 156 -35.10 -38.60 -49.11
N VAL L 157 -35.97 -39.48 -49.60
CA VAL L 157 -35.97 -40.87 -49.14
C VAL L 157 -34.65 -41.54 -49.47
N ASP L 158 -34.13 -41.29 -50.68
CA ASP L 158 -32.85 -41.89 -51.06
C ASP L 158 -31.72 -41.38 -50.18
N ARG L 159 -31.70 -40.07 -49.91
CA ARG L 159 -30.67 -39.52 -49.02
C ARG L 159 -30.78 -40.09 -47.61
N PHE L 160 -32.02 -40.19 -47.10
CA PHE L 160 -32.23 -40.75 -45.77
C PHE L 160 -31.76 -42.19 -45.70
N TYR L 161 -32.06 -42.98 -46.73
CA TYR L 161 -31.63 -44.38 -46.71
C TYR L 161 -30.12 -44.51 -46.84
N LYS L 162 -29.50 -43.65 -47.64
CA LYS L 162 -28.04 -43.67 -47.73
C LYS L 162 -27.41 -43.33 -46.38
N THR L 163 -27.94 -42.31 -45.71
CA THR L 163 -27.43 -41.95 -44.39
C THR L 163 -27.66 -43.08 -43.40
N LEU L 164 -28.81 -43.75 -43.48
CA LEU L 164 -29.10 -44.86 -42.59
C LEU L 164 -28.12 -46.00 -42.81
N ARG L 165 -27.82 -46.33 -44.07
CA ARG L 165 -26.83 -47.36 -44.35
C ARG L 165 -25.46 -46.97 -43.84
N ALA L 166 -25.09 -45.69 -44.00
CA ALA L 166 -23.79 -45.25 -43.50
C ALA L 166 -23.75 -45.19 -41.98
N GLU L 167 -24.90 -44.99 -41.34
CA GLU L 167 -24.94 -44.85 -39.89
C GLU L 167 -24.62 -46.18 -39.21
N GLN L 168 -23.90 -46.10 -38.09
CA GLN L 168 -23.60 -47.28 -37.28
C GLN L 168 -24.67 -47.41 -36.19
N ALA L 169 -25.46 -48.48 -36.29
CA ALA L 169 -26.54 -48.74 -35.36
C ALA L 169 -27.06 -50.15 -35.58
N SER L 170 -27.75 -50.68 -34.57
CA SER L 170 -28.36 -51.99 -34.69
C SER L 170 -29.51 -51.97 -35.69
N GLN L 171 -29.81 -53.14 -36.25
CA GLN L 171 -30.86 -53.21 -37.27
C GLN L 171 -32.22 -52.81 -36.70
N GLU L 172 -32.52 -53.24 -35.48
CA GLU L 172 -33.82 -52.90 -34.88
C GLU L 172 -33.95 -51.41 -34.66
N VAL L 173 -32.91 -50.78 -34.10
CA VAL L 173 -32.99 -49.33 -33.89
C VAL L 173 -32.95 -48.60 -35.22
N LYS L 174 -32.30 -49.18 -36.24
CA LYS L 174 -32.34 -48.57 -37.57
C LYS L 174 -33.75 -48.58 -38.13
N ASN L 175 -34.47 -49.70 -37.98
CA ASN L 175 -35.85 -49.77 -38.43
C ASN L 175 -36.72 -48.79 -37.64
N TRP L 176 -36.47 -48.68 -36.34
CA TRP L 176 -37.22 -47.71 -35.53
C TRP L 176 -36.97 -46.29 -36.00
N MET L 177 -35.70 -45.96 -36.32
CA MET L 177 -35.38 -44.64 -36.82
C MET L 177 -36.03 -44.38 -38.17
N THR L 178 -36.07 -45.40 -39.02
CA THR L 178 -36.76 -45.27 -40.30
C THR L 178 -38.25 -44.99 -40.08
N GLU L 179 -38.86 -45.70 -39.14
CA GLU L 179 -40.29 -45.52 -38.91
C GLU L 179 -40.60 -44.16 -38.30
N THR L 180 -39.76 -43.68 -37.38
CA THR L 180 -40.08 -42.49 -36.62
C THR L 180 -39.45 -41.21 -37.16
N LEU L 181 -38.57 -41.30 -38.15
CA LEU L 181 -37.84 -40.13 -38.62
C LEU L 181 -38.05 -39.82 -40.10
N LEU L 182 -38.34 -40.82 -40.92
CA LEU L 182 -38.61 -40.56 -42.33
C LEU L 182 -39.83 -39.67 -42.50
N VAL L 183 -40.88 -39.92 -41.71
CA VAL L 183 -42.09 -39.12 -41.82
C VAL L 183 -41.93 -37.79 -41.10
N GLN L 184 -41.37 -37.83 -39.89
CA GLN L 184 -41.28 -36.62 -39.07
C GLN L 184 -40.39 -35.57 -39.70
N ASN L 185 -39.23 -35.98 -40.23
CA ASN L 185 -38.27 -35.04 -40.77
C ASN L 185 -38.56 -34.74 -42.24
N ALA L 186 -39.76 -34.21 -42.48
CA ALA L 186 -40.20 -33.83 -43.80
C ALA L 186 -40.83 -32.45 -43.74
N ASN L 187 -40.81 -31.76 -44.88
CA ASN L 187 -41.38 -30.43 -44.96
C ASN L 187 -42.90 -30.50 -44.79
N PRO L 188 -43.52 -29.44 -44.30
CA PRO L 188 -44.97 -29.48 -44.06
C PRO L 188 -45.78 -29.86 -45.28
N ASP L 189 -45.34 -29.52 -46.48
CA ASP L 189 -46.08 -29.91 -47.68
C ASP L 189 -46.17 -31.42 -47.80
N CYS L 190 -45.07 -32.12 -47.53
CA CYS L 190 -45.09 -33.58 -47.55
C CYS L 190 -45.74 -34.13 -46.28
N LYS L 191 -45.48 -33.49 -45.14
CA LYS L 191 -45.95 -34.00 -43.86
C LYS L 191 -47.47 -34.00 -43.77
N THR L 192 -48.12 -32.97 -44.32
CA THR L 192 -49.58 -32.93 -44.30
C THR L 192 -50.16 -34.13 -45.03
N ILE L 193 -49.67 -34.40 -46.24
CA ILE L 193 -50.15 -35.54 -47.01
C ILE L 193 -49.83 -36.84 -46.28
N LEU L 194 -48.67 -36.91 -45.63
CA LEU L 194 -48.27 -38.15 -44.97
C LEU L 194 -49.15 -38.43 -43.75
N LYS L 195 -49.44 -37.41 -42.96
CA LYS L 195 -50.35 -37.58 -41.82
C LYS L 195 -51.76 -37.91 -42.29
N ALA L 196 -52.21 -37.28 -43.38
CA ALA L 196 -53.53 -37.62 -43.91
C ALA L 196 -53.57 -39.04 -44.46
N LEU L 197 -52.42 -39.57 -44.88
CA LEU L 197 -52.40 -40.92 -45.43
C LEU L 197 -52.73 -41.97 -44.39
N GLY L 198 -52.15 -41.85 -43.19
CA GLY L 198 -52.39 -42.81 -42.14
C GLY L 198 -51.09 -43.44 -41.65
N PRO L 199 -51.05 -43.80 -40.37
CA PRO L 199 -49.83 -44.38 -39.80
C PRO L 199 -49.47 -45.74 -40.39
N ALA L 200 -50.42 -46.44 -41.01
CA ALA L 200 -50.18 -47.79 -41.51
C ALA L 200 -49.65 -47.81 -42.93
N ALA L 201 -49.36 -46.66 -43.52
CA ALA L 201 -48.92 -46.61 -44.91
C ALA L 201 -47.52 -47.22 -45.07
N THR L 202 -47.34 -47.97 -46.15
CA THR L 202 -46.06 -48.57 -46.48
C THR L 202 -45.18 -47.54 -47.21
N LEU L 203 -43.90 -47.88 -47.38
CA LEU L 203 -42.98 -46.96 -48.03
C LEU L 203 -43.37 -46.72 -49.48
N GLU L 204 -43.80 -47.76 -50.19
CA GLU L 204 -44.21 -47.58 -51.58
C GLU L 204 -45.42 -46.66 -51.68
N GLU L 205 -46.40 -46.86 -50.79
CA GLU L 205 -47.54 -45.96 -50.76
C GLU L 205 -47.13 -44.55 -50.37
N MET L 206 -46.19 -44.42 -49.43
CA MET L 206 -45.69 -43.10 -49.06
C MET L 206 -45.13 -42.38 -50.28
N MET L 207 -44.24 -43.05 -51.02
CA MET L 207 -43.62 -42.43 -52.19
C MET L 207 -44.66 -42.12 -53.27
N THR L 208 -45.60 -43.04 -53.50
CA THR L 208 -46.62 -42.81 -54.52
C THR L 208 -47.49 -41.61 -54.17
N ALA L 209 -47.89 -41.50 -52.90
CA ALA L 209 -48.74 -40.38 -52.50
C ALA L 209 -47.99 -39.07 -52.54
N CYS L 210 -46.72 -39.08 -52.17
CA CYS L 210 -45.96 -37.83 -52.10
C CYS L 210 -45.30 -37.46 -53.43
N GLN L 211 -45.36 -38.33 -54.44
CA GLN L 211 -44.76 -38.01 -55.72
C GLN L 211 -45.42 -36.80 -56.38
N GLY L 212 -46.71 -36.59 -56.12
CA GLY L 212 -47.42 -35.50 -56.76
C GLY L 212 -47.14 -34.13 -56.18
N VAL L 213 -46.35 -34.04 -55.10
CA VAL L 213 -46.08 -32.75 -54.49
C VAL L 213 -45.11 -31.96 -55.39
N GLY L 214 -45.23 -30.64 -55.32
CA GLY L 214 -44.37 -29.76 -56.09
C GLY L 214 -44.75 -29.60 -57.54
N GLY L 215 -45.71 -30.36 -58.05
CA GLY L 215 -46.10 -30.28 -59.42
C GLY L 215 -47.17 -29.24 -59.65
N PRO L 216 -47.57 -29.04 -60.91
CA PRO L 216 -48.64 -28.06 -61.18
C PRO L 216 -49.95 -28.40 -60.51
N GLY L 217 -50.31 -29.68 -60.45
CA GLY L 217 -51.57 -30.05 -59.82
C GLY L 217 -51.59 -29.75 -58.34
N HIS L 218 -50.53 -30.12 -57.64
CA HIS L 218 -50.47 -29.86 -56.20
C HIS L 218 -50.44 -28.37 -55.91
N LYS L 219 -49.68 -27.61 -56.71
CA LYS L 219 -49.64 -26.16 -56.52
C LYS L 219 -51.01 -25.54 -56.74
N ALA L 220 -51.72 -25.98 -57.78
CA ALA L 220 -53.07 -25.47 -58.03
C ALA L 220 -54.01 -25.83 -56.88
N ARG L 221 -53.92 -27.07 -56.39
CA ARG L 221 -54.80 -27.49 -55.29
C ARG L 221 -54.54 -26.67 -54.03
N VAL L 222 -53.27 -26.48 -53.68
CA VAL L 222 -52.97 -25.75 -52.45
C VAL L 222 -53.33 -24.28 -52.61
N LEU L 223 -53.16 -23.72 -53.81
CA LEU L 223 -53.57 -22.35 -54.05
C LEU L 223 -55.08 -22.20 -53.91
N ALA L 224 -55.84 -23.15 -54.46
CA ALA L 224 -57.29 -23.10 -54.32
C ALA L 224 -57.71 -23.25 -52.86
N GLU L 225 -57.04 -24.13 -52.12
CA GLU L 225 -57.36 -24.30 -50.70
C GLU L 225 -57.09 -23.02 -49.92
N ALA L 226 -55.96 -22.35 -50.20
CA ALA L 226 -55.68 -21.09 -49.54
C ALA L 226 -56.68 -20.02 -49.93
N MET L 227 -57.09 -20.00 -51.20
CA MET L 227 -58.06 -19.02 -51.68
C MET L 227 -59.42 -19.23 -51.02
N SER L 228 -59.80 -20.48 -50.76
CA SER L 228 -61.13 -20.75 -50.21
C SER L 228 -61.38 -20.01 -48.90
N GLN L 229 -60.32 -19.72 -48.14
CA GLN L 229 -60.48 -18.96 -46.91
C GLN L 229 -60.93 -17.54 -47.20
N VAL L 230 -60.33 -16.90 -48.21
CA VAL L 230 -60.65 -15.49 -48.47
C VAL L 230 -61.94 -15.33 -49.26
N ILE L 231 -62.43 -16.38 -49.91
CA ILE L 231 -63.69 -16.30 -50.62
C ILE L 231 -64.85 -16.53 -49.66
N VAL M 3 29.98 6.65 -40.04
CA VAL M 3 29.31 5.62 -40.82
C VAL M 3 28.67 6.24 -42.06
N HIS M 4 28.42 5.41 -43.07
CA HIS M 4 27.86 5.92 -44.33
C HIS M 4 26.38 6.25 -44.22
N GLN M 5 25.66 5.60 -43.30
CA GLN M 5 24.22 5.78 -43.17
C GLN M 5 23.85 6.63 -41.97
N ALA M 6 24.73 7.55 -41.56
CA ALA M 6 24.41 8.44 -40.45
C ALA M 6 23.21 9.31 -40.79
N ILE M 7 22.37 9.59 -39.79
CA ILE M 7 21.14 10.32 -40.04
C ILE M 7 21.47 11.76 -40.39
N SER M 8 20.91 12.24 -41.49
CA SER M 8 21.05 13.62 -41.90
C SER M 8 20.02 14.49 -41.16
N PRO M 9 20.18 15.81 -41.17
CA PRO M 9 19.25 16.67 -40.42
C PRO M 9 17.79 16.44 -40.76
N ARG M 10 17.49 16.20 -42.03
CA ARG M 10 16.09 16.08 -42.44
C ARG M 10 15.45 14.80 -41.93
N THR M 11 16.22 13.71 -41.79
CA THR M 11 15.67 12.52 -41.17
C THR M 11 15.25 12.80 -39.74
N LEU M 12 16.09 13.51 -38.98
CA LEU M 12 15.76 13.84 -37.61
C LEU M 12 14.54 14.74 -37.55
N ASN M 13 14.47 15.76 -38.40
CA ASN M 13 13.32 16.66 -38.38
C ASN M 13 12.05 15.93 -38.78
N ALA M 14 12.12 15.06 -39.78
CA ALA M 14 10.95 14.30 -40.20
C ALA M 14 10.50 13.34 -39.11
N TRP M 15 11.44 12.72 -38.40
CA TRP M 15 11.07 11.87 -37.28
C TRP M 15 10.38 12.68 -36.18
N VAL M 16 10.90 13.87 -35.88
CA VAL M 16 10.28 14.72 -34.87
C VAL M 16 8.86 15.08 -35.30
N LYS M 17 8.69 15.44 -36.56
CA LYS M 17 7.34 15.76 -37.06
C LYS M 17 6.44 14.53 -37.00
N VAL M 18 6.98 13.35 -37.27
CA VAL M 18 6.19 12.12 -37.22
C VAL M 18 5.65 11.90 -35.82
N VAL M 19 6.52 12.03 -34.81
CA VAL M 19 6.05 11.88 -33.43
C VAL M 19 5.07 12.99 -33.07
N GLU M 20 5.30 14.21 -33.56
CA GLU M 20 4.44 15.32 -33.20
C GLU M 20 3.02 15.14 -33.73
N GLU M 21 2.88 14.88 -35.03
CA GLU M 21 1.54 14.77 -35.61
C GLU M 21 0.93 13.39 -35.38
N LYS M 22 1.64 12.33 -35.78
CA LYS M 22 1.04 11.01 -35.73
C LYS M 22 0.97 10.45 -34.33
N ALA M 23 1.60 11.10 -33.35
CA ALA M 23 1.60 10.68 -31.95
C ALA M 23 2.14 9.26 -31.89
N PHE M 24 1.39 8.27 -31.43
CA PHE M 24 1.82 6.88 -31.43
C PHE M 24 0.78 6.00 -32.07
N SER M 25 0.27 6.43 -33.22
CA SER M 25 -0.55 5.60 -34.06
C SER M 25 0.33 4.59 -34.79
N PRO M 26 -0.26 3.53 -35.37
CA PRO M 26 0.56 2.52 -36.06
C PRO M 26 1.43 3.11 -37.16
N GLU M 27 1.00 4.26 -37.69
CA GLU M 27 1.75 4.99 -38.70
C GLU M 27 3.19 5.30 -38.28
N VAL M 28 3.48 5.28 -36.98
CA VAL M 28 4.85 5.56 -36.53
C VAL M 28 5.77 4.36 -36.73
N ILE M 29 5.23 3.14 -36.76
CA ILE M 29 6.09 1.96 -36.91
C ILE M 29 6.82 1.92 -38.24
N PRO M 30 6.17 2.12 -39.40
CA PRO M 30 6.90 2.01 -40.67
C PRO M 30 7.92 3.13 -40.84
N MET M 31 7.46 4.37 -40.64
CA MET M 31 8.33 5.54 -40.84
C MET M 31 9.61 5.40 -40.04
N PHE M 32 9.49 5.08 -38.75
CA PHE M 32 10.68 4.87 -37.93
C PHE M 32 11.58 3.82 -38.55
N SER M 33 11.01 2.66 -38.91
CA SER M 33 11.82 1.60 -39.49
C SER M 33 12.45 2.02 -40.80
N ALA M 34 11.89 3.02 -41.48
CA ALA M 34 12.43 3.50 -42.74
C ALA M 34 13.32 4.73 -42.56
N LEU M 35 13.43 5.27 -41.35
CA LEU M 35 14.25 6.44 -41.10
C LEU M 35 15.59 6.09 -40.47
N SER M 36 15.64 5.04 -39.66
CA SER M 36 16.87 4.64 -38.99
C SER M 36 17.54 3.46 -39.67
N GLU M 37 17.25 3.22 -40.94
CA GLU M 37 17.87 2.13 -41.66
C GLU M 37 19.37 2.36 -41.76
N GLY M 38 20.15 1.47 -41.15
CA GLY M 38 21.59 1.58 -41.15
C GLY M 38 22.16 2.58 -40.17
N ALA M 39 21.31 3.27 -39.42
CA ALA M 39 21.80 4.25 -38.46
C ALA M 39 22.39 3.55 -37.25
N THR M 40 23.48 4.11 -36.73
CA THR M 40 24.07 3.58 -35.51
C THR M 40 23.11 3.79 -34.34
N PRO M 41 23.18 2.91 -33.32
CA PRO M 41 22.28 3.07 -32.17
C PRO M 41 22.47 4.38 -31.43
N GLN M 42 23.62 5.04 -31.57
CA GLN M 42 23.76 6.40 -31.06
C GLN M 42 22.77 7.33 -31.74
N ASP M 43 22.65 7.23 -33.06
CA ASP M 43 21.62 7.98 -33.78
C ASP M 43 20.22 7.52 -33.38
N LEU M 44 20.06 6.25 -33.05
CA LEU M 44 18.75 5.78 -32.58
C LEU M 44 18.37 6.47 -31.27
N ASN M 45 19.33 6.58 -30.35
CA ASN M 45 19.08 7.32 -29.12
C ASN M 45 18.81 8.78 -29.40
N THR M 46 19.54 9.37 -30.35
CA THR M 46 19.30 10.76 -30.70
C THR M 46 17.87 10.96 -31.20
N MET M 47 17.40 10.06 -32.05
CA MET M 47 16.02 10.13 -32.53
C MET M 47 15.03 9.93 -31.41
N LEU M 48 15.28 8.96 -30.52
CA LEU M 48 14.32 8.67 -29.47
C LEU M 48 14.25 9.79 -28.43
N ASN M 49 15.34 10.52 -28.24
CA ASN M 49 15.35 11.59 -27.24
C ASN M 49 14.38 12.71 -27.62
N THR M 50 14.27 13.01 -28.91
CA THR M 50 13.45 14.12 -29.39
C THR M 50 11.97 13.86 -29.28
N VAL M 51 11.51 12.79 -28.62
CA VAL M 51 10.08 12.55 -28.45
C VAL M 51 9.62 13.45 -27.30
N GLY M 52 8.98 14.56 -27.64
CA GLY M 52 8.45 15.45 -26.62
C GLY M 52 7.15 14.92 -26.07
N GLY M 53 7.06 14.84 -24.75
CA GLY M 53 5.88 14.28 -24.13
C GLY M 53 5.84 12.77 -24.26
N HIS M 54 4.67 12.22 -23.96
CA HIS M 54 4.43 10.78 -24.00
C HIS M 54 5.47 10.04 -23.16
N GLN M 55 5.69 10.54 -21.95
CA GLN M 55 6.73 9.96 -21.08
C GLN M 55 6.39 8.53 -20.69
N ALA M 56 5.10 8.24 -20.49
CA ALA M 56 4.70 6.88 -20.15
C ALA M 56 5.05 5.91 -21.27
N ALA M 57 4.75 6.30 -22.51
CA ALA M 57 5.09 5.45 -23.65
C ALA M 57 6.59 5.26 -23.77
N MET M 58 7.35 6.32 -23.51
CA MET M 58 8.81 6.18 -23.55
C MET M 58 9.30 5.25 -22.46
N GLN M 59 8.65 5.25 -21.30
CA GLN M 59 9.01 4.30 -20.25
C GLN M 59 8.74 2.87 -20.69
N MET M 60 7.59 2.64 -21.33
CA MET M 60 7.31 1.29 -21.85
C MET M 60 8.35 0.89 -22.90
N LEU M 61 8.74 1.83 -23.75
CA LEU M 61 9.76 1.55 -24.76
C LEU M 61 11.09 1.19 -24.12
N LYS M 62 11.48 1.92 -23.07
CA LYS M 62 12.74 1.62 -22.40
C LYS M 62 12.67 0.28 -21.69
N GLU M 63 11.50 -0.07 -21.15
CA GLU M 63 11.33 -1.41 -20.58
C GLU M 63 11.50 -2.48 -21.64
N THR M 64 10.94 -2.25 -22.83
CA THR M 64 11.14 -3.20 -23.93
C THR M 64 12.62 -3.33 -24.27
N ILE M 65 13.32 -2.21 -24.36
CA ILE M 65 14.73 -2.26 -24.73
C ILE M 65 15.54 -2.99 -23.66
N ASN M 66 15.19 -2.77 -22.39
CA ASN M 66 15.88 -3.48 -21.31
C ASN M 66 15.64 -4.98 -21.38
N GLU M 67 14.40 -5.39 -21.61
CA GLU M 67 14.12 -6.83 -21.68
C GLU M 67 14.74 -7.46 -22.92
N GLU M 68 14.81 -6.73 -24.03
CA GLU M 68 15.48 -7.25 -25.22
C GLU M 68 16.97 -7.36 -25.00
N ALA M 69 17.56 -6.40 -24.27
CA ALA M 69 18.97 -6.50 -23.91
C ALA M 69 19.22 -7.70 -23.01
N ALA M 70 18.31 -7.95 -22.08
CA ALA M 70 18.42 -9.13 -21.24
C ALA M 70 18.37 -10.40 -22.06
N GLU M 71 17.46 -10.47 -23.04
CA GLU M 71 17.40 -11.63 -23.92
C GLU M 71 18.66 -11.77 -24.75
N TRP M 72 19.20 -10.66 -25.24
CA TRP M 72 20.43 -10.70 -26.04
C TRP M 72 21.59 -11.22 -25.21
N ASP M 73 21.71 -10.77 -23.96
CA ASP M 73 22.75 -11.28 -23.09
C ASP M 73 22.50 -12.74 -22.71
N ARG M 74 21.23 -13.15 -22.68
CA ARG M 74 20.91 -14.55 -22.40
C ARG M 74 21.38 -15.45 -23.52
N VAL M 75 21.06 -15.10 -24.77
CA VAL M 75 21.42 -15.96 -25.90
C VAL M 75 22.93 -15.92 -26.14
N HIS M 76 23.54 -14.75 -26.07
CA HIS M 76 24.96 -14.61 -26.31
C HIS M 76 25.72 -14.70 -24.99
N PRO M 77 26.54 -15.72 -24.78
CA PRO M 77 27.26 -15.83 -23.51
C PRO M 77 28.41 -14.84 -23.43
N VAL M 78 28.79 -14.52 -22.20
CA VAL M 78 29.88 -13.58 -21.97
C VAL M 78 31.21 -14.22 -22.37
N HIS M 79 31.98 -13.51 -23.19
CA HIS M 79 33.27 -14.03 -23.61
C HIS M 79 34.23 -14.10 -22.43
N ALA M 80 34.98 -15.19 -22.35
CA ALA M 80 35.94 -15.42 -21.28
C ALA M 80 37.35 -15.47 -21.85
N GLY M 81 38.32 -15.10 -21.02
CA GLY M 81 39.70 -15.09 -21.42
C GLY M 81 40.12 -13.77 -22.03
N PRO M 82 41.40 -13.64 -22.34
CA PRO M 82 41.89 -12.39 -22.96
C PRO M 82 41.29 -12.18 -24.34
N ILE M 83 41.10 -10.91 -24.69
CA ILE M 83 40.55 -10.53 -25.98
C ILE M 83 41.70 -10.42 -26.99
N ALA M 84 41.46 -10.91 -28.20
CA ALA M 84 42.47 -10.86 -29.23
C ALA M 84 42.78 -9.41 -29.60
N PRO M 85 44.05 -9.01 -29.68
CA PRO M 85 44.36 -7.62 -30.03
C PRO M 85 43.84 -7.22 -31.40
N GLY M 86 43.84 -8.14 -32.37
CA GLY M 86 43.31 -7.81 -33.68
C GLY M 86 41.81 -7.54 -33.66
N GLN M 87 41.07 -8.35 -32.93
CA GLN M 87 39.64 -8.14 -32.75
C GLN M 87 39.40 -7.22 -31.57
N MET M 88 38.15 -7.12 -31.13
CA MET M 88 37.81 -6.33 -29.95
C MET M 88 36.61 -6.97 -29.26
N ARG M 89 36.26 -6.42 -28.10
CA ARG M 89 35.31 -7.06 -27.22
C ARG M 89 33.92 -7.19 -27.85
N GLU M 90 33.27 -8.32 -27.58
CA GLU M 90 31.96 -8.60 -28.13
C GLU M 90 30.91 -7.68 -27.50
N PRO M 91 29.88 -7.31 -28.26
CA PRO M 91 28.83 -6.44 -27.71
C PRO M 91 27.96 -7.17 -26.70
N ARG M 92 27.33 -6.39 -25.84
CA ARG M 92 26.35 -6.85 -24.89
C ARG M 92 25.01 -6.17 -25.18
N GLY M 93 23.99 -6.55 -24.42
CA GLY M 93 22.66 -5.98 -24.65
C GLY M 93 22.62 -4.48 -24.42
N SER M 94 23.26 -4.01 -23.36
CA SER M 94 23.34 -2.58 -23.12
C SER M 94 24.10 -1.89 -24.24
N ASP M 95 25.15 -2.54 -24.75
CA ASP M 95 25.91 -1.97 -25.86
C ASP M 95 25.04 -1.83 -27.10
N ILE M 96 24.21 -2.84 -27.38
CA ILE M 96 23.27 -2.74 -28.49
C ILE M 96 22.32 -1.57 -28.25
N ALA M 97 21.84 -1.42 -27.02
CA ALA M 97 20.99 -0.29 -26.67
C ALA M 97 21.75 1.03 -26.71
N GLY M 98 23.09 1.00 -26.77
CA GLY M 98 23.88 2.20 -26.87
C GLY M 98 24.27 2.85 -25.55
N THR M 99 23.85 2.28 -24.42
CA THR M 99 24.17 2.89 -23.13
C THR M 99 25.67 2.83 -22.83
N THR M 100 26.27 1.64 -22.97
CA THR M 100 27.67 1.46 -22.62
C THR M 100 28.59 1.73 -23.80
N SER M 101 28.19 1.30 -24.99
CA SER M 101 29.04 1.44 -26.16
C SER M 101 29.19 2.90 -26.57
N THR M 102 30.41 3.27 -26.96
CA THR M 102 30.66 4.57 -27.55
C THR M 102 30.50 4.50 -29.07
N LEU M 103 30.58 5.66 -29.72
CA LEU M 103 30.40 5.70 -31.16
C LEU M 103 31.52 4.95 -31.87
N GLN M 104 32.75 5.06 -31.39
CA GLN M 104 33.87 4.37 -32.03
C GLN M 104 33.69 2.86 -31.98
N GLU M 105 33.29 2.32 -30.83
CA GLU M 105 33.07 0.89 -30.71
C GLU M 105 31.94 0.43 -31.63
N GLN M 106 30.87 1.22 -31.70
CA GLN M 106 29.74 0.86 -32.56
C GLN M 106 30.14 0.85 -34.03
N ILE M 107 30.92 1.84 -34.45
CA ILE M 107 31.41 1.88 -35.82
C ILE M 107 32.32 0.69 -36.09
N GLY M 108 33.17 0.35 -35.13
CA GLY M 108 34.02 -0.82 -35.28
C GLY M 108 33.23 -2.11 -35.42
N TRP M 109 32.13 -2.22 -34.66
CA TRP M 109 31.26 -3.38 -34.81
C TRP M 109 30.62 -3.42 -36.19
N MET M 110 30.13 -2.27 -36.66
CA MET M 110 29.45 -2.23 -37.96
C MET M 110 30.42 -2.55 -39.10
N THR M 111 31.66 -2.08 -39.00
CA THR M 111 32.64 -2.28 -40.05
C THR M 111 33.51 -3.51 -39.84
N ASN M 112 33.23 -4.31 -38.81
CA ASN M 112 34.02 -5.49 -38.53
C ASN M 112 33.80 -6.55 -39.60
N ASN M 113 34.70 -7.53 -39.62
CA ASN M 113 34.60 -8.67 -40.54
C ASN M 113 34.56 -9.97 -39.74
N PRO M 114 33.40 -10.61 -39.60
CA PRO M 114 32.09 -10.24 -40.13
C PRO M 114 31.43 -9.13 -39.32
N PRO M 115 30.62 -8.30 -39.98
CA PRO M 115 29.97 -7.19 -39.27
C PRO M 115 28.92 -7.67 -38.29
N ILE M 116 28.80 -6.92 -37.19
CA ILE M 116 27.75 -7.12 -36.20
C ILE M 116 26.72 -6.00 -36.40
N PRO M 117 25.50 -6.30 -36.82
CA PRO M 117 24.52 -5.24 -37.13
C PRO M 117 23.85 -4.69 -35.88
N VAL M 118 24.60 -3.90 -35.12
CA VAL M 118 24.11 -3.34 -33.86
C VAL M 118 22.90 -2.46 -34.11
N GLY M 119 22.97 -1.61 -35.14
CA GLY M 119 21.88 -0.69 -35.40
C GLY M 119 20.58 -1.38 -35.72
N GLU M 120 20.63 -2.44 -36.52
CA GLU M 120 19.41 -3.14 -36.89
C GLU M 120 18.80 -3.88 -35.70
N ILE M 121 19.64 -4.48 -34.85
CA ILE M 121 19.12 -5.15 -33.66
C ILE M 121 18.44 -4.15 -32.75
N TYR M 122 19.09 -3.01 -32.51
CA TYR M 122 18.48 -1.98 -31.67
C TYR M 122 17.21 -1.45 -32.32
N LYS M 123 17.20 -1.33 -33.65
CA LYS M 123 16.00 -0.88 -34.34
C LYS M 123 14.85 -1.85 -34.14
N ARG M 124 15.13 -3.15 -34.18
CA ARG M 124 14.07 -4.13 -33.93
C ARG M 124 13.58 -4.04 -32.49
N TRP M 125 14.48 -3.82 -31.54
CA TRP M 125 14.05 -3.67 -30.15
C TRP M 125 13.12 -2.46 -30.00
N ILE M 126 13.52 -1.32 -30.56
CA ILE M 126 12.68 -0.14 -30.51
C ILE M 126 11.37 -0.37 -31.26
N ILE M 127 11.41 -1.19 -32.32
CA ILE M 127 10.19 -1.51 -33.06
C ILE M 127 9.23 -2.30 -32.18
N LEU M 128 9.76 -3.25 -31.41
CA LEU M 128 8.91 -3.98 -30.47
C LEU M 128 8.31 -3.04 -29.44
N GLY M 129 9.12 -2.12 -28.91
CA GLY M 129 8.61 -1.16 -27.96
C GLY M 129 7.50 -0.30 -28.55
N LEU M 130 7.73 0.21 -29.75
CA LEU M 130 6.72 1.03 -30.42
C LEU M 130 5.46 0.21 -30.71
N ASN M 131 5.63 -1.06 -31.06
CA ASN M 131 4.48 -1.92 -31.31
C ASN M 131 3.62 -2.04 -30.07
N LYS M 132 4.23 -2.33 -28.92
CA LYS M 132 3.40 -2.45 -27.73
C LYS M 132 2.83 -1.09 -27.34
N ILE M 133 3.55 0.00 -27.63
CA ILE M 133 3.03 1.33 -27.35
C ILE M 133 1.75 1.58 -28.15
N VAL M 134 1.77 1.25 -29.44
CA VAL M 134 0.59 1.51 -30.26
C VAL M 134 -0.55 0.57 -29.89
N ARG M 135 -0.25 -0.66 -29.46
CA ARG M 135 -1.32 -1.55 -29.04
C ARG M 135 -1.96 -1.10 -27.73
N MET M 136 -1.13 -0.78 -26.73
CA MET M 136 -1.62 -0.57 -25.37
C MET M 136 -1.67 0.89 -24.95
N TYR M 137 -0.57 1.62 -25.11
CA TYR M 137 -0.52 3.00 -24.64
C TYR M 137 -1.53 3.86 -25.38
N SER M 138 -2.29 4.64 -24.62
CA SER M 138 -3.25 5.60 -25.17
C SER M 138 -2.95 6.96 -24.58
N PRO M 139 -2.50 7.93 -25.37
CA PRO M 139 -2.14 9.23 -24.82
C PRO M 139 -3.36 9.94 -24.22
N THR M 140 -3.10 10.70 -23.16
CA THR M 140 -4.18 11.44 -22.51
C THR M 140 -4.54 12.66 -23.36
N SER M 141 -5.83 12.82 -23.63
CA SER M 141 -6.33 13.91 -24.44
C SER M 141 -7.29 14.76 -23.62
N ILE M 142 -7.31 16.07 -23.90
CA ILE M 142 -8.17 16.96 -23.13
C ILE M 142 -9.63 16.65 -23.41
N LEU M 143 -9.93 16.17 -24.62
CA LEU M 143 -11.31 15.86 -24.98
C LEU M 143 -11.88 14.75 -24.12
N ASP M 144 -11.03 13.88 -23.59
CA ASP M 144 -11.47 12.75 -22.78
C ASP M 144 -11.59 13.08 -21.30
N ILE M 145 -11.28 14.32 -20.91
CA ILE M 145 -11.37 14.73 -19.51
C ILE M 145 -12.81 15.21 -19.26
N ARG M 146 -13.61 14.35 -18.65
CA ARG M 146 -14.98 14.67 -18.29
C ARG M 146 -15.16 14.43 -16.80
N GLN M 147 -15.97 15.26 -16.16
CA GLN M 147 -16.12 15.19 -14.72
C GLN M 147 -17.20 14.18 -14.35
N GLY M 148 -16.87 13.30 -13.40
CA GLY M 148 -17.79 12.29 -12.96
C GLY M 148 -19.01 12.88 -12.30
N PRO M 149 -20.09 12.10 -12.20
CA PRO M 149 -21.31 12.63 -11.58
C PRO M 149 -21.14 13.05 -10.14
N LYS M 150 -20.27 12.38 -9.39
CA LYS M 150 -20.01 12.73 -8.00
C LYS M 150 -18.65 13.40 -7.81
N GLU M 151 -17.97 13.74 -8.88
CA GLU M 151 -16.66 14.39 -8.76
C GLU M 151 -16.84 15.84 -8.35
N PRO M 152 -16.15 16.31 -7.31
CA PRO M 152 -16.19 17.73 -6.99
C PRO M 152 -15.58 18.56 -8.12
N PHE M 153 -16.12 19.76 -8.32
CA PHE M 153 -15.67 20.60 -9.42
C PHE M 153 -14.20 20.99 -9.27
N ARG M 154 -13.71 21.10 -8.03
CA ARG M 154 -12.31 21.44 -7.82
C ARG M 154 -11.40 20.34 -8.35
N ASP M 155 -11.72 19.09 -8.06
CA ASP M 155 -10.92 17.97 -8.57
C ASP M 155 -11.01 17.88 -10.08
N TYR M 156 -12.20 18.12 -10.64
CA TYR M 156 -12.35 18.13 -12.09
C TYR M 156 -11.48 19.20 -12.72
N VAL M 157 -11.47 20.40 -12.14
CA VAL M 157 -10.67 21.49 -12.68
C VAL M 157 -9.19 21.15 -12.58
N ASP M 158 -8.77 20.55 -11.46
CA ASP M 158 -7.38 20.18 -11.31
C ASP M 158 -6.96 19.16 -12.36
N ARG M 159 -7.78 18.13 -12.58
CA ARG M 159 -7.46 17.14 -13.60
C ARG M 159 -7.46 17.75 -14.98
N PHE M 160 -8.43 18.62 -15.26
CA PHE M 160 -8.52 19.29 -16.56
C PHE M 160 -7.25 20.08 -16.83
N TYR M 161 -6.81 20.87 -15.86
CA TYR M 161 -5.63 21.71 -16.07
C TYR M 161 -4.36 20.88 -16.14
N LYS M 162 -4.28 19.79 -15.37
CA LYS M 162 -3.12 18.91 -15.49
C LYS M 162 -3.03 18.31 -16.88
N THR M 163 -4.16 17.82 -17.40
CA THR M 163 -4.16 17.28 -18.76
C THR M 163 -3.83 18.35 -19.78
N LEU M 164 -4.36 19.55 -19.59
CA LEU M 164 -4.08 20.65 -20.52
C LEU M 164 -2.60 20.99 -20.52
N ARG M 165 -1.98 21.03 -19.34
CA ARG M 165 -0.54 21.27 -19.27
C ARG M 165 0.23 20.16 -19.97
N ALA M 166 -0.20 18.91 -19.79
CA ALA M 166 0.45 17.80 -20.47
C ALA M 166 0.15 17.76 -21.96
N GLU M 167 -0.79 18.57 -22.44
CA GLU M 167 -1.19 18.52 -23.84
C GLU M 167 -0.12 19.10 -24.75
N GLN M 168 -0.05 18.55 -25.96
CA GLN M 168 0.93 18.96 -26.95
C GLN M 168 0.57 20.27 -27.65
N ALA M 169 -0.70 20.68 -27.59
CA ALA M 169 -1.19 21.81 -28.36
C ALA M 169 -0.51 23.12 -27.92
N SER M 170 -0.80 24.18 -28.68
CA SER M 170 -0.21 25.48 -28.48
C SER M 170 -0.91 26.24 -27.35
N GLN M 171 -0.30 27.37 -26.95
CA GLN M 171 -0.79 28.09 -25.77
C GLN M 171 -2.14 28.77 -26.05
N GLU M 172 -2.28 29.42 -27.19
CA GLU M 172 -3.54 30.11 -27.49
C GLU M 172 -4.68 29.12 -27.64
N VAL M 173 -4.44 28.00 -28.32
CA VAL M 173 -5.49 27.00 -28.44
C VAL M 173 -5.73 26.32 -27.10
N LYS M 174 -4.72 26.27 -26.23
CA LYS M 174 -4.95 25.78 -24.86
C LYS M 174 -5.88 26.71 -24.10
N ASN M 175 -5.70 28.02 -24.26
CA ASN M 175 -6.61 28.97 -23.64
C ASN M 175 -8.02 28.82 -24.19
N TRP M 176 -8.13 28.60 -25.50
CA TRP M 176 -9.45 28.36 -26.09
C TRP M 176 -10.08 27.09 -25.53
N MET M 177 -9.29 26.03 -25.37
CA MET M 177 -9.79 24.80 -24.77
C MET M 177 -10.27 25.05 -23.35
N THR M 178 -9.50 25.79 -22.56
CA THR M 178 -9.95 26.15 -21.22
C THR M 178 -11.27 26.90 -21.28
N GLU M 179 -11.42 27.80 -22.24
CA GLU M 179 -12.64 28.59 -22.35
C GLU M 179 -13.85 27.71 -22.64
N THR M 180 -13.72 26.74 -23.54
CA THR M 180 -14.90 26.00 -23.99
C THR M 180 -15.08 24.64 -23.31
N LEU M 181 -14.05 23.78 -23.35
CA LEU M 181 -14.22 22.40 -22.90
C LEU M 181 -14.45 22.31 -21.39
N LEU M 182 -13.83 23.19 -20.60
CA LEU M 182 -13.94 23.06 -19.16
C LEU M 182 -15.38 23.21 -18.68
N VAL M 183 -16.13 24.14 -19.27
CA VAL M 183 -17.53 24.25 -18.94
C VAL M 183 -18.36 23.25 -19.74
N GLN M 184 -17.89 22.85 -20.93
CA GLN M 184 -18.67 21.94 -21.76
C GLN M 184 -18.73 20.54 -21.16
N ASN M 185 -17.64 20.10 -20.53
CA ASN M 185 -17.51 18.72 -20.07
C ASN M 185 -17.92 18.53 -18.61
N ALA M 186 -18.44 19.56 -17.95
CA ALA M 186 -18.89 19.38 -16.58
C ALA M 186 -20.17 18.56 -16.54
N ASN M 187 -20.40 17.91 -15.41
CA ASN M 187 -21.60 17.11 -15.22
C ASN M 187 -22.82 18.03 -15.13
N PRO M 188 -24.02 17.50 -15.40
CA PRO M 188 -25.20 18.38 -15.46
C PRO M 188 -25.42 19.22 -14.21
N ASP M 189 -25.12 18.68 -13.03
CA ASP M 189 -25.33 19.44 -11.80
C ASP M 189 -24.47 20.69 -11.76
N CYS M 190 -23.20 20.56 -12.13
CA CYS M 190 -22.34 21.74 -12.21
C CYS M 190 -22.63 22.57 -13.45
N LYS M 191 -23.02 21.93 -14.55
CA LYS M 191 -23.26 22.65 -15.78
C LYS M 191 -24.44 23.60 -15.66
N THR M 192 -25.47 23.20 -14.92
CA THR M 192 -26.62 24.10 -14.73
C THR M 192 -26.18 25.38 -14.04
N ILE M 193 -25.40 25.26 -12.97
CA ILE M 193 -24.92 26.44 -12.26
C ILE M 193 -24.01 27.27 -13.16
N LEU M 194 -23.11 26.60 -13.89
CA LEU M 194 -22.16 27.33 -14.73
C LEU M 194 -22.88 28.11 -15.82
N LYS M 195 -23.91 27.52 -16.43
CA LYS M 195 -24.67 28.23 -17.44
C LYS M 195 -25.53 29.32 -16.84
N ALA M 196 -25.97 29.14 -15.59
CA ALA M 196 -26.69 30.21 -14.92
C ALA M 196 -25.78 31.39 -14.59
N LEU M 197 -24.49 31.13 -14.36
CA LEU M 197 -23.56 32.20 -14.07
C LEU M 197 -23.43 33.17 -15.25
N GLY M 198 -23.34 32.64 -16.46
CA GLY M 198 -23.10 33.45 -17.63
C GLY M 198 -21.68 33.29 -18.12
N PRO M 199 -21.44 33.63 -19.39
CA PRO M 199 -20.09 33.46 -19.96
C PRO M 199 -19.05 34.37 -19.32
N ALA M 200 -19.46 35.46 -18.68
CA ALA M 200 -18.50 36.41 -18.12
C ALA M 200 -17.86 35.93 -16.82
N ALA M 201 -18.39 34.86 -16.21
CA ALA M 201 -17.86 34.39 -14.94
C ALA M 201 -16.44 33.86 -15.11
N THR M 202 -15.57 34.21 -14.16
CA THR M 202 -14.20 33.75 -14.17
C THR M 202 -14.11 32.35 -13.56
N LEU M 203 -12.92 31.76 -13.61
CA LEU M 203 -12.73 30.43 -13.04
C LEU M 203 -12.97 30.42 -11.55
N GLU M 204 -12.49 31.45 -10.84
CA GLU M 204 -12.69 31.50 -9.39
C GLU M 204 -14.16 31.57 -9.04
N GLU M 205 -14.93 32.38 -9.75
CA GLU M 205 -16.37 32.46 -9.51
C GLU M 205 -17.05 31.12 -9.80
N MET M 206 -16.62 30.44 -10.87
CA MET M 206 -17.21 29.16 -11.21
C MET M 206 -16.94 28.12 -10.13
N MET M 207 -15.72 28.07 -9.62
CA MET M 207 -15.40 27.15 -8.54
C MET M 207 -16.13 27.53 -7.25
N THR M 208 -16.28 28.82 -7.00
CA THR M 208 -17.06 29.26 -5.84
C THR M 208 -18.50 28.79 -5.94
N ALA M 209 -19.09 28.87 -7.12
CA ALA M 209 -20.49 28.48 -7.31
C ALA M 209 -20.67 26.97 -7.37
N CYS M 210 -19.63 26.21 -7.70
CA CYS M 210 -19.71 24.75 -7.70
C CYS M 210 -18.99 24.12 -6.53
N GLN M 211 -18.65 24.91 -5.52
CA GLN M 211 -18.14 24.36 -4.28
C GLN M 211 -19.19 23.61 -3.47
N GLY M 212 -20.47 23.81 -3.76
CA GLY M 212 -21.53 23.22 -2.98
C GLY M 212 -22.25 22.03 -3.57
N VAL M 213 -21.86 21.57 -4.76
CA VAL M 213 -22.56 20.47 -5.42
C VAL M 213 -22.16 19.18 -4.73
N GLY M 214 -23.12 18.53 -4.08
CA GLY M 214 -22.87 17.33 -3.30
C GLY M 214 -23.06 17.51 -1.82
N GLY M 215 -23.16 18.74 -1.34
CA GLY M 215 -23.40 18.98 0.07
C GLY M 215 -24.88 18.87 0.40
N PRO M 216 -25.16 18.88 1.70
CA PRO M 216 -26.56 18.76 2.13
C PRO M 216 -27.46 19.85 1.59
N GLY M 217 -26.96 21.09 1.52
CA GLY M 217 -27.78 22.18 1.04
C GLY M 217 -28.19 22.02 -0.42
N HIS M 218 -27.22 21.67 -1.28
CA HIS M 218 -27.52 21.55 -2.70
C HIS M 218 -28.43 20.37 -2.98
N LYS M 219 -28.17 19.22 -2.33
CA LYS M 219 -29.03 18.07 -2.53
C LYS M 219 -30.45 18.35 -2.05
N ALA M 220 -30.57 19.00 -0.89
CA ALA M 220 -31.90 19.38 -0.41
C ALA M 220 -32.59 20.32 -1.38
N ARG M 221 -31.84 21.29 -1.93
N ARG M 221 -31.84 21.29 -1.93
CA ARG M 221 -32.44 22.27 -2.84
CA ARG M 221 -32.44 22.26 -2.83
C ARG M 221 -32.92 21.61 -4.12
C ARG M 221 -32.92 21.60 -4.12
N VAL M 222 -32.12 20.72 -4.71
CA VAL M 222 -32.52 20.07 -5.96
C VAL M 222 -33.68 19.12 -5.70
N LEU M 223 -33.68 18.42 -4.55
CA LEU M 223 -34.80 17.54 -4.23
C LEU M 223 -36.08 18.35 -4.04
N ALA M 224 -35.99 19.47 -3.35
CA ALA M 224 -37.16 20.33 -3.16
C ALA M 224 -37.67 20.87 -4.48
N GLU M 225 -36.76 21.26 -5.38
CA GLU M 225 -37.17 21.75 -6.68
C GLU M 225 -37.88 20.66 -7.48
N ALA M 226 -37.34 19.44 -7.46
CA ALA M 226 -37.97 18.34 -8.17
C ALA M 226 -39.36 18.04 -7.62
N MET M 227 -39.49 17.99 -6.29
CA MET M 227 -40.79 17.71 -5.70
C MET M 227 -41.78 18.84 -5.98
N SER M 228 -41.31 20.09 -5.96
CA SER M 228 -42.20 21.20 -6.28
C SER M 228 -42.68 21.13 -7.71
N GLN M 229 -41.79 20.74 -8.63
CA GLN M 229 -42.22 20.54 -10.01
C GLN M 229 -43.24 19.42 -10.11
N VAL M 230 -43.08 18.38 -9.30
CA VAL M 230 -44.09 17.32 -9.23
C VAL M 230 -45.41 17.88 -8.71
N ILE M 231 -45.34 18.66 -7.64
CA ILE M 231 -46.54 19.23 -7.04
C ILE M 231 -46.84 20.59 -7.68
N VAL N 3 34.44 16.34 -25.88
CA VAL N 3 34.34 17.44 -24.94
C VAL N 3 33.42 17.03 -23.78
N HIS N 4 33.57 17.70 -22.64
CA HIS N 4 32.78 17.39 -21.46
C HIS N 4 31.43 18.09 -21.45
N GLN N 5 31.15 18.94 -22.43
CA GLN N 5 29.96 19.77 -22.43
C GLN N 5 28.98 19.41 -23.54
N ALA N 6 29.00 18.15 -23.99
CA ALA N 6 28.01 17.69 -24.96
C ALA N 6 26.65 17.59 -24.30
N ILE N 7 25.60 17.67 -25.12
CA ILE N 7 24.24 17.67 -24.60
C ILE N 7 23.86 16.26 -24.17
N SER N 8 23.31 16.13 -22.98
CA SER N 8 22.77 14.87 -22.51
C SER N 8 21.38 14.64 -23.09
N PRO N 9 20.90 13.39 -23.07
CA PRO N 9 19.54 13.14 -23.58
C PRO N 9 18.48 13.98 -22.91
N ARG N 10 18.63 14.23 -21.60
CA ARG N 10 17.63 15.02 -20.90
C ARG N 10 17.62 16.46 -21.40
N THR N 11 18.79 17.02 -21.72
CA THR N 11 18.82 18.38 -22.27
C THR N 11 18.14 18.43 -23.63
N LEU N 12 18.37 17.43 -24.48
CA LEU N 12 17.73 17.41 -25.78
C LEU N 12 16.22 17.31 -25.65
N ASN N 13 15.73 16.44 -24.76
CA ASN N 13 14.29 16.33 -24.56
C ASN N 13 13.73 17.61 -23.97
N ALA N 14 14.49 18.27 -23.09
CA ALA N 14 14.04 19.54 -22.53
C ALA N 14 13.91 20.59 -23.61
N TRP N 15 14.87 20.64 -24.53
CA TRP N 15 14.79 21.59 -25.64
C TRP N 15 13.59 21.29 -26.54
N VAL N 16 13.34 20.01 -26.80
CA VAL N 16 12.19 19.63 -27.62
C VAL N 16 10.89 20.09 -26.94
N LYS N 17 10.78 19.85 -25.63
CA LYS N 17 9.60 20.28 -24.90
C LYS N 17 9.48 21.80 -24.89
N VAL N 18 10.62 22.50 -24.79
CA VAL N 18 10.59 23.96 -24.77
C VAL N 18 10.06 24.51 -26.07
N VAL N 19 10.55 24.00 -27.20
CA VAL N 19 10.04 24.45 -28.48
C VAL N 19 8.65 23.92 -28.78
N GLU N 20 8.20 22.90 -28.04
CA GLU N 20 6.84 22.39 -28.24
C GLU N 20 5.82 23.25 -27.52
N GLU N 21 5.90 23.33 -26.18
CA GLU N 21 4.90 24.06 -25.42
C GLU N 21 5.04 25.57 -25.61
N LYS N 22 6.27 26.08 -25.52
CA LYS N 22 6.49 27.51 -25.55
C LYS N 22 6.53 28.08 -26.97
N ALA N 23 6.55 27.23 -28.00
CA ALA N 23 6.60 27.65 -29.40
C ALA N 23 7.83 28.55 -29.55
N PHE N 24 7.71 29.74 -30.11
CA PHE N 24 8.82 30.68 -30.23
C PHE N 24 8.54 31.96 -29.46
N SER N 25 7.97 31.81 -28.26
CA SER N 25 7.80 32.91 -27.34
C SER N 25 9.18 33.35 -26.83
N PRO N 26 9.29 34.57 -26.30
CA PRO N 26 10.61 35.04 -25.85
C PRO N 26 11.26 34.13 -24.82
N GLU N 27 10.46 33.38 -24.05
CA GLU N 27 11.02 32.48 -23.04
C GLU N 27 11.88 31.39 -23.65
N VAL N 28 11.79 31.15 -24.96
CA VAL N 28 12.65 30.17 -25.59
C VAL N 28 14.10 30.65 -25.60
N ILE N 29 14.32 31.97 -25.59
CA ILE N 29 15.68 32.50 -25.70
C ILE N 29 16.51 32.16 -24.46
N PRO N 30 16.03 32.38 -23.23
CA PRO N 30 16.85 31.98 -22.08
C PRO N 30 17.08 30.48 -21.99
N MET N 31 16.10 29.66 -22.33
CA MET N 31 16.27 28.22 -22.27
C MET N 31 17.38 27.77 -23.19
N PHE N 32 17.33 28.17 -24.47
CA PHE N 32 18.43 27.91 -25.37
C PHE N 32 19.71 28.55 -24.88
N SER N 33 19.60 29.64 -24.12
CA SER N 33 20.77 30.30 -23.57
C SER N 33 21.46 29.45 -22.50
N ALA N 34 20.77 28.46 -21.96
CA ALA N 34 21.31 27.65 -20.88
C ALA N 34 21.45 26.17 -21.20
N LEU N 35 20.53 25.61 -21.99
CA LEU N 35 20.61 24.19 -22.32
C LEU N 35 21.87 23.90 -23.13
N SER N 36 22.23 24.78 -24.04
CA SER N 36 23.41 24.60 -24.89
C SER N 36 24.46 25.63 -24.46
N GLU N 37 25.25 25.28 -23.46
CA GLU N 37 26.36 26.11 -23.01
C GLU N 37 27.63 25.29 -23.12
N GLY N 38 28.56 25.73 -23.95
CA GLY N 38 29.79 25.01 -24.18
C GLY N 38 29.67 23.83 -25.12
N ALA N 39 28.47 23.57 -25.65
CA ALA N 39 28.30 22.47 -26.58
C ALA N 39 28.96 22.79 -27.92
N THR N 40 29.54 21.79 -28.55
CA THR N 40 30.13 21.98 -29.85
C THR N 40 29.01 22.21 -30.87
N PRO N 41 29.30 22.91 -31.99
CA PRO N 41 28.22 23.27 -32.93
C PRO N 41 27.43 22.09 -33.45
N GLN N 42 27.98 20.87 -33.46
CA GLN N 42 27.21 19.71 -33.88
C GLN N 42 25.99 19.51 -32.99
N ASP N 43 26.17 19.62 -31.67
CA ASP N 43 25.04 19.50 -30.77
C ASP N 43 24.05 20.64 -30.97
N LEU N 44 24.57 21.85 -31.25
CA LEU N 44 23.69 22.98 -31.51
C LEU N 44 22.81 22.73 -32.73
N ASN N 45 23.39 22.19 -33.79
CA ASN N 45 22.62 21.83 -34.97
C ASN N 45 21.61 20.74 -34.63
N THR N 46 22.02 19.77 -33.80
CA THR N 46 21.11 18.71 -33.40
C THR N 46 19.87 19.27 -32.72
N MET N 47 20.05 20.21 -31.78
CA MET N 47 18.89 20.86 -31.17
C MET N 47 18.11 21.66 -32.19
N LEU N 48 18.80 22.36 -33.09
CA LEU N 48 18.12 23.14 -34.11
C LEU N 48 17.35 22.29 -35.11
N ASN N 49 17.57 20.97 -35.10
CA ASN N 49 16.89 20.08 -36.04
C ASN N 49 15.59 19.50 -35.49
N THR N 50 15.44 19.44 -34.17
CA THR N 50 14.26 18.83 -33.55
C THR N 50 13.07 19.77 -33.46
N VAL N 51 13.04 20.85 -34.22
CA VAL N 51 11.94 21.80 -34.19
C VAL N 51 10.96 21.41 -35.29
N GLY N 52 9.90 20.71 -34.91
CA GLY N 52 8.86 20.37 -35.87
C GLY N 52 8.03 21.59 -36.22
N GLY N 53 7.77 21.76 -37.51
CA GLY N 53 7.02 22.91 -37.94
C GLY N 53 7.86 24.19 -37.85
N HIS N 54 7.16 25.31 -37.92
CA HIS N 54 7.78 26.63 -37.89
C HIS N 54 8.86 26.76 -38.96
N GLN N 55 8.53 26.30 -40.17
CA GLN N 55 9.51 26.28 -41.24
C GLN N 55 9.98 27.69 -41.60
N ALA N 56 9.06 28.65 -41.66
CA ALA N 56 9.44 30.02 -41.97
C ALA N 56 10.38 30.58 -40.91
N ALA N 57 10.10 30.30 -39.64
CA ALA N 57 10.94 30.80 -38.56
C ALA N 57 12.37 30.29 -38.70
N MET N 58 12.52 28.99 -38.95
CA MET N 58 13.86 28.45 -39.06
C MET N 58 14.52 28.85 -40.37
N GLN N 59 13.75 29.21 -41.39
CA GLN N 59 14.34 29.82 -42.58
C GLN N 59 14.94 31.18 -42.25
N MET N 60 14.23 31.99 -41.46
CA MET N 60 14.81 33.26 -41.00
C MET N 60 16.06 32.99 -40.17
N LEU N 61 16.02 31.98 -39.31
CA LEU N 61 17.17 31.65 -38.49
C LEU N 61 18.37 31.24 -39.35
N LYS N 62 18.12 30.46 -40.40
CA LYS N 62 19.18 30.07 -41.32
C LYS N 62 19.76 31.27 -42.05
N GLU N 63 18.89 32.20 -42.46
CA GLU N 63 19.38 33.43 -43.09
C GLU N 63 20.27 34.20 -42.13
N THR N 64 19.86 34.29 -40.86
CA THR N 64 20.68 34.96 -39.86
C THR N 64 22.03 34.29 -39.71
N ILE N 65 22.05 32.96 -39.61
CA ILE N 65 23.32 32.26 -39.44
C ILE N 65 24.22 32.46 -40.64
N ASN N 66 23.65 32.41 -41.85
CA ASN N 66 24.47 32.59 -43.05
C ASN N 66 25.05 34.00 -43.10
N GLU N 67 24.25 35.02 -42.79
CA GLU N 67 24.77 36.38 -42.84
C GLU N 67 25.81 36.62 -41.74
N GLU N 68 25.66 35.96 -40.58
CA GLU N 68 26.69 36.09 -39.55
C GLU N 68 27.95 35.31 -39.91
N ALA N 69 27.84 34.20 -40.63
CA ALA N 69 29.03 33.55 -41.15
C ALA N 69 29.75 34.46 -42.14
N ALA N 70 28.99 35.15 -42.98
CA ALA N 70 29.59 36.13 -43.89
C ALA N 70 30.29 37.24 -43.11
N GLU N 71 29.64 37.75 -42.06
CA GLU N 71 30.25 38.79 -41.25
C GLU N 71 31.52 38.29 -40.57
N TRP N 72 31.49 37.07 -40.05
CA TRP N 72 32.67 36.49 -39.43
C TRP N 72 33.82 36.36 -40.41
N ASP N 73 33.52 35.92 -41.64
CA ASP N 73 34.55 35.88 -42.66
C ASP N 73 35.06 37.28 -42.99
N ARG N 74 34.19 38.28 -42.93
CA ARG N 74 34.62 39.66 -43.17
C ARG N 74 35.60 40.12 -42.09
N VAL N 75 35.30 39.82 -40.82
CA VAL N 75 36.15 40.29 -39.73
C VAL N 75 37.52 39.61 -39.78
N HIS N 76 37.53 38.29 -39.93
CA HIS N 76 38.79 37.55 -39.99
C HIS N 76 39.06 37.12 -41.42
N PRO N 77 40.01 37.74 -42.12
CA PRO N 77 40.34 37.30 -43.47
C PRO N 77 41.01 35.94 -43.45
N VAL N 78 40.81 35.19 -44.53
CA VAL N 78 41.42 33.88 -44.68
C VAL N 78 42.89 34.07 -45.04
N HIS N 79 43.78 33.46 -44.25
CA HIS N 79 45.20 33.60 -44.46
C HIS N 79 45.66 32.68 -45.58
N ALA N 80 46.16 33.26 -46.67
CA ALA N 80 46.62 32.49 -47.83
C ALA N 80 48.07 32.08 -47.58
N GLY N 81 48.22 31.02 -46.79
CA GLY N 81 49.53 30.48 -46.49
C GLY N 81 49.46 29.02 -46.09
N PRO N 82 50.57 28.30 -46.29
CA PRO N 82 50.60 26.89 -45.89
C PRO N 82 50.41 26.73 -44.38
N ILE N 83 49.71 25.68 -44.00
CA ILE N 83 49.41 25.42 -42.60
C ILE N 83 50.52 24.56 -42.00
N ALA N 84 50.99 24.95 -40.83
CA ALA N 84 52.04 24.19 -40.16
C ALA N 84 51.52 22.81 -39.77
N PRO N 85 52.35 21.78 -39.86
CA PRO N 85 51.88 20.43 -39.48
C PRO N 85 51.39 20.34 -38.05
N GLY N 86 52.05 21.05 -37.13
CA GLY N 86 51.57 21.07 -35.75
C GLY N 86 50.24 21.79 -35.61
N GLN N 87 50.07 22.89 -36.33
CA GLN N 87 48.85 23.68 -36.26
C GLN N 87 47.77 23.09 -37.17
N MET N 88 46.62 23.76 -37.20
CA MET N 88 45.53 23.36 -38.08
C MET N 88 44.80 24.61 -38.55
N ARG N 89 44.05 24.45 -39.64
CA ARG N 89 43.46 25.60 -40.32
C ARG N 89 42.44 26.31 -39.42
N GLU N 90 42.44 27.64 -39.51
CA GLU N 90 41.50 28.43 -38.74
C GLU N 90 40.08 28.27 -39.29
N PRO N 91 39.07 28.36 -38.45
CA PRO N 91 37.69 28.15 -38.93
C PRO N 91 37.17 29.37 -39.67
N ARG N 92 36.46 29.10 -40.76
CA ARG N 92 35.78 30.14 -41.52
C ARG N 92 34.36 30.31 -40.98
N GLY N 93 33.57 31.14 -41.65
CA GLY N 93 32.22 31.40 -41.17
C GLY N 93 31.35 30.16 -41.18
N SER N 94 31.46 29.35 -42.23
CA SER N 94 30.62 28.15 -42.33
C SER N 94 31.01 27.11 -41.29
N ASP N 95 32.30 27.01 -40.96
CA ASP N 95 32.76 25.98 -40.03
C ASP N 95 32.20 26.20 -38.64
N ILE N 96 31.99 27.45 -38.24
CA ILE N 96 31.39 27.73 -36.94
C ILE N 96 29.97 27.18 -36.90
N ALA N 97 29.25 27.26 -38.01
CA ALA N 97 27.91 26.67 -38.08
C ALA N 97 27.95 25.16 -38.18
N GLY N 98 29.11 24.57 -38.45
CA GLY N 98 29.25 23.13 -38.53
C GLY N 98 29.03 22.53 -39.90
N THR N 99 28.73 23.35 -40.91
CA THR N 99 28.47 22.80 -42.24
C THR N 99 29.75 22.25 -42.88
N THR N 100 30.84 23.01 -42.84
CA THR N 100 32.10 22.61 -43.45
C THR N 100 33.06 22.01 -42.44
N SER N 101 32.62 21.79 -41.20
CA SER N 101 33.47 21.26 -40.14
C SER N 101 32.80 20.07 -39.48
N THR N 102 33.59 19.05 -39.19
CA THR N 102 33.11 17.83 -38.57
C THR N 102 33.29 17.89 -37.06
N LEU N 103 32.98 16.78 -36.40
CA LEU N 103 33.09 16.72 -34.94
C LEU N 103 34.52 16.92 -34.48
N GLN N 104 35.46 16.26 -35.15
CA GLN N 104 36.86 16.30 -34.69
C GLN N 104 37.42 17.71 -34.78
N GLU N 105 37.18 18.41 -35.89
CA GLU N 105 37.72 19.76 -36.03
C GLU N 105 37.07 20.72 -35.06
N GLN N 106 35.76 20.59 -34.83
CA GLN N 106 35.10 21.44 -33.85
C GLN N 106 35.66 21.19 -32.45
N ILE N 107 35.85 19.93 -32.09
CA ILE N 107 36.40 19.62 -30.77
C ILE N 107 37.81 20.17 -30.64
N GLY N 108 38.63 20.02 -31.68
CA GLY N 108 39.98 20.56 -31.64
C GLY N 108 40.00 22.07 -31.51
N TRP N 109 39.09 22.75 -32.22
CA TRP N 109 38.99 24.20 -32.09
C TRP N 109 38.60 24.60 -30.68
N MET N 110 37.63 23.90 -30.10
CA MET N 110 37.19 24.23 -28.75
C MET N 110 38.21 23.86 -27.68
N THR N 111 39.24 23.10 -28.02
CA THR N 111 40.28 22.68 -27.08
C THR N 111 41.66 23.02 -27.62
N ASN N 112 41.82 24.25 -28.12
CA ASN N 112 43.07 24.71 -28.68
C ASN N 112 43.83 25.54 -27.65
N ASN N 113 45.04 25.96 -28.00
CA ASN N 113 45.88 26.81 -27.16
C ASN N 113 46.40 27.96 -28.00
N PRO N 114 45.72 29.11 -27.97
CA PRO N 114 44.50 29.44 -27.21
C PRO N 114 43.26 28.83 -27.83
N PRO N 115 42.25 28.50 -27.01
CA PRO N 115 41.05 27.87 -27.56
C PRO N 115 40.20 28.86 -28.34
N ILE N 116 39.61 28.37 -29.43
CA ILE N 116 38.65 29.13 -30.21
C ILE N 116 37.25 28.67 -29.79
N PRO N 117 36.44 29.51 -29.19
CA PRO N 117 35.12 29.06 -28.68
C PRO N 117 34.07 29.00 -29.78
N VAL N 118 34.28 28.04 -30.70
CA VAL N 118 33.42 27.92 -31.87
C VAL N 118 31.98 27.65 -31.45
N GLY N 119 31.79 26.77 -30.46
CA GLY N 119 30.45 26.50 -29.98
C GLY N 119 29.74 27.73 -29.47
N GLU N 120 30.45 28.57 -28.71
CA GLU N 120 29.83 29.78 -28.17
C GLU N 120 29.54 30.82 -29.25
N ILE N 121 30.41 30.95 -30.25
CA ILE N 121 30.15 31.87 -31.35
C ILE N 121 28.91 31.44 -32.11
N TYR N 122 28.83 30.15 -32.45
CA TYR N 122 27.64 29.64 -33.12
C TYR N 122 26.42 29.81 -32.22
N LYS N 123 26.60 29.66 -30.91
CA LYS N 123 25.51 29.88 -29.96
C LYS N 123 24.99 31.30 -30.03
N ARG N 124 25.90 32.28 -30.10
CA ARG N 124 25.48 33.68 -30.20
C ARG N 124 24.74 33.93 -31.50
N TRP N 125 25.25 33.41 -32.62
CA TRP N 125 24.55 33.57 -33.89
C TRP N 125 23.15 33.00 -33.82
N ILE N 126 23.03 31.78 -33.30
CA ILE N 126 21.73 31.12 -33.24
C ILE N 126 20.77 31.88 -32.34
N ILE N 127 21.26 32.33 -31.17
CA ILE N 127 20.37 33.00 -30.23
C ILE N 127 19.91 34.34 -30.77
N LEU N 128 20.75 35.03 -31.55
CA LEU N 128 20.23 36.24 -32.20
C LEU N 128 19.22 35.87 -33.28
N GLY N 129 19.42 34.74 -33.95
CA GLY N 129 18.37 34.26 -34.85
C GLY N 129 17.04 34.07 -34.16
N LEU N 130 17.06 33.42 -32.98
CA LEU N 130 15.82 33.29 -32.21
C LEU N 130 15.29 34.64 -31.75
N ASN N 131 16.18 35.59 -31.48
CA ASN N 131 15.71 36.93 -31.14
C ASN N 131 14.91 37.52 -32.29
N LYS N 132 15.42 37.39 -33.50
CA LYS N 132 14.69 37.88 -34.67
C LYS N 132 13.37 37.13 -34.84
N ILE N 133 13.39 35.82 -34.62
CA ILE N 133 12.16 35.02 -34.72
C ILE N 133 11.12 35.52 -33.73
N VAL N 134 11.53 35.74 -32.48
CA VAL N 134 10.60 36.21 -31.45
C VAL N 134 10.05 37.58 -31.82
N ARG N 135 10.93 38.47 -32.29
CA ARG N 135 10.49 39.83 -32.59
C ARG N 135 9.51 39.86 -33.75
N MET N 136 9.82 39.17 -34.84
CA MET N 136 9.08 39.33 -36.09
C MET N 136 8.13 38.18 -36.40
N TYR N 137 8.61 36.94 -36.31
CA TYR N 137 7.79 35.81 -36.73
C TYR N 137 6.56 35.66 -35.85
N SER N 138 5.43 35.39 -36.48
CA SER N 138 4.17 35.12 -35.79
C SER N 138 3.63 33.81 -36.33
N PRO N 139 3.49 32.77 -35.51
CA PRO N 139 3.02 31.48 -36.02
C PRO N 139 1.58 31.56 -36.49
N THR N 140 1.25 30.75 -37.50
CA THR N 140 -0.11 30.68 -38.01
C THR N 140 -0.96 29.85 -37.06
N SER N 141 -2.04 30.44 -36.56
CA SER N 141 -2.93 29.78 -35.63
C SER N 141 -4.31 29.60 -36.25
N ILE N 142 -4.97 28.50 -35.89
CA ILE N 142 -6.28 28.20 -36.47
C ILE N 142 -7.29 29.27 -36.07
N LEU N 143 -7.19 29.78 -34.85
CA LEU N 143 -8.15 30.78 -34.39
C LEU N 143 -7.99 32.11 -35.12
N ASP N 144 -6.86 32.30 -35.80
CA ASP N 144 -6.67 33.49 -36.63
C ASP N 144 -7.27 33.33 -38.01
N ILE N 145 -7.82 32.17 -38.34
CA ILE N 145 -8.41 31.91 -39.64
C ILE N 145 -9.89 32.27 -39.56
N ARG N 146 -10.23 33.44 -40.07
CA ARG N 146 -11.61 33.90 -40.18
C ARG N 146 -11.90 34.21 -41.64
N GLN N 147 -13.09 33.83 -42.10
CA GLN N 147 -13.41 33.97 -43.51
C GLN N 147 -13.87 35.39 -43.80
N GLY N 148 -13.35 35.96 -44.89
CA GLY N 148 -13.59 37.34 -45.22
C GLY N 148 -15.02 37.63 -45.61
N PRO N 149 -15.38 38.92 -45.62
CA PRO N 149 -16.76 39.28 -45.99
C PRO N 149 -17.15 38.86 -47.41
N LYS N 150 -16.21 38.93 -48.34
CA LYS N 150 -16.46 38.61 -49.74
C LYS N 150 -15.52 37.51 -50.22
N GLU N 151 -15.38 36.45 -49.43
CA GLU N 151 -14.49 35.37 -49.78
C GLU N 151 -15.27 34.09 -49.99
N PRO N 152 -15.00 33.34 -51.06
CA PRO N 152 -15.72 32.09 -51.29
C PRO N 152 -15.48 31.09 -50.17
N PHE N 153 -16.50 30.28 -49.90
CA PHE N 153 -16.40 29.30 -48.82
C PHE N 153 -15.37 28.22 -49.15
N ARG N 154 -15.19 27.87 -50.42
CA ARG N 154 -14.17 26.89 -50.78
C ARG N 154 -12.79 27.41 -50.44
N ASP N 155 -12.51 28.69 -50.73
CA ASP N 155 -11.21 29.26 -50.39
C ASP N 155 -11.00 29.29 -48.88
N TYR N 156 -12.05 29.65 -48.13
CA TYR N 156 -11.94 29.64 -46.68
C TYR N 156 -11.68 28.24 -46.14
N VAL N 157 -12.35 27.25 -46.70
CA VAL N 157 -12.13 25.87 -46.27
C VAL N 157 -10.71 25.43 -46.59
N ASP N 158 -10.21 25.80 -47.77
CA ASP N 158 -8.85 25.47 -48.13
C ASP N 158 -7.85 26.09 -47.16
N ARG N 159 -8.05 27.37 -46.84
CA ARG N 159 -7.16 28.02 -45.87
C ARG N 159 -7.26 27.38 -44.50
N PHE N 160 -8.48 27.08 -44.06
CA PHE N 160 -8.67 26.48 -42.74
C PHE N 160 -7.98 25.14 -42.66
N TYR N 161 -8.11 24.30 -43.69
CA TYR N 161 -7.50 22.98 -43.64
C TYR N 161 -5.99 23.05 -43.82
N LYS N 162 -5.49 24.00 -44.61
CA LYS N 162 -4.05 24.18 -44.68
C LYS N 162 -3.47 24.58 -43.34
N THR N 163 -4.14 25.51 -42.65
CA THR N 163 -3.70 25.88 -41.30
C THR N 163 -3.80 24.70 -40.34
N LEU N 164 -4.87 23.91 -40.47
CA LEU N 164 -5.06 22.76 -39.59
C LEU N 164 -3.94 21.74 -39.78
N ARG N 165 -3.59 21.45 -41.03
CA ARG N 165 -2.49 20.51 -41.28
C ARG N 165 -1.17 21.08 -40.80
N ALA N 166 -0.92 22.38 -41.01
CA ALA N 166 0.32 22.97 -40.54
C ALA N 166 0.38 23.04 -39.03
N GLU N 167 -0.77 23.16 -38.37
CA GLU N 167 -0.81 23.26 -36.92
C GLU N 167 -0.41 21.95 -36.27
N GLN N 168 0.26 22.05 -35.13
CA GLN N 168 0.63 20.91 -34.32
C GLN N 168 -0.40 20.71 -33.22
N ALA N 169 -0.97 19.51 -33.16
CA ALA N 169 -2.00 19.14 -32.20
C ALA N 169 -2.31 17.66 -32.40
N SER N 170 -3.06 17.09 -31.46
CA SER N 170 -3.50 15.71 -31.59
C SER N 170 -4.58 15.59 -32.66
N GLN N 171 -4.69 14.39 -33.24
CA GLN N 171 -5.66 14.18 -34.31
C GLN N 171 -7.08 14.38 -33.81
N GLU N 172 -7.39 13.90 -32.61
CA GLU N 172 -8.71 14.11 -32.03
C GLU N 172 -8.96 15.60 -31.80
N VAL N 173 -7.94 16.32 -31.32
CA VAL N 173 -8.07 17.76 -31.13
C VAL N 173 -8.33 18.44 -32.47
N LYS N 174 -7.61 18.02 -33.52
CA LYS N 174 -7.82 18.61 -34.84
C LYS N 174 -9.24 18.34 -35.34
N ASN N 175 -9.76 17.14 -35.11
CA ASN N 175 -11.12 16.83 -35.52
C ASN N 175 -12.13 17.70 -34.79
N TRP N 176 -11.94 17.87 -33.48
CA TRP N 176 -12.84 18.74 -32.72
C TRP N 176 -12.74 20.18 -33.21
N MET N 177 -11.54 20.63 -33.53
CA MET N 177 -11.33 21.99 -34.00
C MET N 177 -11.98 22.23 -35.36
N THR N 178 -11.88 21.27 -36.27
CA THR N 178 -12.55 21.45 -37.55
C THR N 178 -14.06 21.26 -37.42
N GLU N 179 -14.51 20.57 -36.37
CA GLU N 179 -15.94 20.50 -36.12
C GLU N 179 -16.49 21.84 -35.62
N THR N 180 -15.72 22.53 -34.78
CA THR N 180 -16.23 23.74 -34.15
C THR N 180 -15.87 25.02 -34.92
N LEU N 181 -14.58 25.28 -35.09
CA LEU N 181 -14.13 26.56 -35.62
C LEU N 181 -14.53 26.77 -37.07
N LEU N 182 -14.64 25.70 -37.85
CA LEU N 182 -14.98 25.86 -39.27
C LEU N 182 -16.33 26.53 -39.42
N VAL N 183 -17.32 26.09 -38.66
CA VAL N 183 -18.62 26.75 -38.66
C VAL N 183 -18.56 28.07 -37.90
N GLN N 184 -17.78 28.11 -36.81
CA GLN N 184 -17.79 29.27 -35.93
C GLN N 184 -17.22 30.50 -36.61
N ASN N 185 -16.21 30.33 -37.46
CA ASN N 185 -15.43 31.45 -38.00
C ASN N 185 -15.87 31.86 -39.39
N ALA N 186 -17.17 31.81 -39.69
CA ALA N 186 -17.69 32.23 -40.98
C ALA N 186 -18.42 33.56 -40.85
N ASN N 187 -18.48 34.31 -41.94
CA ASN N 187 -19.13 35.61 -41.95
C ASN N 187 -20.64 35.40 -41.83
N PRO N 188 -21.40 36.46 -41.53
CA PRO N 188 -22.84 36.27 -41.26
C PRO N 188 -23.60 35.48 -42.31
N ASP N 189 -23.31 35.68 -43.60
CA ASP N 189 -24.06 34.96 -44.64
C ASP N 189 -23.80 33.46 -44.56
N CYS N 190 -22.54 33.05 -44.57
CA CYS N 190 -22.23 31.63 -44.49
C CYS N 190 -22.60 31.07 -43.13
N LYS N 191 -22.51 31.88 -42.07
CA LYS N 191 -22.90 31.40 -40.75
C LYS N 191 -24.39 31.10 -40.68
N THR N 192 -25.23 31.98 -41.23
CA THR N 192 -26.66 31.71 -41.19
C THR N 192 -27.02 30.56 -42.12
N ILE N 193 -26.30 30.40 -43.25
CA ILE N 193 -26.54 29.26 -44.11
C ILE N 193 -26.22 27.96 -43.38
N LEU N 194 -25.07 27.92 -42.69
CA LEU N 194 -24.71 26.74 -41.93
C LEU N 194 -25.70 26.46 -40.80
N LYS N 195 -26.15 27.50 -40.11
CA LYS N 195 -27.11 27.31 -39.03
C LYS N 195 -28.43 26.77 -39.57
N ALA N 196 -28.88 27.28 -40.72
CA ALA N 196 -30.09 26.77 -41.33
C ALA N 196 -29.93 25.33 -41.80
N LEU N 197 -28.71 24.94 -42.21
CA LEU N 197 -28.49 23.57 -42.65
C LEU N 197 -28.72 22.58 -41.52
N GLY N 198 -28.21 22.87 -40.33
CA GLY N 198 -28.36 21.99 -39.20
C GLY N 198 -27.03 21.56 -38.63
N PRO N 199 -27.05 20.98 -37.42
CA PRO N 199 -25.80 20.57 -36.77
C PRO N 199 -25.19 19.31 -37.34
N ALA N 200 -25.98 18.45 -37.98
CA ALA N 200 -25.49 17.18 -38.50
C ALA N 200 -25.06 17.25 -39.95
N ALA N 201 -25.08 18.43 -40.57
CA ALA N 201 -24.70 18.55 -41.97
C ALA N 201 -23.22 18.24 -42.16
N THR N 202 -22.93 17.50 -43.23
CA THR N 202 -21.56 17.14 -43.55
C THR N 202 -20.85 18.32 -44.24
N LEU N 203 -19.53 18.19 -44.39
CA LEU N 203 -18.76 19.27 -45.01
C LEU N 203 -19.20 19.51 -46.45
N GLU N 204 -19.47 18.44 -47.19
CA GLU N 204 -19.90 18.61 -48.57
C GLU N 204 -21.23 19.35 -48.65
N GLU N 205 -22.17 19.04 -47.76
CA GLU N 205 -23.44 19.74 -47.75
C GLU N 205 -23.25 21.21 -47.44
N MET N 206 -22.41 21.54 -46.45
CA MET N 206 -22.17 22.94 -46.12
C MET N 206 -21.53 23.68 -47.28
N MET N 207 -20.56 23.06 -47.94
CA MET N 207 -19.90 23.72 -49.05
C MET N 207 -20.85 23.91 -50.23
N THR N 208 -21.72 22.92 -50.47
CA THR N 208 -22.73 23.08 -51.52
C THR N 208 -23.69 24.21 -51.20
N ALA N 209 -24.11 24.32 -49.94
CA ALA N 209 -25.02 25.39 -49.55
C ALA N 209 -24.37 26.76 -49.70
N CYS N 210 -23.10 26.87 -49.31
CA CYS N 210 -22.40 28.15 -49.41
C CYS N 210 -21.87 28.44 -50.81
N GLN N 211 -21.94 27.47 -51.73
CA GLN N 211 -21.47 27.69 -53.09
C GLN N 211 -22.17 28.88 -53.74
N GLY N 212 -23.44 29.11 -53.40
CA GLY N 212 -24.19 30.19 -53.99
C GLY N 212 -24.06 31.54 -53.32
N VAL N 213 -23.39 31.61 -52.17
CA VAL N 213 -23.30 32.87 -51.46
C VAL N 213 -22.41 33.83 -52.24
N GLY N 214 -22.82 35.10 -52.28
CA GLY N 214 -22.10 36.10 -53.04
C GLY N 214 -22.47 36.19 -54.50
N GLY N 215 -23.21 35.21 -55.02
CA GLY N 215 -23.62 35.25 -56.40
C GLY N 215 -24.82 36.15 -56.60
N PRO N 216 -25.17 36.37 -57.87
CA PRO N 216 -26.33 37.23 -58.16
C PRO N 216 -27.62 36.75 -57.51
N GLY N 217 -27.84 35.44 -57.48
CA GLY N 217 -29.07 34.92 -56.87
C GLY N 217 -29.12 35.18 -55.38
N HIS N 218 -28.02 34.92 -54.68
CA HIS N 218 -27.98 35.16 -53.23
C HIS N 218 -28.12 36.64 -52.91
N LYS N 219 -27.46 37.50 -53.70
CA LYS N 219 -27.57 38.94 -53.48
C LYS N 219 -29.00 39.40 -53.70
N ALA N 220 -29.65 38.91 -54.75
CA ALA N 220 -31.04 39.28 -55.00
C ALA N 220 -31.93 38.78 -53.87
N ARG N 221 -31.69 37.57 -53.37
CA ARG N 221 -32.52 37.03 -52.29
C ARG N 221 -32.36 37.84 -51.02
N VAL N 222 -31.13 38.17 -50.64
CA VAL N 222 -30.92 38.92 -49.39
C VAL N 222 -31.46 40.34 -49.54
N LEU N 223 -31.32 40.94 -50.72
CA LEU N 223 -31.92 42.25 -50.95
C LEU N 223 -33.43 42.18 -50.84
N ALA N 224 -34.03 41.13 -51.39
CA ALA N 224 -35.49 40.98 -51.29
C ALA N 224 -35.92 40.81 -49.83
N GLU N 225 -35.15 40.05 -49.06
CA GLU N 225 -35.46 39.91 -47.64
C GLU N 225 -35.37 41.24 -46.91
N ALA N 226 -34.33 42.02 -47.21
CA ALA N 226 -34.18 43.33 -46.57
C ALA N 226 -35.33 44.26 -46.93
N MET N 227 -35.71 44.31 -48.20
CA MET N 227 -36.81 45.18 -48.60
C MET N 227 -38.15 44.69 -48.09
N SER N 228 -38.29 43.37 -47.89
CA SER N 228 -39.50 42.86 -47.26
C SER N 228 -39.57 43.27 -45.79
N GLN N 229 -38.42 43.24 -45.10
CA GLN N 229 -38.38 43.75 -43.73
C GLN N 229 -38.71 45.23 -43.69
N VAL N 230 -38.21 45.99 -44.66
CA VAL N 230 -38.55 47.41 -44.75
C VAL N 230 -40.05 47.57 -45.02
N ILE N 231 -40.59 46.77 -45.94
CA ILE N 231 -42.00 46.84 -46.28
C ILE N 231 -42.80 45.89 -45.40
N VAL O 3 23.54 -8.57 -58.77
CA VAL O 3 23.35 -8.73 -57.34
C VAL O 3 22.22 -9.73 -57.08
N HIS O 4 22.26 -10.38 -55.91
CA HIS O 4 21.24 -11.37 -55.59
C HIS O 4 19.91 -10.72 -55.26
N GLN O 5 19.92 -9.47 -54.79
CA GLN O 5 18.70 -8.76 -54.43
C GLN O 5 18.23 -7.84 -55.55
N ALA O 6 18.46 -8.23 -56.80
CA ALA O 6 18.01 -7.42 -57.92
C ALA O 6 16.49 -7.43 -58.02
N ILE O 7 15.95 -6.42 -58.70
CA ILE O 7 14.51 -6.31 -58.86
C ILE O 7 14.01 -7.44 -59.76
N SER O 8 12.76 -7.83 -59.55
CA SER O 8 12.10 -8.87 -60.32
C SER O 8 10.74 -8.36 -60.76
N PRO O 9 10.19 -8.91 -61.84
CA PRO O 9 8.95 -8.35 -62.40
C PRO O 9 7.79 -8.32 -61.41
N ARG O 10 7.69 -9.30 -60.52
CA ARG O 10 6.58 -9.32 -59.57
C ARG O 10 6.63 -8.12 -58.64
N THR O 11 7.82 -7.80 -58.11
CA THR O 11 7.94 -6.66 -57.21
C THR O 11 7.68 -5.34 -57.93
N LEU O 12 8.17 -5.20 -59.16
CA LEU O 12 7.90 -3.98 -59.92
C LEU O 12 6.42 -3.82 -60.19
N ASN O 13 5.74 -4.89 -60.58
CA ASN O 13 4.31 -4.83 -60.81
C ASN O 13 3.56 -4.51 -59.52
N ALA O 14 4.00 -5.08 -58.40
CA ALA O 14 3.36 -4.78 -57.12
C ALA O 14 3.54 -3.32 -56.74
N TRP O 15 4.73 -2.77 -56.97
CA TRP O 15 4.96 -1.36 -56.67
C TRP O 15 4.09 -0.47 -57.55
N VAL O 16 3.98 -0.81 -58.83
CA VAL O 16 3.09 -0.07 -59.71
C VAL O 16 1.65 -0.14 -59.18
N LYS O 17 1.20 -1.34 -58.82
CA LYS O 17 -0.17 -1.51 -58.37
C LYS O 17 -0.45 -0.72 -57.10
N VAL O 18 0.50 -0.69 -56.17
CA VAL O 18 0.27 0.06 -54.94
C VAL O 18 0.33 1.56 -55.19
N VAL O 19 1.15 2.01 -56.16
CA VAL O 19 1.22 3.44 -56.40
C VAL O 19 0.00 3.94 -57.16
N GLU O 20 -0.65 3.09 -57.96
CA GLU O 20 -1.89 3.52 -58.61
C GLU O 20 -3.11 3.34 -57.71
N GLU O 21 -3.25 2.18 -57.07
CA GLU O 21 -4.42 1.92 -56.24
C GLU O 21 -4.47 2.84 -55.04
N LYS O 22 -3.33 3.02 -54.36
CA LYS O 22 -3.28 3.76 -53.11
C LYS O 22 -2.83 5.19 -53.28
N ALA O 23 -2.57 5.63 -54.51
CA ALA O 23 -2.11 6.98 -54.82
C ALA O 23 -0.89 7.35 -53.98
N PHE O 24 -1.08 8.23 -53.00
CA PHE O 24 -0.03 8.60 -52.07
C PHE O 24 -0.56 8.61 -50.65
N SER O 25 -1.37 7.61 -50.32
CA SER O 25 -1.78 7.40 -48.95
C SER O 25 -0.55 7.05 -48.11
N PRO O 26 -0.58 7.32 -46.80
CA PRO O 26 0.61 7.02 -45.97
C PRO O 26 1.06 5.58 -46.06
N GLU O 27 0.13 4.65 -46.27
CA GLU O 27 0.45 3.24 -46.35
C GLU O 27 1.30 2.89 -47.56
N VAL O 28 1.62 3.88 -48.39
CA VAL O 28 2.57 3.65 -49.48
C VAL O 28 4.01 3.66 -48.96
N ILE O 29 4.27 4.30 -47.82
CA ILE O 29 5.63 4.28 -47.26
C ILE O 29 6.06 2.87 -46.85
N PRO O 30 5.24 2.07 -46.15
CA PRO O 30 5.68 0.70 -45.85
C PRO O 30 5.96 -0.12 -47.09
N MET O 31 5.02 -0.14 -48.04
CA MET O 31 5.15 -1.01 -49.21
C MET O 31 6.44 -0.74 -49.95
N PHE O 32 6.70 0.52 -50.28
CA PHE O 32 7.96 0.87 -50.92
C PHE O 32 9.14 0.41 -50.06
N SER O 33 9.08 0.70 -48.76
CA SER O 33 10.19 0.33 -47.89
C SER O 33 10.38 -1.16 -47.82
N ALA O 34 9.38 -1.94 -48.22
CA ALA O 34 9.49 -3.40 -48.24
C ALA O 34 9.80 -3.95 -49.63
N LEU O 35 9.59 -3.16 -50.68
CA LEU O 35 9.78 -3.67 -52.04
C LEU O 35 11.13 -3.30 -52.64
N SER O 36 11.77 -2.25 -52.14
CA SER O 36 13.05 -1.80 -52.66
C SER O 36 14.22 -2.20 -51.78
N GLU O 37 14.00 -3.10 -50.81
CA GLU O 37 15.06 -3.49 -49.89
C GLU O 37 16.17 -4.22 -50.64
N GLY O 38 17.37 -3.66 -50.60
CA GLY O 38 18.51 -4.26 -51.27
C GLY O 38 18.61 -3.96 -52.75
N ALA O 39 17.67 -3.22 -53.30
CA ALA O 39 17.71 -2.91 -54.73
C ALA O 39 18.78 -1.89 -55.05
N THR O 40 19.40 -2.04 -56.21
CA THR O 40 20.40 -1.09 -56.66
C THR O 40 19.74 0.25 -56.98
N PRO O 41 20.51 1.34 -56.96
CA PRO O 41 19.92 2.64 -57.31
C PRO O 41 19.28 2.67 -58.69
N GLN O 42 19.81 1.89 -59.64
CA GLN O 42 19.17 1.80 -60.95
C GLN O 42 17.76 1.21 -60.83
N ASP O 43 17.61 0.17 -60.01
CA ASP O 43 16.29 -0.39 -59.77
C ASP O 43 15.38 0.60 -59.05
N LEU O 44 15.95 1.40 -58.15
CA LEU O 44 15.17 2.44 -57.50
C LEU O 44 14.65 3.46 -58.51
N ASN O 45 15.51 3.87 -59.45
CA ASN O 45 15.07 4.79 -60.50
C ASN O 45 14.02 4.15 -61.38
N THR O 46 14.18 2.86 -61.70
CA THR O 46 13.19 2.17 -62.52
C THR O 46 11.83 2.13 -61.81
N MET O 47 11.84 1.87 -60.50
CA MET O 47 10.60 1.89 -59.74
C MET O 47 10.00 3.29 -59.73
N LEU O 48 10.84 4.31 -59.60
CA LEU O 48 10.34 5.68 -59.50
C LEU O 48 9.78 6.17 -60.83
N ASN O 49 10.30 5.68 -61.95
CA ASN O 49 9.83 6.15 -63.26
C ASN O 49 8.41 5.69 -63.55
N THR O 50 8.00 4.54 -63.01
CA THR O 50 6.70 3.97 -63.33
C THR O 50 5.54 4.72 -62.72
N VAL O 51 5.79 5.67 -61.81
CA VAL O 51 4.71 6.43 -61.21
C VAL O 51 4.07 7.30 -62.28
N GLY O 52 2.85 6.96 -62.69
CA GLY O 52 2.12 7.75 -63.66
C GLY O 52 1.34 8.86 -62.97
N GLY O 53 1.41 10.05 -63.56
CA GLY O 53 0.77 11.19 -62.95
C GLY O 53 1.53 11.66 -61.72
N HIS O 54 0.85 12.50 -60.93
CA HIS O 54 1.41 13.09 -59.72
C HIS O 54 2.75 13.77 -60.04
N GLN O 55 2.75 14.59 -61.08
CA GLN O 55 3.98 15.26 -61.50
C GLN O 55 4.49 16.20 -60.42
N ALA O 56 3.59 16.88 -59.72
CA ALA O 56 4.01 17.77 -58.64
C ALA O 56 4.71 16.99 -57.53
N ALA O 57 4.11 15.88 -57.10
CA ALA O 57 4.72 15.07 -56.06
C ALA O 57 6.06 14.51 -56.51
N MET O 58 6.15 14.13 -57.78
CA MET O 58 7.42 13.65 -58.32
C MET O 58 8.48 14.74 -58.29
N GLN O 59 8.08 15.99 -58.58
CA GLN O 59 9.02 17.10 -58.50
C GLN O 59 9.49 17.32 -57.06
N MET O 60 8.57 17.23 -56.10
CA MET O 60 8.97 17.34 -54.70
C MET O 60 9.95 16.23 -54.34
N LEU O 61 9.69 15.01 -54.81
CA LEU O 61 10.56 13.89 -54.50
C LEU O 61 11.94 14.09 -55.10
N LYS O 62 12.00 14.60 -56.33
CA LYS O 62 13.30 14.89 -56.96
C LYS O 62 14.04 15.97 -56.20
N GLU O 63 13.33 17.01 -55.76
CA GLU O 63 13.98 18.06 -54.97
C GLU O 63 14.54 17.49 -53.67
N THR O 64 13.78 16.61 -53.01
CA THR O 64 14.27 15.98 -51.79
C THR O 64 15.50 15.13 -52.06
N ILE O 65 15.49 14.36 -53.16
CA ILE O 65 16.66 13.57 -53.49
C ILE O 65 17.87 14.46 -53.67
N ASN O 66 17.72 15.55 -54.42
CA ASN O 66 18.85 16.43 -54.68
C ASN O 66 19.36 17.08 -53.39
N GLU O 67 18.45 17.49 -52.52
CA GLU O 67 18.85 18.10 -51.26
C GLU O 67 19.61 17.10 -50.38
N GLU O 68 19.10 15.87 -50.27
CA GLU O 68 19.78 14.87 -49.45
C GLU O 68 21.10 14.47 -50.08
N ALA O 69 21.20 14.46 -51.41
CA ALA O 69 22.47 14.16 -52.07
C ALA O 69 23.48 15.27 -51.80
N ALA O 70 23.02 16.52 -51.80
CA ALA O 70 23.92 17.63 -51.44
C ALA O 70 24.40 17.50 -50.02
N GLU O 71 23.50 17.13 -49.10
CA GLU O 71 23.87 16.90 -47.71
C GLU O 71 24.88 15.77 -47.60
N TRP O 72 24.67 14.70 -48.37
CA TRP O 72 25.60 13.58 -48.35
C TRP O 72 26.97 14.00 -48.87
N ASP O 73 27.01 14.82 -49.92
CA ASP O 73 28.28 15.31 -50.43
C ASP O 73 28.98 16.22 -49.42
N ARG O 74 28.21 17.04 -48.70
CA ARG O 74 28.83 17.90 -47.69
C ARG O 74 29.33 17.09 -46.50
N VAL O 75 28.66 15.99 -46.16
CA VAL O 75 29.13 15.14 -45.06
C VAL O 75 30.39 14.40 -45.46
N HIS O 76 30.42 13.87 -46.69
CA HIS O 76 31.56 13.13 -47.19
C HIS O 76 32.37 14.02 -48.13
N PRO O 77 33.42 14.68 -47.66
CA PRO O 77 34.18 15.57 -48.54
C PRO O 77 34.93 14.79 -49.61
N VAL O 78 35.18 15.45 -50.73
CA VAL O 78 35.88 14.82 -51.85
C VAL O 78 37.36 14.69 -51.49
N HIS O 79 37.89 13.49 -51.66
CA HIS O 79 39.29 13.20 -51.38
C HIS O 79 40.07 13.20 -52.69
N ALA O 80 41.12 14.02 -52.74
CA ALA O 80 41.93 14.14 -53.95
C ALA O 80 42.95 13.01 -53.98
N GLY O 81 43.88 13.08 -54.93
CA GLY O 81 44.89 12.06 -55.08
C GLY O 81 44.45 10.96 -56.01
N PRO O 82 45.40 10.26 -56.62
CA PRO O 82 45.05 9.15 -57.51
C PRO O 82 44.34 8.04 -56.76
N ILE O 83 43.39 7.40 -57.42
CA ILE O 83 42.63 6.30 -56.83
C ILE O 83 43.42 5.01 -56.99
N ALA O 84 43.47 4.21 -55.93
CA ALA O 84 44.20 2.95 -55.98
C ALA O 84 43.54 2.01 -56.99
N PRO O 85 44.31 1.36 -57.87
CA PRO O 85 43.69 0.44 -58.84
C PRO O 85 42.91 -0.68 -58.21
N GLY O 86 43.35 -1.20 -57.06
CA GLY O 86 42.60 -2.24 -56.39
C GLY O 86 41.23 -1.77 -55.95
N GLN O 87 41.15 -0.57 -55.40
CA GLN O 87 39.88 0.03 -55.01
C GLN O 87 39.30 0.79 -56.21
N MET O 88 38.26 1.57 -55.97
CA MET O 88 37.69 2.42 -57.01
C MET O 88 37.11 3.66 -56.35
N ARG O 89 36.87 4.68 -57.17
CA ARG O 89 36.55 6.01 -56.67
C ARG O 89 35.29 6.03 -55.82
N GLU O 90 35.32 6.84 -54.77
CA GLU O 90 34.23 6.91 -53.82
C GLU O 90 33.00 7.58 -54.44
N PRO O 91 31.81 7.23 -53.98
CA PRO O 91 30.60 7.85 -54.52
C PRO O 91 30.41 9.27 -54.02
N ARG O 92 29.60 10.02 -54.76
CA ARG O 92 29.13 11.34 -54.40
C ARG O 92 27.61 11.29 -54.26
N GLY O 93 27.00 12.46 -54.02
CA GLY O 93 25.56 12.50 -53.88
C GLY O 93 24.83 12.10 -55.14
N SER O 94 25.26 12.66 -56.29
CA SER O 94 24.70 12.26 -57.57
C SER O 94 25.03 10.81 -57.88
N ASP O 95 26.19 10.34 -57.45
CA ASP O 95 26.57 8.96 -57.66
C ASP O 95 25.63 8.01 -56.93
N ILE O 96 25.28 8.35 -55.69
CA ILE O 96 24.24 7.61 -54.98
C ILE O 96 22.94 7.70 -55.75
N ALA O 97 22.60 8.91 -56.21
CA ALA O 97 21.36 9.13 -56.96
C ALA O 97 21.32 8.36 -58.27
N GLY O 98 22.46 7.87 -58.74
CA GLY O 98 22.51 7.11 -59.97
C GLY O 98 22.57 7.92 -61.24
N THR O 99 22.58 9.25 -61.14
CA THR O 99 22.61 10.08 -62.34
C THR O 99 23.94 9.95 -63.07
N THR O 100 25.05 9.96 -62.34
CA THR O 100 26.37 9.84 -62.94
C THR O 100 27.03 8.50 -62.63
N SER O 101 26.28 7.55 -62.09
CA SER O 101 26.80 6.22 -61.76
C SER O 101 26.05 5.18 -62.56
N THR O 102 26.80 4.29 -63.22
CA THR O 102 26.20 3.21 -63.98
C THR O 102 25.87 2.04 -63.05
N LEU O 103 25.25 1.01 -63.62
CA LEU O 103 24.93 -0.18 -62.83
C LEU O 103 26.19 -0.89 -62.35
N GLN O 104 27.24 -0.90 -63.17
CA GLN O 104 28.49 -1.54 -62.76
C GLN O 104 29.08 -0.86 -61.54
N GLU O 105 29.07 0.48 -61.51
CA GLU O 105 29.62 1.20 -60.37
C GLU O 105 28.81 0.94 -59.11
N GLN O 106 27.48 0.93 -59.22
CA GLN O 106 26.64 0.64 -58.06
C GLN O 106 26.87 -0.78 -57.56
N ILE O 107 27.00 -1.74 -58.49
CA ILE O 107 27.27 -3.12 -58.09
C ILE O 107 28.61 -3.21 -57.38
N GLY O 108 29.62 -2.54 -57.90
CA GLY O 108 30.92 -2.54 -57.23
C GLY O 108 30.84 -1.93 -55.84
N TRP O 109 30.04 -0.87 -55.68
CA TRP O 109 29.88 -0.26 -54.37
C TRP O 109 29.20 -1.19 -53.39
N MET O 110 28.14 -1.87 -53.82
CA MET O 110 27.37 -2.71 -52.90
C MET O 110 28.07 -4.02 -52.54
N THR O 111 29.03 -4.47 -53.36
CA THR O 111 29.72 -5.74 -53.11
C THR O 111 31.21 -5.55 -52.85
N ASN O 112 31.63 -4.37 -52.43
CA ASN O 112 33.03 -4.14 -52.11
C ASN O 112 33.30 -4.46 -50.64
N ASN O 113 34.57 -4.41 -50.28
CA ASN O 113 35.00 -4.64 -48.90
C ASN O 113 35.78 -3.44 -48.40
N PRO O 114 35.21 -2.59 -47.54
CA PRO O 114 33.85 -2.67 -46.96
C PRO O 114 32.78 -2.28 -47.96
N PRO O 115 31.56 -2.77 -47.80
CA PRO O 115 30.49 -2.45 -48.76
C PRO O 115 29.84 -1.11 -48.43
N ILE O 116 29.69 -0.28 -49.46
CA ILE O 116 28.97 0.98 -49.35
C ILE O 116 27.51 0.71 -49.73
N PRO O 117 26.58 0.81 -48.80
CA PRO O 117 25.17 0.46 -49.10
C PRO O 117 24.44 1.60 -49.81
N VAL O 118 24.79 1.80 -51.08
CA VAL O 118 24.23 2.91 -51.84
C VAL O 118 22.71 2.77 -51.95
N GLY O 119 22.23 1.52 -52.08
CA GLY O 119 20.80 1.31 -52.18
C GLY O 119 20.05 1.74 -50.93
N GLU O 120 20.65 1.54 -49.75
CA GLU O 120 19.97 1.87 -48.51
C GLU O 120 19.93 3.38 -48.28
N ILE O 121 21.01 4.09 -48.63
CA ILE O 121 20.99 5.55 -48.55
C ILE O 121 19.96 6.11 -49.52
N TYR O 122 19.94 5.57 -50.75
CA TYR O 122 18.90 5.94 -51.69
C TYR O 122 17.52 5.71 -51.08
N LYS O 123 17.35 4.55 -50.44
CA LYS O 123 16.06 4.20 -49.86
C LYS O 123 15.65 5.21 -48.80
N ARG O 124 16.59 5.64 -47.96
CA ARG O 124 16.26 6.64 -46.95
C ARG O 124 15.87 7.96 -47.57
N TRP O 125 16.60 8.40 -48.61
CA TRP O 125 16.26 9.65 -49.27
C TRP O 125 14.86 9.58 -49.87
N ILE O 126 14.56 8.47 -50.54
CA ILE O 126 13.24 8.30 -51.16
C ILE O 126 12.15 8.23 -50.11
N ILE O 127 12.43 7.57 -48.99
CA ILE O 127 11.44 7.49 -47.93
C ILE O 127 11.12 8.87 -47.40
N LEU O 128 12.15 9.71 -47.24
CA LEU O 128 11.90 11.09 -46.84
C LEU O 128 11.08 11.82 -47.90
N GLY O 129 11.37 11.56 -49.17
CA GLY O 129 10.60 12.19 -50.24
C GLY O 129 9.12 11.85 -50.18
N LEU O 130 8.80 10.56 -50.10
CA LEU O 130 7.38 10.20 -49.95
C LEU O 130 6.80 10.65 -48.63
N ASN O 131 7.62 10.76 -47.58
CA ASN O 131 7.09 11.29 -46.33
C ASN O 131 6.61 12.72 -46.52
N LYS O 132 7.41 13.55 -47.18
CA LYS O 132 6.96 14.91 -47.46
C LYS O 132 5.78 14.90 -48.41
N ILE O 133 5.77 13.99 -49.38
CA ILE O 133 4.69 13.92 -50.35
C ILE O 133 3.37 13.65 -49.65
N VAL O 134 3.34 12.66 -48.77
CA VAL O 134 2.10 12.33 -48.08
C VAL O 134 1.74 13.42 -47.07
N ARG O 135 2.75 14.03 -46.43
CA ARG O 135 2.48 15.04 -45.42
C ARG O 135 1.87 16.29 -46.04
N MET O 136 2.39 16.74 -47.18
CA MET O 136 2.01 18.03 -47.74
C MET O 136 1.20 17.90 -49.03
N TYR O 137 1.70 17.16 -50.01
CA TYR O 137 1.03 17.09 -51.31
C TYR O 137 -0.34 16.44 -51.16
N SER O 138 -1.34 17.03 -51.81
CA SER O 138 -2.68 16.47 -51.90
C SER O 138 -3.06 16.37 -53.37
N PRO O 139 -3.31 15.16 -53.89
CA PRO O 139 -3.62 15.04 -55.32
C PRO O 139 -4.92 15.75 -55.66
N THR O 140 -4.96 16.35 -56.84
CA THR O 140 -6.16 17.02 -57.32
C THR O 140 -7.18 15.98 -57.75
N SER O 141 -8.40 16.10 -57.22
CA SER O 141 -9.47 15.15 -57.50
C SER O 141 -10.62 15.87 -58.18
N ILE O 142 -11.23 15.20 -59.16
CA ILE O 142 -12.36 15.77 -59.86
C ILE O 142 -13.54 15.99 -58.95
N LEU O 143 -13.58 15.32 -57.80
CA LEU O 143 -14.65 15.55 -56.84
C LEU O 143 -14.55 16.91 -56.17
N ASP O 144 -13.36 17.51 -56.15
CA ASP O 144 -13.15 18.80 -55.50
C ASP O 144 -13.28 19.98 -56.46
N ILE O 145 -13.42 19.73 -57.76
CA ILE O 145 -13.51 20.81 -58.74
C ILE O 145 -14.94 21.33 -58.71
N ARG O 146 -15.14 22.46 -58.03
CA ARG O 146 -16.45 23.09 -57.93
C ARG O 146 -16.33 24.56 -58.30
N GLN O 147 -17.33 25.07 -59.02
CA GLN O 147 -17.28 26.42 -59.57
C GLN O 147 -17.62 27.46 -58.51
N GLY O 148 -16.78 28.47 -58.40
CA GLY O 148 -16.94 29.51 -57.41
C GLY O 148 -18.17 30.35 -57.67
N PRO O 149 -18.62 31.07 -56.64
CA PRO O 149 -19.88 31.83 -56.78
C PRO O 149 -19.86 32.84 -57.91
N LYS O 150 -18.73 33.48 -58.16
CA LYS O 150 -18.61 34.44 -59.25
C LYS O 150 -17.77 33.90 -60.39
N GLU O 151 -17.36 32.65 -60.33
CA GLU O 151 -16.50 32.09 -61.37
C GLU O 151 -17.28 31.93 -62.67
N PRO O 152 -16.73 32.34 -63.80
CA PRO O 152 -17.44 32.15 -65.07
C PRO O 152 -17.62 30.66 -65.36
N PHE O 153 -18.74 30.34 -66.03
CA PHE O 153 -19.02 28.95 -66.36
C PHE O 153 -17.97 28.39 -67.31
N ARG O 154 -17.52 29.21 -68.27
CA ARG O 154 -16.50 28.75 -69.20
C ARG O 154 -15.19 28.42 -68.49
N ASP O 155 -14.77 29.28 -67.55
CA ASP O 155 -13.55 29.01 -66.81
C ASP O 155 -13.70 27.77 -65.93
N TYR O 156 -14.86 27.59 -65.32
CA TYR O 156 -15.09 26.38 -64.53
C TYR O 156 -15.04 25.13 -65.40
N VAL O 157 -15.63 25.20 -66.60
CA VAL O 157 -15.60 24.07 -67.51
C VAL O 157 -14.15 23.77 -67.90
N ASP O 158 -13.36 24.80 -68.17
CA ASP O 158 -11.97 24.59 -68.53
C ASP O 158 -11.19 23.94 -67.39
N ARG O 159 -11.40 24.43 -66.16
CA ARG O 159 -10.72 23.84 -65.01
C ARG O 159 -11.15 22.39 -64.79
N PHE O 160 -12.45 22.12 -64.93
CA PHE O 160 -12.95 20.76 -64.78
C PHE O 160 -12.36 19.83 -65.82
N TYR O 161 -12.27 20.28 -67.07
CA TYR O 161 -11.71 19.44 -68.11
C TYR O 161 -10.22 19.24 -67.93
N LYS O 162 -9.51 20.26 -67.46
CA LYS O 162 -8.09 20.07 -67.16
C LYS O 162 -7.89 19.04 -66.05
N THR O 163 -8.70 19.13 -65.01
CA THR O 163 -8.62 18.14 -63.92
C THR O 163 -8.96 16.75 -64.43
N LEU O 164 -9.96 16.65 -65.31
CA LEU O 164 -10.33 15.35 -65.88
C LEU O 164 -9.19 14.77 -66.69
N ARG O 165 -8.52 15.61 -67.51
CA ARG O 165 -7.37 15.14 -68.26
C ARG O 165 -6.27 14.67 -67.34
N ALA O 166 -6.03 15.40 -66.25
CA ALA O 166 -5.01 14.99 -65.29
C ALA O 166 -5.44 13.80 -64.45
N GLU O 167 -6.74 13.55 -64.34
CA GLU O 167 -7.23 12.46 -63.51
C GLU O 167 -6.95 11.12 -64.16
N GLN O 168 -6.61 10.13 -63.34
CA GLN O 168 -6.39 8.77 -63.81
C GLN O 168 -7.66 7.96 -63.61
N ALA O 169 -8.26 7.52 -64.72
CA ALA O 169 -9.51 6.77 -64.70
C ALA O 169 -9.79 6.29 -66.12
N SER O 170 -10.69 5.32 -66.24
CA SER O 170 -11.05 4.82 -67.54
C SER O 170 -11.85 5.85 -68.31
N GLN O 171 -11.87 5.70 -69.64
CA GLN O 171 -12.56 6.68 -70.48
C GLN O 171 -14.05 6.70 -70.19
N GLU O 172 -14.66 5.53 -70.02
CA GLU O 172 -16.09 5.46 -69.78
C GLU O 172 -16.45 6.13 -68.45
N VAL O 173 -15.70 5.82 -67.39
CA VAL O 173 -15.99 6.45 -66.11
C VAL O 173 -15.64 7.92 -66.14
N LYS O 174 -14.67 8.32 -66.98
CA LYS O 174 -14.38 9.75 -67.13
C LYS O 174 -15.55 10.48 -67.77
N ASN O 175 -16.13 9.91 -68.82
CA ASN O 175 -17.31 10.51 -69.44
C ASN O 175 -18.48 10.55 -68.46
N TRP O 176 -18.65 9.48 -67.68
CA TRP O 176 -19.72 9.47 -66.69
C TRP O 176 -19.50 10.55 -65.64
N MET O 177 -18.27 10.71 -65.16
CA MET O 177 -17.96 11.75 -64.20
C MET O 177 -18.22 13.12 -64.77
N THR O 178 -17.84 13.34 -66.03
CA THR O 178 -18.17 14.60 -66.70
C THR O 178 -19.67 14.84 -66.67
N GLU O 179 -20.44 13.91 -67.23
CA GLU O 179 -21.88 14.09 -67.39
C GLU O 179 -22.61 14.17 -66.06
N THR O 180 -22.04 13.66 -64.97
CA THR O 180 -22.71 13.67 -63.69
C THR O 180 -22.18 14.71 -62.72
N LEU O 181 -21.04 15.34 -63.00
CA LEU O 181 -20.45 16.29 -62.08
C LEU O 181 -20.26 17.69 -62.64
N LEU O 182 -20.24 17.86 -63.97
CA LEU O 182 -20.12 19.21 -64.51
C LEU O 182 -21.33 20.05 -64.15
N VAL O 183 -22.51 19.44 -64.17
CA VAL O 183 -23.72 20.18 -63.84
C VAL O 183 -23.95 20.21 -62.33
N GLN O 184 -23.71 19.10 -61.66
CA GLN O 184 -24.00 19.03 -60.22
C GLN O 184 -23.11 19.98 -59.43
N ASN O 185 -21.83 20.05 -59.77
CA ASN O 185 -20.87 20.87 -59.04
C ASN O 185 -20.81 22.28 -59.64
N ALA O 186 -21.95 22.97 -59.60
CA ALA O 186 -22.06 24.33 -60.07
C ALA O 186 -22.87 25.13 -59.05
N ASN O 187 -22.63 26.45 -59.01
CA ASN O 187 -23.35 27.28 -58.05
C ASN O 187 -24.81 27.37 -58.47
N PRO O 188 -25.71 27.64 -57.52
CA PRO O 188 -27.14 27.72 -57.85
C PRO O 188 -27.46 28.66 -59.00
N ASP O 189 -26.69 29.74 -59.17
CA ASP O 189 -26.97 30.68 -60.25
C ASP O 189 -26.87 30.01 -61.60
N CYS O 190 -25.85 29.16 -61.80
CA CYS O 190 -25.74 28.40 -63.04
C CYS O 190 -26.51 27.10 -63.01
N LYS O 191 -26.65 26.49 -61.82
CA LYS O 191 -27.34 25.21 -61.71
C LYS O 191 -28.82 25.35 -62.05
N THR O 192 -29.45 26.45 -61.63
CA THR O 192 -30.85 26.66 -61.97
C THR O 192 -31.04 26.76 -63.48
N ILE O 193 -30.18 27.52 -64.15
CA ILE O 193 -30.28 27.65 -65.60
C ILE O 193 -30.04 26.30 -66.26
N LEU O 194 -29.07 25.53 -65.75
CA LEU O 194 -28.77 24.24 -66.36
C LEU O 194 -29.92 23.27 -66.20
N LYS O 195 -30.55 23.25 -65.02
CA LYS O 195 -31.71 22.39 -64.81
C LYS O 195 -32.87 22.80 -65.70
N ALA O 196 -33.10 24.12 -65.84
CA ALA O 196 -34.16 24.58 -66.74
C ALA O 196 -33.85 24.24 -68.19
N LEU O 197 -32.57 24.10 -68.53
CA LEU O 197 -32.19 23.79 -69.90
C LEU O 197 -32.70 22.41 -70.32
N GLY O 198 -32.60 21.43 -69.43
CA GLY O 198 -33.03 20.09 -69.72
C GLY O 198 -31.88 19.10 -69.69
N PRO O 199 -32.16 17.85 -69.32
CA PRO O 199 -31.09 16.85 -69.25
C PRO O 199 -30.40 16.60 -70.57
N ALA O 200 -31.11 16.69 -71.69
CA ALA O 200 -30.54 16.44 -73.01
C ALA O 200 -29.95 17.72 -73.59
N ALA O 201 -28.94 18.25 -72.90
CA ALA O 201 -28.26 19.47 -73.30
C ALA O 201 -26.79 19.18 -73.56
N THR O 202 -26.30 19.60 -74.72
CA THR O 202 -24.90 19.42 -75.07
C THR O 202 -24.04 20.44 -74.33
N LEU O 203 -22.72 20.19 -74.32
CA LEU O 203 -21.80 21.09 -73.64
C LEU O 203 -21.83 22.48 -74.25
N GLU O 204 -21.90 22.57 -75.58
CA GLU O 204 -21.95 23.88 -76.23
C GLU O 204 -23.19 24.66 -75.81
N GLU O 205 -24.35 23.99 -75.79
CA GLU O 205 -25.56 24.65 -75.32
C GLU O 205 -25.44 25.03 -73.86
N MET O 206 -24.81 24.18 -73.05
CA MET O 206 -24.60 24.49 -71.64
C MET O 206 -23.82 25.78 -71.48
N MET O 207 -22.68 25.87 -72.17
CA MET O 207 -21.83 27.06 -72.07
C MET O 207 -22.55 28.29 -72.62
N THR O 208 -23.27 28.14 -73.73
CA THR O 208 -23.99 29.28 -74.29
C THR O 208 -25.06 29.80 -73.34
N ALA O 209 -25.80 28.89 -72.72
CA ALA O 209 -26.84 29.31 -71.78
C ALA O 209 -26.24 29.93 -70.53
N CYS O 210 -25.13 29.38 -70.03
CA CYS O 210 -24.58 29.85 -68.77
C CYS O 210 -23.58 30.99 -68.93
N GLN O 211 -23.24 31.39 -70.16
CA GLN O 211 -22.34 32.51 -70.33
C GLN O 211 -22.99 33.85 -70.00
N GLY O 212 -24.32 33.89 -69.90
CA GLY O 212 -25.01 35.10 -69.55
C GLY O 212 -25.10 35.41 -68.08
N VAL O 213 -24.60 34.53 -67.21
CA VAL O 213 -24.69 34.74 -65.78
C VAL O 213 -23.64 35.76 -65.36
N GLY O 214 -23.94 36.51 -64.31
CA GLY O 214 -23.03 37.50 -63.78
C GLY O 214 -23.00 38.82 -64.53
N GLY O 215 -23.68 38.91 -65.66
CA GLY O 215 -23.72 40.14 -66.42
C GLY O 215 -24.82 41.06 -65.93
N PRO O 216 -24.90 42.26 -66.52
CA PRO O 216 -25.98 43.18 -66.13
C PRO O 216 -27.37 42.62 -66.37
N GLY O 217 -27.56 41.91 -67.48
CA GLY O 217 -28.87 41.38 -67.78
C GLY O 217 -29.33 40.35 -66.77
N HIS O 218 -28.45 39.39 -66.43
CA HIS O 218 -28.82 38.35 -65.47
C HIS O 218 -29.06 38.94 -64.09
N LYS O 219 -28.22 39.90 -63.68
CA LYS O 219 -28.43 40.54 -62.39
C LYS O 219 -29.77 41.28 -62.35
N ALA O 220 -30.10 41.98 -63.43
CA ALA O 220 -31.39 42.68 -63.48
C ALA O 220 -32.55 41.70 -63.44
N ARG O 221 -32.46 40.60 -64.18
CA ARG O 221 -33.53 39.60 -64.17
C ARG O 221 -33.71 39.00 -62.78
N VAL O 222 -32.61 38.62 -62.12
CA VAL O 222 -32.76 37.99 -60.81
C VAL O 222 -33.25 39.00 -59.79
N LEU O 223 -32.84 40.26 -59.90
CA LEU O 223 -33.36 41.29 -59.01
C LEU O 223 -34.85 41.48 -59.20
N ALA O 224 -35.31 41.50 -60.46
CA ALA O 224 -36.74 41.63 -60.72
C ALA O 224 -37.50 40.42 -60.19
N GLU O 225 -36.95 39.23 -60.35
CA GLU O 225 -37.60 38.03 -59.83
C GLU O 225 -37.71 38.08 -58.32
N ALA O 226 -36.65 38.54 -57.64
CA ALA O 226 -36.72 38.69 -56.19
C ALA O 226 -37.74 39.74 -55.78
N MET O 227 -37.77 40.87 -56.50
CA MET O 227 -38.72 41.94 -56.20
C MET O 227 -40.16 41.52 -56.48
N SER O 228 -40.37 40.52 -57.32
CA SER O 228 -41.73 40.07 -57.59
C SER O 228 -42.40 39.56 -56.32
N GLN O 229 -41.65 38.83 -55.49
CA GLN O 229 -42.23 38.32 -54.25
C GLN O 229 -42.61 39.47 -53.30
N VAL O 230 -41.76 40.48 -53.18
CA VAL O 230 -42.05 41.57 -52.27
C VAL O 230 -43.12 42.50 -52.84
N ILE O 231 -43.40 42.42 -54.13
CA ILE O 231 -44.41 43.27 -54.74
C ILE O 231 -45.62 42.44 -55.15
N VAL P 3 38.90 31.37 -7.02
CA VAL P 3 38.58 31.55 -8.43
C VAL P 3 38.25 33.02 -8.69
N HIS P 4 38.39 33.44 -9.95
CA HIS P 4 38.13 34.85 -10.27
C HIS P 4 36.65 35.17 -10.31
N GLN P 5 35.81 34.18 -10.59
CA GLN P 5 34.37 34.40 -10.73
C GLN P 5 33.59 33.94 -9.51
N ALA P 6 34.20 33.97 -8.33
CA ALA P 6 33.50 33.61 -7.10
C ALA P 6 32.35 34.57 -6.86
N ILE P 7 31.24 34.03 -6.35
CA ILE P 7 30.04 34.84 -6.18
C ILE P 7 30.26 35.88 -5.09
N SER P 8 30.02 37.14 -5.42
CA SER P 8 30.06 38.22 -4.46
C SER P 8 28.80 38.20 -3.60
N PRO P 9 28.80 38.89 -2.46
CA PRO P 9 27.61 38.87 -1.59
C PRO P 9 26.35 39.30 -2.30
N ARG P 10 26.44 40.28 -3.20
CA ARG P 10 25.25 40.82 -3.83
C ARG P 10 24.65 39.84 -4.83
N THR P 11 25.47 38.99 -5.46
CA THR P 11 24.89 37.93 -6.29
C THR P 11 24.06 36.97 -5.45
N LEU P 12 24.57 36.60 -4.27
CA LEU P 12 23.82 35.72 -3.39
C LEU P 12 22.52 36.37 -2.94
N ASN P 13 22.58 37.66 -2.56
CA ASN P 13 21.38 38.35 -2.13
C ASN P 13 20.37 38.48 -3.27
N ALA P 14 20.86 38.77 -4.48
CA ALA P 14 19.97 38.89 -5.63
C ALA P 14 19.31 37.56 -5.95
N TRP P 15 20.06 36.46 -5.86
CA TRP P 15 19.47 35.14 -6.09
C TRP P 15 18.42 34.82 -5.02
N VAL P 16 18.72 35.15 -3.77
CA VAL P 16 17.75 34.92 -2.69
C VAL P 16 16.48 35.69 -2.97
N LYS P 17 16.61 36.96 -3.36
CA LYS P 17 15.43 37.77 -3.68
C LYS P 17 14.69 37.21 -4.88
N VAL P 18 15.42 36.69 -5.87
CA VAL P 18 14.78 36.14 -7.05
C VAL P 18 13.91 34.95 -6.68
N VAL P 19 14.44 34.04 -5.87
CA VAL P 19 13.63 32.91 -5.43
C VAL P 19 12.48 33.38 -4.53
N GLU P 20 12.71 34.41 -3.73
CA GLU P 20 11.66 34.90 -2.82
C GLU P 20 10.46 35.42 -3.59
N GLU P 21 10.69 36.33 -4.54
CA GLU P 21 9.56 36.95 -5.23
C GLU P 21 9.08 36.10 -6.41
N LYS P 22 9.99 35.73 -7.31
CA LYS P 22 9.56 35.03 -8.52
C LYS P 22 8.96 33.66 -8.19
N ALA P 23 9.57 32.94 -7.25
CA ALA P 23 9.07 31.66 -6.77
C ALA P 23 8.94 30.65 -7.92
N PHE P 24 10.09 30.36 -8.54
CA PHE P 24 10.19 29.37 -9.61
C PHE P 24 9.27 29.70 -10.79
N SER P 25 9.12 31.00 -11.07
CA SER P 25 8.57 31.43 -12.33
C SER P 25 9.60 31.21 -13.42
N PRO P 26 9.19 31.23 -14.70
CA PRO P 26 10.18 31.04 -15.77
C PRO P 26 11.34 32.01 -15.71
N GLU P 27 11.12 33.23 -15.23
CA GLU P 27 12.19 34.21 -15.13
C GLU P 27 13.30 33.79 -14.17
N VAL P 28 13.11 32.70 -13.43
CA VAL P 28 14.20 32.22 -12.58
C VAL P 28 15.28 31.56 -13.41
N ILE P 29 14.94 31.02 -14.59
CA ILE P 29 15.94 30.35 -15.42
C ILE P 29 16.98 31.33 -15.95
N PRO P 30 16.62 32.50 -16.53
CA PRO P 30 17.66 33.42 -17.01
C PRO P 30 18.54 33.92 -15.88
N MET P 31 17.91 34.50 -14.85
CA MET P 31 18.65 35.13 -13.76
C MET P 31 19.67 34.18 -13.17
N PHE P 32 19.24 32.97 -12.82
CA PHE P 32 20.17 31.98 -12.29
C PHE P 32 21.33 31.77 -13.25
N SER P 33 21.04 31.52 -14.53
CA SER P 33 22.08 31.27 -15.50
C SER P 33 23.01 32.47 -15.66
N ALA P 34 22.53 33.66 -15.31
CA ALA P 34 23.34 34.87 -15.40
C ALA P 34 23.99 35.25 -14.08
N LEU P 35 23.66 34.56 -12.99
CA LEU P 35 24.20 34.89 -11.68
C LEU P 35 25.31 33.94 -11.23
N SER P 36 25.29 32.69 -11.73
CA SER P 36 26.30 31.71 -11.37
C SER P 36 27.30 31.47 -12.48
N GLU P 37 27.47 32.44 -13.38
CA GLU P 37 28.42 32.29 -14.48
C GLU P 37 29.83 32.19 -13.94
N GLY P 38 30.48 31.05 -14.19
CA GLY P 38 31.84 30.83 -13.73
C GLY P 38 31.97 30.45 -12.28
N ALA P 39 30.87 30.32 -11.55
CA ALA P 39 30.94 29.97 -10.14
C ALA P 39 31.30 28.51 -9.96
N THR P 40 32.06 28.23 -8.91
CA THR P 40 32.42 26.86 -8.58
C THR P 40 31.19 26.09 -8.12
N PRO P 41 31.22 24.76 -8.22
CA PRO P 41 30.06 23.98 -7.76
C PRO P 41 29.72 24.20 -6.29
N GLN P 42 30.72 24.53 -5.47
CA GLN P 42 30.43 24.88 -4.08
C GLN P 42 29.59 26.15 -4.02
N ASP P 43 29.90 27.14 -4.85
CA ASP P 43 29.08 28.34 -4.91
C ASP P 43 27.68 28.03 -5.42
N LEU P 44 27.58 27.10 -6.38
CA LEU P 44 26.26 26.68 -6.85
C LEU P 44 25.46 26.02 -5.72
N ASN P 45 26.12 25.21 -4.91
CA ASN P 45 25.45 24.61 -3.75
C ASN P 45 25.01 25.68 -2.76
N THR P 46 25.86 26.67 -2.51
CA THR P 46 25.49 27.76 -1.62
C THR P 46 24.26 28.49 -2.14
N MET P 47 24.22 28.76 -3.43
CA MET P 47 23.06 29.42 -4.03
C MET P 47 21.82 28.54 -3.92
N LEU P 48 21.96 27.24 -4.15
CA LEU P 48 20.79 26.37 -4.12
C LEU P 48 20.27 26.16 -2.70
N ASN P 49 21.14 26.27 -1.69
CA ASN P 49 20.75 26.05 -0.32
C ASN P 49 19.84 27.12 0.24
N THR P 50 19.72 28.26 -0.44
CA THR P 50 19.04 29.42 0.12
C THR P 50 17.56 29.47 -0.25
N VAL P 51 17.04 28.44 -0.92
CA VAL P 51 15.64 28.42 -1.32
C VAL P 51 14.82 28.07 -0.08
N GLY P 52 14.27 29.09 0.58
CA GLY P 52 13.38 28.84 1.70
C GLY P 52 12.05 28.30 1.21
N GLY P 53 11.64 27.17 1.76
CA GLY P 53 10.43 26.53 1.29
C GLY P 53 10.64 25.84 -0.04
N HIS P 54 9.53 25.52 -0.69
CA HIS P 54 9.53 24.80 -1.97
C HIS P 54 10.33 23.51 -1.87
N GLN P 55 10.04 22.74 -0.82
CA GLN P 55 10.77 21.50 -0.58
C GLN P 55 10.62 20.51 -1.74
N ALA P 56 9.40 20.38 -2.25
CA ALA P 56 9.17 19.44 -3.35
C ALA P 56 9.95 19.86 -4.59
N ALA P 57 9.97 21.16 -4.89
CA ALA P 57 10.69 21.63 -6.06
C ALA P 57 12.18 21.30 -5.96
N MET P 58 12.77 21.53 -4.78
CA MET P 58 14.19 21.25 -4.64
C MET P 58 14.45 19.75 -4.62
N GLN P 59 13.48 18.94 -4.20
CA GLN P 59 13.62 17.50 -4.33
C GLN P 59 13.67 17.08 -5.80
N MET P 60 12.79 17.65 -6.63
CA MET P 60 12.85 17.37 -8.06
C MET P 60 14.17 17.85 -8.66
N LEU P 61 14.65 19.00 -8.20
CA LEU P 61 15.94 19.50 -8.68
C LEU P 61 17.06 18.54 -8.32
N LYS P 62 17.04 18.01 -7.10
CA LYS P 62 18.05 17.05 -6.68
C LYS P 62 17.97 15.77 -7.49
N GLU P 63 16.76 15.32 -7.80
CA GLU P 63 16.60 14.14 -8.65
C GLU P 63 17.20 14.39 -10.03
N THR P 64 16.96 15.58 -10.59
CA THR P 64 17.55 15.93 -11.87
C THR P 64 19.07 15.93 -11.81
N ILE P 65 19.62 16.51 -10.75
CA ILE P 65 21.08 16.55 -10.62
C ILE P 65 21.64 15.14 -10.50
N ASN P 66 20.94 14.27 -9.78
CA ASN P 66 21.40 12.90 -9.62
C ASN P 66 21.37 12.15 -10.95
N GLU P 67 20.31 12.32 -11.74
CA GLU P 67 20.25 11.64 -13.03
C GLU P 67 21.27 12.20 -14.01
N GLU P 68 21.54 13.51 -13.95
CA GLU P 68 22.58 14.09 -14.79
C GLU P 68 23.95 13.58 -14.39
N ALA P 69 24.19 13.42 -13.08
CA ALA P 69 25.46 12.84 -12.63
C ALA P 69 25.59 11.40 -13.09
N ALA P 70 24.50 10.64 -13.05
CA ALA P 70 24.53 9.28 -13.56
C ALA P 70 24.87 9.26 -15.04
N GLU P 71 24.26 10.17 -15.82
CA GLU P 71 24.58 10.24 -17.25
C GLU P 71 26.04 10.62 -17.47
N TRP P 72 26.55 11.56 -16.69
CA TRP P 72 27.96 11.95 -16.81
C TRP P 72 28.88 10.78 -16.50
N ASP P 73 28.56 10.01 -15.46
CA ASP P 73 29.37 8.84 -15.14
C ASP P 73 29.26 7.77 -16.21
N ARG P 74 28.10 7.66 -16.86
CA ARG P 74 27.95 6.71 -17.95
C ARG P 74 28.82 7.10 -19.14
N VAL P 75 28.76 8.37 -19.55
CA VAL P 75 29.51 8.81 -20.72
C VAL P 75 31.01 8.77 -20.45
N HIS P 76 31.43 9.26 -19.28
CA HIS P 76 32.85 9.32 -18.94
C HIS P 76 33.22 8.06 -18.18
N PRO P 77 34.06 7.19 -18.72
CA PRO P 77 34.42 5.96 -18.00
C PRO P 77 35.39 6.25 -16.86
N VAL P 78 35.40 5.35 -15.88
CA VAL P 78 36.28 5.50 -14.73
C VAL P 78 37.71 5.24 -15.15
N HIS P 79 38.61 6.16 -14.80
CA HIS P 79 40.01 6.01 -15.14
C HIS P 79 40.61 4.82 -14.39
N ALA P 80 41.45 4.06 -15.08
CA ALA P 80 42.09 2.88 -14.52
C ALA P 80 43.60 3.08 -14.47
N GLY P 81 44.23 2.46 -13.48
CA GLY P 81 45.65 2.56 -13.29
C GLY P 81 46.04 3.70 -12.37
N PRO P 82 47.32 3.82 -12.06
CA PRO P 82 47.77 4.91 -11.19
C PRO P 82 47.58 6.27 -11.85
N ILE P 83 47.30 7.25 -11.01
CA ILE P 83 47.09 8.63 -11.46
C ILE P 83 48.44 9.33 -11.55
N ALA P 84 48.61 10.11 -12.61
CA ALA P 84 49.87 10.82 -12.81
C ALA P 84 50.04 11.86 -11.71
N PRO P 85 51.22 11.96 -11.10
CA PRO P 85 51.42 12.96 -10.02
C PRO P 85 51.18 14.38 -10.49
N GLY P 86 51.56 14.71 -11.72
CA GLY P 86 51.33 16.06 -12.23
C GLY P 86 49.86 16.38 -12.40
N GLN P 87 49.08 15.41 -12.90
CA GLN P 87 47.66 15.59 -13.10
C GLN P 87 46.92 15.25 -11.81
N MET P 88 45.59 15.27 -11.86
CA MET P 88 44.75 14.96 -10.72
C MET P 88 43.65 13.99 -11.15
N ARG P 89 42.87 13.54 -10.18
CA ARG P 89 41.80 12.58 -10.45
C ARG P 89 40.74 13.19 -11.36
N GLU P 90 40.26 12.39 -12.31
CA GLU P 90 39.21 12.85 -13.21
C GLU P 90 37.90 13.01 -12.44
N PRO P 91 37.15 14.08 -12.66
CA PRO P 91 35.91 14.28 -11.92
C PRO P 91 34.86 13.25 -12.28
N ARG P 92 34.00 12.95 -11.30
CA ARG P 92 32.85 12.09 -11.49
C ARG P 92 31.58 12.92 -11.38
N GLY P 93 30.42 12.27 -11.57
CA GLY P 93 29.17 12.99 -11.54
C GLY P 93 28.91 13.66 -10.21
N SER P 94 29.17 12.94 -9.11
CA SER P 94 29.03 13.55 -7.80
C SER P 94 29.99 14.71 -7.62
N ASP P 95 31.21 14.57 -8.15
CA ASP P 95 32.18 15.66 -8.05
C ASP P 95 31.70 16.90 -8.80
N ILE P 96 31.09 16.71 -9.98
CA ILE P 96 30.48 17.83 -10.68
C ILE P 96 29.39 18.45 -9.82
N ALA P 97 28.56 17.60 -9.19
CA ALA P 97 27.53 18.10 -8.28
C ALA P 97 28.11 18.73 -7.02
N GLY P 98 29.40 18.55 -6.77
CA GLY P 98 30.06 19.17 -5.64
C GLY P 98 29.95 18.44 -4.32
N THR P 99 29.34 17.26 -4.29
CA THR P 99 29.20 16.53 -3.03
C THR P 99 30.53 15.95 -2.57
N THR P 100 31.27 15.33 -3.48
CA THR P 100 32.51 14.66 -3.12
C THR P 100 33.73 15.54 -3.30
N SER P 101 33.74 16.40 -4.30
CA SER P 101 34.87 17.27 -4.54
C SER P 101 34.83 18.48 -3.63
N THR P 102 35.98 18.86 -3.10
CA THR P 102 36.11 20.04 -2.27
C THR P 102 36.38 21.26 -3.14
N LEU P 103 36.51 22.43 -2.50
CA LEU P 103 36.79 23.64 -3.25
C LEU P 103 38.14 23.56 -3.93
N GLN P 104 39.15 23.00 -3.26
CA GLN P 104 40.48 22.92 -3.84
C GLN P 104 40.49 22.07 -5.10
N GLU P 105 39.79 20.93 -5.08
CA GLU P 105 39.75 20.07 -6.25
C GLU P 105 39.04 20.76 -7.42
N GLN P 106 37.92 21.44 -7.15
CA GLN P 106 37.22 22.13 -8.21
C GLN P 106 38.07 23.26 -8.80
N ILE P 107 38.76 24.00 -7.95
CA ILE P 107 39.65 25.06 -8.43
C ILE P 107 40.76 24.48 -9.29
N GLY P 108 41.33 23.36 -8.85
CA GLY P 108 42.38 22.72 -9.64
C GLY P 108 41.87 22.24 -10.98
N TRP P 109 40.64 21.71 -11.03
CA TRP P 109 40.06 21.30 -12.30
C TRP P 109 39.84 22.49 -13.21
N MET P 110 39.32 23.59 -12.66
CA MET P 110 39.03 24.77 -13.48
C MET P 110 40.32 25.41 -14.01
N THR P 111 41.37 25.41 -13.19
CA THR P 111 42.64 26.00 -13.60
C THR P 111 43.53 25.03 -14.35
N ASN P 112 43.10 23.79 -14.53
CA ASN P 112 43.91 22.79 -15.21
C ASN P 112 44.07 23.15 -16.69
N ASN P 113 45.09 22.56 -17.31
CA ASN P 113 45.33 22.72 -18.74
C ASN P 113 45.27 21.36 -19.42
N PRO P 114 44.21 21.05 -20.18
CA PRO P 114 43.04 21.89 -20.49
C PRO P 114 42.05 21.96 -19.34
N PRO P 115 41.32 23.07 -19.22
CA PRO P 115 40.37 23.21 -18.13
C PRO P 115 39.16 22.30 -18.28
N ILE P 116 38.65 21.85 -17.14
CA ILE P 116 37.39 21.11 -17.07
C ILE P 116 36.35 22.06 -16.49
N PRO P 117 35.36 22.49 -17.26
CA PRO P 117 34.38 23.48 -16.77
C PRO P 117 33.32 22.85 -15.87
N VAL P 118 33.74 22.50 -14.65
CA VAL P 118 32.85 21.83 -13.70
C VAL P 118 31.66 22.72 -13.36
N GLY P 119 31.92 24.01 -13.14
CA GLY P 119 30.85 24.92 -12.78
C GLY P 119 29.79 25.02 -13.85
N GLU P 120 30.19 25.07 -15.11
CA GLU P 120 29.21 25.21 -16.19
C GLU P 120 28.39 23.94 -16.36
N ILE P 121 29.03 22.77 -16.24
CA ILE P 121 28.27 21.51 -16.34
C ILE P 121 27.26 21.42 -15.21
N TYR P 122 27.68 21.75 -14.00
CA TYR P 122 26.76 21.73 -12.87
C TYR P 122 25.65 22.77 -13.06
N LYS P 123 25.99 23.92 -13.64
CA LYS P 123 24.98 24.94 -13.90
C LYS P 123 23.94 24.44 -14.89
N ARG P 124 24.38 23.71 -15.93
CA ARG P 124 23.42 23.15 -16.87
C ARG P 124 22.53 22.11 -16.20
N TRP P 125 23.10 21.29 -15.32
CA TRP P 125 22.29 20.31 -14.60
C TRP P 125 21.23 21.00 -13.76
N ILE P 126 21.63 22.04 -13.02
CA ILE P 126 20.67 22.77 -12.21
C ILE P 126 19.67 23.49 -13.10
N ILE P 127 20.08 23.91 -14.30
CA ILE P 127 19.15 24.54 -15.23
C ILE P 127 18.08 23.54 -15.67
N LEU P 128 18.48 22.31 -15.95
CA LEU P 128 17.51 21.27 -16.28
C LEU P 128 16.55 21.03 -15.11
N GLY P 129 17.09 20.99 -13.89
CA GLY P 129 16.24 20.83 -12.73
C GLY P 129 15.23 21.96 -12.60
N LEU P 130 15.69 23.20 -12.75
CA LEU P 130 14.81 24.36 -12.69
C LEU P 130 13.78 24.33 -13.81
N ASN P 131 14.18 23.83 -14.98
CA ASN P 131 13.25 23.68 -16.10
C ASN P 131 12.11 22.75 -15.72
N LYS P 132 12.44 21.57 -15.18
CA LYS P 132 11.38 20.66 -14.77
C LYS P 132 10.53 21.28 -13.67
N ILE P 133 11.15 22.01 -12.76
CA ILE P 133 10.40 22.67 -11.68
C ILE P 133 9.38 23.64 -12.25
N VAL P 134 9.81 24.49 -13.19
CA VAL P 134 8.91 25.53 -13.69
C VAL P 134 7.81 24.92 -14.54
N ARG P 135 8.12 23.87 -15.31
CA ARG P 135 7.06 23.24 -16.10
C ARG P 135 6.05 22.50 -15.23
N MET P 136 6.54 21.66 -14.31
CA MET P 136 5.65 20.73 -13.63
C MET P 136 5.27 21.18 -12.22
N TYR P 137 6.24 21.57 -11.40
CA TYR P 137 5.94 21.91 -10.02
C TYR P 137 5.09 23.15 -9.94
N SER P 138 4.05 23.10 -9.09
CA SER P 138 3.19 24.24 -8.83
C SER P 138 3.19 24.45 -7.32
N PRO P 139 3.66 25.59 -6.82
CA PRO P 139 3.72 25.79 -5.37
C PRO P 139 2.32 25.84 -4.75
N THR P 140 2.23 25.34 -3.52
CA THR P 140 0.97 25.38 -2.80
C THR P 140 0.69 26.80 -2.34
N SER P 141 -0.51 27.29 -2.66
CA SER P 141 -0.90 28.65 -2.32
C SER P 141 -2.15 28.61 -1.45
N ILE P 142 -2.21 29.52 -0.46
CA ILE P 142 -3.34 29.55 0.45
C ILE P 142 -4.62 29.92 -0.30
N LEU P 143 -4.49 30.68 -1.39
CA LEU P 143 -5.66 31.07 -2.16
C LEU P 143 -6.33 29.86 -2.80
N ASP P 144 -5.57 28.80 -3.06
CA ASP P 144 -6.09 27.60 -3.69
C ASP P 144 -6.68 26.60 -2.70
N ILE P 145 -6.58 26.87 -1.40
CA ILE P 145 -7.13 25.97 -0.38
C ILE P 145 -8.61 26.28 -0.23
N ARG P 146 -9.46 25.38 -0.73
CA ARG P 146 -10.90 25.54 -0.64
C ARG P 146 -11.51 24.24 -0.13
N GLN P 147 -12.59 24.38 0.64
CA GLN P 147 -13.23 23.23 1.24
C GLN P 147 -14.09 22.50 0.22
N GLY P 148 -13.97 21.19 0.16
CA GLY P 148 -14.78 20.39 -0.73
C GLY P 148 -16.24 20.42 -0.30
N PRO P 149 -17.13 20.04 -1.22
CA PRO P 149 -18.56 20.02 -0.87
C PRO P 149 -18.90 19.07 0.26
N LYS P 150 -18.18 17.96 0.38
CA LYS P 150 -18.42 16.99 1.44
C LYS P 150 -17.28 16.93 2.45
N GLU P 151 -16.34 17.86 2.38
CA GLU P 151 -15.22 17.85 3.30
C GLU P 151 -15.66 18.37 4.67
N PRO P 152 -15.35 17.66 5.75
CA PRO P 152 -15.65 18.19 7.09
C PRO P 152 -14.86 19.47 7.34
N PHE P 153 -15.47 20.38 8.10
CA PHE P 153 -14.84 21.66 8.35
C PHE P 153 -13.53 21.51 9.10
N ARG P 154 -13.41 20.49 9.95
CA ARG P 154 -12.17 20.28 10.68
C ARG P 154 -11.03 19.94 9.73
N ASP P 155 -11.28 19.06 8.76
CA ASP P 155 -10.25 18.70 7.79
C ASP P 155 -9.87 19.90 6.94
N TYR P 156 -10.86 20.69 6.52
CA TYR P 156 -10.56 21.88 5.74
C TYR P 156 -9.73 22.87 6.53
N VAL P 157 -10.06 23.05 7.81
CA VAL P 157 -9.29 23.97 8.65
C VAL P 157 -7.86 23.45 8.83
N ASP P 158 -7.70 22.15 9.03
CA ASP P 158 -6.36 21.58 9.17
C ASP P 158 -5.53 21.79 7.90
N ARG P 159 -6.13 21.54 6.74
CA ARG P 159 -5.42 21.77 5.48
C ARG P 159 -5.09 23.25 5.30
N PHE P 160 -6.04 24.13 5.62
CA PHE P 160 -5.82 25.56 5.52
C PHE P 160 -4.62 25.98 6.36
N TYR P 161 -4.57 25.53 7.61
CA TYR P 161 -3.50 25.94 8.49
C TYR P 161 -2.17 25.30 8.12
N LYS P 162 -2.18 24.07 7.60
CA LYS P 162 -0.95 23.47 7.12
C LYS P 162 -0.39 24.25 5.94
N THR P 163 -1.24 24.62 4.99
CA THR P 163 -0.79 25.43 3.86
C THR P 163 -0.32 26.80 4.33
N LEU P 164 -0.99 27.37 5.33
CA LEU P 164 -0.58 28.66 5.87
C LEU P 164 0.81 28.57 6.51
N ARG P 165 1.06 27.50 7.27
CA ARG P 165 2.39 27.32 7.85
C ARG P 165 3.44 27.16 6.76
N ALA P 166 3.10 26.43 5.69
CA ALA P 166 4.03 26.31 4.57
C ALA P 166 4.09 27.56 3.71
N GLU P 167 3.17 28.51 3.90
CA GLU P 167 3.10 29.69 3.05
C GLU P 167 4.23 30.65 3.37
N GLN P 168 4.73 31.33 2.34
CA GLN P 168 5.74 32.37 2.49
C GLN P 168 5.02 33.71 2.61
N ALA P 169 5.00 34.26 3.82
CA ALA P 169 4.34 35.53 4.09
C ALA P 169 4.73 35.97 5.48
N SER P 170 4.34 37.19 5.84
CA SER P 170 4.60 37.73 7.16
C SER P 170 3.52 37.29 8.13
N GLN P 171 3.84 37.37 9.43
CA GLN P 171 2.94 36.85 10.44
C GLN P 171 1.62 37.61 10.47
N GLU P 172 1.67 38.94 10.37
CA GLU P 172 0.43 39.72 10.35
C GLU P 172 -0.37 39.44 9.10
N VAL P 173 0.31 39.27 7.96
CA VAL P 173 -0.39 38.90 6.73
C VAL P 173 -1.05 37.54 6.90
N LYS P 174 -0.36 36.60 7.52
CA LYS P 174 -0.94 35.27 7.75
C LYS P 174 -2.16 35.36 8.66
N ASN P 175 -2.09 36.19 9.71
CA ASN P 175 -3.25 36.36 10.58
C ASN P 175 -4.42 36.96 9.84
N TRP P 176 -4.16 37.97 9.00
CA TRP P 176 -5.25 38.56 8.22
C TRP P 176 -5.85 37.55 7.26
N MET P 177 -5.01 36.73 6.63
CA MET P 177 -5.50 35.72 5.71
C MET P 177 -6.30 34.66 6.44
N THR P 178 -5.89 34.30 7.66
CA THR P 178 -6.72 33.44 8.50
C THR P 178 -8.07 34.08 8.75
N GLU P 179 -8.07 35.38 9.02
CA GLU P 179 -9.33 36.07 9.31
C GLU P 179 -10.27 36.04 8.12
N THR P 180 -9.76 36.23 6.91
CA THR P 180 -10.64 36.38 5.75
C THR P 180 -10.84 35.10 4.95
N LEU P 181 -9.77 34.44 4.50
CA LEU P 181 -9.91 33.33 3.56
C LEU P 181 -10.52 32.10 4.21
N LEU P 182 -10.31 31.90 5.52
CA LEU P 182 -10.83 30.71 6.17
C LEU P 182 -12.35 30.64 6.07
N VAL P 183 -13.02 31.77 6.30
CA VAL P 183 -14.47 31.79 6.15
C VAL P 183 -14.87 32.04 4.71
N GLN P 184 -14.02 32.71 3.93
CA GLN P 184 -14.38 33.02 2.54
C GLN P 184 -14.39 31.76 1.68
N ASN P 185 -13.48 30.83 1.95
CA ASN P 185 -13.31 29.65 1.11
C ASN P 185 -14.05 28.42 1.61
N ALA P 186 -14.89 28.55 2.63
CA ALA P 186 -15.66 27.41 3.10
C ALA P 186 -16.78 27.09 2.11
N ASN P 187 -17.21 25.84 2.11
CA ASN P 187 -18.30 25.42 1.25
C ASN P 187 -19.61 26.06 1.73
N PRO P 188 -20.60 26.19 0.85
CA PRO P 188 -21.80 26.96 1.22
C PRO P 188 -22.49 26.45 2.47
N ASP P 189 -22.51 25.13 2.70
CA ASP P 189 -23.17 24.60 3.88
C ASP P 189 -22.51 25.11 5.16
N CYS P 190 -21.18 25.12 5.20
CA CYS P 190 -20.48 25.69 6.34
C CYS P 190 -20.51 27.22 6.32
N LYS P 191 -20.50 27.82 5.14
CA LYS P 191 -20.47 29.27 5.04
C LYS P 191 -21.74 29.89 5.59
N THR P 192 -22.89 29.26 5.37
CA THR P 192 -24.13 29.78 5.92
C THR P 192 -24.08 29.85 7.44
N ILE P 193 -23.62 28.77 8.07
CA ILE P 193 -23.51 28.74 9.52
C ILE P 193 -22.48 29.77 10.00
N LEU P 194 -21.34 29.85 9.32
CA LEU P 194 -20.29 30.76 9.74
C LEU P 194 -20.74 32.22 9.65
N LYS P 195 -21.48 32.56 8.60
CA LYS P 195 -21.99 33.92 8.48
C LYS P 195 -23.12 34.18 9.46
N ALA P 196 -23.88 33.14 9.83
CA ALA P 196 -24.90 33.33 10.87
C ALA P 196 -24.27 33.52 12.24
N LEU P 197 -23.06 32.97 12.44
CA LEU P 197 -22.38 33.16 13.73
C LEU P 197 -22.05 34.63 13.97
N GLY P 198 -21.56 35.32 12.94
CA GLY P 198 -21.11 36.68 13.10
C GLY P 198 -19.60 36.77 13.07
N PRO P 199 -19.07 37.95 12.77
CA PRO P 199 -17.61 38.11 12.69
C PRO P 199 -16.90 37.91 14.02
N ALA P 200 -17.58 38.05 15.14
CA ALA P 200 -16.95 37.93 16.45
C ALA P 200 -16.64 36.50 16.85
N ALA P 201 -17.16 35.52 16.12
CA ALA P 201 -16.95 34.13 16.49
C ALA P 201 -15.50 33.73 16.34
N THR P 202 -14.99 32.99 17.33
CA THR P 202 -13.63 32.50 17.30
C THR P 202 -13.54 31.23 16.46
N LEU P 203 -12.30 30.77 16.24
CA LEU P 203 -12.11 29.55 15.45
C LEU P 203 -12.76 28.35 16.11
N GLU P 204 -12.63 28.24 17.44
CA GLU P 204 -13.23 27.12 18.14
C GLU P 204 -14.75 27.14 18.01
N GLU P 205 -15.35 28.33 18.12
CA GLU P 205 -16.80 28.44 17.95
C GLU P 205 -17.22 28.04 16.54
N MET P 206 -16.45 28.46 15.53
CA MET P 206 -16.78 28.10 14.15
C MET P 206 -16.68 26.60 13.95
N MET P 207 -15.63 25.98 14.48
CA MET P 207 -15.48 24.53 14.34
C MET P 207 -16.61 23.79 15.07
N THR P 208 -16.99 24.27 16.25
CA THR P 208 -18.11 23.66 16.96
C THR P 208 -19.41 23.79 16.17
N ALA P 209 -19.65 24.96 15.58
CA ALA P 209 -20.88 25.16 14.81
C ALA P 209 -20.90 24.29 13.57
N CYS P 210 -19.75 24.14 12.91
CA CYS P 210 -19.68 23.37 11.67
C CYS P 210 -19.38 21.89 11.90
N GLN P 211 -19.27 21.45 13.15
CA GLN P 211 -19.09 20.03 13.42
C GLN P 211 -20.25 19.18 12.91
N GLY P 212 -21.43 19.78 12.73
CA GLY P 212 -22.60 19.00 12.40
C GLY P 212 -22.92 18.82 10.94
N VAL P 213 -22.23 19.53 10.03
CA VAL P 213 -22.60 19.49 8.62
C VAL P 213 -22.27 18.12 8.05
N GLY P 214 -23.25 17.50 7.41
CA GLY P 214 -23.11 16.16 6.89
C GLY P 214 -23.71 15.07 7.76
N GLY P 215 -23.98 15.37 9.02
CA GLY P 215 -24.62 14.42 9.89
C GLY P 215 -26.09 14.28 9.59
N PRO P 216 -26.70 13.25 10.16
CA PRO P 216 -28.14 13.03 9.92
C PRO P 216 -28.99 14.20 10.35
N GLY P 217 -28.66 14.83 11.47
CA GLY P 217 -29.46 15.96 11.94
C GLY P 217 -29.40 17.14 11.00
N HIS P 218 -28.20 17.49 10.54
CA HIS P 218 -28.05 18.64 9.65
C HIS P 218 -28.68 18.39 8.30
N LYS P 219 -28.48 17.18 7.74
CA LYS P 219 -29.10 16.85 6.47
C LYS P 219 -30.61 16.87 6.57
N ALA P 220 -31.16 16.32 7.65
CA ALA P 220 -32.60 16.36 7.85
C ALA P 220 -33.09 17.80 7.98
N ARG P 221 -32.34 18.63 8.69
N ARG P 221 -32.35 18.64 8.69
CA ARG P 221 -32.77 20.02 8.89
CA ARG P 221 -32.77 20.02 8.89
C ARG P 221 -32.77 20.79 7.58
C ARG P 221 -32.77 20.79 7.58
N VAL P 222 -31.72 20.64 6.77
CA VAL P 222 -31.66 21.36 5.51
C VAL P 222 -32.71 20.85 4.54
N LEU P 223 -32.96 19.53 4.55
CA LEU P 223 -34.00 18.98 3.69
C LEU P 223 -35.37 19.50 4.10
N ALA P 224 -35.64 19.56 5.40
CA ALA P 224 -36.91 20.10 5.87
C ALA P 224 -37.04 21.57 5.51
N GLU P 225 -35.96 22.34 5.66
CA GLU P 225 -36.01 23.75 5.29
C GLU P 225 -36.27 23.93 3.80
N ALA P 226 -35.65 23.09 2.96
CA ALA P 226 -35.88 23.17 1.53
C ALA P 226 -37.32 22.81 1.18
N MET P 227 -37.87 21.77 1.81
CA MET P 227 -39.22 21.34 1.49
C MET P 227 -40.29 22.25 2.10
N SER P 228 -39.95 23.04 3.12
CA SER P 228 -40.95 23.91 3.73
C SER P 228 -41.47 24.93 2.74
N GLN P 229 -40.58 25.52 1.93
CA GLN P 229 -41.01 26.47 0.92
C GLN P 229 -41.91 25.80 -0.12
N VAL P 230 -41.60 24.54 -0.46
CA VAL P 230 -42.43 23.81 -1.41
C VAL P 230 -43.83 23.62 -0.86
N ILE P 231 -43.93 23.23 0.41
CA ILE P 231 -45.22 23.02 1.04
C ILE P 231 -45.68 24.30 1.72
N VAL Q 3 37.88 24.37 9.26
CA VAL Q 3 37.45 24.15 10.63
C VAL Q 3 36.31 23.13 10.64
N HIS Q 4 36.10 22.51 11.79
CA HIS Q 4 35.06 21.50 11.94
C HIS Q 4 33.68 22.09 12.17
N GLN Q 5 33.57 23.40 12.35
CA GLN Q 5 32.32 24.03 12.73
C GLN Q 5 31.72 24.88 11.62
N ALA Q 6 32.11 24.63 10.37
CA ALA Q 6 31.49 25.34 9.25
C ALA Q 6 30.03 24.95 9.13
N ILE Q 7 29.22 25.89 8.64
CA ILE Q 7 27.78 25.67 8.60
C ILE Q 7 27.44 24.67 7.49
N SER Q 8 26.61 23.70 7.82
CA SER Q 8 26.13 22.71 6.86
C SER Q 8 25.03 23.31 6.01
N PRO Q 9 24.74 22.71 4.84
CA PRO Q 9 23.63 23.22 4.02
C PRO Q 9 22.31 23.30 4.76
N ARG Q 10 22.04 22.32 5.63
CA ARG Q 10 20.79 22.32 6.37
C ARG Q 10 20.70 23.52 7.31
N THR Q 11 21.81 23.89 7.93
CA THR Q 11 21.81 25.07 8.80
C THR Q 11 21.53 26.34 8.01
N LEU Q 12 22.15 26.47 6.84
CA LEU Q 12 21.92 27.65 6.01
C LEU Q 12 20.46 27.74 5.57
N ASN Q 13 19.89 26.62 5.13
CA ASN Q 13 18.48 26.64 4.74
C ASN Q 13 17.58 26.92 5.94
N ALA Q 14 17.94 26.39 7.11
CA ALA Q 14 17.16 26.66 8.31
C ALA Q 14 17.18 28.14 8.65
N TRP Q 15 18.35 28.77 8.53
CA TRP Q 15 18.43 30.20 8.79
C TRP Q 15 17.61 31.00 7.78
N VAL Q 16 17.67 30.60 6.51
CA VAL Q 16 16.88 31.30 5.48
C VAL Q 16 15.39 31.18 5.80
N LYS Q 17 14.95 29.99 6.18
CA LYS Q 17 13.55 29.82 6.58
C LYS Q 17 13.23 30.63 7.83
N VAL Q 18 14.19 30.77 8.73
CA VAL Q 18 13.97 31.52 9.96
C VAL Q 18 13.72 32.99 9.65
N VAL Q 19 14.57 33.59 8.80
CA VAL Q 19 14.35 34.98 8.45
C VAL Q 19 13.16 35.15 7.52
N GLU Q 20 12.77 34.10 6.80
CA GLU Q 20 11.58 34.19 5.95
C GLU Q 20 10.31 34.19 6.78
N GLU Q 21 10.22 33.30 7.77
CA GLU Q 21 9.00 33.16 8.56
C GLU Q 21 8.98 34.14 9.73
N LYS Q 22 9.98 34.06 10.61
CA LYS Q 22 10.02 34.93 11.78
C LYS Q 22 10.38 36.36 11.44
N ALA Q 23 10.79 36.64 10.20
CA ALA Q 23 11.18 37.97 9.77
C ALA Q 23 12.27 38.52 10.68
N PHE Q 24 11.91 39.46 11.54
CA PHE Q 24 12.82 40.00 12.55
C PHE Q 24 12.13 40.06 13.89
N SER Q 25 11.50 38.96 14.26
CA SER Q 25 10.98 38.77 15.60
C SER Q 25 12.14 38.47 16.56
N PRO Q 26 11.93 38.58 17.87
CA PRO Q 26 13.01 38.26 18.80
C PRO Q 26 13.54 36.85 18.65
N GLU Q 27 12.71 35.92 18.17
CA GLU Q 27 13.14 34.54 18.01
C GLU Q 27 14.30 34.38 17.04
N VAL Q 28 14.56 35.40 16.19
CA VAL Q 28 15.69 35.31 15.29
C VAL Q 28 17.01 35.42 16.04
N ILE Q 29 16.99 35.90 17.27
CA ILE Q 29 18.24 36.11 18.02
C ILE Q 29 18.75 34.78 18.59
N PRO Q 30 17.92 33.97 19.26
CA PRO Q 30 18.45 32.68 19.75
C PRO Q 30 18.78 31.72 18.63
N MET Q 31 17.92 31.65 17.61
CA MET Q 31 18.17 30.73 16.49
C MET Q 31 19.50 31.02 15.84
N PHE Q 32 19.74 32.28 15.46
CA PHE Q 32 21.06 32.67 14.98
C PHE Q 32 22.12 32.32 16.00
N SER Q 33 21.85 32.60 17.29
CA SER Q 33 22.82 32.32 18.34
C SER Q 33 23.18 30.84 18.40
N ALA Q 34 22.32 29.97 17.88
CA ALA Q 34 22.59 28.54 17.88
C ALA Q 34 22.94 28.00 16.51
N LEU Q 35 22.91 28.83 15.47
CA LEU Q 35 23.15 28.36 14.12
C LEU Q 35 24.54 28.71 13.61
N SER Q 36 25.22 29.66 14.25
CA SER Q 36 26.55 30.08 13.82
C SER Q 36 27.61 29.88 14.90
N GLU Q 37 27.39 28.94 15.82
CA GLU Q 37 28.33 28.72 16.90
C GLU Q 37 29.62 28.13 16.33
N GLY Q 38 30.73 28.84 16.52
CA GLY Q 38 32.02 28.39 16.06
C GLY Q 38 32.29 28.60 14.59
N ALA Q 39 31.37 29.20 13.86
CA ALA Q 39 31.57 29.42 12.43
C ALA Q 39 32.61 30.50 12.20
N THR Q 40 33.24 30.44 11.03
CA THR Q 40 34.20 31.46 10.64
C THR Q 40 33.48 32.76 10.29
N PRO Q 41 34.17 33.90 10.36
CA PRO Q 41 33.54 35.16 9.95
C PRO Q 41 33.06 35.13 8.52
N GLN Q 42 33.74 34.42 7.62
CA GLN Q 42 33.26 34.28 6.26
C GLN Q 42 31.94 33.53 6.22
N ASP Q 43 31.81 32.48 7.02
CA ASP Q 43 30.55 31.75 7.08
C ASP Q 43 29.46 32.62 7.68
N LEU Q 44 29.81 33.47 8.65
CA LEU Q 44 28.85 34.41 9.21
C LEU Q 44 28.40 35.43 8.16
N ASN Q 45 29.33 35.88 7.32
CA ASN Q 45 28.96 36.80 6.25
C ASN Q 45 28.03 36.14 5.25
N THR Q 46 28.32 34.88 4.89
CA THR Q 46 27.39 34.13 4.04
C THR Q 46 26.03 33.98 4.72
N MET Q 47 26.06 33.77 6.03
CA MET Q 47 24.84 33.64 6.81
C MET Q 47 24.01 34.92 6.75
N LEU Q 48 24.68 36.07 6.83
CA LEU Q 48 24.00 37.36 6.82
C LEU Q 48 23.49 37.75 5.44
N ASN Q 49 24.26 37.43 4.40
CA ASN Q 49 23.92 37.81 3.04
C ASN Q 49 22.69 37.11 2.51
N THR Q 50 22.24 36.04 3.15
CA THR Q 50 21.19 35.19 2.61
C THR Q 50 19.80 35.66 3.03
N VAL Q 51 19.64 36.93 3.36
CA VAL Q 51 18.36 37.49 3.79
C VAL Q 51 17.86 38.42 2.69
N GLY Q 52 16.66 38.14 2.19
CA GLY Q 52 16.05 38.98 1.18
C GLY Q 52 15.20 40.07 1.80
N GLY Q 53 15.30 41.26 1.23
CA GLY Q 53 14.56 42.38 1.77
C GLY Q 53 15.20 42.89 3.05
N HIS Q 54 14.43 43.69 3.79
CA HIS Q 54 14.87 44.28 5.04
C HIS Q 54 16.16 45.07 4.85
N GLN Q 55 16.17 45.91 3.83
CA GLN Q 55 17.38 46.69 3.53
C GLN Q 55 17.73 47.64 4.66
N ALA Q 56 16.72 48.31 5.23
CA ALA Q 56 16.99 49.24 6.32
C ALA Q 56 17.58 48.53 7.54
N ALA Q 57 17.00 47.39 7.91
CA ALA Q 57 17.52 46.63 9.04
C ALA Q 57 18.94 46.19 8.81
N MET Q 58 19.25 45.72 7.59
CA MET Q 58 20.62 45.33 7.28
C MET Q 58 21.55 46.53 7.31
N GLN Q 59 21.06 47.72 6.95
CA GLN Q 59 21.91 48.90 7.07
C GLN Q 59 22.22 49.21 8.54
N MET Q 60 21.23 49.08 9.41
CA MET Q 60 21.51 49.24 10.84
C MET Q 60 22.51 48.20 11.33
N LEU Q 61 22.36 46.96 10.85
CA LEU Q 61 23.29 45.90 11.25
C LEU Q 61 24.70 46.20 10.78
N LYS Q 62 24.84 46.70 9.55
CA LYS Q 62 26.15 47.05 9.04
C LYS Q 62 26.77 48.21 9.81
N GLU Q 63 25.95 49.20 10.18
CA GLU Q 63 26.45 50.28 11.01
C GLU Q 63 26.95 49.76 12.36
N THR Q 64 26.19 48.84 12.96
CA THR Q 64 26.60 48.23 14.22
C THR Q 64 27.94 47.52 14.06
N ILE Q 65 28.07 46.71 13.01
CA ILE Q 65 29.30 45.95 12.82
C ILE Q 65 30.48 46.88 12.61
N ASN Q 66 30.30 47.93 11.81
CA ASN Q 66 31.40 48.87 11.56
C ASN Q 66 31.82 49.59 12.83
N GLU Q 67 30.85 50.04 13.63
CA GLU Q 67 31.21 50.79 14.82
C GLU Q 67 31.81 49.89 15.89
N GLU Q 68 31.41 48.61 15.92
CA GLU Q 68 32.07 47.66 16.82
C GLU Q 68 33.46 47.29 16.33
N ALA Q 69 33.68 47.27 15.02
CA ALA Q 69 35.03 47.10 14.50
C ALA Q 69 35.91 48.27 14.92
N ALA Q 70 35.35 49.49 14.87
CA ALA Q 70 36.08 50.65 15.35
C ALA Q 70 36.40 50.53 16.84
N GLU Q 71 35.42 50.06 17.64
CA GLU Q 71 35.66 49.88 19.06
C GLU Q 71 36.73 48.82 19.31
N TRP Q 72 36.71 47.73 18.55
CA TRP Q 72 37.72 46.69 18.68
C TRP Q 72 39.10 47.22 18.35
N ASP Q 73 39.21 48.01 17.27
CA ASP Q 73 40.49 48.63 16.94
C ASP Q 73 40.93 49.59 18.03
N ARG Q 74 39.99 50.28 18.67
CA ARG Q 74 40.34 51.14 19.80
C ARG Q 74 40.89 50.32 20.97
N VAL Q 75 40.27 49.18 21.26
CA VAL Q 75 40.68 48.37 22.40
C VAL Q 75 42.08 47.80 22.18
N HIS Q 76 42.33 47.26 20.99
CA HIS Q 76 43.64 46.69 20.68
C HIS Q 76 44.41 47.66 19.81
N PRO Q 77 45.44 48.34 20.33
CA PRO Q 77 46.23 49.22 19.48
C PRO Q 77 47.01 48.44 18.44
N VAL Q 78 47.21 49.08 17.28
CA VAL Q 78 47.96 48.44 16.21
C VAL Q 78 49.44 48.42 16.57
N HIS Q 79 50.04 47.25 16.50
CA HIS Q 79 51.45 47.09 16.84
C HIS Q 79 52.30 47.20 15.59
N ALA Q 80 53.32 48.05 15.64
CA ALA Q 80 54.22 48.29 14.51
C ALA Q 80 55.55 47.61 14.77
N GLY Q 81 56.00 46.81 13.80
CA GLY Q 81 57.26 46.11 13.92
C GLY Q 81 57.34 44.93 12.97
N PRO Q 82 58.54 44.36 12.83
CA PRO Q 82 58.70 43.20 11.95
C PRO Q 82 58.02 41.97 12.52
N ILE Q 83 57.02 41.46 11.81
CA ILE Q 83 56.29 40.28 12.27
C ILE Q 83 57.16 39.05 12.04
N ALA Q 84 57.27 38.20 13.05
CA ALA Q 84 58.06 36.99 12.93
C ALA Q 84 57.46 36.06 11.88
N PRO Q 85 58.28 35.40 11.06
CA PRO Q 85 57.73 34.50 10.03
C PRO Q 85 56.88 33.38 10.60
N GLY Q 86 57.24 32.87 11.79
CA GLY Q 86 56.42 31.82 12.40
C GLY Q 86 55.05 32.30 12.81
N GLN Q 87 54.97 33.52 13.33
CA GLN Q 87 53.71 34.10 13.78
C GLN Q 87 53.02 34.79 12.60
N MET Q 88 51.95 35.52 12.91
CA MET Q 88 51.19 36.24 11.89
C MET Q 88 50.60 37.50 12.51
N ARG Q 89 50.16 38.41 11.65
CA ARG Q 89 49.66 39.71 12.11
C ARG Q 89 48.40 39.54 12.95
N GLU Q 90 48.23 40.46 13.90
CA GLU Q 90 47.04 40.46 14.74
C GLU Q 90 45.84 40.99 13.95
N PRO Q 91 44.65 40.47 14.21
CA PRO Q 91 43.48 40.91 13.46
C PRO Q 91 43.06 42.32 13.82
N ARG Q 92 42.39 42.97 12.87
CA ARG Q 92 41.75 44.25 13.07
C ARG Q 92 40.24 44.07 13.06
N GLY Q 93 39.52 45.15 13.35
CA GLY Q 93 38.07 45.07 13.40
C GLY Q 93 37.46 44.62 12.08
N SER Q 94 37.99 45.14 10.96
CA SER Q 94 37.53 44.69 9.67
C SER Q 94 37.83 43.21 9.45
N ASP Q 95 38.96 42.74 9.96
CA ASP Q 95 39.29 41.32 9.83
C ASP Q 95 38.29 40.45 10.59
N ILE Q 96 37.89 40.87 11.79
CA ILE Q 96 36.84 40.15 12.50
C ILE Q 96 35.54 40.19 11.71
N ALA Q 97 35.23 41.36 11.12
CA ALA Q 97 34.06 41.44 10.26
C ALA Q 97 34.17 40.56 9.03
N GLY Q 98 35.39 40.19 8.64
CA GLY Q 98 35.62 39.33 7.49
C GLY Q 98 35.89 40.04 6.19
N THR Q 99 35.81 41.37 6.16
CA THR Q 99 35.99 42.08 4.89
C THR Q 99 37.45 42.05 4.44
N THR Q 100 38.38 42.32 5.34
CA THR Q 100 39.79 42.39 4.99
C THR Q 100 40.52 41.06 5.19
N SER Q 101 39.86 40.08 5.80
CA SER Q 101 40.49 38.80 6.11
C SER Q 101 39.91 37.73 5.21
N THR Q 102 40.79 36.94 4.60
CA THR Q 102 40.37 35.80 3.80
C THR Q 102 39.96 34.64 4.71
N LEU Q 103 39.35 33.62 4.11
CA LEU Q 103 38.94 32.46 4.88
C LEU Q 103 40.14 31.76 5.51
N GLN Q 104 41.27 31.73 4.80
CA GLN Q 104 42.47 31.11 5.33
C GLN Q 104 42.95 31.83 6.59
N GLU Q 105 42.95 33.16 6.58
CA GLU Q 105 43.39 33.91 7.74
C GLU Q 105 42.45 33.72 8.92
N GLN Q 106 41.13 33.68 8.66
CA GLN Q 106 40.18 33.42 9.73
C GLN Q 106 40.38 32.02 10.31
N ILE Q 107 40.61 31.03 9.45
CA ILE Q 107 40.88 29.68 9.93
C ILE Q 107 42.13 29.66 10.79
N GLY Q 108 43.18 30.34 10.35
CA GLY Q 108 44.41 30.39 11.14
C GLY Q 108 44.21 31.06 12.48
N TRP Q 109 43.41 32.12 12.51
CA TRP Q 109 43.15 32.80 13.78
C TRP Q 109 42.34 31.92 14.72
N MET Q 110 41.30 31.28 14.20
CA MET Q 110 40.45 30.43 15.04
C MET Q 110 41.17 29.19 15.55
N THR Q 111 42.32 28.83 14.97
CA THR Q 111 43.11 27.67 15.40
C THR Q 111 44.54 28.16 15.64
N ASN Q 112 44.82 28.58 16.88
CA ASN Q 112 46.13 29.10 17.22
C ASN Q 112 46.40 28.83 18.70
N ASN Q 113 47.65 29.07 19.10
CA ASN Q 113 48.09 28.87 20.48
C ASN Q 113 48.80 30.13 20.94
N PRO Q 114 48.08 31.05 21.61
CA PRO Q 114 46.66 31.00 21.96
C PRO Q 114 45.78 31.33 20.76
N PRO Q 115 44.54 30.83 20.73
CA PRO Q 115 43.67 31.07 19.57
C PRO Q 115 42.99 32.42 19.67
N ILE Q 116 43.21 33.28 18.68
CA ILE Q 116 42.47 34.54 18.58
C ILE Q 116 41.11 34.20 17.97
N PRO Q 117 40.06 34.16 18.78
CA PRO Q 117 38.78 33.60 18.35
C PRO Q 117 37.89 34.62 17.63
N VAL Q 118 38.17 34.81 16.34
CA VAL Q 118 37.50 35.87 15.58
C VAL Q 118 36.01 35.56 15.37
N GLY Q 119 35.67 34.28 15.17
CA GLY Q 119 34.32 33.94 14.76
C GLY Q 119 33.27 34.36 15.77
N GLU Q 120 33.51 34.08 17.05
CA GLU Q 120 32.52 34.41 18.07
C GLU Q 120 32.47 35.90 18.38
N ILE Q 121 33.57 36.64 18.22
CA ILE Q 121 33.48 38.10 18.34
C ILE Q 121 32.58 38.67 17.24
N TYR Q 122 32.81 38.22 16.00
CA TYR Q 122 31.94 38.66 14.92
C TYR Q 122 30.50 38.22 15.17
N LYS Q 123 30.33 37.03 15.75
CA LYS Q 123 29.01 36.52 16.09
C LYS Q 123 28.31 37.41 17.10
N ARG Q 124 29.04 37.86 18.13
CA ARG Q 124 28.47 38.76 19.12
C ARG Q 124 28.10 40.09 18.51
N TRP Q 125 28.96 40.63 17.64
CA TRP Q 125 28.64 41.88 16.97
C TRP Q 125 27.35 41.75 16.16
N ILE Q 126 27.23 40.66 15.41
CA ILE Q 126 26.05 40.45 14.59
C ILE Q 126 24.81 40.27 15.46
N ILE Q 127 24.93 39.52 16.57
CA ILE Q 127 23.77 39.27 17.41
C ILE Q 127 23.31 40.54 18.10
N LEU Q 128 24.23 41.44 18.45
CA LEU Q 128 23.80 42.69 19.05
C LEU Q 128 23.24 43.65 18.00
N GLY Q 129 23.76 43.62 16.77
CA GLY Q 129 23.09 44.33 15.69
C GLY Q 129 21.67 43.83 15.49
N LEU Q 130 21.48 42.52 15.55
CA LEU Q 130 20.14 41.95 15.47
C LEU Q 130 19.28 42.37 16.65
N ASN Q 131 19.88 42.51 17.84
CA ASN Q 131 19.14 43.01 18.99
C ASN Q 131 18.63 44.42 18.75
N LYS Q 132 19.49 45.28 18.20
CA LYS Q 132 19.04 46.62 17.83
C LYS Q 132 17.93 46.55 16.79
N ILE Q 133 18.06 45.63 15.84
CA ILE Q 133 17.06 45.48 14.78
C ILE Q 133 15.70 45.13 15.38
N VAL Q 134 15.67 44.15 16.28
CA VAL Q 134 14.38 43.74 16.85
C VAL Q 134 13.84 44.83 17.75
N ARG Q 135 14.71 45.56 18.44
CA ARG Q 135 14.25 46.60 19.34
C ARG Q 135 13.62 47.77 18.59
N MET Q 136 14.29 48.25 17.54
CA MET Q 136 13.88 49.50 16.89
C MET Q 136 13.24 49.29 15.53
N TYR Q 137 13.83 48.48 14.65
CA TYR Q 137 13.32 48.34 13.30
C TYR Q 137 11.92 47.73 13.29
N SER Q 138 11.06 48.28 12.44
CA SER Q 138 9.71 47.75 12.24
C SER Q 138 9.50 47.61 10.74
N PRO Q 139 9.25 46.41 10.24
CA PRO Q 139 9.08 46.24 8.79
C PRO Q 139 7.81 46.91 8.29
N THR Q 140 7.85 47.34 7.03
CA THR Q 140 6.70 47.97 6.41
C THR Q 140 5.76 46.90 5.89
N SER Q 141 4.56 46.82 6.46
CA SER Q 141 3.57 45.83 6.08
C SER Q 141 2.47 46.50 5.25
N ILE Q 142 1.93 45.74 4.30
CA ILE Q 142 0.89 46.26 3.44
C ILE Q 142 -0.36 46.62 4.23
N LEU Q 143 -0.62 45.89 5.32
CA LEU Q 143 -1.79 46.17 6.13
C LEU Q 143 -1.69 47.51 6.85
N ASP Q 144 -0.48 48.04 7.00
CA ASP Q 144 -0.27 49.32 7.66
C ASP Q 144 -0.42 50.51 6.70
N ILE Q 145 -0.69 50.25 5.43
CA ILE Q 145 -0.85 51.32 4.44
C ILE Q 145 -2.32 51.69 4.38
N ARG Q 146 -2.65 52.85 4.93
CA ARG Q 146 -4.01 53.38 4.88
C ARG Q 146 -3.96 54.80 4.33
N GLN Q 147 -4.92 55.12 3.48
CA GLN Q 147 -4.96 56.44 2.88
C GLN Q 147 -5.30 57.49 3.93
N GLY Q 148 -4.58 58.62 3.88
CA GLY Q 148 -4.78 59.67 4.83
C GLY Q 148 -6.10 60.41 4.62
N PRO Q 149 -6.49 61.23 5.59
CA PRO Q 149 -7.74 61.99 5.43
C PRO Q 149 -7.72 62.93 4.24
N LYS Q 150 -6.57 63.53 3.92
CA LYS Q 150 -6.46 64.45 2.80
C LYS Q 150 -5.42 64.00 1.79
N GLU Q 151 -5.06 62.72 1.81
CA GLU Q 151 -4.04 62.20 0.90
C GLU Q 151 -4.65 61.97 -0.48
N PRO Q 152 -4.05 62.49 -1.54
CA PRO Q 152 -4.55 62.20 -2.89
C PRO Q 152 -4.49 60.71 -3.19
N PHE Q 153 -5.46 60.24 -3.98
CA PHE Q 153 -5.56 58.82 -4.25
C PHE Q 153 -4.38 58.30 -5.06
N ARG Q 154 -3.84 59.12 -5.97
CA ARG Q 154 -2.64 58.70 -6.70
C ARG Q 154 -1.46 58.48 -5.75
N ASP Q 155 -1.27 59.37 -4.79
CA ASP Q 155 -0.18 59.20 -3.83
C ASP Q 155 -0.41 57.96 -2.97
N TYR Q 156 -1.65 57.73 -2.54
CA TYR Q 156 -1.94 56.54 -1.75
C TYR Q 156 -1.69 55.28 -2.55
N VAL Q 157 -2.07 55.27 -3.83
CA VAL Q 157 -1.80 54.12 -4.68
C VAL Q 157 -0.31 53.91 -4.86
N ASP Q 158 0.44 55.00 -5.03
CA ASP Q 158 1.89 54.88 -5.17
C ASP Q 158 2.50 54.26 -3.92
N ARG Q 159 2.09 54.72 -2.74
CA ARG Q 159 2.60 54.16 -1.50
C ARG Q 159 2.20 52.69 -1.37
N PHE Q 160 0.94 52.37 -1.70
CA PHE Q 160 0.46 51.00 -1.59
C PHE Q 160 1.27 50.07 -2.47
N TYR Q 161 1.51 50.48 -3.72
CA TYR Q 161 2.25 49.61 -4.63
C TYR Q 161 3.72 49.55 -4.29
N LYS Q 162 4.30 50.63 -3.76
CA LYS Q 162 5.69 50.57 -3.33
C LYS Q 162 5.86 49.58 -2.19
N THR Q 163 4.97 49.64 -1.19
CA THR Q 163 5.05 48.68 -0.10
C THR Q 163 4.69 47.27 -0.55
N LEU Q 164 3.83 47.15 -1.56
CA LEU Q 164 3.49 45.85 -2.11
C LEU Q 164 4.70 45.20 -2.76
N ARG Q 165 5.41 45.94 -3.62
CA ARG Q 165 6.60 45.41 -4.26
C ARG Q 165 7.69 45.13 -3.22
N ALA Q 166 7.87 46.02 -2.25
CA ALA Q 166 8.93 45.83 -1.27
C ALA Q 166 8.67 44.59 -0.41
N GLU Q 167 7.43 44.37 -0.01
CA GLU Q 167 7.12 43.28 0.91
C GLU Q 167 7.22 41.93 0.20
N GLN Q 168 7.73 40.93 0.92
CA GLN Q 168 7.88 39.60 0.37
C GLN Q 168 6.57 38.82 0.47
N ALA Q 169 6.13 38.25 -0.65
CA ALA Q 169 4.93 37.45 -0.74
C ALA Q 169 4.87 36.85 -2.14
N SER Q 170 3.98 35.88 -2.30
CA SER Q 170 3.78 35.29 -3.61
C SER Q 170 3.04 36.25 -4.53
N GLN Q 171 3.18 36.03 -5.84
CA GLN Q 171 2.54 36.91 -6.81
C GLN Q 171 1.02 36.81 -6.74
N GLU Q 172 0.49 35.60 -6.57
CA GLU Q 172 -0.96 35.43 -6.51
C GLU Q 172 -1.55 36.11 -5.28
N VAL Q 173 -0.91 35.92 -4.11
CA VAL Q 173 -1.42 36.59 -2.92
C VAL Q 173 -1.23 38.09 -3.03
N LYS Q 174 -0.18 38.54 -3.73
CA LYS Q 174 -0.02 39.97 -3.97
C LYS Q 174 -1.16 40.53 -4.81
N ASN Q 175 -1.57 39.79 -5.85
CA ASN Q 175 -2.69 40.23 -6.67
C ASN Q 175 -3.98 40.26 -5.86
N TRP Q 176 -4.21 39.23 -5.04
CA TRP Q 176 -5.41 39.23 -4.20
C TRP Q 176 -5.37 40.38 -3.21
N MET Q 177 -4.19 40.70 -2.69
CA MET Q 177 -4.05 41.77 -1.71
C MET Q 177 -4.29 43.13 -2.34
N THR Q 178 -3.76 43.36 -3.55
CA THR Q 178 -4.06 44.63 -4.20
C THR Q 178 -5.50 44.70 -4.69
N GLU Q 179 -6.16 43.54 -4.85
CA GLU Q 179 -7.59 43.55 -5.13
C GLU Q 179 -8.39 43.96 -3.90
N THR Q 180 -8.01 43.49 -2.72
CA THR Q 180 -8.81 43.71 -1.52
C THR Q 180 -8.41 44.96 -0.75
N LEU Q 181 -7.15 45.05 -0.32
CA LEU Q 181 -6.74 46.09 0.61
C LEU Q 181 -6.74 47.48 -0.03
N LEU Q 182 -6.57 47.56 -1.35
CA LEU Q 182 -6.55 48.87 -2.00
C LEU Q 182 -7.88 49.59 -1.83
N VAL Q 183 -8.99 48.87 -1.95
CA VAL Q 183 -10.29 49.45 -1.68
C VAL Q 183 -10.60 49.44 -0.19
N GLN Q 184 -10.16 48.42 0.53
CA GLN Q 184 -10.50 48.30 1.95
C GLN Q 184 -9.88 49.42 2.77
N ASN Q 185 -8.63 49.79 2.48
CA ASN Q 185 -7.88 50.74 3.29
C ASN Q 185 -7.89 52.14 2.68
N ALA Q 186 -8.99 52.53 2.05
CA ALA Q 186 -9.08 53.84 1.42
C ALA Q 186 -9.78 54.84 2.35
N ASN Q 187 -9.44 56.10 2.16
CA ASN Q 187 -10.07 57.18 2.92
C ASN Q 187 -11.57 57.20 2.63
N PRO Q 188 -12.41 57.52 3.62
CA PRO Q 188 -13.86 57.39 3.43
C PRO Q 188 -14.41 58.15 2.22
N ASP Q 189 -13.90 59.34 1.93
CA ASP Q 189 -14.37 60.07 0.75
C ASP Q 189 -14.08 59.29 -0.52
N CYS Q 190 -12.89 58.70 -0.63
CA CYS Q 190 -12.59 57.87 -1.78
C CYS Q 190 -13.30 56.52 -1.71
N LYS Q 191 -13.51 56.00 -0.50
CA LYS Q 191 -14.17 54.71 -0.34
C LYS Q 191 -15.60 54.76 -0.83
N THR Q 192 -16.29 55.89 -0.60
CA THR Q 192 -17.65 56.03 -1.12
C THR Q 192 -17.66 55.93 -2.64
N ILE Q 193 -16.72 56.60 -3.31
CA ILE Q 193 -16.68 56.58 -4.77
C ILE Q 193 -16.29 55.19 -5.27
N LEU Q 194 -15.36 54.53 -4.60
CA LEU Q 194 -14.98 53.18 -4.99
C LEU Q 194 -16.15 52.22 -4.87
N LYS Q 195 -16.93 52.33 -3.79
CA LYS Q 195 -18.11 51.48 -3.64
C LYS Q 195 -19.15 51.82 -4.70
N ALA Q 196 -19.30 53.09 -5.04
CA ALA Q 196 -20.27 53.48 -6.06
C ALA Q 196 -19.87 52.96 -7.44
N LEU Q 197 -18.56 52.88 -7.72
CA LEU Q 197 -18.11 52.39 -9.02
C LEU Q 197 -18.51 50.94 -9.24
N GLY Q 198 -18.37 50.11 -8.22
CA GLY Q 198 -18.70 48.70 -8.33
C GLY Q 198 -17.47 47.83 -8.33
N PRO Q 199 -17.65 46.55 -8.00
CA PRO Q 199 -16.49 45.65 -7.92
C PRO Q 199 -15.80 45.41 -9.25
N ALA Q 200 -16.47 45.66 -10.37
CA ALA Q 200 -15.88 45.39 -11.68
C ALA Q 200 -14.95 46.51 -12.15
N ALA Q 201 -14.87 47.62 -11.42
CA ALA Q 201 -14.03 48.72 -11.84
C ALA Q 201 -12.55 48.35 -11.79
N THR Q 202 -11.78 48.90 -12.72
CA THR Q 202 -10.35 48.66 -12.78
C THR Q 202 -9.62 49.80 -12.06
N LEU Q 203 -8.30 49.66 -11.94
CA LEU Q 203 -7.51 50.66 -11.21
C LEU Q 203 -7.63 52.04 -11.86
N GLU Q 204 -7.57 52.10 -13.19
CA GLU Q 204 -7.62 53.39 -13.87
C GLU Q 204 -8.94 54.10 -13.62
N GLU Q 205 -10.06 53.37 -13.69
CA GLU Q 205 -11.36 53.98 -13.45
C GLU Q 205 -11.48 54.47 -12.01
N MET Q 206 -11.02 53.67 -11.06
CA MET Q 206 -11.06 54.09 -9.66
C MET Q 206 -10.24 55.36 -9.45
N MET Q 207 -9.06 55.43 -10.08
CA MET Q 207 -8.21 56.60 -9.92
C MET Q 207 -8.83 57.85 -10.54
N THR Q 208 -9.39 57.74 -11.75
CA THR Q 208 -10.00 58.93 -12.32
C THR Q 208 -11.29 59.31 -11.60
N ALA Q 209 -11.90 58.35 -10.89
CA ALA Q 209 -13.05 58.70 -10.05
C ALA Q 209 -12.61 59.46 -8.81
N CYS Q 210 -11.52 59.02 -8.17
CA CYS Q 210 -11.02 59.69 -6.97
C CYS Q 210 -10.20 60.93 -7.27
N GLN Q 211 -9.91 61.19 -8.55
CA GLN Q 211 -9.15 62.38 -8.91
C GLN Q 211 -9.81 63.66 -8.39
N GLY Q 212 -11.13 63.66 -8.25
CA GLY Q 212 -11.84 64.86 -7.88
C GLY Q 212 -11.95 65.14 -6.40
N VAL Q 213 -11.67 64.14 -5.55
CA VAL Q 213 -11.85 64.31 -4.11
C VAL Q 213 -10.90 65.38 -3.60
N GLY Q 214 -11.38 66.18 -2.64
CA GLY Q 214 -10.61 67.28 -2.11
C GLY Q 214 -10.70 68.57 -2.89
N GLY Q 215 -10.96 68.49 -4.20
CA GLY Q 215 -11.06 69.68 -5.02
C GLY Q 215 -12.29 70.50 -4.68
N PRO Q 216 -12.32 71.74 -5.16
CA PRO Q 216 -13.47 72.60 -4.84
C PRO Q 216 -14.81 72.02 -5.28
N GLY Q 217 -14.85 71.32 -6.41
CA GLY Q 217 -16.10 70.73 -6.85
C GLY Q 217 -16.60 69.65 -5.89
N HIS Q 218 -15.70 68.76 -5.47
CA HIS Q 218 -16.10 67.70 -4.55
C HIS Q 218 -16.50 68.27 -3.19
N LYS Q 219 -15.76 69.28 -2.71
CA LYS Q 219 -16.11 69.89 -1.43
C LYS Q 219 -17.48 70.56 -1.52
N ALA Q 220 -17.75 71.27 -2.62
CA ALA Q 220 -19.06 71.88 -2.80
C ALA Q 220 -20.15 70.83 -2.87
N ARG Q 221 -19.89 69.71 -3.56
CA ARG Q 221 -20.91 68.66 -3.67
C ARG Q 221 -21.22 68.04 -2.32
N VAL Q 222 -20.19 67.72 -1.54
CA VAL Q 222 -20.43 67.09 -0.23
C VAL Q 222 -21.07 68.08 0.72
N LEU Q 223 -20.70 69.36 0.65
CA LEU Q 223 -21.36 70.37 1.46
C LEU Q 223 -22.83 70.49 1.08
N ALA Q 224 -23.14 70.46 -0.21
CA ALA Q 224 -24.52 70.51 -0.65
C ALA Q 224 -25.30 69.30 -0.16
N GLU Q 225 -24.69 68.11 -0.20
CA GLU Q 225 -25.36 66.93 0.32
C GLU Q 225 -25.63 67.06 1.81
N ALA Q 226 -24.65 67.57 2.56
CA ALA Q 226 -24.85 67.76 4.00
C ALA Q 226 -25.96 68.76 4.28
N MET Q 227 -26.00 69.86 3.53
CA MET Q 227 -27.06 70.85 3.73
C MET Q 227 -28.42 70.30 3.32
N SER Q 228 -28.46 69.42 2.30
CA SER Q 228 -29.70 68.76 1.94
C SER Q 228 -30.17 67.85 3.06
N GLN Q 229 -29.25 67.13 3.70
CA GLN Q 229 -29.60 66.31 4.84
C GLN Q 229 -30.12 67.16 5.98
N VAL Q 230 -29.50 68.32 6.21
CA VAL Q 230 -29.99 69.25 7.22
C VAL Q 230 -31.39 69.75 6.86
N ILE Q 231 -31.58 70.13 5.60
CA ILE Q 231 -32.85 70.65 5.13
C ILE Q 231 -33.74 69.49 4.65
N VAL R 3 40.20 39.29 -30.65
CA VAL R 3 39.34 38.33 -29.99
C VAL R 3 38.34 37.74 -30.97
N HIS R 4 38.11 36.43 -30.86
CA HIS R 4 37.20 35.76 -31.79
C HIS R 4 35.74 36.07 -31.49
N GLN R 5 35.42 36.37 -30.23
CA GLN R 5 34.06 36.67 -29.83
C GLN R 5 33.79 38.18 -29.79
N ALA R 6 34.43 38.93 -30.67
CA ALA R 6 34.27 40.37 -30.70
C ALA R 6 32.84 40.75 -31.06
N ILE R 7 32.51 42.03 -30.86
CA ILE R 7 31.17 42.51 -31.16
C ILE R 7 30.99 42.62 -32.68
N SER R 8 29.75 42.43 -33.12
CA SER R 8 29.37 42.57 -34.51
C SER R 8 28.15 43.48 -34.60
N PRO R 9 27.97 44.18 -35.72
CA PRO R 9 26.88 45.17 -35.80
C PRO R 9 25.50 44.58 -35.56
N ARG R 10 25.26 43.34 -35.98
CA ARG R 10 23.94 42.75 -35.82
C ARG R 10 23.55 42.62 -34.36
N THR R 11 24.48 42.16 -33.51
CA THR R 11 24.14 42.01 -32.09
C THR R 11 23.98 43.37 -31.41
N LEU R 12 24.78 44.36 -31.80
CA LEU R 12 24.61 45.71 -31.25
C LEU R 12 23.24 46.27 -31.61
N ASN R 13 22.83 46.11 -32.88
CA ASN R 13 21.52 46.58 -33.29
C ASN R 13 20.42 45.80 -32.57
N ALA R 14 20.62 44.51 -32.36
CA ALA R 14 19.64 43.72 -31.63
C ALA R 14 19.50 44.19 -30.20
N TRP R 15 20.62 44.51 -29.55
CA TRP R 15 20.56 45.03 -28.18
C TRP R 15 19.84 46.38 -28.14
N VAL R 16 20.13 47.24 -29.12
CA VAL R 16 19.44 48.53 -29.18
C VAL R 16 17.94 48.32 -29.33
N LYS R 17 17.55 47.41 -30.23
CA LYS R 17 16.14 47.15 -30.45
C LYS R 17 15.46 46.57 -29.22
N VAL R 18 16.15 45.66 -28.52
CA VAL R 18 15.53 45.02 -27.36
C VAL R 18 15.45 45.98 -26.19
N VAL R 19 16.39 46.92 -26.08
CA VAL R 19 16.31 47.89 -25.00
C VAL R 19 15.34 49.02 -25.32
N GLU R 20 15.03 49.24 -26.61
CA GLU R 20 14.05 50.25 -26.97
C GLU R 20 12.63 49.70 -26.88
N GLU R 21 12.38 48.53 -27.47
CA GLU R 21 11.03 47.99 -27.51
C GLU R 21 10.61 47.46 -26.15
N LYS R 22 11.50 46.74 -25.47
CA LYS R 22 11.15 46.04 -24.23
C LYS R 22 11.48 46.85 -22.99
N ALA R 23 12.06 48.05 -23.15
CA ALA R 23 12.42 48.92 -22.04
C ALA R 23 13.28 48.19 -21.02
N PHE R 24 12.70 47.90 -19.85
CA PHE R 24 13.41 47.19 -18.80
C PHE R 24 12.51 46.13 -18.18
N SER R 25 11.69 45.51 -19.01
CA SER R 25 10.93 44.34 -18.58
C SER R 25 11.92 43.22 -18.24
N PRO R 26 11.55 42.30 -17.34
CA PRO R 26 12.51 41.26 -16.91
C PRO R 26 13.13 40.50 -18.07
N GLU R 27 12.40 40.32 -19.16
CA GLU R 27 12.88 39.59 -20.32
C GLU R 27 14.04 40.27 -21.03
N VAL R 28 14.54 41.40 -20.53
CA VAL R 28 15.78 41.95 -21.09
C VAL R 28 16.99 41.25 -20.49
N ILE R 29 16.86 40.70 -19.27
CA ILE R 29 18.00 40.05 -18.63
C ILE R 29 18.51 38.88 -19.45
N PRO R 30 17.68 37.94 -19.93
CA PRO R 30 18.23 36.86 -20.77
C PRO R 30 18.88 37.37 -22.05
N MET R 31 18.25 38.35 -22.71
CA MET R 31 18.78 38.84 -23.98
C MET R 31 20.22 39.32 -23.81
N PHE R 32 20.45 40.19 -22.84
CA PHE R 32 21.81 40.63 -22.55
C PHE R 32 22.71 39.43 -22.26
N SER R 33 22.22 38.48 -21.45
CA SER R 33 23.00 37.30 -21.13
C SER R 33 23.42 36.53 -22.36
N ALA R 34 22.67 36.65 -23.46
CA ALA R 34 23.00 35.95 -24.69
C ALA R 34 23.65 36.85 -25.73
N LEU R 35 23.70 38.16 -25.50
CA LEU R 35 24.22 39.08 -26.51
C LEU R 35 25.61 39.59 -26.19
N SER R 36 26.12 39.35 -24.98
CA SER R 36 27.45 39.80 -24.60
C SER R 36 28.35 38.63 -24.19
N GLU R 37 27.97 37.41 -24.54
CA GLU R 37 28.74 36.22 -24.18
C GLU R 37 30.12 36.28 -24.82
N GLY R 38 31.16 36.41 -23.99
CA GLY R 38 32.51 36.48 -24.49
C GLY R 38 32.97 37.83 -24.98
N ALA R 39 32.10 38.84 -24.93
CA ALA R 39 32.48 40.17 -25.38
C ALA R 39 33.44 40.82 -24.39
N THR R 40 34.39 41.59 -24.92
CA THR R 40 35.32 42.30 -24.07
C THR R 40 34.60 43.39 -23.29
N PRO R 41 35.16 43.82 -22.16
CA PRO R 41 34.52 44.89 -21.39
C PRO R 41 34.32 46.17 -22.17
N GLN R 42 35.22 46.48 -23.12
CA GLN R 42 35.02 47.65 -23.97
C GLN R 42 33.77 47.48 -24.82
N ASP R 43 33.56 46.29 -25.38
CA ASP R 43 32.33 46.02 -26.09
C ASP R 43 31.12 46.07 -25.17
N LEU R 44 31.31 45.68 -23.91
CA LEU R 44 30.23 45.78 -22.94
C LEU R 44 29.84 47.24 -22.71
N ASN R 45 30.84 48.12 -22.58
CA ASN R 45 30.57 49.54 -22.42
C ASN R 45 29.92 50.12 -23.67
N THR R 46 30.36 49.69 -24.85
CA THR R 46 29.72 50.14 -26.08
C THR R 46 28.26 49.72 -26.13
N MET R 47 27.97 48.49 -25.69
CA MET R 47 26.59 48.03 -25.62
C MET R 47 25.78 48.90 -24.66
N LEU R 48 26.36 49.21 -23.50
CA LEU R 48 25.64 49.96 -22.48
C LEU R 48 25.47 51.43 -22.82
N ASN R 49 26.33 51.98 -23.68
CA ASN R 49 26.23 53.40 -24.03
C ASN R 49 25.02 53.67 -24.91
N THR R 50 24.62 52.71 -25.74
CA THR R 50 23.56 52.94 -26.71
C THR R 50 22.18 53.06 -26.09
N VAL R 51 22.04 52.79 -24.80
CA VAL R 51 20.73 52.90 -24.15
C VAL R 51 20.33 54.38 -24.11
N GLY R 52 19.34 54.74 -24.91
CA GLY R 52 18.82 56.10 -24.91
C GLY R 52 17.77 56.26 -23.82
N GLY R 53 17.84 57.41 -23.13
CA GLY R 53 16.92 57.62 -22.05
C GLY R 53 17.25 56.75 -20.85
N HIS R 54 16.28 56.65 -19.94
CA HIS R 54 16.43 55.89 -18.70
C HIS R 54 17.70 56.29 -17.96
N GLN R 55 17.85 57.61 -17.76
CA GLN R 55 19.05 58.12 -17.09
C GLN R 55 19.14 57.61 -15.66
N ALA R 56 18.01 57.56 -14.96
CA ALA R 56 18.02 57.06 -13.58
C ALA R 56 18.46 55.60 -13.53
N ALA R 57 17.92 54.77 -14.42
CA ALA R 57 18.31 53.37 -14.44
C ALA R 57 19.79 53.21 -14.77
N MET R 58 20.30 54.01 -15.70
CA MET R 58 21.71 53.94 -16.04
C MET R 58 22.58 54.39 -14.86
N GLN R 59 22.11 55.38 -14.10
CA GLN R 59 22.86 55.79 -12.91
C GLN R 59 22.89 54.67 -11.87
N MET R 60 21.76 53.99 -11.69
CA MET R 60 21.74 52.84 -10.78
C MET R 60 22.71 51.76 -11.26
N LEU R 61 22.72 51.50 -12.57
CA LEU R 61 23.63 50.50 -13.11
C LEU R 61 25.09 50.89 -12.89
N LYS R 62 25.41 52.18 -13.08
CA LYS R 62 26.77 52.63 -12.86
C LYS R 62 27.17 52.51 -11.40
N GLU R 63 26.25 52.84 -10.49
CA GLU R 63 26.52 52.68 -9.07
C GLU R 63 26.79 51.21 -8.72
N THR R 64 25.97 50.31 -9.28
CA THR R 64 26.19 48.89 -9.06
C THR R 64 27.54 48.45 -9.58
N ILE R 65 27.92 48.90 -10.78
CA ILE R 65 29.20 48.52 -11.34
C ILE R 65 30.34 49.02 -10.47
N ASN R 66 30.25 50.26 -10.00
CA ASN R 66 31.31 50.81 -9.16
C ASN R 66 31.45 50.05 -7.86
N GLU R 67 30.32 49.74 -7.21
CA GLU R 67 30.41 49.06 -5.92
C GLU R 67 30.82 47.60 -6.06
N GLU R 68 30.42 46.94 -7.16
CA GLU R 68 30.90 45.58 -7.39
C GLU R 68 32.38 45.57 -7.76
N ALA R 69 32.86 46.61 -8.46
CA ALA R 69 34.29 46.73 -8.68
C ALA R 69 35.04 46.92 -7.38
N ALA R 70 34.47 47.70 -6.46
CA ALA R 70 35.08 47.84 -5.14
C ALA R 70 35.13 46.51 -4.40
N GLU R 71 34.04 45.75 -4.48
CA GLU R 71 34.03 44.42 -3.85
C GLU R 71 35.06 43.50 -4.49
N TRP R 72 35.19 43.54 -5.81
CA TRP R 72 36.18 42.73 -6.50
C TRP R 72 37.59 43.12 -6.08
N ASP R 73 37.84 44.43 -5.91
CA ASP R 73 39.16 44.87 -5.48
C ASP R 73 39.44 44.47 -4.04
N ARG R 74 38.41 44.46 -3.19
CA ARG R 74 38.62 44.03 -1.80
C ARG R 74 38.84 42.52 -1.73
N VAL R 75 38.22 41.75 -2.62
CA VAL R 75 38.45 40.31 -2.65
C VAL R 75 39.85 39.99 -3.16
N HIS R 76 40.30 40.72 -4.19
CA HIS R 76 41.61 40.51 -4.77
C HIS R 76 42.55 41.61 -4.31
N PRO R 77 43.33 41.42 -3.26
CA PRO R 77 44.22 42.48 -2.79
C PRO R 77 45.31 42.79 -3.79
N VAL R 78 45.76 44.04 -3.77
CA VAL R 78 46.80 44.48 -4.69
C VAL R 78 48.14 43.90 -4.25
N HIS R 79 48.85 43.27 -5.20
CA HIS R 79 50.14 42.67 -4.93
C HIS R 79 51.25 43.62 -5.40
N ALA R 80 52.15 43.96 -4.49
CA ALA R 80 53.23 44.89 -4.80
C ALA R 80 54.38 44.14 -5.46
N GLY R 81 55.52 44.81 -5.64
CA GLY R 81 56.67 44.21 -6.26
C GLY R 81 56.67 44.42 -7.77
N PRO R 82 57.84 44.32 -8.38
CA PRO R 82 57.92 44.48 -9.84
C PRO R 82 57.14 43.39 -10.55
N ILE R 83 56.54 43.76 -11.68
CA ILE R 83 55.77 42.83 -12.49
C ILE R 83 56.69 42.11 -13.45
N ALA R 84 56.52 40.79 -13.56
CA ALA R 84 57.35 40.00 -14.45
C ALA R 84 57.11 40.43 -15.90
N PRO R 85 58.17 40.62 -16.70
CA PRO R 85 57.97 41.04 -18.09
C PRO R 85 57.13 40.07 -18.90
N GLY R 86 57.26 38.76 -18.65
CA GLY R 86 56.44 37.79 -19.37
C GLY R 86 54.96 37.97 -19.11
N GLN R 87 54.60 38.22 -17.85
CA GLN R 87 53.22 38.48 -17.46
C GLN R 87 52.96 39.98 -17.55
N MET R 88 51.81 40.42 -17.03
CA MET R 88 51.50 41.83 -16.94
C MET R 88 50.56 42.04 -15.76
N ARG R 89 50.47 43.30 -15.31
CA ARG R 89 49.87 43.61 -14.03
C ARG R 89 48.42 43.15 -13.97
N GLU R 90 48.03 42.62 -12.81
CA GLU R 90 46.72 42.03 -12.65
C GLU R 90 45.63 43.10 -12.68
N PRO R 91 44.42 42.74 -13.08
CA PRO R 91 43.35 43.74 -13.15
C PRO R 91 42.90 44.18 -11.75
N ARG R 92 42.40 45.41 -11.69
CA ARG R 92 41.75 45.95 -10.51
C ARG R 92 40.26 46.11 -10.79
N GLY R 93 39.53 46.67 -9.84
CA GLY R 93 38.11 46.88 -10.04
C GLY R 93 37.83 47.81 -11.21
N SER R 94 38.55 48.94 -11.27
CA SER R 94 38.40 49.85 -12.40
C SER R 94 38.91 49.22 -13.69
N ASP R 95 39.98 48.42 -13.60
CA ASP R 95 40.53 47.79 -14.79
C ASP R 95 39.56 46.79 -15.38
N ILE R 96 38.90 46.00 -14.53
CA ILE R 96 37.79 45.19 -15.01
C ILE R 96 36.71 46.08 -15.60
N ALA R 97 36.40 47.19 -14.91
CA ALA R 97 35.37 48.10 -15.35
C ALA R 97 35.70 48.76 -16.68
N GLY R 98 36.95 48.70 -17.12
CA GLY R 98 37.34 49.28 -18.38
C GLY R 98 37.61 50.77 -18.35
N THR R 99 37.45 51.41 -17.20
CA THR R 99 37.71 52.85 -17.12
C THR R 99 39.18 53.15 -17.35
N THR R 100 40.07 52.31 -16.82
CA THR R 100 41.51 52.51 -17.00
C THR R 100 42.15 51.51 -17.95
N SER R 101 41.48 50.39 -18.24
CA SER R 101 42.05 49.34 -19.08
C SER R 101 41.76 49.63 -20.55
N THR R 102 42.78 49.48 -21.39
CA THR R 102 42.63 49.64 -22.82
C THR R 102 42.28 48.29 -23.46
N LEU R 103 41.97 48.32 -24.76
CA LEU R 103 41.59 47.08 -25.44
C LEU R 103 42.73 46.08 -25.45
N GLN R 104 43.97 46.56 -25.57
CA GLN R 104 45.11 45.65 -25.55
C GLN R 104 45.22 44.91 -24.23
N GLU R 105 45.05 45.61 -23.11
CA GLU R 105 45.14 44.97 -21.81
C GLU R 105 43.99 43.99 -21.60
N GLN R 106 42.78 44.35 -22.02
CA GLN R 106 41.65 43.43 -21.91
C GLN R 106 41.88 42.18 -22.74
N ILE R 107 42.39 42.34 -23.96
CA ILE R 107 42.69 41.19 -24.80
C ILE R 107 43.74 40.31 -24.15
N GLY R 108 44.80 40.93 -23.61
CA GLY R 108 45.81 40.16 -22.91
C GLY R 108 45.23 39.37 -21.74
N TRP R 109 44.31 39.98 -21.01
CA TRP R 109 43.66 39.28 -19.90
C TRP R 109 42.83 38.10 -20.40
N MET R 110 42.06 38.29 -21.47
CA MET R 110 41.17 37.24 -21.92
C MET R 110 41.92 36.08 -22.58
N THR R 111 43.14 36.30 -23.08
CA THR R 111 43.92 35.26 -23.75
C THR R 111 45.19 34.94 -22.98
N ASN R 112 45.21 35.21 -21.68
CA ASN R 112 46.39 34.90 -20.88
C ASN R 112 46.42 33.41 -20.53
N ASN R 113 47.55 33.00 -19.94
CA ASN R 113 47.74 31.62 -19.49
C ASN R 113 48.14 31.63 -18.02
N PRO R 114 47.19 31.43 -17.10
CA PRO R 114 45.76 31.17 -17.31
C PRO R 114 45.00 32.45 -17.66
N PRO R 115 43.87 32.32 -18.35
CA PRO R 115 43.13 33.52 -18.75
C PRO R 115 42.26 34.05 -17.62
N ILE R 116 42.18 35.38 -17.54
CA ILE R 116 41.30 36.06 -16.60
C ILE R 116 40.07 36.52 -17.39
N PRO R 117 38.90 35.92 -17.17
CA PRO R 117 37.71 36.26 -17.97
C PRO R 117 37.05 37.57 -17.52
N VAL R 118 37.66 38.68 -17.94
CA VAL R 118 37.17 40.00 -17.54
C VAL R 118 35.74 40.20 -18.02
N GLY R 119 35.44 39.71 -19.23
CA GLY R 119 34.12 39.91 -19.78
C GLY R 119 33.03 39.22 -18.97
N GLU R 120 33.34 38.05 -18.41
CA GLU R 120 32.33 37.31 -17.65
C GLU R 120 32.03 38.00 -16.32
N ILE R 121 33.05 38.49 -15.64
CA ILE R 121 32.82 39.24 -14.40
C ILE R 121 32.05 40.51 -14.69
N TYR R 122 32.41 41.21 -15.78
CA TYR R 122 31.62 42.37 -16.18
C TYR R 122 30.18 41.99 -16.45
N LYS R 123 29.96 40.86 -17.12
CA LYS R 123 28.61 40.41 -17.42
C LYS R 123 27.83 40.17 -16.14
N ARG R 124 28.47 39.57 -15.14
CA ARG R 124 27.77 39.32 -13.88
C ARG R 124 27.41 40.63 -13.18
N TRP R 125 28.36 41.58 -13.12
CA TRP R 125 28.07 42.86 -12.49
C TRP R 125 26.93 43.58 -13.20
N ILE R 126 26.99 43.62 -14.53
CA ILE R 126 25.95 44.30 -15.31
C ILE R 126 24.62 43.58 -15.17
N ILE R 127 24.64 42.25 -15.08
CA ILE R 127 23.40 41.52 -14.91
C ILE R 127 22.77 41.86 -13.56
N LEU R 128 23.59 41.99 -12.52
CA LEU R 128 23.07 42.47 -11.24
C LEU R 128 22.49 43.87 -11.38
N GLY R 129 23.15 44.73 -12.16
CA GLY R 129 22.62 46.06 -12.38
C GLY R 129 21.24 46.06 -13.02
N LEU R 130 21.08 45.32 -14.12
CA LEU R 130 19.76 45.20 -14.73
C LEU R 130 18.76 44.50 -13.81
N ASN R 131 19.21 43.57 -12.98
CA ASN R 131 18.29 42.93 -12.05
C ASN R 131 17.72 43.95 -11.08
N LYS R 132 18.58 44.82 -10.54
CA LYS R 132 18.09 45.87 -9.67
C LYS R 132 17.21 46.84 -10.44
N ILE R 133 17.57 47.13 -11.70
CA ILE R 133 16.80 48.08 -12.50
C ILE R 133 15.38 47.57 -12.70
N VAL R 134 15.23 46.30 -13.07
CA VAL R 134 13.89 45.77 -13.30
C VAL R 134 13.14 45.62 -11.97
N ARG R 135 13.86 45.23 -10.91
CA ARG R 135 13.21 45.01 -9.62
C ARG R 135 12.64 46.30 -9.05
N MET R 136 13.40 47.40 -9.13
CA MET R 136 13.06 48.63 -8.44
C MET R 136 12.66 49.75 -9.39
N TYR R 137 13.50 50.07 -10.38
CA TYR R 137 13.22 51.20 -11.26
C TYR R 137 11.96 50.95 -12.07
N SER R 138 11.10 51.97 -12.14
CA SER R 138 9.92 51.95 -12.98
C SER R 138 9.97 53.17 -13.89
N PRO R 139 10.03 53.00 -15.21
CA PRO R 139 10.16 54.16 -16.10
C PRO R 139 8.94 55.06 -16.03
N THR R 140 9.18 56.35 -16.15
CA THR R 140 8.08 57.31 -16.15
C THR R 140 7.33 57.25 -17.48
N SER R 141 6.02 57.10 -17.41
CA SER R 141 5.18 56.98 -18.59
C SER R 141 4.15 58.11 -18.59
N ILE R 142 3.92 58.70 -19.76
CA ILE R 142 2.96 59.79 -19.85
C ILE R 142 1.55 59.31 -19.52
N LEU R 143 1.27 58.02 -19.69
CA LEU R 143 -0.03 57.49 -19.30
C LEU R 143 -0.27 57.63 -17.80
N ASP R 144 0.80 57.71 -17.00
CA ASP R 144 0.67 57.83 -15.55
C ASP R 144 0.68 59.27 -15.06
N ILE R 145 0.88 60.25 -15.94
CA ILE R 145 0.91 61.65 -15.53
C ILE R 145 -0.52 62.15 -15.43
N ARG R 146 -1.01 62.30 -14.22
CA ARG R 146 -2.36 62.78 -13.95
C ARG R 146 -2.30 63.90 -12.93
N GLN R 147 -3.14 64.91 -13.11
CA GLN R 147 -3.09 66.12 -12.30
C GLN R 147 -3.77 65.89 -10.96
N GLY R 148 -3.09 66.27 -9.87
CA GLY R 148 -3.63 66.09 -8.54
C GLY R 148 -4.84 66.95 -8.30
N PRO R 149 -5.65 66.58 -7.31
CA PRO R 149 -6.91 67.31 -7.07
C PRO R 149 -6.70 68.79 -6.79
N LYS R 150 -5.66 69.15 -6.04
CA LYS R 150 -5.35 70.54 -5.76
C LYS R 150 -4.23 71.09 -6.63
N GLU R 151 -3.69 70.29 -7.52
CA GLU R 151 -2.55 70.73 -8.32
C GLU R 151 -2.96 71.85 -9.27
N PRO R 152 -2.16 72.91 -9.39
CA PRO R 152 -2.45 73.95 -10.37
C PRO R 152 -2.38 73.38 -11.78
N PHE R 153 -3.20 73.95 -12.67
CA PHE R 153 -3.22 73.47 -14.05
C PHE R 153 -1.89 73.71 -14.74
N ARG R 154 -1.26 74.85 -14.46
CA ARG R 154 0.03 75.15 -15.10
C ARG R 154 1.10 74.17 -14.65
N ASP R 155 1.12 73.82 -13.36
CA ASP R 155 2.09 72.85 -12.88
C ASP R 155 1.88 71.48 -13.50
N TYR R 156 0.62 71.07 -13.63
CA TYR R 156 0.32 69.81 -14.29
C TYR R 156 0.75 69.83 -15.75
N VAL R 157 0.52 70.95 -16.43
CA VAL R 157 0.95 71.09 -17.82
C VAL R 157 2.46 70.98 -17.91
N ASP R 158 3.17 71.61 -16.99
CA ASP R 158 4.63 71.54 -17.01
C ASP R 158 5.11 70.12 -16.78
N ARG R 159 4.51 69.41 -15.82
CA ARG R 159 4.89 68.01 -15.59
C ARG R 159 4.59 67.14 -16.80
N PHE R 160 3.43 67.35 -17.42
CA PHE R 160 3.06 66.60 -18.61
C PHE R 160 4.05 66.84 -19.74
N TYR R 161 4.44 68.10 -19.96
CA TYR R 161 5.37 68.39 -21.04
C TYR R 161 6.76 67.86 -20.75
N LYS R 162 7.19 67.92 -19.49
CA LYS R 162 8.49 67.34 -19.14
C LYS R 162 8.49 65.83 -19.37
N THR R 163 7.41 65.16 -18.96
CA THR R 163 7.32 63.72 -19.19
C THR R 163 7.30 63.41 -20.68
N LEU R 164 6.61 64.22 -21.47
CA LEU R 164 6.60 64.01 -22.91
C LEU R 164 7.99 64.17 -23.50
N ARG R 165 8.71 65.21 -23.06
CA ARG R 165 10.08 65.41 -23.55
C ARG R 165 10.96 64.22 -23.19
N ALA R 166 10.77 63.66 -21.99
CA ALA R 166 11.54 62.48 -21.60
C ALA R 166 11.03 61.20 -22.26
N GLU R 167 9.80 61.19 -22.73
CA GLU R 167 9.22 59.98 -23.31
C GLU R 167 9.81 59.70 -24.69
N GLN R 168 10.05 58.43 -24.98
CA GLN R 168 10.53 58.02 -26.29
C GLN R 168 9.34 57.68 -27.17
N ALA R 169 9.17 58.45 -28.24
CA ALA R 169 8.05 58.29 -29.17
C ALA R 169 8.27 59.23 -30.35
N SER R 170 7.58 58.95 -31.44
CA SER R 170 7.68 59.81 -32.61
C SER R 170 7.01 61.15 -32.32
N GLN R 171 7.40 62.17 -33.09
CA GLN R 171 6.87 63.51 -32.86
C GLN R 171 5.37 63.56 -33.11
N GLU R 172 4.90 62.85 -34.14
CA GLU R 172 3.47 62.88 -34.46
C GLU R 172 2.65 62.25 -33.33
N VAL R 173 3.07 61.08 -32.85
CA VAL R 173 2.34 60.45 -31.76
C VAL R 173 2.52 61.24 -30.48
N LYS R 174 3.64 61.93 -30.32
CA LYS R 174 3.82 62.80 -29.16
C LYS R 174 2.82 63.94 -29.17
N ASN R 175 2.60 64.57 -30.34
CA ASN R 175 1.60 65.61 -30.44
C ASN R 175 0.20 65.05 -30.25
N TRP R 176 -0.05 63.84 -30.75
CA TRP R 176 -1.34 63.20 -30.52
C TRP R 176 -1.60 62.99 -29.04
N MET R 177 -0.57 62.53 -28.30
CA MET R 177 -0.71 62.36 -26.86
C MET R 177 -0.87 63.70 -26.14
N THR R 178 -0.20 64.75 -26.64
CA THR R 178 -0.44 66.08 -26.13
C THR R 178 -1.91 66.46 -26.25
N GLU R 179 -2.48 66.25 -27.43
CA GLU R 179 -3.84 66.68 -27.70
C GLU R 179 -4.90 65.77 -27.09
N THR R 180 -4.55 64.53 -26.75
CA THR R 180 -5.54 63.59 -26.26
C THR R 180 -5.42 63.23 -24.79
N LEU R 181 -4.29 63.55 -24.14
CA LEU R 181 -4.09 63.17 -22.75
C LEU R 181 -4.00 64.35 -21.79
N LEU R 182 -3.63 65.53 -22.26
CA LEU R 182 -3.55 66.68 -21.36
C LEU R 182 -4.93 67.02 -20.79
N VAL R 183 -5.93 67.12 -21.66
CA VAL R 183 -7.27 67.44 -21.19
C VAL R 183 -7.88 66.26 -20.45
N GLN R 184 -7.71 65.05 -20.97
CA GLN R 184 -8.36 63.89 -20.39
C GLN R 184 -7.86 63.61 -18.97
N ASN R 185 -6.54 63.70 -18.77
CA ASN R 185 -5.95 63.36 -17.47
C ASN R 185 -5.91 64.59 -16.55
N ALA R 186 -7.09 65.13 -16.28
CA ALA R 186 -7.24 66.28 -15.40
C ALA R 186 -8.38 66.03 -14.44
N ASN R 187 -8.33 66.66 -13.26
CA ASN R 187 -9.38 66.45 -12.28
C ASN R 187 -10.67 67.08 -12.78
N PRO R 188 -11.82 66.60 -12.28
CA PRO R 188 -13.10 67.13 -12.78
C PRO R 188 -13.21 68.65 -12.68
N ASP R 189 -12.55 69.28 -11.71
CA ASP R 189 -12.65 70.73 -11.58
C ASP R 189 -12.09 71.44 -12.81
N CYS R 190 -10.97 70.96 -13.34
CA CYS R 190 -10.43 71.54 -14.56
C CYS R 190 -11.06 70.92 -15.81
N LYS R 191 -11.42 69.64 -15.73
CA LYS R 191 -11.98 68.96 -16.90
C LYS R 191 -13.32 69.57 -17.30
N THR R 192 -14.15 69.93 -16.33
CA THR R 192 -15.43 70.55 -16.64
C THR R 192 -15.23 71.87 -17.37
N ILE R 193 -14.31 72.70 -16.88
CA ILE R 193 -14.03 73.97 -17.53
C ILE R 193 -13.50 73.74 -18.94
N LEU R 194 -12.62 72.76 -19.09
CA LEU R 194 -12.02 72.52 -20.41
C LEU R 194 -13.08 72.02 -21.40
N LYS R 195 -13.95 71.12 -20.96
CA LYS R 195 -15.02 70.64 -21.83
C LYS R 195 -15.97 71.76 -22.21
N ALA R 196 -16.33 72.62 -21.25
CA ALA R 196 -17.19 73.76 -21.57
C ALA R 196 -16.49 74.76 -22.48
N LEU R 197 -15.17 74.81 -22.47
CA LEU R 197 -14.46 75.76 -23.31
C LEU R 197 -14.59 75.40 -24.79
N GLY R 198 -14.36 74.13 -25.13
CA GLY R 198 -14.46 73.69 -26.50
C GLY R 198 -13.16 73.10 -27.01
N PRO R 199 -13.26 72.11 -27.91
CA PRO R 199 -12.04 71.45 -28.42
C PRO R 199 -11.15 72.36 -29.23
N ALA R 200 -11.66 73.48 -29.74
CA ALA R 200 -10.88 74.37 -30.60
C ALA R 200 -9.86 75.19 -29.83
N ALA R 201 -9.90 75.16 -28.49
CA ALA R 201 -9.00 76.00 -27.70
C ALA R 201 -7.56 75.54 -27.81
N THR R 202 -6.65 76.51 -27.74
CA THR R 202 -5.22 76.24 -27.77
C THR R 202 -4.69 76.04 -26.34
N LEU R 203 -3.40 75.76 -26.23
CA LEU R 203 -2.81 75.57 -24.91
C LEU R 203 -2.86 76.83 -24.07
N GLU R 204 -2.59 77.99 -24.69
CA GLU R 204 -2.63 79.24 -23.96
C GLU R 204 -4.03 79.53 -23.44
N GLU R 205 -5.05 79.32 -24.28
CA GLU R 205 -6.42 79.49 -23.82
C GLU R 205 -6.75 78.50 -22.73
N MET R 206 -6.25 77.27 -22.84
CA MET R 206 -6.46 76.26 -21.80
C MET R 206 -5.91 76.75 -20.47
N MET R 207 -4.66 77.22 -20.47
CA MET R 207 -4.02 77.69 -19.25
C MET R 207 -4.74 78.91 -18.68
N THR R 208 -5.12 79.85 -19.54
CA THR R 208 -5.83 81.04 -19.07
C THR R 208 -7.17 80.67 -18.43
N ALA R 209 -7.91 79.75 -19.05
CA ALA R 209 -9.20 79.36 -18.51
C ALA R 209 -9.04 78.61 -17.19
N CYS R 210 -8.05 77.75 -17.08
CA CYS R 210 -7.88 76.93 -15.88
C CYS R 210 -6.95 77.56 -14.85
N GLN R 211 -6.51 78.79 -15.08
CA GLN R 211 -5.70 79.48 -14.08
C GLN R 211 -6.50 79.77 -12.82
N GLY R 212 -7.81 79.93 -12.94
CA GLY R 212 -8.63 80.35 -11.82
C GLY R 212 -9.14 79.27 -10.89
N VAL R 213 -8.79 78.01 -11.11
CA VAL R 213 -9.31 76.93 -10.27
C VAL R 213 -8.56 76.94 -8.95
N GLY R 214 -9.29 76.76 -7.85
CA GLY R 214 -8.70 76.72 -6.54
C GLY R 214 -8.62 78.06 -5.83
N GLY R 215 -8.90 79.15 -6.53
CA GLY R 215 -8.90 80.46 -5.91
C GLY R 215 -10.20 80.72 -5.19
N PRO R 216 -10.23 81.86 -4.48
CA PRO R 216 -11.48 82.23 -3.79
C PRO R 216 -12.66 82.38 -4.72
N GLY R 217 -12.44 82.93 -5.91
CA GLY R 217 -13.56 83.14 -6.83
C GLY R 217 -14.17 81.84 -7.30
N HIS R 218 -13.33 80.89 -7.72
CA HIS R 218 -13.84 79.61 -8.21
C HIS R 218 -14.54 78.83 -7.11
N LYS R 219 -13.97 78.83 -5.90
CA LYS R 219 -14.61 78.16 -4.78
C LYS R 219 -15.97 78.78 -4.48
N ALA R 220 -16.04 80.11 -4.48
CA ALA R 220 -17.31 80.78 -4.24
C ALA R 220 -18.34 80.44 -5.32
N ARG R 221 -17.91 80.43 -6.58
CA ARG R 221 -18.83 80.09 -7.67
C ARG R 221 -19.35 78.67 -7.54
N VAL R 222 -18.46 77.71 -7.27
CA VAL R 222 -18.91 76.32 -7.21
C VAL R 222 -19.79 76.09 -6.01
N LEU R 223 -19.49 76.75 -4.87
CA LEU R 223 -20.36 76.63 -3.71
C LEU R 223 -21.73 77.23 -3.99
N ALA R 224 -21.77 78.39 -4.66
CA ALA R 224 -23.05 79.00 -4.98
C ALA R 224 -23.85 78.13 -5.95
N GLU R 225 -23.16 77.52 -6.92
CA GLU R 225 -23.84 76.63 -7.85
C GLU R 225 -24.44 75.42 -7.12
N ALA R 226 -23.66 74.83 -6.21
CA ALA R 226 -24.18 73.70 -5.45
C ALA R 226 -25.37 74.11 -4.58
N MET R 227 -25.29 75.28 -3.96
CA MET R 227 -26.41 75.76 -3.14
C MET R 227 -27.64 76.01 -3.98
N SER R 228 -27.48 76.60 -5.17
CA SER R 228 -28.63 76.83 -6.03
C SER R 228 -29.23 75.51 -6.50
N GLN R 229 -28.38 74.52 -6.79
CA GLN R 229 -28.88 73.21 -7.18
C GLN R 229 -29.67 72.56 -6.06
N VAL R 230 -29.16 72.65 -4.83
CA VAL R 230 -29.84 72.02 -3.71
C VAL R 230 -31.05 72.82 -3.24
N ILE R 231 -31.16 74.08 -3.65
CA ILE R 231 -32.29 74.91 -3.25
C ILE R 231 -33.24 75.13 -4.43
#